data_8WG0
#
_entry.id   8WG0
#
_cell.length_a   307.927
_cell.length_b   103.691
_cell.length_c   95.671
_cell.angle_alpha   90.000
_cell.angle_beta   90.000
_cell.angle_gamma   90.000
#
_symmetry.space_group_name_H-M   'P 21 21 2'
#
loop_
_entity.id
_entity.type
_entity.pdbx_description
1 polymer 'Candidate alpha-glucosidase Glycoside hydrolase family 97'
2 non-polymer 'CALCIUM ION'
3 non-polymer alpha-D-glucopyranose
4 non-polymer 1,2-ETHANEDIOL
5 water water
#
_entity_poly.entity_id   1
_entity_poly.type   'polypeptide(L)'
_entity_poly.pdbx_seq_one_letter_code
;MGSSHHHHHHSSGLVPRGSHMASDLKSPDGNFLMHFSLEADGTPVYKLIYKGKDVIKASKLGFTLKNDNKSLLNDFKIED
TKTSSFDENWKPVWGEVSSIRNNYNELAVSLSQKETDRKMIIRFRLFDDGLGFRYEFPQQNNLIYFTIKEERTQFAMAGD
HTAYWIPGDYDTQEYNYSTSKLSEIRGLMEKAYTKGNASQTSFSPTGVQTSLMMKSQDGLYINLHEAALINYSCMHLNLD
DKNFVFESWLTPDSHGDKGKMQAPCKTPWRTVIVSDDARNILASKLTYNLNEPSKIQETSWIKPTKYVGVWWEMISGKST
WSYTDEFPSVQLGVTDFSKAKPNRKHGATTANVKRYIDFAAKNGFDAVLVEGWNEGWEDWIGHEKDYVFDFVTPYPDFDI
KGLNEYAHAKKVKLIMHHETSGAVRNYERHMDAAYKLMKQYGYDAVKSGYVGNILPLGETHYSQWTNNHYQYAIEKAADY
QIMVNAHEAVRPTGIARTYPNLIGNEAARGTEYQAFGNDRNNANHVTILPFTRLIGGPMDYTPGIFEMDVTNGSHVNATI
ANQLALYVTMYSPLQMAADFPENYERFADAFQFIKDVAVDWDDSRYLEAEPGQYITVARKAKGTDNWFLGNVNGETARVS
NIDLGFLEKGKKYTAVIYADAKDANYKTNTQAYTIRKVVVTSNSKLSQFSASGGGYAISFYPVADAAKKK
;
_entity_poly.pdbx_strand_id   A,B,C,D
#
loop_
_chem_comp.id
_chem_comp.type
_chem_comp.name
_chem_comp.formula
CA non-polymer 'CALCIUM ION' 'Ca 2'
EDO non-polymer 1,2-ETHANEDIOL 'C2 H6 O2'
GLC D-saccharide, alpha linking alpha-D-glucopyranose 'C6 H12 O6'
#
# COMPACT_ATOMS: atom_id res chain seq x y z
N SER A 23 13.22 48.67 48.92
CA SER A 23 13.21 48.91 47.45
C SER A 23 14.18 48.03 46.60
N ASP A 24 15.38 47.67 47.12
CA ASP A 24 16.44 47.00 46.37
C ASP A 24 16.83 45.66 47.00
N LEU A 25 17.06 44.63 46.17
CA LEU A 25 17.33 43.28 46.66
C LEU A 25 18.51 42.71 45.86
N LYS A 26 19.36 41.91 46.53
CA LYS A 26 20.54 41.31 45.91
C LYS A 26 20.58 39.81 46.11
N SER A 27 21.20 39.09 45.18
CA SER A 27 21.49 37.69 45.41
C SER A 27 22.50 37.59 46.52
N PRO A 28 22.61 36.44 47.22
CA PRO A 28 23.66 36.29 48.26
C PRO A 28 25.08 36.51 47.76
N ASP A 29 25.39 36.19 46.49
CA ASP A 29 26.71 36.46 45.94
C ASP A 29 26.83 37.89 45.37
N GLY A 30 25.78 38.70 45.41
CA GLY A 30 25.89 40.07 44.91
C GLY A 30 25.83 40.23 43.39
N ASN A 31 25.78 39.15 42.62
CA ASN A 31 25.73 39.31 41.17
C ASN A 31 24.38 39.84 40.62
N PHE A 32 23.28 39.61 41.37
CA PHE A 32 21.98 40.10 40.93
C PHE A 32 21.54 41.29 41.77
N LEU A 33 21.04 42.33 41.08
CA LEU A 33 20.31 43.42 41.72
C LEU A 33 18.90 43.50 41.13
N MET A 34 17.87 43.53 42.01
CA MET A 34 16.45 43.71 41.65
C MET A 34 15.95 45.00 42.29
N HIS A 35 15.48 45.96 41.47
CA HIS A 35 14.91 47.25 41.93
C HIS A 35 13.37 47.17 41.78
N PHE A 36 12.64 47.36 42.88
CA PHE A 36 11.18 47.49 42.88
C PHE A 36 10.81 48.95 43.07
N SER A 37 9.89 49.50 42.28
CA SER A 37 9.38 50.85 42.49
C SER A 37 7.91 50.93 42.06
N LEU A 38 7.32 52.14 42.24
CA LEU A 38 6.01 52.47 41.71
C LEU A 38 6.16 53.60 40.70
N GLU A 39 5.50 53.50 39.56
CA GLU A 39 5.40 54.64 38.64
C GLU A 39 4.62 55.76 39.33
N ALA A 40 4.61 56.95 38.75
CA ALA A 40 3.90 58.10 39.30
C ALA A 40 2.44 57.72 39.51
N ASP A 41 1.88 56.89 38.61
CA ASP A 41 0.48 56.59 38.66
C ASP A 41 0.22 55.41 39.61
N GLY A 42 1.21 54.91 40.37
CA GLY A 42 1.03 53.79 41.28
C GLY A 42 1.15 52.37 40.64
N THR A 43 1.56 52.26 39.38
CA THR A 43 1.82 50.96 38.77
C THR A 43 3.05 50.33 39.41
N PRO A 44 2.99 49.10 39.94
CA PRO A 44 4.19 48.44 40.47
C PRO A 44 5.06 47.89 39.33
N VAL A 45 6.38 48.18 39.45
CA VAL A 45 7.37 47.81 38.44
C VAL A 45 8.58 47.20 39.12
N TYR A 46 9.19 46.23 38.43
CA TYR A 46 10.47 45.67 38.84
C TYR A 46 11.41 45.67 37.64
N LYS A 47 12.69 45.49 37.98
CA LYS A 47 13.82 45.55 37.09
C LYS A 47 14.87 44.57 37.64
N LEU A 48 15.64 43.91 36.75
CA LEU A 48 16.64 42.94 37.19
C LEU A 48 17.96 43.11 36.45
N ILE A 49 19.05 43.16 37.22
CA ILE A 49 20.40 43.44 36.73
C ILE A 49 21.31 42.27 37.15
N TYR A 50 22.05 41.72 36.16
CA TYR A 50 23.02 40.65 36.38
C TYR A 50 24.40 41.10 35.94
N LYS A 51 25.36 41.04 36.87
CA LYS A 51 26.71 41.53 36.65
C LYS A 51 26.68 42.85 35.89
N GLY A 52 25.87 43.81 36.39
CA GLY A 52 25.86 45.16 35.85
C GLY A 52 25.13 45.27 34.51
N LYS A 53 24.54 44.18 34.00
CA LYS A 53 23.81 44.26 32.75
C LYS A 53 22.32 44.05 33.00
N ASP A 54 21.51 44.82 32.29
CA ASP A 54 20.07 44.67 32.35
C ASP A 54 19.67 43.30 31.82
N VAL A 55 18.84 42.58 32.57
CA VAL A 55 18.27 41.33 32.09
C VAL A 55 16.76 41.48 31.96
N ILE A 56 16.13 42.11 32.97
CA ILE A 56 14.75 42.55 32.91
C ILE A 56 14.70 44.06 33.08
N LYS A 57 14.31 44.76 32.01
CA LYS A 57 14.09 46.21 32.09
C LYS A 57 12.78 46.47 32.81
N ALA A 58 12.44 47.75 32.94
CA ALA A 58 11.31 48.16 33.74
C ALA A 58 10.09 47.35 33.30
N SER A 59 9.47 46.63 34.24
CA SER A 59 8.46 45.64 33.91
C SER A 59 7.25 45.80 34.85
N LYS A 60 6.02 45.91 34.29
CA LYS A 60 4.86 46.18 35.13
C LYS A 60 4.32 44.88 35.72
N LEU A 61 3.60 44.99 36.83
CA LEU A 61 3.07 43.89 37.62
C LEU A 61 1.61 44.20 37.98
N GLY A 62 0.80 43.13 38.17
CA GLY A 62 -0.58 43.32 38.61
C GLY A 62 -1.55 42.49 37.78
N PHE A 63 -2.86 42.83 37.87
CA PHE A 63 -3.92 42.04 37.25
C PHE A 63 -5.06 42.91 36.71
N THR A 64 -5.64 42.44 35.60
CA THR A 64 -6.94 42.87 35.14
C THR A 64 -7.95 41.88 35.71
N LEU A 65 -8.93 42.38 36.48
CA LEU A 65 -9.98 41.56 37.08
C LEU A 65 -11.27 41.70 36.29
N LYS A 66 -12.06 40.63 36.26
CA LYS A 66 -13.33 40.63 35.57
C LYS A 66 -14.38 41.39 36.35
N ASN A 67 -15.23 42.17 35.64
CA ASN A 67 -16.29 42.96 36.25
C ASN A 67 -15.73 43.86 37.36
N ASP A 68 -14.67 44.60 37.01
CA ASP A 68 -13.98 45.50 37.91
C ASP A 68 -13.39 46.65 37.09
N ASN A 69 -13.92 47.86 37.28
CA ASN A 69 -13.41 49.00 36.52
C ASN A 69 -11.95 49.27 36.89
N LYS A 70 -11.59 49.15 38.16
CA LYS A 70 -10.29 49.66 38.57
C LYS A 70 -9.20 48.59 38.39
N SER A 71 -9.51 47.35 38.70
CA SER A 71 -8.53 46.29 38.65
C SER A 71 -7.36 46.63 39.59
N LEU A 72 -6.25 45.85 39.43
CA LEU A 72 -5.10 45.86 40.30
C LEU A 72 -3.84 46.13 39.48
N LEU A 73 -3.84 47.25 38.76
CA LEU A 73 -2.87 47.63 37.77
C LEU A 73 -2.06 48.85 38.24
N ASN A 74 -2.63 49.63 39.17
CA ASN A 74 -2.06 50.92 39.49
C ASN A 74 -2.71 51.49 40.74
N ASP A 75 -2.34 52.73 41.06
CA ASP A 75 -2.87 53.46 42.20
C ASP A 75 -2.51 52.77 43.52
N PHE A 76 -1.42 52.00 43.54
CA PHE A 76 -0.91 51.43 44.78
C PHE A 76 0.02 52.41 45.48
N LYS A 77 0.17 52.23 46.79
CA LYS A 77 1.24 52.85 47.56
C LYS A 77 1.85 51.75 48.40
N ILE A 78 3.14 51.91 48.70
CA ILE A 78 3.85 50.94 49.51
C ILE A 78 3.48 51.14 50.95
N GLU A 79 2.94 50.12 51.60
CA GLU A 79 2.48 50.24 52.96
C GLU A 79 3.56 49.70 53.88
N ASP A 80 4.33 48.72 53.42
CA ASP A 80 5.36 48.10 54.24
C ASP A 80 6.30 47.30 53.35
N THR A 81 7.59 47.18 53.73
CA THR A 81 8.48 46.22 53.13
C THR A 81 9.15 45.40 54.24
N LYS A 82 9.44 44.14 53.95
CA LYS A 82 10.12 43.26 54.87
C LYS A 82 11.18 42.42 54.12
N THR A 83 12.39 42.35 54.74
CA THR A 83 13.50 41.58 54.14
C THR A 83 13.90 40.44 55.07
N SER A 84 14.42 39.36 54.50
CA SER A 84 14.99 38.28 55.29
C SER A 84 15.88 37.42 54.38
N SER A 85 16.54 36.44 55.00
CA SER A 85 17.53 35.61 54.35
C SER A 85 17.30 34.18 54.81
N PHE A 86 17.53 33.27 53.87
CA PHE A 86 17.37 31.86 54.13
C PHE A 86 18.51 31.10 53.45
N ASP A 87 19.01 30.07 54.13
CA ASP A 87 20.04 29.22 53.61
C ASP A 87 19.94 27.87 54.32
N GLU A 88 19.24 26.91 53.71
CA GLU A 88 19.22 25.56 54.24
C GLU A 88 19.34 24.59 53.06
N ASN A 89 19.62 23.34 53.41
CA ASN A 89 19.69 22.26 52.44
C ASN A 89 18.55 21.32 52.72
N TRP A 90 18.16 20.57 51.70
CA TRP A 90 17.17 19.52 51.84
C TRP A 90 17.56 18.38 50.91
N LYS A 91 17.12 17.15 51.22
CA LYS A 91 17.48 15.94 50.50
C LYS A 91 16.29 15.51 49.65
N PRO A 92 16.41 15.52 48.32
CA PRO A 92 15.30 15.02 47.45
C PRO A 92 15.17 13.53 47.65
N VAL A 93 14.00 12.98 47.41
CA VAL A 93 13.81 11.53 47.39
C VAL A 93 14.57 10.90 46.24
N TRP A 94 14.51 11.55 45.08
CA TRP A 94 15.17 11.16 43.86
C TRP A 94 15.57 12.44 43.20
N GLY A 95 16.67 12.40 42.43
CA GLY A 95 17.18 13.63 41.87
C GLY A 95 18.53 13.47 41.23
N GLU A 96 19.09 14.61 40.84
CA GLU A 96 20.36 14.75 40.19
C GLU A 96 21.51 14.86 41.18
N VAL A 97 21.20 15.14 42.44
CA VAL A 97 22.19 15.35 43.51
C VAL A 97 21.57 14.82 44.80
N SER A 98 22.40 14.47 45.76
CA SER A 98 21.97 13.94 47.05
C SER A 98 21.40 15.04 47.97
N SER A 99 21.83 16.30 47.77
CA SER A 99 21.46 17.40 48.60
C SER A 99 21.36 18.69 47.80
N ILE A 100 20.38 19.53 48.12
CA ILE A 100 20.12 20.74 47.33
C ILE A 100 20.15 21.91 48.28
N ARG A 101 20.84 22.96 47.89
CA ARG A 101 20.88 24.17 48.67
C ARG A 101 19.81 25.17 48.26
N ASN A 102 19.07 25.63 49.27
CA ASN A 102 18.07 26.67 49.10
C ASN A 102 18.53 27.93 49.83
N ASN A 103 19.01 28.91 49.03
CA ASN A 103 19.75 30.03 49.59
C ASN A 103 19.31 31.29 48.85
N TYR A 104 18.62 32.19 49.53
CA TYR A 104 18.09 33.38 48.85
C TYR A 104 18.03 34.55 49.83
N ASN A 105 17.92 35.76 49.28
CA ASN A 105 17.44 36.93 50.01
C ASN A 105 16.03 37.26 49.52
N GLU A 106 15.18 37.69 50.46
CA GLU A 106 13.74 37.89 50.21
C GLU A 106 13.41 39.34 50.50
N LEU A 107 12.63 39.95 49.60
CA LEU A 107 11.94 41.21 49.86
C LEU A 107 10.43 41.02 49.65
N ALA A 108 9.64 41.33 50.69
CA ALA A 108 8.18 41.25 50.67
C ALA A 108 7.62 42.66 50.69
N VAL A 109 7.03 43.09 49.58
CA VAL A 109 6.46 44.42 49.51
C VAL A 109 4.94 44.35 49.69
N SER A 110 4.44 45.05 50.73
CA SER A 110 3.02 45.14 51.03
C SER A 110 2.45 46.37 50.35
N LEU A 111 1.54 46.17 49.39
CA LEU A 111 0.94 47.31 48.72
C LEU A 111 -0.48 47.52 49.21
N SER A 112 -0.97 48.75 49.02
CA SER A 112 -2.34 49.14 49.31
C SER A 112 -2.84 50.06 48.20
N GLN A 113 -4.01 49.74 47.64
CA GLN A 113 -4.57 50.53 46.57
C GLN A 113 -5.40 51.66 47.18
N LYS A 114 -5.25 52.86 46.64
CA LYS A 114 -6.10 53.98 47.00
C LYS A 114 -7.52 53.70 46.54
N GLU A 115 -8.48 54.33 47.20
CA GLU A 115 -9.91 54.30 46.96
C GLU A 115 -10.47 52.94 47.39
N THR A 116 -9.94 51.80 46.91
CA THR A 116 -10.47 50.50 47.29
C THR A 116 -9.88 49.93 48.60
N ASP A 117 -8.68 50.38 48.96
CA ASP A 117 -7.92 49.86 50.11
C ASP A 117 -7.72 48.35 50.13
N ARG A 118 -7.55 47.81 48.95
CA ARG A 118 -7.22 46.40 48.81
C ARG A 118 -5.71 46.20 48.93
N LYS A 119 -5.32 45.08 49.55
CA LYS A 119 -3.94 44.72 49.84
C LYS A 119 -3.47 43.65 48.87
N MET A 120 -2.29 43.88 48.29
CA MET A 120 -1.59 42.87 47.55
C MET A 120 -0.10 42.88 47.99
N ILE A 121 0.44 41.71 48.32
CA ILE A 121 1.84 41.52 48.64
C ILE A 121 2.57 41.00 47.38
N ILE A 122 3.70 41.61 47.00
CA ILE A 122 4.62 41.04 46.04
C ILE A 122 5.90 40.56 46.76
N ARG A 123 6.11 39.24 46.70
CA ARG A 123 7.22 38.61 47.40
C ARG A 123 8.29 38.24 46.37
N PHE A 124 9.52 38.76 46.58
CA PHE A 124 10.65 38.46 45.71
C PHE A 124 11.70 37.61 46.45
N ARG A 125 12.19 36.55 45.78
CA ARG A 125 13.36 35.82 46.24
C ARG A 125 14.43 35.84 45.16
N LEU A 126 15.63 36.29 45.59
CA LEU A 126 16.75 36.43 44.70
C LEU A 126 17.86 35.45 45.16
N PHE A 127 18.12 34.49 44.25
CA PHE A 127 19.12 33.46 44.41
C PHE A 127 20.32 33.76 43.52
N ASP A 128 21.41 33.01 43.73
CA ASP A 128 22.57 33.15 42.89
C ASP A 128 22.22 32.67 41.46
N ASP A 129 21.16 31.87 41.30
CA ASP A 129 20.68 31.45 39.97
C ASP A 129 19.67 32.41 39.32
N GLY A 130 19.15 33.39 40.08
CA GLY A 130 18.18 34.36 39.55
C GLY A 130 16.97 34.59 40.46
N LEU A 131 15.86 35.01 39.82
CA LEU A 131 14.77 35.63 40.53
C LEU A 131 13.53 34.77 40.50
N GLY A 132 12.87 34.70 41.65
CA GLY A 132 11.48 34.31 41.73
C GLY A 132 10.60 35.36 42.38
N PHE A 133 9.36 35.52 41.87
CA PHE A 133 8.45 36.45 42.53
C PHE A 133 7.03 35.95 42.41
N ARG A 134 6.21 36.31 43.37
CA ARG A 134 4.80 35.97 43.29
C ARG A 134 3.97 37.04 43.97
N TYR A 135 2.67 36.98 43.66
CA TYR A 135 1.74 37.84 44.35
C TYR A 135 0.94 37.07 45.41
N GLU A 136 0.56 37.78 46.49
CA GLU A 136 -0.21 37.19 47.58
C GLU A 136 -1.32 38.17 47.98
N PHE A 137 -2.49 37.61 48.28
CA PHE A 137 -3.64 38.41 48.75
C PHE A 137 -4.01 37.98 50.14
N PRO A 138 -3.72 38.76 51.19
CA PRO A 138 -4.07 38.34 52.53
C PRO A 138 -5.58 38.47 52.74
N GLN A 139 -6.07 37.80 53.80
CA GLN A 139 -7.43 37.97 54.25
C GLN A 139 -7.66 39.46 54.44
N GLN A 140 -8.72 39.99 53.89
CA GLN A 140 -8.98 41.42 53.94
C GLN A 140 -10.46 41.65 53.62
N ASN A 141 -10.84 42.91 53.78
CA ASN A 141 -12.24 43.23 53.82
C ASN A 141 -12.78 43.42 52.42
N ASN A 142 -11.97 43.93 51.48
CA ASN A 142 -12.49 44.51 50.26
CA ASN A 142 -12.57 44.47 50.25
C ASN A 142 -12.02 43.72 49.06
N LEU A 143 -11.45 42.54 49.31
CA LEU A 143 -11.13 41.60 48.24
C LEU A 143 -11.28 40.18 48.80
N ILE A 144 -12.34 39.54 48.32
CA ILE A 144 -12.71 38.23 48.83
C ILE A 144 -12.69 37.26 47.63
N TYR A 145 -13.86 37.12 46.95
CA TYR A 145 -13.96 36.31 45.77
C TYR A 145 -13.68 37.20 44.58
N PHE A 146 -12.81 36.77 43.67
CA PHE A 146 -12.56 37.61 42.50
C PHE A 146 -12.09 36.69 41.37
N THR A 147 -12.18 37.22 40.17
CA THR A 147 -11.85 36.51 38.97
C THR A 147 -10.78 37.27 38.21
N ILE A 148 -9.70 36.55 37.85
CA ILE A 148 -8.64 37.19 37.09
C ILE A 148 -9.04 37.10 35.63
N LYS A 149 -9.20 38.23 34.97
CA LYS A 149 -9.43 38.19 33.55
C LYS A 149 -8.11 38.05 32.77
N GLU A 150 -7.07 38.86 33.08
CA GLU A 150 -5.72 38.62 32.58
C GLU A 150 -4.72 38.94 33.73
N GLU A 151 -3.66 38.13 33.90
CA GLU A 151 -2.51 38.59 34.70
C GLU A 151 -1.71 39.60 33.88
N ARG A 152 -1.17 40.64 34.52
CA ARG A 152 -0.42 41.68 33.81
C ARG A 152 1.00 41.74 34.43
N THR A 153 1.71 40.63 34.26
CA THR A 153 3.10 40.52 34.64
C THR A 153 3.97 40.58 33.38
N GLN A 154 4.94 41.51 33.41
CA GLN A 154 5.82 41.69 32.29
C GLN A 154 7.23 41.22 32.57
N PHE A 155 7.90 40.91 31.46
CA PHE A 155 9.32 40.64 31.41
C PHE A 155 9.85 41.39 30.19
N ALA A 156 10.29 42.65 30.41
CA ALA A 156 10.85 43.49 29.36
C ALA A 156 12.30 43.05 29.09
N MET A 157 12.54 42.63 27.83
CA MET A 157 13.89 42.19 27.44
C MET A 157 14.77 43.38 27.09
N ALA A 158 16.07 43.21 27.27
CA ALA A 158 17.10 44.18 26.90
C ALA A 158 17.28 44.26 25.38
N GLY A 159 16.93 43.24 24.61
CA GLY A 159 16.97 43.35 23.16
C GLY A 159 16.40 42.13 22.44
N ASP A 160 16.81 41.96 21.16
CA ASP A 160 16.24 40.99 20.26
C ASP A 160 16.94 39.64 20.43
N HIS A 161 16.73 39.02 21.60
CA HIS A 161 17.42 37.80 21.93
C HIS A 161 17.11 36.68 20.94
N THR A 162 17.99 35.65 20.94
CA THR A 162 17.62 34.37 20.35
C THR A 162 16.73 33.65 21.36
N ALA A 163 15.64 33.04 20.87
CA ALA A 163 14.77 32.24 21.70
C ALA A 163 14.67 30.81 21.16
N TYR A 164 14.41 29.89 22.08
CA TYR A 164 14.18 28.51 21.80
C TYR A 164 12.76 28.22 22.32
N TRP A 165 11.78 28.11 21.40
CA TRP A 165 10.39 28.35 21.75
C TRP A 165 9.43 27.38 21.01
N ILE A 166 8.26 27.15 21.66
CA ILE A 166 7.12 26.48 21.03
C ILE A 166 5.88 27.35 21.09
N PRO A 167 4.95 27.23 20.13
CA PRO A 167 3.75 28.08 20.12
C PRO A 167 2.93 27.97 21.41
N GLY A 168 2.45 29.12 21.87
CA GLY A 168 1.50 29.22 22.96
C GLY A 168 0.26 28.38 22.66
N ASP A 169 -0.12 27.47 23.58
CA ASP A 169 -1.24 26.59 23.30
C ASP A 169 -1.88 26.18 24.62
N TYR A 170 -3.23 26.11 24.61
CA TYR A 170 -3.97 25.80 25.83
C TYR A 170 -4.08 24.29 26.04
N ASP A 171 -3.70 23.49 25.02
CA ASP A 171 -4.03 22.07 25.02
C ASP A 171 -2.91 21.11 24.74
N THR A 172 -1.84 21.55 24.08
CA THR A 172 -0.70 20.65 23.85
C THR A 172 0.64 21.39 23.95
N GLN A 173 1.70 20.68 24.34
CA GLN A 173 3.07 21.19 24.22
C GLN A 173 3.88 20.33 23.25
N GLU A 174 3.23 19.47 22.46
CA GLU A 174 3.94 18.43 21.68
C GLU A 174 4.44 18.96 20.33
N TYR A 175 5.15 20.11 20.34
CA TYR A 175 5.65 20.77 19.18
C TYR A 175 7.20 20.63 19.13
N ASN A 176 7.74 20.65 17.92
CA ASN A 176 9.16 20.90 17.73
C ASN A 176 9.43 22.36 18.10
N TYR A 177 10.59 22.60 18.69
CA TYR A 177 11.08 23.91 19.07
C TYR A 177 11.51 24.63 17.80
N SER A 178 11.47 25.96 17.83
CA SER A 178 12.07 26.82 16.86
C SER A 178 13.15 27.65 17.55
N THR A 179 14.25 27.89 16.82
CA THR A 179 15.32 28.74 17.24
C THR A 179 15.30 30.00 16.40
N SER A 180 15.04 31.16 16.99
CA SER A 180 14.97 32.36 16.16
C SER A 180 15.16 33.59 17.04
N LYS A 181 15.20 34.74 16.39
CA LYS A 181 15.13 35.96 17.17
C LYS A 181 13.69 36.21 17.60
N LEU A 182 13.53 37.02 18.64
CA LEU A 182 12.22 37.45 19.11
C LEU A 182 11.48 38.09 17.95
N SER A 183 12.19 38.95 17.19
CA SER A 183 11.56 39.67 16.09
C SER A 183 11.14 38.76 14.96
N GLU A 184 11.49 37.45 14.98
CA GLU A 184 11.19 36.57 13.85
C GLU A 184 10.05 35.60 14.19
N ILE A 185 9.64 35.58 15.47
CA ILE A 185 8.64 34.63 15.94
C ILE A 185 7.36 34.82 15.13
N ARG A 186 6.96 36.09 14.94
CA ARG A 186 5.70 36.37 14.25
C ARG A 186 5.69 35.68 12.89
N GLY A 187 6.77 35.86 12.12
CA GLY A 187 6.83 35.36 10.77
C GLY A 187 6.90 33.82 10.74
N LEU A 188 7.52 33.19 11.73
CA LEU A 188 7.64 31.75 11.79
C LEU A 188 6.40 31.06 12.35
N MET A 189 5.45 31.80 12.92
CA MET A 189 4.47 31.20 13.82
C MET A 189 3.59 30.21 13.05
N GLU A 190 3.19 30.62 11.84
CA GLU A 190 2.35 29.79 11.01
C GLU A 190 2.93 28.40 10.70
N LYS A 191 4.23 28.36 10.41
CA LYS A 191 4.99 27.12 10.20
C LYS A 191 5.18 26.28 11.50
N ALA A 192 5.54 26.93 12.62
CA ALA A 192 5.87 26.29 13.89
C ALA A 192 4.62 25.62 14.51
N TYR A 193 3.42 26.20 14.23
CA TYR A 193 2.11 25.80 14.75
C TYR A 193 1.60 24.67 13.83
N THR A 194 2.24 23.49 13.95
CA THR A 194 1.84 22.32 13.20
C THR A 194 0.46 21.84 13.72
N LYS A 195 -0.44 21.45 12.78
CA LYS A 195 -1.85 21.14 13.05
C LYS A 195 -2.08 19.61 13.08
N GLY A 196 -3.34 19.21 13.38
CA GLY A 196 -3.81 17.83 13.47
C GLY A 196 -3.40 17.05 14.74
N ASN A 197 -3.05 17.76 15.84
CA ASN A 197 -3.07 17.21 17.21
C ASN A 197 -4.54 16.93 17.60
N ALA A 198 -4.78 15.82 18.33
CA ALA A 198 -6.04 15.48 18.99
C ALA A 198 -6.71 16.71 19.67
N SER A 199 -5.88 17.62 20.22
CA SER A 199 -6.36 18.77 20.97
C SER A 199 -5.27 19.83 20.94
N GLN A 200 -5.58 21.02 20.37
CA GLN A 200 -4.64 22.14 20.36
C GLN A 200 -5.42 23.45 20.19
N THR A 201 -5.02 24.49 20.92
CA THR A 201 -5.67 25.79 20.77
C THR A 201 -4.62 26.90 20.92
N SER A 202 -4.30 27.64 19.84
CA SER A 202 -3.31 28.75 19.87
C SER A 202 -4.00 29.98 20.44
N PHE A 203 -3.27 31.10 20.52
CA PHE A 203 -3.92 32.27 21.08
C PHE A 203 -3.43 33.60 20.50
N SER A 204 -2.22 33.65 19.98
CA SER A 204 -1.61 34.89 19.52
C SER A 204 -0.58 34.58 18.44
N PRO A 205 -0.46 35.44 17.42
CA PRO A 205 0.64 35.31 16.46
C PRO A 205 2.04 35.43 17.08
N THR A 206 2.14 35.94 18.33
CA THR A 206 3.42 35.98 19.02
C THR A 206 3.36 35.33 20.39
N GLY A 207 2.51 34.31 20.53
CA GLY A 207 2.38 33.62 21.80
C GLY A 207 3.29 32.41 21.92
N VAL A 208 3.96 32.24 23.07
CA VAL A 208 4.91 31.14 23.25
C VAL A 208 4.66 30.51 24.61
N GLN A 209 5.10 29.27 24.79
CA GLN A 209 4.96 28.66 26.08
C GLN A 209 6.21 28.94 26.96
N THR A 210 6.10 28.52 28.22
CA THR A 210 7.21 28.41 29.15
C THR A 210 7.34 26.93 29.52
N SER A 211 8.54 26.51 29.98
CA SER A 211 9.77 27.28 30.12
C SER A 211 10.28 27.79 28.78
N LEU A 212 10.58 29.09 28.71
CA LEU A 212 11.10 29.68 27.51
C LEU A 212 12.61 29.96 27.72
N MET A 213 13.43 29.51 26.78
CA MET A 213 14.86 29.71 26.86
C MET A 213 15.29 30.76 25.85
N MET A 214 16.23 31.60 26.30
CA MET A 214 16.77 32.64 25.45
C MET A 214 18.27 32.80 25.69
N LYS A 215 18.89 33.46 24.69
CA LYS A 215 20.32 33.76 24.70
C LYS A 215 20.45 35.14 24.13
N SER A 216 21.02 36.08 24.92
CA SER A 216 21.17 37.46 24.47
C SER A 216 22.31 37.58 23.49
N GLN A 217 22.34 38.71 22.78
CA GLN A 217 23.41 39.12 21.88
C GLN A 217 24.78 39.03 22.52
N ASP A 218 24.84 39.37 23.80
CA ASP A 218 26.10 39.49 24.52
C ASP A 218 26.28 38.27 25.41
N GLY A 219 25.52 37.19 25.18
CA GLY A 219 25.87 35.93 25.83
C GLY A 219 25.30 35.64 27.23
N LEU A 220 24.19 36.31 27.63
CA LEU A 220 23.45 35.83 28.79
C LEU A 220 22.43 34.76 28.36
N TYR A 221 22.33 33.74 29.20
CA TYR A 221 21.32 32.73 29.11
C TYR A 221 20.21 33.13 30.10
N ILE A 222 19.00 33.27 29.54
CA ILE A 222 17.83 33.74 30.26
C ILE A 222 16.67 32.77 30.04
N ASN A 223 16.12 32.29 31.13
CA ASN A 223 14.98 31.41 31.16
C ASN A 223 13.82 32.08 31.89
N LEU A 224 12.62 32.10 31.26
CA LEU A 224 11.39 32.55 31.91
C LEU A 224 10.46 31.37 32.12
N HIS A 225 10.00 31.23 33.38
CA HIS A 225 9.15 30.11 33.68
C HIS A 225 8.28 30.46 34.90
N GLU A 226 7.81 29.44 35.62
CA GLU A 226 7.01 29.63 36.82
C GLU A 226 7.29 28.42 37.68
N ALA A 227 6.99 28.56 38.99
CA ALA A 227 7.11 27.48 39.95
C ALA A 227 5.87 27.39 40.85
N ALA A 228 5.51 26.17 41.24
CA ALA A 228 4.44 25.89 42.16
C ALA A 228 3.09 26.29 41.56
N LEU A 229 2.82 25.79 40.35
CA LEU A 229 1.52 26.00 39.67
C LEU A 229 0.44 25.18 40.36
N ILE A 230 -0.21 25.80 41.38
CA ILE A 230 -1.25 25.19 42.18
C ILE A 230 -2.41 26.17 42.31
N ASN A 231 -3.64 25.64 42.13
CA ASN A 231 -4.88 26.39 42.24
C ASN A 231 -4.82 27.62 41.37
N TYR A 232 -4.42 27.48 40.11
CA TYR A 232 -4.14 28.64 39.26
C TYR A 232 -4.04 28.18 37.82
N SER A 233 -4.24 29.06 36.85
CA SER A 233 -4.15 28.72 35.42
C SER A 233 -2.68 28.75 34.94
N CYS A 234 -2.31 27.81 34.07
CA CYS A 234 -0.99 27.78 33.46
C CYS A 234 -0.64 29.08 32.72
N MET A 235 0.59 29.58 32.99
CA MET A 235 1.07 30.79 32.36
C MET A 235 1.79 30.50 31.04
N HIS A 236 1.33 31.19 29.99
CA HIS A 236 2.05 31.32 28.73
C HIS A 236 2.56 32.77 28.65
N LEU A 237 3.23 33.09 27.54
CA LEU A 237 3.72 34.43 27.37
C LEU A 237 3.31 34.90 26.01
N ASN A 238 2.95 36.20 25.99
CA ASN A 238 2.65 36.88 24.74
C ASN A 238 3.71 37.94 24.51
N LEU A 239 4.29 37.95 23.31
CA LEU A 239 5.37 38.85 23.01
C LEU A 239 4.86 40.10 22.30
N ASP A 240 5.17 41.25 22.86
CA ASP A 240 5.16 42.50 22.11
C ASP A 240 6.51 42.62 21.38
N ASP A 241 6.51 42.35 20.07
CA ASP A 241 7.74 42.23 19.28
C ASP A 241 8.17 43.60 18.73
N LYS A 242 7.48 44.67 19.12
CA LYS A 242 8.01 46.02 18.88
C LYS A 242 9.00 46.43 19.98
N ASN A 243 8.64 46.26 21.25
CA ASN A 243 9.47 46.63 22.39
C ASN A 243 10.13 45.45 23.09
N PHE A 244 9.88 44.22 22.63
CA PHE A 244 10.52 43.04 23.21
C PHE A 244 10.13 42.89 24.68
N VAL A 245 8.80 42.94 24.89
CA VAL A 245 8.26 42.73 26.23
C VAL A 245 7.37 41.50 26.20
N PHE A 246 7.69 40.50 27.04
CA PHE A 246 6.76 39.41 27.27
C PHE A 246 5.77 39.78 28.39
N GLU A 247 4.53 39.29 28.26
CA GLU A 247 3.48 39.48 29.27
C GLU A 247 2.72 38.17 29.50
N SER A 248 2.54 37.85 30.79
CA SER A 248 1.80 36.70 31.22
C SER A 248 0.47 36.60 30.47
N TRP A 249 0.21 35.44 29.88
CA TRP A 249 -1.03 35.12 29.21
C TRP A 249 -1.54 33.82 29.77
N LEU A 250 -2.51 33.87 30.70
CA LEU A 250 -2.90 32.64 31.38
C LEU A 250 -3.89 31.88 30.50
N THR A 251 -4.16 30.62 30.85
CA THR A 251 -5.00 29.74 30.10
C THR A 251 -6.45 29.93 30.53
N PRO A 252 -7.40 30.23 29.61
CA PRO A 252 -8.80 30.36 29.94
C PRO A 252 -9.40 28.99 30.25
N ASP A 253 -10.38 28.99 31.16
CA ASP A 253 -11.12 27.80 31.51
C ASP A 253 -12.27 27.69 30.49
N SER A 254 -13.22 26.82 30.81
CA SER A 254 -14.33 26.58 29.90
C SER A 254 -15.23 27.78 29.74
N HIS A 255 -15.17 28.74 30.65
CA HIS A 255 -16.04 29.90 30.62
C HIS A 255 -15.22 31.12 30.15
N GLY A 256 -13.96 30.96 29.82
CA GLY A 256 -13.20 32.10 29.36
C GLY A 256 -12.44 32.81 30.50
N ASP A 257 -12.48 32.31 31.73
CA ASP A 257 -11.88 33.03 32.83
C ASP A 257 -10.48 32.47 33.08
N LYS A 258 -9.67 33.29 33.77
CA LYS A 258 -8.27 33.00 33.94
C LYS A 258 -7.86 32.92 35.42
N GLY A 259 -8.81 32.51 36.27
CA GLY A 259 -8.56 32.16 37.66
C GLY A 259 -9.70 32.65 38.54
N LYS A 260 -10.36 31.70 39.18
CA LYS A 260 -11.43 31.97 40.11
C LYS A 260 -10.76 31.90 41.46
N MET A 261 -10.55 33.06 42.06
CA MET A 261 -9.71 33.21 43.22
C MET A 261 -10.58 33.53 44.44
N GLN A 262 -10.03 33.15 45.60
CA GLN A 262 -10.54 33.53 46.90
C GLN A 262 -9.41 33.87 47.86
N ALA A 263 -9.25 35.14 48.23
CA ALA A 263 -8.36 35.57 49.32
C ALA A 263 -8.77 34.95 50.65
N PRO A 264 -7.82 34.45 51.50
CA PRO A 264 -6.39 34.53 51.22
C PRO A 264 -5.89 33.52 50.20
N CYS A 265 -5.06 33.97 49.25
CA CYS A 265 -4.59 33.16 48.15
C CYS A 265 -3.33 33.77 47.53
N LYS A 266 -2.68 33.07 46.60
CA LYS A 266 -1.47 33.57 45.99
C LYS A 266 -1.21 32.89 44.67
N THR A 267 -0.49 33.60 43.80
CA THR A 267 -0.05 33.07 42.52
C THR A 267 1.12 32.12 42.72
N PRO A 268 1.38 31.30 41.68
CA PRO A 268 2.68 30.63 41.54
C PRO A 268 3.74 31.70 41.45
N TRP A 269 4.97 31.29 41.64
CA TRP A 269 6.14 32.12 41.38
C TRP A 269 6.39 32.26 39.89
N ARG A 270 6.83 33.45 39.49
CA ARG A 270 7.39 33.70 38.18
C ARG A 270 8.91 33.67 38.30
N THR A 271 9.60 32.95 37.43
CA THR A 271 11.06 32.72 37.55
C THR A 271 11.81 33.26 36.33
N VAL A 272 12.95 33.91 36.66
CA VAL A 272 13.94 34.44 35.72
C VAL A 272 15.27 33.85 36.15
N ILE A 273 15.67 32.74 35.48
CA ILE A 273 16.91 32.05 35.77
C ILE A 273 17.94 32.47 34.75
N VAL A 274 19.11 32.92 35.26
CA VAL A 274 20.04 33.65 34.41
C VAL A 274 21.47 33.25 34.78
N SER A 275 22.30 33.14 33.76
CA SER A 275 23.74 32.94 33.93
C SER A 275 24.44 33.28 32.62
N ASP A 276 25.74 33.61 32.75
CA ASP A 276 26.63 33.77 31.59
C ASP A 276 27.21 32.40 31.20
N ASP A 277 26.84 31.33 31.95
CA ASP A 277 27.23 29.96 31.66
C ASP A 277 25.97 29.11 31.53
N ALA A 278 25.72 28.61 30.33
CA ALA A 278 24.54 27.82 30.02
C ALA A 278 24.41 26.60 30.93
N ARG A 279 25.55 26.08 31.43
CA ARG A 279 25.51 24.89 32.23
C ARG A 279 24.75 25.18 33.52
N ASN A 280 24.82 26.41 34.01
CA ASN A 280 24.22 26.74 35.29
C ASN A 280 22.70 26.79 35.18
N ILE A 281 22.14 27.07 33.97
CA ILE A 281 20.72 26.97 33.76
C ILE A 281 20.27 25.53 34.05
N LEU A 282 20.93 24.56 33.42
CA LEU A 282 20.66 23.14 33.60
C LEU A 282 20.86 22.70 35.04
N ALA A 283 21.85 23.23 35.73
CA ALA A 283 22.20 22.81 37.08
C ALA A 283 21.21 23.35 38.12
N SER A 284 20.54 24.45 37.80
CA SER A 284 19.75 25.17 38.79
C SER A 284 18.69 24.28 39.46
N LYS A 285 18.52 24.44 40.79
CA LYS A 285 17.40 23.89 41.51
C LYS A 285 16.40 24.96 41.97
N LEU A 286 16.52 26.17 41.42
CA LEU A 286 15.68 27.29 41.82
C LEU A 286 14.17 26.94 41.78
N THR A 287 13.74 26.32 40.69
CA THR A 287 12.34 25.96 40.51
C THR A 287 11.88 25.06 41.65
N TYR A 288 12.63 24.01 41.97
CA TYR A 288 12.22 23.15 43.07
C TYR A 288 12.27 23.91 44.41
N ASN A 289 13.28 24.78 44.57
CA ASN A 289 13.48 25.49 45.84
C ASN A 289 12.26 26.36 46.15
N LEU A 290 11.52 26.82 45.11
CA LEU A 290 10.37 27.67 45.31
C LEU A 290 9.10 26.87 45.54
N ASN A 291 9.17 25.52 45.66
CA ASN A 291 8.01 24.70 46.00
C ASN A 291 8.14 24.29 47.45
N GLU A 292 6.98 23.98 48.05
CA GLU A 292 6.91 23.68 49.46
C GLU A 292 7.63 22.36 49.69
N PRO A 293 8.27 22.16 50.88
CA PRO A 293 8.87 20.88 51.22
C PRO A 293 7.89 19.73 51.13
N SER A 294 8.49 18.53 50.99
CA SER A 294 7.71 17.30 50.82
C SER A 294 6.52 17.25 51.78
N LYS A 295 5.33 16.95 51.29
CA LYS A 295 4.23 16.59 52.15
C LYS A 295 4.08 15.07 52.30
N ILE A 296 4.99 14.27 51.76
CA ILE A 296 4.93 12.84 51.95
C ILE A 296 5.98 12.50 53.00
N GLN A 297 5.55 11.88 54.11
CA GLN A 297 6.41 11.75 55.29
C GLN A 297 7.35 10.59 55.13
N GLU A 298 6.81 9.42 54.78
CA GLU A 298 7.58 8.21 54.52
C GLU A 298 7.59 7.98 53.00
N THR A 299 8.78 7.99 52.41
CA THR A 299 8.95 8.04 50.96
C THR A 299 9.68 6.83 50.40
N SER A 300 9.97 5.78 51.21
CA SER A 300 10.75 4.66 50.69
C SER A 300 9.98 3.84 49.67
N TRP A 301 8.67 4.04 49.52
CA TRP A 301 7.87 3.31 48.55
C TRP A 301 8.05 3.92 47.16
N ILE A 302 8.60 5.14 47.13
CA ILE A 302 8.77 5.87 45.88
C ILE A 302 10.08 5.43 45.22
N LYS A 303 10.03 4.82 44.04
CA LYS A 303 11.18 4.10 43.50
C LYS A 303 11.48 4.51 42.06
N PRO A 304 12.64 5.15 41.83
CA PRO A 304 13.15 5.34 40.49
C PRO A 304 13.09 3.98 39.80
N THR A 305 12.74 4.00 38.52
CA THR A 305 12.35 2.79 37.82
C THR A 305 12.95 2.82 36.42
N LYS A 306 13.53 1.69 36.00
CA LYS A 306 13.87 1.52 34.62
C LYS A 306 12.89 0.49 34.08
N TYR A 307 12.30 0.76 32.92
CA TYR A 307 11.25 -0.13 32.46
C TYR A 307 11.34 -0.39 30.96
N VAL A 308 10.64 -1.44 30.51
CA VAL A 308 10.32 -1.70 29.12
C VAL A 308 8.81 -1.73 29.06
N GLY A 309 8.23 -2.00 27.91
CA GLY A 309 6.81 -2.16 27.85
C GLY A 309 6.23 -2.54 26.51
N VAL A 310 5.00 -3.06 26.56
CA VAL A 310 4.14 -3.24 25.42
C VAL A 310 3.59 -1.86 25.17
N TRP A 311 4.19 -1.18 24.19
CA TRP A 311 4.01 0.24 24.02
C TRP A 311 4.39 0.65 22.62
N TRP A 312 5.72 0.61 22.32
CA TRP A 312 6.19 1.06 21.03
C TRP A 312 5.56 0.25 19.90
N GLU A 313 5.27 -1.04 20.15
CA GLU A 313 4.54 -1.83 19.17
C GLU A 313 3.31 -1.11 18.60
N MET A 314 2.50 -0.50 19.48
CA MET A 314 1.30 0.20 19.04
C MET A 314 1.65 1.56 18.47
N ILE A 315 2.57 2.25 19.10
CA ILE A 315 2.94 3.59 18.68
C ILE A 315 3.55 3.57 17.26
N SER A 316 4.35 2.53 16.95
CA SER A 316 5.06 2.41 15.70
C SER A 316 4.32 1.57 14.67
N GLY A 317 3.05 1.21 14.92
CA GLY A 317 2.17 0.70 13.88
C GLY A 317 2.19 -0.81 13.76
N LYS A 318 2.82 -1.54 14.64
CA LYS A 318 2.85 -2.99 14.51
C LYS A 318 1.68 -3.69 15.18
N SER A 319 1.18 -3.14 16.30
CA SER A 319 0.12 -3.79 17.09
C SER A 319 -0.94 -2.74 17.38
N THR A 320 -2.08 -3.18 17.92
CA THR A 320 -3.18 -2.27 18.29
C THR A 320 -3.37 -2.25 19.81
N TRP A 321 -3.89 -1.13 20.31
CA TRP A 321 -4.41 -1.07 21.68
C TRP A 321 -5.70 -1.85 21.80
N SER A 322 -6.48 -1.87 20.69
CA SER A 322 -7.80 -2.50 20.63
C SER A 322 -7.67 -4.00 20.54
N TYR A 323 -8.73 -4.68 21.00
CA TYR A 323 -8.85 -6.12 20.97
C TYR A 323 -9.60 -6.61 19.73
N THR A 324 -10.67 -5.91 19.31
CA THR A 324 -11.53 -6.36 18.22
C THR A 324 -11.82 -5.20 17.30
N ASP A 325 -12.05 -5.52 16.04
CA ASP A 325 -12.49 -4.59 15.01
C ASP A 325 -13.92 -4.93 14.62
N GLU A 326 -14.62 -5.78 15.35
CA GLU A 326 -15.93 -6.24 14.86
C GLU A 326 -17.00 -5.13 14.86
N PHE A 327 -16.85 -4.09 15.69
CA PHE A 327 -17.96 -3.20 16.01
C PHE A 327 -17.71 -1.79 15.51
N PRO A 328 -18.72 -1.03 15.05
CA PRO A 328 -18.51 0.38 14.76
C PRO A 328 -18.03 1.18 15.98
N SER A 329 -18.50 0.85 17.16
CA SER A 329 -18.02 1.50 18.38
C SER A 329 -18.30 0.48 19.47
N VAL A 330 -17.83 0.76 20.69
CA VAL A 330 -18.09 -0.14 21.80
C VAL A 330 -18.81 0.63 22.90
N GLN A 331 -19.55 -0.13 23.71
CA GLN A 331 -20.28 0.44 24.85
C GLN A 331 -19.96 -0.46 26.03
N LEU A 332 -19.20 0.04 26.98
CA LEU A 332 -18.73 -0.81 28.07
C LEU A 332 -19.94 -1.28 28.87
N GLY A 333 -19.95 -2.59 29.24
CA GLY A 333 -21.10 -3.18 29.89
C GLY A 333 -22.16 -3.63 28.87
N VAL A 334 -22.04 -3.29 27.59
CA VAL A 334 -23.02 -3.76 26.61
C VAL A 334 -22.24 -4.64 25.66
N THR A 335 -21.13 -4.14 25.10
CA THR A 335 -20.30 -4.97 24.25
C THR A 335 -19.78 -6.15 25.06
N ASP A 336 -19.95 -7.37 24.52
CA ASP A 336 -19.45 -8.59 25.13
C ASP A 336 -18.15 -8.96 24.41
N PHE A 337 -17.02 -8.61 25.05
CA PHE A 337 -15.69 -8.78 24.45
C PHE A 337 -15.31 -10.26 24.39
N SER A 338 -15.78 -11.09 25.33
CA SER A 338 -15.49 -12.51 25.36
C SER A 338 -16.03 -13.17 24.08
N LYS A 339 -17.05 -12.59 23.42
CA LYS A 339 -17.61 -13.16 22.20
C LYS A 339 -17.23 -12.38 20.94
N ALA A 340 -16.49 -11.28 21.07
CA ALA A 340 -16.06 -10.54 19.90
C ALA A 340 -14.90 -11.27 19.22
N LYS A 341 -14.84 -11.11 17.90
CA LYS A 341 -13.78 -11.66 17.08
C LYS A 341 -12.48 -10.87 17.33
N PRO A 342 -11.43 -11.54 17.87
CA PRO A 342 -10.15 -10.88 18.14
C PRO A 342 -9.62 -10.37 16.81
N ASN A 343 -9.11 -9.16 16.77
CA ASN A 343 -8.55 -8.67 15.52
C ASN A 343 -7.16 -9.26 15.30
N ARG A 344 -6.59 -9.94 16.31
CA ARG A 344 -5.31 -10.64 16.24
C ARG A 344 -4.14 -9.67 16.13
N LYS A 345 -4.37 -8.38 16.39
CA LYS A 345 -3.30 -7.40 16.30
C LYS A 345 -3.00 -6.83 17.68
N HIS A 346 -3.80 -7.22 18.67
CA HIS A 346 -3.74 -6.65 20.00
C HIS A 346 -2.36 -6.86 20.61
N GLY A 347 -1.70 -5.80 21.07
CA GLY A 347 -0.40 -5.93 21.75
C GLY A 347 -0.45 -6.60 23.12
N ALA A 348 -1.43 -6.25 23.98
CA ALA A 348 -1.42 -6.63 25.38
C ALA A 348 -2.04 -8.01 25.59
N THR A 349 -1.48 -9.04 24.98
CA THR A 349 -1.89 -10.44 25.21
C THR A 349 -1.05 -10.99 26.36
N THR A 350 -1.56 -12.04 27.03
CA THR A 350 -0.82 -12.69 28.09
C THR A 350 0.58 -13.12 27.57
N ALA A 351 0.63 -13.79 26.41
CA ALA A 351 1.90 -14.31 25.89
C ALA A 351 2.88 -13.16 25.61
N ASN A 352 2.40 -12.05 25.01
CA ASN A 352 3.32 -10.97 24.69
C ASN A 352 3.82 -10.30 25.98
N VAL A 353 2.91 -10.07 26.93
CA VAL A 353 3.32 -9.43 28.17
C VAL A 353 4.34 -10.29 28.89
N LYS A 354 4.14 -11.62 28.91
CA LYS A 354 5.13 -12.51 29.50
C LYS A 354 6.50 -12.36 28.85
N ARG A 355 6.56 -12.20 27.52
CA ARG A 355 7.83 -12.03 26.84
C ARG A 355 8.53 -10.79 27.38
N TYR A 356 7.79 -9.69 27.59
CA TYR A 356 8.47 -8.50 28.09
C TYR A 356 8.92 -8.65 29.56
N ILE A 357 8.10 -9.32 30.35
CA ILE A 357 8.47 -9.62 31.72
C ILE A 357 9.78 -10.41 31.73
N ASP A 358 9.86 -11.48 30.93
CA ASP A 358 11.05 -12.30 30.85
C ASP A 358 12.24 -11.43 30.43
N PHE A 359 12.05 -10.58 29.44
CA PHE A 359 13.13 -9.70 29.03
C PHE A 359 13.58 -8.76 30.16
N ALA A 360 12.62 -8.20 30.89
CA ALA A 360 12.93 -7.29 31.98
C ALA A 360 13.71 -8.01 33.05
N ALA A 361 13.18 -9.17 33.49
CA ALA A 361 13.82 -9.90 34.60
C ALA A 361 15.23 -10.31 34.21
N LYS A 362 15.43 -10.78 32.97
CA LYS A 362 16.72 -11.19 32.47
C LYS A 362 17.73 -10.04 32.54
N ASN A 363 17.29 -8.80 32.33
CA ASN A 363 18.19 -7.72 32.08
C ASN A 363 18.25 -6.74 33.24
N GLY A 364 17.67 -7.08 34.38
CA GLY A 364 17.73 -6.20 35.55
C GLY A 364 16.76 -5.00 35.48
N PHE A 365 15.68 -5.04 34.67
CA PHE A 365 14.73 -3.93 34.64
C PHE A 365 13.74 -4.09 35.81
N ASP A 366 13.20 -2.98 36.33
CA ASP A 366 12.30 -3.04 37.47
C ASP A 366 10.86 -3.38 37.07
N ALA A 367 10.42 -2.89 35.90
CA ALA A 367 9.01 -2.96 35.55
C ALA A 367 8.76 -3.02 34.04
N VAL A 368 7.48 -3.32 33.73
CA VAL A 368 6.94 -3.44 32.41
C VAL A 368 5.61 -2.67 32.33
N LEU A 369 5.59 -1.61 31.53
CA LEU A 369 4.34 -0.95 31.20
C LEU A 369 3.52 -1.83 30.24
N VAL A 370 2.21 -1.90 30.47
CA VAL A 370 1.33 -2.47 29.45
C VAL A 370 0.21 -1.50 29.12
N GLU A 371 0.17 -1.11 27.85
CA GLU A 371 -0.99 -0.40 27.33
C GLU A 371 -1.87 -1.29 26.47
N GLY A 372 -3.18 -1.01 26.56
CA GLY A 372 -4.21 -1.72 25.85
C GLY A 372 -4.70 -2.91 26.66
N TRP A 373 -4.49 -2.87 27.99
CA TRP A 373 -4.89 -4.03 28.80
C TRP A 373 -6.40 -4.07 29.00
N ASN A 374 -7.08 -2.89 28.97
CA ASN A 374 -8.42 -2.77 29.52
C ASN A 374 -9.48 -2.50 28.44
N GLU A 375 -10.74 -2.89 28.68
CA GLU A 375 -11.79 -2.69 27.70
C GLU A 375 -11.91 -1.20 27.39
N GLY A 376 -12.16 -0.89 26.09
CA GLY A 376 -12.45 0.46 25.66
C GLY A 376 -11.58 1.03 24.52
N TRP A 377 -10.41 0.41 24.26
CA TRP A 377 -9.42 0.98 23.35
C TRP A 377 -9.94 1.11 21.95
N GLU A 378 -10.98 0.32 21.60
CA GLU A 378 -11.52 0.42 20.25
C GLU A 378 -11.90 1.87 19.96
N ASP A 379 -12.24 2.67 20.96
CA ASP A 379 -12.78 4.03 20.73
C ASP A 379 -11.95 5.11 21.41
N TRP A 380 -10.64 4.86 21.67
CA TRP A 380 -9.86 5.72 22.53
C TRP A 380 -9.59 7.11 21.98
N ILE A 381 -9.61 7.29 20.64
CA ILE A 381 -9.02 8.53 20.13
C ILE A 381 -10.03 9.24 19.23
N GLY A 382 -10.23 10.53 19.51
CA GLY A 382 -10.98 11.35 18.58
C GLY A 382 -12.50 11.28 18.72
N HIS A 383 -13.09 10.58 19.69
CA HIS A 383 -14.56 10.50 19.70
C HIS A 383 -15.17 11.40 20.77
N GLU A 384 -14.39 11.98 21.65
CA GLU A 384 -14.94 12.91 22.63
C GLU A 384 -15.95 12.15 23.46
N LYS A 385 -15.56 10.97 23.88
CA LYS A 385 -16.39 9.97 24.51
C LYS A 385 -16.18 10.05 26.01
N ASP A 386 -17.28 10.12 26.75
CA ASP A 386 -17.23 10.26 28.20
C ASP A 386 -16.93 8.92 28.84
N TYR A 387 -17.82 7.95 28.72
CA TYR A 387 -17.61 6.66 29.34
C TYR A 387 -16.75 5.78 28.44
N VAL A 388 -15.50 6.14 28.34
CA VAL A 388 -14.57 5.58 27.36
C VAL A 388 -13.80 4.41 27.97
N PHE A 389 -13.50 4.48 29.27
CA PHE A 389 -12.82 3.42 29.97
C PHE A 389 -13.41 3.28 31.36
N ASP A 390 -13.31 2.06 31.93
CA ASP A 390 -13.60 1.90 33.35
C ASP A 390 -12.37 1.71 34.22
N PHE A 391 -11.17 1.57 33.63
CA PHE A 391 -9.89 1.52 34.35
C PHE A 391 -9.79 0.28 35.24
N VAL A 392 -10.70 -0.70 35.01
CA VAL A 392 -10.68 -1.90 35.84
C VAL A 392 -10.86 -3.18 35.04
N THR A 393 -11.53 -3.18 33.89
CA THR A 393 -11.89 -4.45 33.29
C THR A 393 -10.89 -4.87 32.23
N PRO A 394 -10.14 -5.99 32.40
CA PRO A 394 -9.23 -6.45 31.36
C PRO A 394 -9.94 -7.00 30.14
N TYR A 395 -9.25 -6.91 29.02
CA TYR A 395 -9.68 -7.61 27.82
C TYR A 395 -9.61 -9.12 28.07
N PRO A 396 -10.33 -9.91 27.27
CA PRO A 396 -10.35 -11.36 27.47
C PRO A 396 -8.97 -12.03 27.31
N ASP A 397 -8.03 -11.35 26.61
CA ASP A 397 -6.77 -12.00 26.24
C ASP A 397 -5.67 -11.52 27.19
N PHE A 398 -6.00 -10.75 28.24
CA PHE A 398 -5.02 -10.24 29.22
C PHE A 398 -5.36 -10.77 30.60
N ASP A 399 -4.58 -11.73 31.07
CA ASP A 399 -4.83 -12.36 32.35
C ASP A 399 -4.22 -11.54 33.48
N ILE A 400 -5.04 -10.69 34.11
CA ILE A 400 -4.46 -9.71 35.00
C ILE A 400 -3.86 -10.40 36.21
N LYS A 401 -4.58 -11.37 36.75
CA LYS A 401 -4.09 -12.07 37.93
C LYS A 401 -2.82 -12.90 37.63
N GLY A 402 -2.88 -13.75 36.60
CA GLY A 402 -1.72 -14.55 36.18
C GLY A 402 -0.48 -13.68 35.90
N LEU A 403 -0.67 -12.59 35.15
CA LEU A 403 0.48 -11.79 34.72
C LEU A 403 1.19 -11.11 35.89
N ASN A 404 0.41 -10.61 36.85
CA ASN A 404 0.99 -9.89 37.98
C ASN A 404 1.65 -10.89 38.92
N GLU A 405 1.09 -12.10 39.10
CA GLU A 405 1.80 -13.15 39.84
C GLU A 405 3.12 -13.52 39.15
N TYR A 406 3.08 -13.75 37.84
CA TYR A 406 4.29 -14.13 37.10
C TYR A 406 5.35 -13.04 37.20
N ALA A 407 4.96 -11.78 37.04
CA ALA A 407 5.91 -10.69 37.16
C ALA A 407 6.55 -10.68 38.55
N HIS A 408 5.73 -10.69 39.62
CA HIS A 408 6.22 -10.62 40.99
C HIS A 408 7.16 -11.78 41.27
N ALA A 409 6.84 -12.99 40.77
CA ALA A 409 7.74 -14.11 41.00
C ALA A 409 9.09 -13.90 40.32
N LYS A 410 9.18 -13.07 39.25
CA LYS A 410 10.46 -12.77 38.64
C LYS A 410 11.00 -11.42 39.16
N LYS A 411 10.40 -10.85 40.22
CA LYS A 411 10.91 -9.61 40.82
C LYS A 411 10.69 -8.41 39.91
N VAL A 412 9.58 -8.42 39.17
CA VAL A 412 9.26 -7.35 38.25
C VAL A 412 7.85 -6.90 38.64
N LYS A 413 7.51 -5.66 38.31
CA LYS A 413 6.16 -5.14 38.49
C LYS A 413 5.63 -4.69 37.16
N LEU A 414 4.29 -4.71 37.03
CA LEU A 414 3.69 -4.02 35.93
C LEU A 414 3.43 -2.58 36.32
N ILE A 415 3.50 -1.70 35.32
CA ILE A 415 3.10 -0.32 35.48
C ILE A 415 1.69 -0.24 34.92
N MET A 416 0.78 0.33 35.71
CA MET A 416 -0.62 0.49 35.33
C MET A 416 -0.66 1.62 34.32
N HIS A 417 -1.57 1.47 33.36
CA HIS A 417 -1.85 2.54 32.40
C HIS A 417 -3.32 2.96 32.48
N HIS A 418 -3.51 4.30 32.59
CA HIS A 418 -4.83 4.89 32.74
C HIS A 418 -4.89 6.04 31.75
N GLU A 419 -5.06 5.72 30.47
CA GLU A 419 -5.46 6.71 29.51
C GLU A 419 -6.87 7.15 29.82
N THR A 420 -7.12 8.47 29.83
CA THR A 420 -8.46 8.98 30.11
C THR A 420 -9.16 9.45 28.85
N SER A 421 -8.40 9.69 27.79
CA SER A 421 -8.95 10.18 26.52
C SER A 421 -9.77 11.48 26.72
N GLY A 422 -9.36 12.26 27.70
CA GLY A 422 -9.89 13.59 27.93
C GLY A 422 -11.14 13.64 28.83
N ALA A 423 -11.66 12.48 29.19
CA ALA A 423 -12.90 12.36 29.95
C ALA A 423 -12.56 12.42 31.45
N VAL A 424 -12.37 13.60 31.97
CA VAL A 424 -11.86 13.84 33.31
C VAL A 424 -12.83 13.41 34.43
N ARG A 425 -14.11 13.74 34.34
CA ARG A 425 -15.11 13.29 35.28
C ARG A 425 -15.16 11.78 35.25
N ASN A 426 -15.09 11.19 34.05
CA ASN A 426 -15.16 9.74 34.01
C ASN A 426 -13.99 9.10 34.79
N TYR A 427 -12.81 9.71 34.69
CA TYR A 427 -11.66 9.21 35.45
C TYR A 427 -11.83 9.42 36.95
N GLU A 428 -12.18 10.65 37.37
CA GLU A 428 -12.47 10.94 38.79
C GLU A 428 -13.47 9.92 39.32
N ARG A 429 -14.51 9.61 38.60
CA ARG A 429 -15.49 8.69 39.18
C ARG A 429 -14.98 7.26 39.31
N HIS A 430 -14.02 6.84 38.45
CA HIS A 430 -13.47 5.49 38.55
C HIS A 430 -12.19 5.42 39.38
N MET A 431 -11.69 6.57 39.86
CA MET A 431 -10.30 6.64 40.26
C MET A 431 -10.02 5.79 41.48
N ASP A 432 -10.90 5.82 42.49
CA ASP A 432 -10.68 5.03 43.71
C ASP A 432 -10.74 3.56 43.40
N ALA A 433 -11.68 3.11 42.57
CA ALA A 433 -11.74 1.68 42.26
C ALA A 433 -10.48 1.33 41.48
N ALA A 434 -10.05 2.20 40.56
CA ALA A 434 -8.85 1.93 39.76
C ALA A 434 -7.58 1.84 40.63
N TYR A 435 -7.39 2.79 41.56
CA TYR A 435 -6.22 2.80 42.40
C TYR A 435 -6.28 1.58 43.33
N LYS A 436 -7.46 1.16 43.76
CA LYS A 436 -7.59 -0.04 44.56
C LYS A 436 -7.24 -1.29 43.79
N LEU A 437 -7.70 -1.40 42.54
CA LEU A 437 -7.27 -2.49 41.70
C LEU A 437 -5.75 -2.57 41.62
N MET A 438 -5.10 -1.42 41.40
CA MET A 438 -3.64 -1.32 41.45
C MET A 438 -3.07 -1.97 42.71
N LYS A 439 -3.55 -1.54 43.87
CA LYS A 439 -3.06 -2.09 45.14
C LYS A 439 -3.33 -3.59 45.22
N GLN A 440 -4.52 -4.03 44.83
CA GLN A 440 -4.86 -5.46 44.85
C GLN A 440 -3.84 -6.29 44.03
N TYR A 441 -3.36 -5.82 42.88
CA TYR A 441 -2.48 -6.65 42.07
C TYR A 441 -1.00 -6.29 42.21
N GLY A 442 -0.61 -5.38 43.11
CA GLY A 442 0.80 -5.01 43.23
C GLY A 442 1.32 -4.09 42.12
N TYR A 443 0.45 -3.26 41.58
CA TYR A 443 0.94 -2.15 40.79
C TYR A 443 1.22 -0.97 41.74
N ASP A 444 2.35 -0.28 41.58
CA ASP A 444 2.61 0.85 42.46
C ASP A 444 2.86 2.12 41.66
N ALA A 445 2.74 2.07 40.33
CA ALA A 445 2.95 3.27 39.50
C ALA A 445 1.91 3.22 38.40
N VAL A 446 1.46 4.42 38.02
CA VAL A 446 0.51 4.57 36.95
C VAL A 446 1.01 5.60 35.97
N LYS A 447 0.92 5.24 34.69
CA LYS A 447 1.05 6.20 33.62
C LYS A 447 -0.37 6.58 33.19
N SER A 448 -0.71 7.85 33.34
CA SER A 448 -1.98 8.40 32.98
C SER A 448 -1.81 9.13 31.66
N GLY A 449 -2.94 9.36 30.97
CA GLY A 449 -2.95 10.20 29.80
C GLY A 449 -4.21 11.00 29.62
N TYR A 450 -4.14 12.00 28.75
CA TYR A 450 -5.22 12.97 28.53
C TYR A 450 -5.25 13.33 27.05
N VAL A 451 -5.27 12.27 26.19
CA VAL A 451 -5.29 12.50 24.75
C VAL A 451 -6.70 12.83 24.31
N GLY A 452 -6.88 13.94 23.61
CA GLY A 452 -8.19 14.36 23.18
C GLY A 452 -8.62 15.66 23.88
N ASN A 453 -9.60 16.34 23.31
CA ASN A 453 -10.16 17.51 24.00
C ASN A 453 -10.70 17.11 25.35
N ILE A 454 -10.48 17.97 26.34
CA ILE A 454 -11.02 17.75 27.67
C ILE A 454 -12.53 17.89 27.57
N LEU A 455 -13.24 16.92 28.20
CA LEU A 455 -14.69 16.98 28.28
C LEU A 455 -15.12 17.67 29.57
N PRO A 456 -16.25 18.39 29.56
CA PRO A 456 -17.01 18.66 28.32
C PRO A 456 -16.32 19.69 27.44
N LEU A 457 -16.67 19.65 26.16
CA LEU A 457 -15.97 20.44 25.16
C LEU A 457 -16.03 21.92 25.58
N GLY A 458 -14.93 22.60 25.35
CA GLY A 458 -14.71 24.01 25.68
C GLY A 458 -13.70 24.15 26.82
N GLU A 459 -13.51 23.08 27.58
CA GLU A 459 -12.48 23.08 28.61
C GLU A 459 -11.12 22.93 27.93
N THR A 460 -10.07 23.38 28.63
CA THR A 460 -8.70 23.30 28.14
C THR A 460 -7.86 22.42 29.05
N HIS A 461 -6.68 21.99 28.58
CA HIS A 461 -5.85 21.06 29.34
C HIS A 461 -5.13 21.75 30.49
N TYR A 462 -4.89 23.06 30.38
CA TYR A 462 -4.05 23.77 31.31
C TYR A 462 -4.76 24.93 32.04
N SER A 463 -6.09 24.96 32.06
CA SER A 463 -6.88 25.89 32.88
C SER A 463 -6.63 25.58 34.36
N GLN A 464 -7.04 26.53 35.21
CA GLN A 464 -7.09 26.33 36.64
C GLN A 464 -7.90 25.08 36.99
N TRP A 465 -9.01 24.93 36.28
CA TRP A 465 -9.91 23.85 36.58
C TRP A 465 -9.28 22.49 36.32
N THR A 466 -8.70 22.30 35.12
CA THR A 466 -8.12 21.02 34.79
C THR A 466 -6.81 20.83 35.57
N ASN A 467 -6.06 21.93 35.84
CA ASN A 467 -4.86 21.75 36.62
C ASN A 467 -5.20 21.17 37.98
N ASN A 468 -6.37 21.54 38.51
CA ASN A 468 -6.84 21.05 39.79
C ASN A 468 -7.02 19.54 39.70
N HIS A 469 -7.62 19.03 38.58
CA HIS A 469 -7.73 17.58 38.44
C HIS A 469 -6.36 16.89 38.49
N TYR A 470 -5.34 17.41 37.78
CA TYR A 470 -4.06 16.67 37.76
C TYR A 470 -3.54 16.58 39.19
N GLN A 471 -3.69 17.68 39.94
CA GLN A 471 -3.19 17.79 41.32
C GLN A 471 -3.93 16.80 42.19
N TYR A 472 -5.25 16.72 41.99
CA TYR A 472 -6.11 15.86 42.78
C TYR A 472 -5.71 14.39 42.55
N ALA A 473 -5.42 14.05 41.28
CA ALA A 473 -4.98 12.68 40.95
C ALA A 473 -3.69 12.34 41.69
N ILE A 474 -2.74 13.32 41.72
CA ILE A 474 -1.44 13.14 42.39
C ILE A 474 -1.58 12.95 43.90
N GLU A 475 -2.43 13.80 44.51
CA GLU A 475 -2.61 13.74 45.95
C GLU A 475 -3.33 12.46 46.33
N LYS A 476 -4.31 12.05 45.56
CA LYS A 476 -5.02 10.81 45.89
C LYS A 476 -4.10 9.62 45.68
N ALA A 477 -3.32 9.62 44.61
CA ALA A 477 -2.33 8.58 44.43
C ALA A 477 -1.37 8.48 45.62
N ALA A 478 -0.94 9.64 46.10
CA ALA A 478 -0.06 9.64 47.27
C ALA A 478 -0.71 8.94 48.47
N ASP A 479 -2.00 9.13 48.66
CA ASP A 479 -2.72 8.45 49.77
C ASP A 479 -2.68 6.95 49.59
N TYR A 480 -2.60 6.46 48.35
CA TYR A 480 -2.55 5.03 48.11
C TYR A 480 -1.10 4.55 48.02
N GLN A 481 -0.12 5.44 48.17
CA GLN A 481 1.27 5.11 47.87
C GLN A 481 1.41 4.60 46.44
N ILE A 482 0.98 5.45 45.52
CA ILE A 482 1.08 5.20 44.09
C ILE A 482 1.85 6.34 43.48
N MET A 483 2.76 6.00 42.56
CA MET A 483 3.52 6.98 41.78
C MET A 483 2.76 7.30 40.51
N VAL A 484 2.88 8.53 40.06
CA VAL A 484 2.18 9.00 38.91
C VAL A 484 3.13 9.56 37.86
N ASN A 485 2.85 9.16 36.59
CA ASN A 485 3.55 9.68 35.43
C ASN A 485 2.48 10.12 34.44
N ALA A 486 2.23 11.43 34.30
CA ALA A 486 1.05 11.88 33.56
C ALA A 486 1.39 12.48 32.23
N HIS A 487 1.07 11.75 31.15
CA HIS A 487 1.14 12.27 29.81
C HIS A 487 -0.06 13.22 29.53
N GLU A 488 0.23 14.25 28.75
CA GLU A 488 -0.65 15.32 28.31
C GLU A 488 -1.15 16.23 29.43
N ALA A 489 -0.62 16.07 30.66
CA ALA A 489 -0.93 16.99 31.75
C ALA A 489 -0.18 18.31 31.49
N VAL A 490 -0.48 19.29 32.32
CA VAL A 490 0.24 20.56 32.34
C VAL A 490 1.74 20.31 32.61
N ARG A 491 2.59 21.10 31.96
CA ARG A 491 4.03 20.96 32.13
C ARG A 491 4.45 21.33 33.55
N PRO A 492 5.41 20.58 34.11
CA PRO A 492 5.74 20.70 35.54
C PRO A 492 6.47 21.99 35.90
N THR A 493 6.35 22.29 37.22
CA THR A 493 6.79 23.56 37.79
C THR A 493 7.39 23.33 39.16
N GLY A 494 7.88 22.11 39.39
CA GLY A 494 8.63 21.80 40.59
C GLY A 494 7.82 21.16 41.73
N ILE A 495 6.55 20.85 41.46
CA ILE A 495 5.66 20.30 42.47
C ILE A 495 6.16 18.95 42.97
N ALA A 496 7.04 18.25 42.23
CA ALA A 496 7.57 16.98 42.75
C ALA A 496 8.29 17.15 44.10
N ARG A 497 8.79 18.36 44.39
CA ARG A 497 9.41 18.46 45.71
C ARG A 497 8.35 18.16 46.77
N THR A 498 7.13 18.70 46.54
CA THR A 498 6.07 18.66 47.54
C THR A 498 5.41 17.28 47.50
N TYR A 499 5.27 16.75 46.24
CA TYR A 499 4.71 15.43 46.01
C TYR A 499 5.69 14.61 45.16
N PRO A 500 6.72 14.00 45.78
CA PRO A 500 7.70 13.21 45.04
C PRO A 500 7.18 11.92 44.41
N ASN A 501 5.88 11.61 44.57
CA ASN A 501 5.26 10.47 43.90
C ASN A 501 4.96 10.86 42.44
N LEU A 502 5.04 12.15 42.10
CA LEU A 502 5.06 12.57 40.72
C LEU A 502 6.44 12.41 40.09
N ILE A 503 6.65 11.20 39.58
CA ILE A 503 7.91 10.78 39.05
C ILE A 503 8.01 11.10 37.56
N GLY A 504 6.94 11.55 36.92
CA GLY A 504 7.09 12.07 35.60
C GLY A 504 5.88 12.73 35.00
N ASN A 505 6.14 13.44 33.92
CA ASN A 505 5.11 13.80 32.95
C ASN A 505 5.75 13.60 31.58
N GLU A 506 4.93 13.60 30.51
CA GLU A 506 5.45 13.86 29.17
C GLU A 506 5.44 15.37 29.00
N ALA A 507 4.31 15.92 28.55
CA ALA A 507 4.08 17.38 28.63
C ALA A 507 5.09 18.16 27.80
N ALA A 508 5.36 17.57 26.62
CA ALA A 508 6.30 18.03 25.61
C ALA A 508 6.38 16.97 24.49
N ARG A 509 7.12 17.23 23.43
CA ARG A 509 7.17 16.28 22.30
C ARG A 509 8.17 15.18 22.64
N GLY A 510 7.68 13.95 22.82
CA GLY A 510 8.51 12.84 23.23
C GLY A 510 9.01 11.99 22.05
N THR A 511 9.67 10.89 22.37
CA THR A 511 10.12 9.90 21.39
C THR A 511 8.96 9.37 20.50
N GLU A 512 7.73 9.32 21.02
CA GLU A 512 6.59 8.80 20.26
C GLU A 512 6.45 9.57 18.95
N TYR A 513 6.85 10.86 18.94
CA TYR A 513 6.67 11.58 17.69
C TYR A 513 7.66 11.12 16.59
N GLN A 514 8.73 10.42 17.02
CA GLN A 514 9.69 9.89 16.07
C GLN A 514 9.02 8.80 15.23
N ALA A 515 7.87 8.26 15.71
CA ALA A 515 7.11 7.25 15.02
C ALA A 515 5.88 7.78 14.31
N PHE A 516 5.71 9.11 14.29
CA PHE A 516 4.46 9.67 13.80
C PHE A 516 4.66 10.36 12.48
N GLY A 517 5.73 10.05 11.76
CA GLY A 517 5.88 10.60 10.43
C GLY A 517 6.03 12.13 10.51
N ASN A 518 5.59 12.84 9.45
CA ASN A 518 5.71 14.29 9.41
C ASN A 518 7.18 14.60 9.67
N ASP A 519 7.52 15.57 10.51
CA ASP A 519 8.93 15.91 10.68
C ASP A 519 9.60 15.15 11.83
N ARG A 520 8.85 14.29 12.49
CA ARG A 520 9.36 13.56 13.66
C ARG A 520 9.96 14.59 14.60
N ASN A 521 11.09 14.27 15.25
CA ASN A 521 11.70 15.31 16.12
C ASN A 521 12.98 15.83 15.48
N ASN A 522 13.13 17.16 15.41
CA ASN A 522 14.36 17.75 15.04
C ASN A 522 15.56 17.06 15.71
N ALA A 523 16.68 17.00 14.95
CA ALA A 523 17.83 16.27 15.48
C ALA A 523 18.35 16.91 16.77
N ASN A 524 18.20 18.24 16.93
CA ASN A 524 18.69 18.94 18.11
C ASN A 524 17.61 19.06 19.21
N HIS A 525 16.51 18.31 19.08
CA HIS A 525 15.41 18.41 20.03
C HIS A 525 15.86 18.20 21.47
N VAL A 526 16.61 17.12 21.71
CA VAL A 526 17.08 16.73 23.04
C VAL A 526 18.19 17.65 23.56
N THR A 527 18.62 18.61 22.73
CA THR A 527 19.57 19.63 23.17
C THR A 527 18.84 20.90 23.56
N ILE A 528 17.49 20.94 23.36
CA ILE A 528 16.68 22.06 23.79
C ILE A 528 15.83 21.67 25.01
N LEU A 529 15.29 20.45 25.05
CA LEU A 529 14.37 20.07 26.09
C LEU A 529 14.95 20.36 27.47
N PRO A 530 16.24 20.08 27.76
CA PRO A 530 16.78 20.30 29.08
C PRO A 530 16.77 21.77 29.51
N PHE A 531 16.78 22.69 28.55
CA PHE A 531 16.79 24.12 28.81
C PHE A 531 15.37 24.71 28.90
N THR A 532 14.34 23.89 28.63
CA THR A 532 12.97 24.32 28.56
C THR A 532 12.13 23.35 29.39
N ARG A 533 11.57 22.34 28.73
CA ARG A 533 10.72 21.34 29.36
C ARG A 533 11.29 20.80 30.67
N LEU A 534 12.59 20.48 30.78
CA LEU A 534 13.04 19.83 32.02
C LEU A 534 13.09 20.75 33.25
N ILE A 535 13.03 22.05 33.04
CA ILE A 535 12.94 23.00 34.12
C ILE A 535 11.53 22.87 34.71
N GLY A 536 11.48 22.28 35.92
CA GLY A 536 10.24 22.06 36.61
C GLY A 536 10.03 20.60 36.95
N GLY A 537 10.70 19.71 36.21
CA GLY A 537 10.55 18.28 36.51
C GLY A 537 10.98 17.39 35.39
N PRO A 538 11.17 16.09 35.68
CA PRO A 538 11.73 15.15 34.69
C PRO A 538 10.69 14.86 33.61
N MET A 539 11.18 14.38 32.49
CA MET A 539 10.32 13.93 31.41
C MET A 539 10.49 12.43 31.18
N ASP A 540 9.35 11.77 30.92
CA ASP A 540 9.28 10.38 30.46
C ASP A 540 9.39 10.48 28.93
N TYR A 541 10.62 10.60 28.45
CA TYR A 541 10.96 10.81 27.05
C TYR A 541 10.92 9.51 26.22
N THR A 542 11.09 8.36 26.88
CA THR A 542 11.09 7.01 26.33
C THR A 542 12.23 6.80 25.33
N PRO A 543 13.47 6.94 25.80
CA PRO A 543 14.62 6.74 24.93
C PRO A 543 14.92 5.28 24.65
N GLY A 544 16.06 5.03 23.94
CA GLY A 544 16.57 3.69 23.71
C GLY A 544 16.08 3.02 22.43
N ILE A 545 15.76 3.80 21.37
CA ILE A 545 15.43 3.19 20.08
C ILE A 545 16.71 2.77 19.37
N PHE A 546 16.77 1.50 18.96
CA PHE A 546 17.87 0.92 18.19
C PHE A 546 17.50 0.67 16.74
N GLU A 547 16.20 0.43 16.46
CA GLU A 547 15.72 0.33 15.09
C GLU A 547 14.97 1.60 14.76
N MET A 548 15.57 2.45 13.91
CA MET A 548 14.99 3.74 13.59
C MET A 548 14.00 3.73 12.39
N ASP A 549 13.91 2.68 11.58
CA ASP A 549 12.91 2.66 10.49
C ASP A 549 11.81 1.67 10.87
N VAL A 550 10.73 2.20 11.43
CA VAL A 550 9.82 1.44 12.22
C VAL A 550 8.67 0.92 11.35
N THR A 551 7.78 0.12 11.92
CA THR A 551 6.78 -0.60 11.10
C THR A 551 5.94 0.30 10.23
N ASN A 552 5.53 1.46 10.68
CA ASN A 552 4.64 2.34 9.93
C ASN A 552 5.38 3.26 9.00
N GLY A 553 6.69 3.02 8.79
CA GLY A 553 7.40 3.81 7.77
C GLY A 553 8.12 5.03 8.35
N SER A 554 7.81 5.48 9.56
CA SER A 554 8.44 6.65 10.18
C SER A 554 9.92 6.40 10.43
N HIS A 555 10.70 7.47 10.35
CA HIS A 555 12.15 7.40 10.59
C HIS A 555 12.52 8.15 11.86
N VAL A 556 13.00 7.42 12.86
CA VAL A 556 13.51 8.02 14.07
C VAL A 556 14.79 8.82 13.77
N ASN A 557 14.79 10.13 14.10
CA ASN A 557 15.89 10.99 13.79
C ASN A 557 16.94 10.97 14.89
N ALA A 558 17.66 9.85 15.00
CA ALA A 558 18.75 9.75 15.98
C ALA A 558 19.67 8.60 15.62
N THR A 559 20.85 8.54 16.26
CA THR A 559 21.75 7.43 16.17
C THR A 559 21.65 6.58 17.40
N ILE A 560 22.16 5.34 17.33
CA ILE A 560 22.11 4.48 18.50
C ILE A 560 22.85 5.16 19.67
N ALA A 561 24.02 5.75 19.43
CA ALA A 561 24.76 6.25 20.56
C ALA A 561 24.03 7.44 21.17
N ASN A 562 23.33 8.24 20.36
CA ASN A 562 22.45 9.30 20.86
C ASN A 562 21.42 8.71 21.86
N GLN A 563 20.85 7.57 21.48
CA GLN A 563 19.81 6.91 22.27
C GLN A 563 20.40 6.41 23.59
N LEU A 564 21.68 6.00 23.62
CA LEU A 564 22.27 5.54 24.85
C LEU A 564 22.52 6.76 25.76
N ALA A 565 22.92 7.88 25.12
CA ALA A 565 23.33 9.03 25.90
C ALA A 565 22.14 9.60 26.70
N LEU A 566 20.92 9.48 26.13
CA LEU A 566 19.73 10.05 26.72
C LEU A 566 19.49 9.61 28.16
N TYR A 567 19.94 8.40 28.54
CA TYR A 567 19.79 7.93 29.89
C TYR A 567 20.55 8.86 30.88
N VAL A 568 21.51 9.66 30.39
CA VAL A 568 22.17 10.64 31.23
C VAL A 568 21.74 12.07 30.89
N THR A 569 21.58 12.38 29.61
CA THR A 569 21.34 13.76 29.22
C THR A 569 19.86 14.20 29.34
N MET A 570 18.91 13.24 29.34
CA MET A 570 17.52 13.53 29.67
C MET A 570 17.20 12.97 31.05
N TYR A 571 17.51 13.77 32.09
CA TYR A 571 17.41 13.32 33.49
C TYR A 571 15.99 12.90 33.81
N SER A 572 15.83 11.72 34.45
CA SER A 572 14.53 11.28 34.90
C SER A 572 14.70 10.14 35.88
N PRO A 573 13.86 10.03 36.94
CA PRO A 573 13.87 8.85 37.78
C PRO A 573 13.13 7.70 37.14
N LEU A 574 12.50 7.96 35.99
CA LEU A 574 11.68 6.99 35.26
C LEU A 574 12.22 6.95 33.86
N GLN A 575 12.87 5.82 33.54
CA GLN A 575 13.63 5.66 32.28
C GLN A 575 13.17 4.44 31.54
N MET A 576 12.58 4.68 30.36
CA MET A 576 12.18 3.53 29.52
C MET A 576 13.32 3.13 28.57
N ALA A 577 13.44 1.83 28.35
CA ALA A 577 14.00 1.30 27.13
C ALA A 577 12.83 0.90 26.20
N ALA A 578 12.53 1.79 25.26
CA ALA A 578 11.30 1.75 24.51
C ALA A 578 11.24 0.72 23.37
N ASP A 579 12.39 0.20 22.92
CA ASP A 579 12.36 -0.65 21.74
C ASP A 579 11.88 -2.06 22.10
N PHE A 580 11.77 -2.89 21.03
CA PHE A 580 11.33 -4.27 21.19
C PHE A 580 12.46 -5.12 21.72
N PRO A 581 12.18 -6.19 22.52
CA PRO A 581 13.22 -7.11 22.95
C PRO A 581 14.14 -7.63 21.85
N GLU A 582 13.58 -7.94 20.66
CA GLU A 582 14.37 -8.50 19.57
C GLU A 582 15.35 -7.46 19.05
N ASN A 583 15.02 -6.15 19.11
CA ASN A 583 15.98 -5.18 18.67
C ASN A 583 17.12 -5.02 19.66
N TYR A 584 16.84 -5.14 20.94
CA TYR A 584 17.93 -5.09 21.91
C TYR A 584 18.82 -6.31 21.80
N GLU A 585 18.24 -7.49 21.52
CA GLU A 585 19.01 -8.73 21.32
C GLU A 585 19.97 -8.53 20.14
N ARG A 586 19.50 -7.87 19.09
CA ARG A 586 20.29 -7.68 17.89
C ARG A 586 21.50 -6.79 18.17
N PHE A 587 21.41 -5.84 19.09
CA PHE A 587 22.55 -4.96 19.37
C PHE A 587 22.88 -5.07 20.84
N ALA A 588 23.06 -6.33 21.28
CA ALA A 588 23.26 -6.63 22.69
C ALA A 588 24.45 -5.85 23.28
N ASP A 589 25.52 -5.65 22.50
CA ASP A 589 26.74 -5.04 23.01
C ASP A 589 26.44 -3.57 23.39
N ALA A 590 25.70 -2.85 22.55
CA ALA A 590 25.31 -1.48 22.85
C ALA A 590 24.32 -1.44 24.02
N PHE A 591 23.46 -2.45 24.09
CA PHE A 591 22.44 -2.52 25.07
C PHE A 591 23.05 -2.54 26.49
N GLN A 592 24.26 -3.06 26.62
CA GLN A 592 24.93 -3.13 27.92
C GLN A 592 24.86 -1.79 28.64
N PHE A 593 24.99 -0.68 27.90
CA PHE A 593 24.97 0.61 28.57
C PHE A 593 23.60 0.85 29.23
N ILE A 594 22.52 0.49 28.52
CA ILE A 594 21.19 0.68 29.07
C ILE A 594 21.03 -0.18 30.31
N LYS A 595 21.62 -1.35 30.29
CA LYS A 595 21.52 -2.26 31.43
C LYS A 595 22.31 -1.70 32.61
N ASP A 596 23.44 -1.04 32.33
CA ASP A 596 24.35 -0.66 33.40
C ASP A 596 23.92 0.65 34.01
N VAL A 597 23.33 1.54 33.21
CA VAL A 597 23.15 2.91 33.68
C VAL A 597 22.17 3.00 34.86
N ALA A 598 22.49 3.83 35.86
CA ALA A 598 21.59 4.11 36.98
C ALA A 598 20.52 5.11 36.53
N VAL A 599 19.54 5.23 37.40
CA VAL A 599 18.43 6.18 37.23
C VAL A 599 18.30 7.20 38.38
N ASP A 600 19.24 7.23 39.30
CA ASP A 600 19.18 8.15 40.44
C ASP A 600 20.63 8.43 40.92
N TRP A 601 20.84 9.63 41.45
CA TRP A 601 22.20 10.20 41.43
C TRP A 601 22.54 10.94 42.73
N ASP A 602 23.80 10.79 43.19
CA ASP A 602 24.26 11.57 44.33
C ASP A 602 24.92 12.87 43.88
N ASP A 603 25.31 12.96 42.61
CA ASP A 603 25.89 14.17 42.06
C ASP A 603 25.77 14.15 40.54
N SER A 604 25.80 15.33 39.95
CA SER A 604 25.68 15.55 38.52
C SER A 604 26.55 16.75 38.18
N ARG A 605 27.31 16.65 37.09
CA ARG A 605 28.19 17.71 36.64
C ARG A 605 27.99 17.93 35.17
N TYR A 606 27.42 19.08 34.83
CA TYR A 606 27.22 19.46 33.47
C TYR A 606 28.59 19.88 32.93
N LEU A 607 29.13 19.20 31.93
CA LEU A 607 30.47 19.53 31.43
C LEU A 607 30.39 20.51 30.26
N GLU A 608 29.43 20.37 29.34
CA GLU A 608 29.25 21.35 28.26
C GLU A 608 27.76 21.49 28.02
N ALA A 609 27.33 22.62 27.54
CA ALA A 609 25.94 22.82 27.14
C ALA A 609 25.81 24.10 26.33
N GLU A 610 25.11 23.99 25.22
CA GLU A 610 24.70 25.14 24.44
C GLU A 610 23.33 24.77 23.88
N PRO A 611 22.28 25.56 24.18
CA PRO A 611 20.92 25.18 23.78
C PRO A 611 20.82 25.05 22.25
N GLY A 612 20.27 23.94 21.80
CA GLY A 612 20.08 23.72 20.39
C GLY A 612 21.30 23.10 19.73
N GLN A 613 22.41 22.96 20.48
CA GLN A 613 23.64 22.45 19.87
C GLN A 613 24.17 21.15 20.52
N TYR A 614 24.36 21.14 21.83
CA TYR A 614 24.99 20.00 22.48
C TYR A 614 24.78 20.09 24.01
N ILE A 615 24.77 18.93 24.65
CA ILE A 615 24.84 18.83 26.08
C ILE A 615 25.72 17.66 26.41
N THR A 616 26.60 17.87 27.42
CA THR A 616 27.43 16.79 27.92
C THR A 616 27.36 16.83 29.43
N VAL A 617 27.06 15.69 30.07
CA VAL A 617 26.88 15.71 31.51
C VAL A 617 27.32 14.35 32.07
N ALA A 618 27.95 14.40 33.24
CA ALA A 618 28.30 13.21 33.99
C ALA A 618 27.59 13.15 35.33
N ARG A 619 27.22 11.94 35.78
CA ARG A 619 26.42 11.74 36.97
C ARG A 619 26.98 10.55 37.74
N LYS A 620 26.97 10.71 39.09
CA LYS A 620 27.44 9.69 40.00
C LYS A 620 26.28 8.88 40.53
N ALA A 621 26.27 7.58 40.23
CA ALA A 621 25.12 6.73 40.58
C ALA A 621 24.92 6.72 42.11
N LYS A 622 23.68 6.96 42.58
CA LYS A 622 23.42 7.04 44.01
C LYS A 622 23.88 5.78 44.74
N GLY A 623 24.55 5.94 45.87
CA GLY A 623 25.04 4.88 46.72
C GLY A 623 26.31 4.19 46.19
N THR A 624 26.92 4.72 45.11
CA THR A 624 28.10 4.10 44.48
C THR A 624 29.20 5.11 44.17
N ASP A 625 30.35 4.62 43.75
CA ASP A 625 31.47 5.41 43.21
C ASP A 625 31.49 5.39 41.67
N ASN A 626 30.39 4.93 41.03
CA ASN A 626 30.35 4.76 39.60
C ASN A 626 29.81 6.04 38.97
N TRP A 627 30.32 6.37 37.80
CA TRP A 627 29.80 7.49 37.02
C TRP A 627 29.30 7.01 35.68
N PHE A 628 28.36 7.79 35.12
CA PHE A 628 27.83 7.64 33.80
C PHE A 628 27.77 9.01 33.14
N LEU A 629 28.20 9.06 31.87
CA LEU A 629 28.25 10.31 31.14
C LEU A 629 27.48 10.16 29.84
N GLY A 630 26.84 11.25 29.40
CA GLY A 630 26.30 11.22 28.06
C GLY A 630 26.54 12.58 27.41
N ASN A 631 26.57 12.53 26.06
CA ASN A 631 26.57 13.66 25.18
C ASN A 631 25.48 13.44 24.19
N VAL A 632 24.75 14.52 23.87
CA VAL A 632 23.83 14.54 22.75
C VAL A 632 24.19 15.77 21.94
N ASN A 633 24.09 15.60 20.62
CA ASN A 633 24.63 16.52 19.67
C ASN A 633 23.58 16.81 18.63
N GLY A 634 23.55 18.09 18.20
CA GLY A 634 22.50 18.53 17.30
C GLY A 634 22.85 18.33 15.83
N GLU A 635 22.49 19.32 14.99
CA GLU A 635 22.49 19.18 13.54
C GLU A 635 23.93 19.11 12.98
N THR A 636 24.85 19.82 13.64
CA THR A 636 26.26 19.95 13.25
C THR A 636 27.14 18.95 14.00
N ALA A 637 27.70 18.00 13.26
CA ALA A 637 28.66 17.03 13.79
C ALA A 637 29.76 17.83 14.48
N ARG A 638 30.30 17.30 15.56
CA ARG A 638 31.20 18.06 16.41
C ARG A 638 32.10 17.10 17.19
N VAL A 639 33.36 17.48 17.34
CA VAL A 639 34.29 16.80 18.20
C VAL A 639 34.25 17.52 19.54
N SER A 640 33.99 16.78 20.62
CA SER A 640 34.00 17.38 21.95
C SER A 640 35.26 16.94 22.68
N ASN A 641 35.82 17.86 23.49
CA ASN A 641 36.94 17.56 24.39
C ASN A 641 36.43 17.50 25.83
N ILE A 642 36.30 16.26 26.33
CA ILE A 642 35.71 15.77 27.58
C ILE A 642 36.79 15.94 28.69
N ASP A 643 36.56 16.89 29.57
CA ASP A 643 37.22 17.01 30.85
C ASP A 643 36.79 15.92 31.86
N LEU A 644 37.65 14.96 32.20
CA LEU A 644 37.35 13.87 33.15
C LEU A 644 37.70 14.25 34.61
N GLY A 645 37.80 15.55 34.90
CA GLY A 645 38.14 15.99 36.25
C GLY A 645 37.05 15.75 37.29
N PHE A 646 35.82 15.40 36.91
CA PHE A 646 34.80 15.05 37.88
C PHE A 646 35.11 13.72 38.56
N LEU A 647 35.97 12.87 38.00
CA LEU A 647 36.31 11.60 38.64
C LEU A 647 37.01 11.88 39.98
N GLU A 648 37.07 10.89 40.85
CA GLU A 648 37.80 11.07 42.10
C GLU A 648 39.30 11.03 41.87
N LYS A 649 40.02 11.92 42.56
CA LYS A 649 41.46 12.00 42.35
C LYS A 649 42.10 10.76 42.99
N GLY A 650 43.10 10.20 42.33
CA GLY A 650 43.81 9.08 42.91
C GLY A 650 43.20 7.73 42.56
N LYS A 651 42.12 7.71 41.80
CA LYS A 651 41.52 6.44 41.44
C LYS A 651 41.65 6.23 39.94
N LYS A 652 41.76 4.97 39.57
CA LYS A 652 41.65 4.48 38.18
C LYS A 652 40.27 3.90 37.91
N TYR A 653 39.73 4.19 36.73
CA TYR A 653 38.40 3.72 36.34
C TYR A 653 38.52 3.00 35.01
N THR A 654 37.73 1.91 34.89
CA THR A 654 37.46 1.29 33.61
C THR A 654 36.33 2.09 32.94
N ALA A 655 36.67 2.68 31.81
CA ALA A 655 35.69 3.44 31.04
C ALA A 655 35.31 2.60 29.82
N VAL A 656 34.01 2.48 29.58
CA VAL A 656 33.52 1.94 28.33
C VAL A 656 32.78 3.04 27.58
N ILE A 657 33.25 3.31 26.35
CA ILE A 657 32.80 4.42 25.52
C ILE A 657 31.98 3.85 24.36
N TYR A 658 30.70 4.26 24.39
CA TYR A 658 29.76 3.87 23.33
C TYR A 658 29.55 5.08 22.46
N ALA A 659 30.01 5.03 21.20
CA ALA A 659 30.13 6.26 20.43
C ALA A 659 29.59 6.02 19.02
N ASP A 660 29.32 7.13 18.32
CA ASP A 660 28.98 7.10 16.91
C ASP A 660 30.20 6.68 16.11
N ALA A 661 30.04 5.85 15.12
CA ALA A 661 31.11 5.65 14.13
C ALA A 661 31.28 6.98 13.38
N LYS A 662 32.39 7.13 12.70
CA LYS A 662 32.80 8.40 12.12
C LYS A 662 31.81 8.78 11.00
N ASP A 663 31.15 7.78 10.40
CA ASP A 663 30.22 8.01 9.30
C ASP A 663 28.79 7.83 9.80
N ALA A 664 28.55 7.79 11.09
CA ALA A 664 27.17 7.74 11.62
C ALA A 664 26.41 9.03 11.29
N ASN A 665 25.07 8.95 11.22
CA ASN A 665 24.29 10.11 10.83
C ASN A 665 22.83 9.84 11.21
N TYR A 666 22.08 10.83 11.73
CA TYR A 666 20.70 10.56 12.16
C TYR A 666 19.77 10.28 11.00
N LYS A 667 20.17 10.65 9.79
CA LYS A 667 19.26 10.49 8.66
C LYS A 667 19.53 9.16 7.96
N THR A 668 20.80 8.84 7.66
CA THR A 668 21.06 7.76 6.69
C THR A 668 21.98 6.71 7.31
N ASN A 669 22.48 6.85 8.55
CA ASN A 669 23.33 5.82 9.07
C ASN A 669 23.21 5.75 10.58
N THR A 670 22.08 5.22 11.05
CA THR A 670 21.67 5.45 12.41
C THR A 670 22.22 4.37 13.35
N GLN A 671 22.59 3.21 12.82
CA GLN A 671 22.97 2.06 13.65
C GLN A 671 24.49 1.83 13.75
N ALA A 672 25.30 2.83 13.34
CA ALA A 672 26.76 2.69 13.25
C ALA A 672 27.39 3.26 14.54
N TYR A 673 27.94 2.36 15.36
CA TYR A 673 28.43 2.74 16.66
C TYR A 673 29.74 1.98 16.89
N THR A 674 30.55 2.42 17.83
CA THR A 674 31.73 1.72 18.27
C THR A 674 31.71 1.61 19.78
N ILE A 675 32.35 0.57 20.28
CA ILE A 675 32.43 0.36 21.72
C ILE A 675 33.90 0.19 22.04
N ARG A 676 34.50 0.97 22.96
CA ARG A 676 35.85 0.63 23.39
C ARG A 676 36.06 0.89 24.88
N LYS A 677 37.04 0.17 25.47
CA LYS A 677 37.34 0.19 26.88
C LYS A 677 38.69 0.83 27.05
N VAL A 678 38.86 1.68 28.06
CA VAL A 678 40.15 2.32 28.29
C VAL A 678 40.21 2.68 29.79
N VAL A 679 41.38 2.57 30.40
CA VAL A 679 41.52 2.95 31.80
C VAL A 679 41.85 4.43 31.88
N VAL A 680 41.13 5.19 32.70
CA VAL A 680 41.32 6.61 32.85
C VAL A 680 41.47 6.99 34.35
N THR A 681 41.93 8.22 34.55
CA THR A 681 41.97 8.88 35.85
C THR A 681 41.36 10.27 35.65
N SER A 682 41.30 11.05 36.73
CA SER A 682 40.80 12.41 36.69
C SER A 682 41.65 13.33 35.82
N ASN A 683 42.86 12.89 35.44
CA ASN A 683 43.76 13.69 34.64
C ASN A 683 43.66 13.32 33.16
N SER A 684 42.93 12.27 32.82
CA SER A 684 42.79 11.79 31.44
C SER A 684 41.93 12.80 30.66
N LYS A 685 42.33 13.07 29.41
CA LYS A 685 41.48 13.80 28.49
C LYS A 685 41.04 12.84 27.38
N LEU A 686 39.82 13.14 27.01
CA LEU A 686 39.04 12.41 26.07
C LEU A 686 38.56 13.40 25.04
N SER A 687 38.62 12.91 23.81
CA SER A 687 38.16 13.63 22.66
C SER A 687 37.22 12.67 21.93
N GLN A 688 36.01 13.11 21.51
CA GLN A 688 35.13 12.19 20.81
C GLN A 688 34.27 12.94 19.79
N PHE A 689 34.22 12.38 18.57
CA PHE A 689 33.33 12.81 17.49
C PHE A 689 31.92 12.43 17.86
N SER A 690 31.00 13.37 17.75
CA SER A 690 29.58 13.04 17.75
C SER A 690 28.98 13.38 16.39
N ALA A 691 28.12 12.50 15.90
CA ALA A 691 27.52 12.76 14.60
C ALA A 691 26.40 13.77 14.78
N SER A 692 25.91 14.19 13.62
CA SER A 692 24.68 14.92 13.46
C SER A 692 23.53 14.09 14.02
N GLY A 693 22.82 14.61 15.05
CA GLY A 693 21.78 13.90 15.78
C GLY A 693 22.35 12.72 16.56
N GLY A 694 23.66 12.76 16.85
CA GLY A 694 24.34 11.67 17.48
C GLY A 694 24.65 11.98 18.94
N GLY A 695 25.69 11.31 19.45
CA GLY A 695 26.06 11.47 20.84
C GLY A 695 26.95 10.32 21.25
N TYR A 696 27.25 10.27 22.56
CA TYR A 696 28.06 9.20 23.12
C TYR A 696 27.67 8.97 24.57
N ALA A 697 27.99 7.77 25.02
CA ALA A 697 27.71 7.36 26.37
C ALA A 697 28.95 6.65 26.94
N ILE A 698 29.20 6.88 28.23
CA ILE A 698 30.38 6.35 28.89
C ILE A 698 30.03 5.87 30.27
N SER A 699 30.41 4.61 30.58
CA SER A 699 30.38 4.15 31.95
C SER A 699 31.79 4.21 32.55
N PHE A 700 31.88 4.50 33.86
CA PHE A 700 33.11 4.55 34.64
C PHE A 700 32.91 3.76 35.95
N TYR A 701 33.61 2.67 36.12
CA TYR A 701 33.64 1.85 37.32
C TYR A 701 35.07 1.83 37.84
N PRO A 702 35.30 2.06 39.14
CA PRO A 702 36.63 2.02 39.68
C PRO A 702 37.24 0.67 39.42
N VAL A 703 38.53 0.64 39.17
CA VAL A 703 39.28 -0.59 39.04
C VAL A 703 39.43 -1.21 40.44
N ALA A 704 39.32 -2.54 40.64
CA ALA A 704 38.85 -3.15 41.90
C ALA A 704 39.73 -3.07 43.19
N SER B 23 -48.84 1.06 10.01
CA SER B 23 -49.15 2.51 9.74
C SER B 23 -50.17 3.12 10.74
N ASP B 24 -51.15 2.34 11.22
CA ASP B 24 -52.15 2.75 12.19
C ASP B 24 -52.02 1.94 13.48
N LEU B 25 -52.20 2.58 14.63
CA LEU B 25 -52.16 1.92 15.92
C LEU B 25 -53.34 2.40 16.78
N LYS B 26 -53.87 1.51 17.65
CA LYS B 26 -54.97 1.82 18.54
C LYS B 26 -54.61 1.45 19.98
N SER B 27 -55.21 2.17 20.94
CA SER B 27 -55.16 1.76 22.33
C SER B 27 -55.86 0.40 22.42
N PRO B 28 -55.60 -0.39 23.49
CA PRO B 28 -56.33 -1.61 23.75
C PRO B 28 -57.85 -1.45 23.77
N ASP B 29 -58.38 -0.33 24.30
CA ASP B 29 -59.80 -0.08 24.36
C ASP B 29 -60.34 0.53 23.07
N GLY B 30 -59.50 0.88 22.10
CA GLY B 30 -60.04 1.43 20.85
C GLY B 30 -60.36 2.94 20.91
N ASN B 31 -60.19 3.60 22.05
CA ASN B 31 -60.44 5.05 22.12
C ASN B 31 -59.40 5.92 21.42
N PHE B 32 -58.14 5.44 21.33
CA PHE B 32 -57.10 6.18 20.62
C PHE B 32 -56.74 5.56 19.27
N LEU B 33 -56.64 6.39 18.23
CA LEU B 33 -56.04 6.01 16.97
C LEU B 33 -54.85 6.94 16.68
N MET B 34 -53.69 6.33 16.35
CA MET B 34 -52.45 7.01 15.97
C MET B 34 -52.13 6.62 14.52
N HIS B 35 -52.10 7.59 13.58
CA HIS B 35 -51.73 7.39 12.20
CA HIS B 35 -51.69 7.35 12.20
C HIS B 35 -50.27 7.91 12.01
N PHE B 36 -49.37 7.02 11.57
CA PHE B 36 -48.02 7.38 11.16
C PHE B 36 -47.95 7.43 9.64
N SER B 37 -47.42 8.52 9.07
CA SER B 37 -47.12 8.54 7.65
C SER B 37 -45.84 9.33 7.38
N LEU B 38 -45.44 9.35 6.10
CA LEU B 38 -44.38 10.20 5.62
C LEU B 38 -44.94 11.23 4.66
N GLU B 39 -44.54 12.48 4.77
CA GLU B 39 -44.86 13.49 3.77
C GLU B 39 -44.18 13.09 2.46
N ALA B 40 -44.52 13.79 1.37
CA ALA B 40 -44.00 13.48 0.05
C ALA B 40 -42.47 13.56 0.12
N ASP B 41 -41.95 14.49 0.92
CA ASP B 41 -40.52 14.73 0.95
C ASP B 41 -39.84 13.77 1.94
N GLY B 42 -40.54 12.80 2.53
CA GLY B 42 -39.96 11.85 3.47
C GLY B 42 -39.93 12.29 4.94
N THR B 43 -40.55 13.42 5.29
CA THR B 43 -40.63 13.84 6.70
C THR B 43 -41.55 12.88 7.43
N PRO B 44 -41.14 12.23 8.55
CA PRO B 44 -42.04 11.43 9.35
C PRO B 44 -43.01 12.30 10.16
N VAL B 45 -44.31 11.93 10.14
CA VAL B 45 -45.39 12.63 10.82
C VAL B 45 -46.29 11.63 11.54
N TYR B 46 -46.86 12.09 12.66
CA TYR B 46 -47.82 11.33 13.43
C TYR B 46 -48.99 12.26 13.73
N LYS B 47 -50.10 11.60 14.03
CA LYS B 47 -51.38 12.19 14.34
C LYS B 47 -51.99 11.32 15.44
N LEU B 48 -52.73 11.94 16.38
CA LEU B 48 -53.38 11.17 17.42
C LEU B 48 -54.86 11.60 17.58
N ILE B 49 -55.76 10.61 17.59
CA ILE B 49 -57.19 10.82 17.65
C ILE B 49 -57.74 10.12 18.90
N TYR B 50 -58.52 10.87 19.71
CA TYR B 50 -59.19 10.37 20.90
C TYR B 50 -60.71 10.48 20.73
N LYS B 51 -61.38 9.32 20.80
CA LYS B 51 -62.81 9.20 20.61
C LYS B 51 -63.24 10.04 19.42
N GLY B 52 -62.54 9.90 18.27
CA GLY B 52 -62.93 10.52 17.01
C GLY B 52 -62.55 12.00 16.97
N LYS B 53 -61.93 12.54 18.03
CA LYS B 53 -61.53 13.95 18.01
C LYS B 53 -60.01 14.04 17.94
N ASP B 54 -59.54 14.93 17.07
CA ASP B 54 -58.12 15.16 16.92
C ASP B 54 -57.57 15.70 18.24
N VAL B 55 -56.48 15.10 18.74
CA VAL B 55 -55.83 15.59 19.94
C VAL B 55 -54.41 16.07 19.59
N ILE B 56 -53.72 15.30 18.73
CA ILE B 56 -52.52 15.76 18.03
C ILE B 56 -52.79 15.72 16.54
N LYS B 57 -52.84 16.89 15.91
CA LYS B 57 -52.84 16.97 14.47
C LYS B 57 -51.45 16.60 13.91
N ALA B 58 -51.38 16.60 12.58
CA ALA B 58 -50.23 16.09 11.87
C ALA B 58 -48.99 16.80 12.44
N SER B 59 -48.04 16.00 12.93
CA SER B 59 -46.92 16.53 13.73
C SER B 59 -45.61 15.92 13.24
N LYS B 60 -44.58 16.74 12.97
CA LYS B 60 -43.34 16.21 12.41
C LYS B 60 -42.44 15.63 13.51
N LEU B 61 -41.53 14.71 13.09
CA LEU B 61 -40.61 13.99 13.97
C LEU B 61 -39.21 14.00 13.39
N GLY B 62 -38.17 13.86 14.23
CA GLY B 62 -36.81 13.81 13.74
C GLY B 62 -35.87 14.75 14.47
N PHE B 63 -34.67 15.02 13.88
CA PHE B 63 -33.62 15.81 14.55
C PHE B 63 -32.83 16.63 13.56
N THR B 64 -32.44 17.80 14.05
CA THR B 64 -31.35 18.57 13.43
C THR B 64 -30.06 18.17 14.15
N LEU B 65 -29.07 17.67 13.40
CA LEU B 65 -27.77 17.28 13.92
C LEU B 65 -26.75 18.38 13.65
N LYS B 66 -25.79 18.53 14.54
CA LYS B 66 -24.76 19.54 14.40
C LYS B 66 -23.72 19.01 13.41
N ASN B 67 -23.18 19.91 12.58
CA ASN B 67 -22.13 19.58 11.61
C ASN B 67 -22.56 18.44 10.67
N ASP B 68 -23.75 18.57 10.09
CA ASP B 68 -24.38 17.56 9.26
C ASP B 68 -25.35 18.29 8.32
N ASN B 69 -25.04 18.32 7.04
CA ASN B 69 -25.89 19.10 6.14
C ASN B 69 -27.28 18.50 6.07
N LYS B 70 -27.41 17.18 6.04
CA LYS B 70 -28.72 16.59 5.79
C LYS B 70 -29.58 16.46 7.06
N SER B 71 -28.97 16.09 8.20
CA SER B 71 -29.74 15.87 9.40
C SER B 71 -30.77 14.75 9.14
N LEU B 72 -31.71 14.58 10.10
CA LEU B 72 -32.64 13.49 10.20
C LEU B 72 -34.08 14.02 10.27
N LEU B 73 -34.44 14.81 9.25
CA LEU B 73 -35.67 15.57 9.19
C LEU B 73 -36.61 15.01 8.14
N ASN B 74 -36.08 14.30 7.15
CA ASN B 74 -36.82 13.98 5.94
C ASN B 74 -36.04 12.97 5.10
N ASP B 75 -36.58 12.68 3.90
CA ASP B 75 -35.96 11.78 2.96
C ASP B 75 -35.92 10.36 3.54
N PHE B 76 -36.81 10.04 4.47
CA PHE B 76 -36.93 8.67 4.96
C PHE B 76 -37.91 7.88 4.09
N LYS B 77 -37.73 6.57 4.12
CA LYS B 77 -38.72 5.64 3.60
C LYS B 77 -38.88 4.61 4.72
N ILE B 78 -40.09 4.05 4.80
CA ILE B 78 -40.38 3.02 5.78
C ILE B 78 -39.79 1.73 5.24
N GLU B 79 -38.92 1.12 6.01
CA GLU B 79 -38.21 -0.04 5.55
C GLU B 79 -38.85 -1.25 6.17
N ASP B 80 -39.43 -1.10 7.35
CA ASP B 80 -40.09 -2.20 8.04
C ASP B 80 -41.09 -1.61 9.05
N THR B 81 -42.18 -2.35 9.36
CA THR B 81 -43.00 -2.01 10.54
C THR B 81 -43.20 -3.27 11.36
N LYS B 82 -43.40 -3.12 12.66
CA LYS B 82 -43.63 -4.25 13.54
C LYS B 82 -44.65 -3.86 14.61
N THR B 83 -45.64 -4.75 14.83
CA THR B 83 -46.66 -4.52 15.86
C THR B 83 -46.53 -5.60 16.93
N SER B 84 -46.92 -5.25 18.16
CA SER B 84 -47.08 -6.26 19.20
C SER B 84 -47.97 -5.66 20.28
N SER B 85 -48.28 -6.46 21.29
CA SER B 85 -49.10 -6.08 22.43
C SER B 85 -48.42 -6.58 23.69
N PHE B 86 -48.72 -5.95 24.80
CA PHE B 86 -48.15 -6.28 26.10
C PHE B 86 -49.24 -5.96 27.11
N ASP B 87 -49.39 -6.83 28.11
CA ASP B 87 -50.31 -6.62 29.20
C ASP B 87 -49.77 -7.37 30.42
N GLU B 88 -49.09 -6.68 31.32
CA GLU B 88 -48.65 -7.29 32.56
C GLU B 88 -48.84 -6.28 33.68
N ASN B 89 -48.81 -6.82 34.90
CA ASN B 89 -48.89 -6.05 36.11
C ASN B 89 -47.57 -6.09 36.82
N TRP B 90 -47.24 -5.04 37.55
CA TRP B 90 -46.07 -5.02 38.40
C TRP B 90 -46.44 -4.33 39.71
N LYS B 91 -45.70 -4.67 40.79
CA LYS B 91 -45.93 -4.12 42.12
C LYS B 91 -44.92 -3.06 42.47
N PRO B 92 -45.31 -1.79 42.60
CA PRO B 92 -44.39 -0.72 43.02
C PRO B 92 -43.90 -0.99 44.43
N VAL B 93 -42.75 -0.43 44.80
CA VAL B 93 -42.26 -0.54 46.15
C VAL B 93 -43.09 0.36 47.02
N TRP B 94 -43.34 1.58 46.52
CA TRP B 94 -44.14 2.57 47.19
C TRP B 94 -44.91 3.28 46.07
N GLY B 95 -46.11 3.76 46.38
CA GLY B 95 -46.96 4.30 45.35
C GLY B 95 -48.38 4.55 45.88
N GLU B 96 -49.25 4.89 44.92
CA GLU B 96 -50.64 5.24 45.11
C GLU B 96 -51.52 3.99 45.09
N VAL B 97 -51.01 2.86 44.57
CA VAL B 97 -51.75 1.61 44.41
C VAL B 97 -50.78 0.48 44.66
N SER B 98 -51.32 -0.69 45.08
CA SER B 98 -50.47 -1.85 45.33
C SER B 98 -49.96 -2.50 44.03
N SER B 99 -50.69 -2.32 42.91
CA SER B 99 -50.44 -3.03 41.67
C SER B 99 -50.76 -2.14 40.47
N ILE B 100 -49.92 -2.17 39.45
CA ILE B 100 -50.10 -1.25 38.33
C ILE B 100 -50.13 -2.07 37.04
N ARG B 101 -51.12 -1.80 36.18
CA ARG B 101 -51.23 -2.49 34.92
C ARG B 101 -50.50 -1.73 33.80
N ASN B 102 -49.64 -2.49 33.09
CA ASN B 102 -48.95 -2.00 31.92
C ASN B 102 -49.52 -2.68 30.69
N ASN B 103 -50.37 -1.97 29.93
CA ASN B 103 -51.12 -2.56 28.87
C ASN B 103 -51.07 -1.65 27.66
N TYR B 104 -50.46 -2.10 26.55
CA TYR B 104 -50.34 -1.23 25.40
C TYR B 104 -50.29 -2.03 24.12
N ASN B 105 -50.58 -1.36 23.01
CA ASN B 105 -50.22 -1.83 21.67
C ASN B 105 -49.06 -0.98 21.15
N GLU B 106 -48.15 -1.66 20.44
CA GLU B 106 -46.88 -1.06 20.01
C GLU B 106 -46.82 -1.16 18.49
N LEU B 107 -46.43 -0.05 17.87
CA LEU B 107 -45.96 -0.02 16.50
C LEU B 107 -44.53 0.52 16.45
N ALA B 108 -43.62 -0.30 15.89
CA ALA B 108 -42.21 0.05 15.71
C ALA B 108 -41.99 0.32 14.22
N VAL B 109 -41.73 1.57 13.85
CA VAL B 109 -41.53 1.88 12.44
C VAL B 109 -40.04 2.05 12.18
N SER B 110 -39.50 1.22 11.25
CA SER B 110 -38.08 1.22 10.95
C SER B 110 -37.85 2.08 9.72
N LEU B 111 -37.17 3.21 9.89
CA LEU B 111 -36.96 4.08 8.75
C LEU B 111 -35.54 3.92 8.22
N SER B 112 -35.38 4.31 6.95
CA SER B 112 -34.10 4.38 6.28
C SER B 112 -34.08 5.64 5.42
N GLN B 113 -33.01 6.41 5.59
CA GLN B 113 -32.87 7.65 4.89
C GLN B 113 -32.19 7.36 3.54
N LYS B 114 -32.71 7.96 2.47
CA LYS B 114 -32.02 7.99 1.20
C LYS B 114 -30.70 8.73 1.34
N GLU B 115 -29.76 8.45 0.41
CA GLU B 115 -28.45 9.08 0.31
C GLU B 115 -27.54 8.53 1.42
N THR B 116 -27.93 8.67 2.70
CA THR B 116 -27.06 8.30 3.81
C THR B 116 -27.24 6.84 4.19
N ASP B 117 -28.39 6.25 3.88
CA ASP B 117 -28.73 4.93 4.42
C ASP B 117 -28.78 4.83 5.95
N ARG B 118 -29.06 5.90 6.68
CA ARG B 118 -29.07 5.80 8.13
C ARG B 118 -30.42 5.33 8.63
N LYS B 119 -30.38 4.58 9.74
CA LYS B 119 -31.51 3.88 10.29
C LYS B 119 -31.99 4.63 11.54
N MET B 120 -33.30 4.85 11.62
CA MET B 120 -33.93 5.42 12.79
C MET B 120 -35.26 4.70 12.99
N ILE B 121 -35.47 4.15 14.18
CA ILE B 121 -36.69 3.49 14.55
C ILE B 121 -37.50 4.51 15.36
N ILE B 122 -38.81 4.67 15.02
CA ILE B 122 -39.75 5.37 15.90
C ILE B 122 -40.70 4.35 16.48
N ARG B 123 -40.62 4.23 17.82
CA ARG B 123 -41.36 3.22 18.55
C ARG B 123 -42.54 3.93 19.23
N PHE B 124 -43.79 3.48 18.92
CA PHE B 124 -44.97 4.01 19.56
C PHE B 124 -45.65 2.98 20.46
N ARG B 125 -46.05 3.43 21.66
CA ARG B 125 -46.92 2.65 22.54
C ARG B 125 -48.17 3.47 22.85
N LEU B 126 -49.30 2.81 22.58
CA LEU B 126 -50.61 3.40 22.77
C LEU B 126 -51.33 2.62 23.85
N PHE B 127 -51.58 3.35 24.93
CA PHE B 127 -52.28 2.88 26.11
C PHE B 127 -53.68 3.48 26.14
N ASP B 128 -54.52 2.95 27.04
CA ASP B 128 -55.84 3.51 27.24
C ASP B 128 -55.74 4.95 27.74
N ASP B 129 -54.59 5.34 28.33
CA ASP B 129 -54.36 6.68 28.86
C ASP B 129 -53.70 7.62 27.85
N GLY B 130 -53.23 7.06 26.72
CA GLY B 130 -52.63 7.88 25.69
C GLY B 130 -51.32 7.32 25.11
N LEU B 131 -50.50 8.25 24.59
CA LEU B 131 -49.41 7.86 23.73
C LEU B 131 -48.06 8.08 24.38
N GLY B 132 -47.18 7.10 24.16
CA GLY B 132 -45.74 7.29 24.32
C GLY B 132 -45.00 6.96 23.03
N PHE B 133 -43.96 7.75 22.72
CA PHE B 133 -43.13 7.38 21.58
C PHE B 133 -41.69 7.81 21.84
N ARG B 134 -40.77 7.09 21.24
CA ARG B 134 -39.38 7.47 21.31
C ARG B 134 -38.67 7.14 20.01
N TYR B 135 -37.44 7.69 19.90
CA TYR B 135 -36.58 7.33 18.81
C TYR B 135 -35.47 6.38 19.26
N GLU B 136 -35.11 5.45 18.36
CA GLU B 136 -34.03 4.53 18.60
C GLU B 136 -33.13 4.47 17.36
N PHE B 137 -31.82 4.41 17.63
CA PHE B 137 -30.80 4.28 16.59
C PHE B 137 -30.14 2.93 16.78
N PRO B 138 -30.33 1.96 15.87
CA PRO B 138 -29.64 0.69 16.04
C PRO B 138 -28.18 0.88 15.62
N GLN B 139 -27.36 -0.08 16.05
CA GLN B 139 -26.00 -0.19 15.55
C GLN B 139 -26.00 -0.09 14.04
N GLN B 140 -25.19 0.79 13.48
CA GLN B 140 -25.12 0.94 12.03
C GLN B 140 -23.75 1.55 11.68
N ASN B 141 -23.40 1.43 10.41
CA ASN B 141 -22.07 1.73 9.95
C ASN B 141 -21.95 3.22 9.64
N ASN B 142 -23.01 3.96 9.36
CA ASN B 142 -22.91 5.32 8.91
C ASN B 142 -23.54 6.28 9.90
N LEU B 143 -23.68 5.87 11.15
CA LEU B 143 -24.12 6.79 12.21
C LEU B 143 -23.66 6.15 13.51
N ILE B 144 -22.65 6.76 14.12
CA ILE B 144 -22.02 6.19 15.29
C ILE B 144 -22.05 7.30 16.36
N TYR B 145 -21.04 8.16 16.41
CA TYR B 145 -21.02 9.33 17.28
C TYR B 145 -21.70 10.48 16.57
N PHE B 146 -22.66 11.13 17.22
CA PHE B 146 -23.27 12.29 16.61
C PHE B 146 -23.77 13.22 17.74
N THR B 147 -24.13 14.44 17.37
CA THR B 147 -24.54 15.47 18.27
C THR B 147 -25.87 16.02 17.78
N ILE B 148 -26.84 16.07 18.71
CA ILE B 148 -28.12 16.66 18.43
C ILE B 148 -28.00 18.16 18.58
N LYS B 149 -28.27 18.90 17.51
CA LYS B 149 -28.36 20.34 17.68
C LYS B 149 -29.73 20.77 18.21
N GLU B 150 -30.83 20.28 17.58
CA GLU B 150 -32.19 20.41 18.14
C GLU B 150 -32.95 19.13 17.87
N GLU B 151 -33.73 18.60 18.81
CA GLU B 151 -34.76 17.61 18.50
C GLU B 151 -35.92 18.29 17.78
N ARG B 152 -36.54 17.64 16.77
CA ARG B 152 -37.63 18.25 16.00
C ARG B 152 -38.87 17.34 16.11
N THR B 153 -39.33 17.24 17.35
CA THR B 153 -40.56 16.57 17.70
C THR B 153 -41.66 17.61 17.97
N GLN B 154 -42.79 17.43 17.26
CA GLN B 154 -43.89 18.36 17.35
C GLN B 154 -45.07 17.73 18.03
N PHE B 155 -45.88 18.64 18.62
CA PHE B 155 -47.21 18.31 19.11
C PHE B 155 -48.16 19.41 18.63
N ALA B 156 -48.80 19.20 17.46
CA ALA B 156 -49.74 20.15 16.86
C ALA B 156 -51.10 20.04 17.57
N MET B 157 -51.52 21.15 18.19
CA MET B 157 -52.77 21.16 18.94
C MET B 157 -53.96 21.40 17.99
N ALA B 158 -55.14 20.89 18.40
CA ALA B 158 -56.39 21.09 17.68
C ALA B 158 -56.93 22.52 17.83
N GLY B 159 -56.50 23.26 18.86
CA GLY B 159 -57.01 24.62 19.00
C GLY B 159 -56.27 25.38 20.11
N ASP B 160 -56.85 26.54 20.48
CA ASP B 160 -56.27 27.45 21.45
C ASP B 160 -56.68 26.97 22.84
N HIS B 161 -56.06 25.87 23.28
CA HIS B 161 -56.40 25.30 24.56
C HIS B 161 -56.12 26.28 25.70
N THR B 162 -56.73 25.99 26.86
CA THR B 162 -56.23 26.51 28.14
C THR B 162 -54.96 25.74 28.52
N ALA B 163 -53.91 26.42 28.98
CA ALA B 163 -52.72 25.76 29.50
C ALA B 163 -52.46 26.17 30.93
N TYR B 164 -51.83 25.27 31.68
CA TYR B 164 -51.39 25.51 33.03
C TYR B 164 -49.88 25.29 32.99
N TRP B 165 -49.11 26.40 32.97
CA TRP B 165 -47.75 26.38 32.46
C TRP B 165 -46.79 27.20 33.34
N ILE B 166 -45.49 26.83 33.27
CA ILE B 166 -44.40 27.65 33.78
C ILE B 166 -43.39 27.96 32.67
N PRO B 167 -42.65 29.08 32.77
CA PRO B 167 -41.65 29.45 31.77
C PRO B 167 -40.59 28.39 31.52
N GLY B 168 -40.27 28.20 30.25
CA GLY B 168 -39.13 27.38 29.87
C GLY B 168 -37.84 27.91 30.50
N ASP B 169 -37.08 27.01 31.17
CA ASP B 169 -35.88 27.45 31.86
C ASP B 169 -34.90 26.29 31.98
N TYR B 170 -33.61 26.59 31.80
CA TYR B 170 -32.55 25.59 31.86
C TYR B 170 -32.08 25.33 33.29
N ASP B 171 -32.48 26.14 34.27
CA ASP B 171 -31.84 26.12 35.59
C ASP B 171 -32.79 26.07 36.79
N THR B 172 -34.06 26.49 36.62
CA THR B 172 -35.01 26.37 37.70
C THR B 172 -36.43 26.07 37.20
N GLN B 173 -37.20 25.36 38.06
CA GLN B 173 -38.64 25.19 37.79
C GLN B 173 -39.46 25.84 38.90
N GLU B 174 -38.85 26.77 39.69
CA GLU B 174 -39.44 27.26 40.93
C GLU B 174 -40.35 28.47 40.67
N TYR B 175 -41.30 28.32 39.74
CA TYR B 175 -42.18 29.38 39.31
C TYR B 175 -43.62 29.07 39.71
N ASN B 176 -44.39 30.12 39.97
CA ASN B 176 -45.85 29.99 39.99
C ASN B 176 -46.33 29.63 38.60
N TYR B 177 -47.35 28.78 38.55
CA TYR B 177 -48.05 28.43 37.31
C TYR B 177 -48.86 29.61 36.87
N SER B 178 -49.11 29.69 35.57
CA SER B 178 -50.06 30.61 34.99
C SER B 178 -51.09 29.76 34.26
N THR B 179 -52.36 30.21 34.30
CA THR B 179 -53.47 29.60 33.60
C THR B 179 -53.88 30.55 32.50
N SER B 180 -53.77 30.14 31.24
CA SER B 180 -54.09 31.05 30.15
C SER B 180 -54.32 30.25 28.89
N LYS B 181 -54.84 30.92 27.87
CA LYS B 181 -54.87 30.31 26.56
C LYS B 181 -53.45 30.27 25.98
N LEU B 182 -53.25 29.34 25.04
CA LEU B 182 -52.00 29.22 24.32
C LEU B 182 -51.66 30.58 23.69
N SER B 183 -52.67 31.21 23.10
CA SER B 183 -52.48 32.49 22.43
C SER B 183 -52.11 33.61 23.39
N GLU B 184 -52.20 33.41 24.70
CA GLU B 184 -51.94 34.51 25.65
C GLU B 184 -50.59 34.32 26.35
N ILE B 185 -49.93 33.18 26.13
CA ILE B 185 -48.66 32.88 26.82
C ILE B 185 -47.64 33.96 26.52
N ARG B 186 -47.56 34.33 25.22
CA ARG B 186 -46.57 35.30 24.80
C ARG B 186 -46.71 36.58 25.63
N GLY B 187 -47.92 37.09 25.69
CA GLY B 187 -48.20 38.33 26.37
C GLY B 187 -47.95 38.24 27.89
N LEU B 188 -48.17 37.07 28.51
CA LEU B 188 -48.01 36.92 29.94
C LEU B 188 -46.56 36.67 30.35
N MET B 189 -45.68 36.34 29.40
CA MET B 189 -44.40 35.72 29.73
C MET B 189 -43.53 36.64 30.59
N GLU B 190 -43.47 37.95 30.28
CA GLU B 190 -42.77 38.94 31.14
C GLU B 190 -43.07 38.85 32.66
N LYS B 191 -44.38 38.77 32.99
CA LYS B 191 -44.86 38.62 34.36
C LYS B 191 -44.54 37.25 35.00
N ALA B 192 -44.73 36.14 34.25
CA ALA B 192 -44.54 34.78 34.75
C ALA B 192 -43.07 34.47 35.09
N TYR B 193 -42.10 35.16 34.42
CA TYR B 193 -40.64 35.05 34.61
C TYR B 193 -40.07 36.07 35.64
N THR B 194 -40.22 35.86 36.94
CA THR B 194 -40.55 37.00 37.85
C THR B 194 -39.41 38.03 38.16
N ALA B 198 -31.04 32.68 42.27
CA ALA B 198 -29.71 32.02 42.36
C ALA B 198 -29.28 31.52 40.97
N SER B 199 -30.17 30.90 40.22
CA SER B 199 -29.85 30.33 38.91
C SER B 199 -31.14 30.17 38.10
N GLN B 200 -31.26 30.89 36.96
CA GLN B 200 -32.38 30.74 36.03
C GLN B 200 -31.97 31.26 34.65
N THR B 201 -32.38 30.55 33.59
CA THR B 201 -32.08 31.00 32.22
C THR B 201 -33.26 30.62 31.31
N SER B 202 -34.09 31.59 30.86
CA SER B 202 -35.24 31.28 29.99
C SER B 202 -34.72 31.25 28.54
N PHE B 203 -35.59 31.02 27.54
CA PHE B 203 -35.10 30.76 26.20
C PHE B 203 -36.04 31.27 25.10
N SER B 204 -37.33 31.52 25.43
CA SER B 204 -38.28 31.92 24.41
C SER B 204 -39.44 32.64 25.08
N PRO B 205 -40.00 33.66 24.41
CA PRO B 205 -41.28 34.23 24.83
C PRO B 205 -42.43 33.24 24.82
N THR B 206 -42.29 32.08 24.15
CA THR B 206 -43.34 31.08 24.15
C THR B 206 -42.79 29.71 24.53
N GLY B 207 -41.71 29.69 25.33
CA GLY B 207 -41.18 28.45 25.85
C GLY B 207 -41.79 28.13 27.20
N VAL B 208 -42.11 26.85 27.39
CA VAL B 208 -42.74 26.38 28.59
C VAL B 208 -42.05 25.09 28.96
N GLN B 209 -42.25 24.68 30.21
CA GLN B 209 -41.69 23.44 30.65
C GLN B 209 -42.73 22.33 30.51
N THR B 210 -42.25 21.08 30.69
CA THR B 210 -43.11 19.95 30.88
C THR B 210 -42.88 19.48 32.33
N SER B 211 -43.84 18.72 32.88
CA SER B 211 -45.13 18.34 32.32
C SER B 211 -46.03 19.56 32.09
N LEU B 212 -46.60 19.70 30.89
CA LEU B 212 -47.46 20.78 30.55
C LEU B 212 -48.91 20.26 30.51
N MET B 213 -49.81 20.95 31.23
CA MET B 213 -51.20 20.54 31.33
C MET B 213 -52.06 21.50 30.53
N MET B 214 -53.02 20.92 29.80
CA MET B 214 -53.91 21.71 29.00
C MET B 214 -55.34 21.18 29.14
N LYS B 215 -56.30 22.05 28.80
CA LYS B 215 -57.70 21.69 28.61
C LYS B 215 -58.22 22.33 27.34
N SER B 216 -58.77 21.55 26.41
CA SER B 216 -59.37 22.08 25.19
C SER B 216 -60.71 22.74 25.46
N GLN B 217 -61.16 23.57 24.51
CA GLN B 217 -62.45 24.23 24.63
C GLN B 217 -63.61 23.23 24.66
N ASP B 218 -63.44 22.02 24.09
CA ASP B 218 -64.49 21.03 24.08
C ASP B 218 -64.26 20.04 25.24
N GLY B 219 -63.37 20.35 26.18
CA GLY B 219 -63.32 19.57 27.41
C GLY B 219 -62.33 18.40 27.46
N LEU B 220 -61.34 18.29 26.55
CA LEU B 220 -60.32 17.26 26.69
C LEU B 220 -59.16 17.77 27.54
N TYR B 221 -58.70 16.90 28.44
CA TYR B 221 -57.54 17.15 29.25
C TYR B 221 -56.36 16.50 28.56
N ILE B 222 -55.35 17.32 28.25
CA ILE B 222 -54.17 16.89 27.49
C ILE B 222 -52.91 17.31 28.23
N ASN B 223 -52.05 16.32 28.48
CA ASN B 223 -50.77 16.50 29.13
C ASN B 223 -49.66 16.12 28.16
N LEU B 224 -48.65 16.98 28.01
CA LEU B 224 -47.42 16.68 27.30
C LEU B 224 -46.26 16.57 28.29
N HIS B 225 -45.51 15.49 28.16
CA HIS B 225 -44.39 15.28 29.03
C HIS B 225 -43.37 14.32 28.38
N GLU B 226 -42.49 13.73 29.21
CA GLU B 226 -41.55 12.71 28.74
C GLU B 226 -41.37 11.69 29.85
N ALA B 227 -40.76 10.54 29.50
CA ALA B 227 -40.50 9.47 30.45
C ALA B 227 -39.12 8.88 30.21
N ALA B 228 -38.44 8.48 31.29
CA ALA B 228 -37.17 7.81 31.24
C ALA B 228 -36.09 8.73 30.63
N LEU B 229 -35.98 9.94 31.19
CA LEU B 229 -34.95 10.92 30.87
C LEU B 229 -33.59 10.45 31.40
N ILE B 230 -32.91 9.69 30.55
CA ILE B 230 -31.64 9.06 30.84
C ILE B 230 -30.67 9.29 29.68
N ASN B 231 -29.45 9.78 30.03
CA ASN B 231 -28.39 9.97 29.03
C ASN B 231 -28.90 10.83 27.88
N TYR B 232 -29.46 11.98 28.24
CA TYR B 232 -30.16 12.82 27.28
C TYR B 232 -30.46 14.14 27.98
N SER B 233 -30.69 15.20 27.22
CA SER B 233 -31.02 16.52 27.72
C SER B 233 -32.52 16.66 28.01
N CYS B 234 -32.87 17.36 29.10
CA CYS B 234 -34.25 17.65 29.47
C CYS B 234 -35.02 18.36 28.34
N MET B 235 -36.23 17.88 28.07
CA MET B 235 -37.09 18.48 27.06
C MET B 235 -37.97 19.57 27.67
N HIS B 236 -37.92 20.73 27.03
CA HIS B 236 -38.90 21.79 27.16
C HIS B 236 -39.76 21.84 25.90
N LEU B 237 -40.69 22.79 25.84
CA LEU B 237 -41.48 22.93 24.65
C LEU B 237 -41.48 24.38 24.28
N ASN B 238 -41.35 24.59 22.96
CA ASN B 238 -41.49 25.91 22.40
C ASN B 238 -42.77 25.95 21.56
N LEU B 239 -43.63 26.93 21.83
CA LEU B 239 -44.91 27.04 21.17
C LEU B 239 -44.82 27.97 19.99
N ASP B 240 -45.23 27.45 18.82
CA ASP B 240 -45.60 28.31 17.72
C ASP B 240 -47.08 28.72 17.94
N ASP B 241 -47.30 29.95 18.41
CA ASP B 241 -48.61 30.42 18.85
C ASP B 241 -49.45 30.97 17.68
N LYS B 242 -48.93 30.86 16.46
CA LYS B 242 -49.69 31.19 15.27
C LYS B 242 -50.49 29.95 14.83
N ASN B 243 -49.88 28.75 14.78
CA ASN B 243 -50.54 27.50 14.41
C ASN B 243 -50.74 26.57 15.59
N PHE B 244 -50.38 26.96 16.81
CA PHE B 244 -50.63 26.12 18.00
C PHE B 244 -49.89 24.78 17.90
N VAL B 245 -48.61 24.85 17.56
CA VAL B 245 -47.74 23.67 17.50
C VAL B 245 -46.63 23.79 18.52
N PHE B 246 -46.57 22.87 19.47
CA PHE B 246 -45.40 22.76 20.35
C PHE B 246 -44.30 21.91 19.67
N GLU B 247 -43.04 22.24 19.98
CA GLU B 247 -41.86 21.56 19.46
C GLU B 247 -40.78 21.45 20.55
N SER B 248 -40.29 20.23 20.70
CA SER B 248 -39.22 19.88 21.61
C SER B 248 -38.11 20.95 21.52
N TRP B 249 -37.78 21.52 22.68
CA TRP B 249 -36.63 22.39 22.82
C TRP B 249 -35.76 21.87 23.96
N LEU B 250 -34.66 21.19 23.63
CA LEU B 250 -33.90 20.50 24.66
C LEU B 250 -32.95 21.51 25.33
N THR B 251 -32.33 21.07 26.43
CA THR B 251 -31.53 21.96 27.26
C THR B 251 -30.07 21.92 26.78
N PRO B 252 -29.45 23.06 26.44
CA PRO B 252 -28.06 23.08 26.01
C PRO B 252 -27.13 22.77 27.18
N ASP B 253 -26.01 22.12 26.85
CA ASP B 253 -24.98 21.88 27.81
C ASP B 253 -24.06 23.10 27.86
N SER B 254 -22.92 22.93 28.54
CA SER B 254 -22.00 24.04 28.68
C SER B 254 -21.37 24.46 27.34
N HIS B 255 -21.43 23.61 26.31
CA HIS B 255 -20.83 23.94 25.02
C HIS B 255 -21.95 24.26 24.03
N GLY B 256 -23.19 24.29 24.48
CA GLY B 256 -24.27 24.67 23.56
C GLY B 256 -24.96 23.47 22.92
N ASP B 257 -24.54 22.25 23.20
CA ASP B 257 -25.01 21.09 22.48
C ASP B 257 -26.22 20.48 23.22
N LYS B 258 -27.02 19.73 22.45
CA LYS B 258 -28.26 19.22 22.95
C LYS B 258 -28.37 17.69 22.89
N GLY B 259 -27.20 17.05 23.03
CA GLY B 259 -27.13 15.62 23.18
C GLY B 259 -25.91 15.08 22.45
N LYS B 260 -24.94 14.56 23.20
CA LYS B 260 -23.79 13.89 22.64
C LYS B 260 -24.16 12.41 22.61
N MET B 261 -24.43 11.90 21.43
CA MET B 261 -25.03 10.60 21.25
C MET B 261 -24.02 9.62 20.62
N GLN B 262 -24.21 8.35 20.98
CA GLN B 262 -23.50 7.24 20.43
C GLN B 262 -24.48 6.07 20.17
N ALA B 263 -24.75 5.78 18.88
CA ALA B 263 -25.53 4.59 18.48
C ALA B 263 -24.76 3.32 18.84
N PRO B 264 -25.41 2.23 19.31
CA PRO B 264 -26.87 2.19 19.54
C PRO B 264 -27.35 2.99 20.76
N CYS B 265 -28.42 3.75 20.58
CA CYS B 265 -28.94 4.62 21.63
C CYS B 265 -30.41 4.96 21.35
N LYS B 266 -31.06 5.59 22.31
CA LYS B 266 -32.47 5.94 22.19
C LYS B 266 -32.82 7.15 23.07
N THR B 267 -33.81 7.91 22.63
CA THR B 267 -34.32 9.03 23.37
C THR B 267 -35.23 8.54 24.47
N PRO B 268 -35.47 9.41 25.48
CA PRO B 268 -36.59 9.20 26.37
C PRO B 268 -37.90 9.17 25.56
N TRP B 269 -38.95 8.68 26.18
CA TRP B 269 -40.28 8.69 25.57
C TRP B 269 -40.89 10.10 25.66
N ARG B 270 -41.65 10.46 24.62
CA ARG B 270 -42.49 11.63 24.64
C ARG B 270 -43.94 11.16 24.87
N THR B 271 -44.65 11.82 25.79
CA THR B 271 -45.96 11.37 26.25
C THR B 271 -47.06 12.41 25.99
N VAL B 272 -48.24 11.89 25.55
CA VAL B 272 -49.48 12.63 25.38
C VAL B 272 -50.56 11.85 26.13
N ILE B 273 -50.80 12.26 27.37
CA ILE B 273 -51.79 11.68 28.25
C ILE B 273 -53.08 12.46 28.09
N VAL B 274 -54.19 11.75 27.79
CA VAL B 274 -55.40 12.42 27.36
C VAL B 274 -56.60 11.71 27.94
N SER B 275 -57.56 12.49 28.42
CA SER B 275 -58.85 11.98 28.88
C SER B 275 -59.86 13.13 28.88
N ASP B 276 -61.14 12.76 28.74
CA ASP B 276 -62.27 13.68 28.90
C ASP B 276 -62.64 13.79 30.39
N ASP B 277 -61.93 13.05 31.26
CA ASP B 277 -62.13 13.11 32.70
C ASP B 277 -60.78 13.45 33.34
N ALA B 278 -60.67 14.64 33.94
CA ALA B 278 -59.44 15.14 34.55
C ALA B 278 -58.91 14.17 35.60
N ARG B 279 -59.79 13.41 36.24
CA ARG B 279 -59.34 12.53 37.31
C ARG B 279 -58.46 11.42 36.74
N ASN B 280 -58.68 11.07 35.47
CA ASN B 280 -57.91 10.01 34.85
C ASN B 280 -56.47 10.46 34.58
N ILE B 281 -56.24 11.77 34.35
CA ILE B 281 -54.90 12.29 34.21
C ILE B 281 -54.13 12.00 35.50
N LEU B 282 -54.72 12.34 36.64
CA LEU B 282 -54.04 12.16 37.93
C LEU B 282 -53.85 10.69 38.24
N ALA B 283 -54.78 9.83 37.82
CA ALA B 283 -54.66 8.40 38.09
C ALA B 283 -53.59 7.72 37.19
N SER B 284 -53.22 8.33 36.07
CA SER B 284 -52.49 7.58 35.03
C SER B 284 -51.12 7.13 35.54
N LYS B 285 -50.72 5.88 35.19
CA LYS B 285 -49.39 5.38 35.49
C LYS B 285 -48.51 5.22 34.24
N LEU B 286 -48.94 5.85 33.13
CA LEU B 286 -48.29 5.69 31.83
C LEU B 286 -46.81 6.05 31.92
N THR B 287 -46.51 7.16 32.64
CA THR B 287 -45.15 7.63 32.84
C THR B 287 -44.27 6.53 33.44
N TYR B 288 -44.72 5.96 34.54
CA TYR B 288 -43.94 4.89 35.14
C TYR B 288 -43.88 3.65 34.24
N ASN B 289 -44.97 3.34 33.55
CA ASN B 289 -45.04 2.14 32.72
C ASN B 289 -44.00 2.19 31.58
N LEU B 290 -43.62 3.39 31.15
CA LEU B 290 -42.63 3.55 30.09
C LEU B 290 -41.19 3.58 30.65
N ASN B 291 -40.97 3.31 31.96
CA ASN B 291 -39.64 3.16 32.51
C ASN B 291 -39.38 1.68 32.70
N GLU B 292 -38.09 1.33 32.70
CA GLU B 292 -37.63 -0.05 32.84
C GLU B 292 -38.03 -0.54 34.22
N PRO B 293 -38.32 -1.86 34.38
CA PRO B 293 -38.59 -2.42 35.69
C PRO B 293 -37.47 -2.17 36.68
N SER B 294 -37.80 -2.26 37.98
CA SER B 294 -36.86 -1.95 39.05
C SER B 294 -35.52 -2.60 38.75
N LYS B 295 -34.42 -1.84 38.89
CA LYS B 295 -33.11 -2.47 38.94
C LYS B 295 -32.64 -2.73 40.36
N ILE B 296 -33.44 -2.46 41.37
CA ILE B 296 -33.04 -2.80 42.72
C ILE B 296 -33.79 -4.06 43.11
N GLN B 297 -33.05 -5.15 43.38
CA GLN B 297 -33.58 -6.48 43.56
C GLN B 297 -34.29 -6.59 44.91
N GLU B 298 -33.58 -6.23 45.99
CA GLU B 298 -34.07 -6.27 47.35
C GLU B 298 -34.46 -4.86 47.81
N THR B 299 -35.76 -4.63 48.11
CA THR B 299 -36.25 -3.26 48.24
C THR B 299 -36.82 -2.93 49.61
N SER B 300 -36.72 -3.83 50.58
CA SER B 300 -37.28 -3.60 51.91
C SER B 300 -36.54 -2.53 52.67
N TRP B 301 -35.35 -2.10 52.24
CA TRP B 301 -34.62 -1.06 52.97
C TRP B 301 -35.17 0.32 52.60
N ILE B 302 -35.96 0.36 51.52
CA ILE B 302 -36.57 1.60 51.03
C ILE B 302 -37.85 1.85 51.84
N LYS B 303 -37.93 2.93 52.61
CA LYS B 303 -38.96 3.12 53.62
C LYS B 303 -39.65 4.47 53.47
N PRO B 304 -40.94 4.47 53.04
CA PRO B 304 -41.69 5.73 53.00
C PRO B 304 -41.55 6.35 54.39
N THR B 305 -41.51 7.67 54.49
CA THR B 305 -40.98 8.36 55.66
C THR B 305 -41.81 9.60 55.91
N LYS B 306 -42.25 9.74 57.17
CA LYS B 306 -42.85 10.98 57.62
C LYS B 306 -41.84 11.70 58.49
N TYR B 307 -41.59 13.00 58.28
CA TYR B 307 -40.48 13.60 59.00
C TYR B 307 -40.82 15.02 59.44
N VAL B 308 -40.03 15.52 60.40
CA VAL B 308 -39.99 16.92 60.76
C VAL B 308 -38.58 17.37 60.56
N GLY B 309 -38.25 18.61 60.89
CA GLY B 309 -36.85 18.97 60.79
C GLY B 309 -36.49 20.39 61.21
N VAL B 310 -35.19 20.58 61.45
CA VAL B 310 -34.60 21.89 61.63
C VAL B 310 -34.40 22.41 60.22
N TRP B 311 -35.35 23.24 59.79
CA TRP B 311 -35.44 23.57 58.39
C TRP B 311 -36.14 24.90 58.20
N TRP B 312 -37.45 24.90 58.57
CA TRP B 312 -38.28 26.07 58.38
C TRP B 312 -37.73 27.26 59.13
N GLU B 313 -37.11 27.00 60.28
CA GLU B 313 -36.45 28.06 61.04
C GLU B 313 -35.55 28.93 60.14
N MET B 314 -34.70 28.28 59.31
CA MET B 314 -33.78 29.01 58.46
C MET B 314 -34.52 29.62 57.27
N ILE B 315 -35.39 28.85 56.65
CA ILE B 315 -36.09 29.29 55.45
C ILE B 315 -36.98 30.51 55.76
N SER B 316 -37.59 30.57 56.95
CA SER B 316 -38.51 31.64 57.34
C SER B 316 -37.84 32.77 58.14
N GLY B 317 -36.50 32.76 58.19
CA GLY B 317 -35.74 33.92 58.63
C GLY B 317 -35.50 33.97 60.14
N LYS B 318 -35.75 32.87 60.84
CA LYS B 318 -35.56 32.87 62.27
C LYS B 318 -34.14 32.45 62.70
N SER B 319 -33.52 31.50 61.98
CA SER B 319 -32.24 30.91 62.32
C SER B 319 -31.34 30.91 61.08
N THR B 320 -30.05 30.56 61.24
CA THR B 320 -29.12 30.47 60.11
C THR B 320 -28.65 29.03 59.89
N TRP B 321 -28.28 28.76 58.64
CA TRP B 321 -27.51 27.56 58.35
C TRP B 321 -26.05 27.70 58.84
N SER B 322 -25.53 28.93 58.83
CA SER B 322 -24.16 29.24 59.22
C SER B 322 -23.99 29.20 60.73
N TYR B 323 -22.74 28.91 61.14
CA TYR B 323 -22.36 28.83 62.55
C TYR B 323 -21.78 30.15 63.06
N THR B 324 -20.96 30.84 62.23
CA THR B 324 -20.27 32.05 62.65
C THR B 324 -20.39 33.09 61.57
N ASP B 325 -20.37 34.35 62.01
CA ASP B 325 -20.30 35.51 61.12
C ASP B 325 -18.94 36.18 61.28
N GLU B 326 -17.96 35.56 61.90
CA GLU B 326 -16.73 36.29 62.18
C GLU B 326 -15.92 36.61 60.91
N PHE B 327 -16.06 35.83 59.84
CA PHE B 327 -15.09 35.89 58.74
C PHE B 327 -15.71 36.40 57.44
N PRO B 328 -14.98 37.16 56.60
CA PRO B 328 -15.50 37.52 55.29
C PRO B 328 -15.80 36.29 54.40
N SER B 329 -15.01 35.23 54.51
CA SER B 329 -15.25 34.00 53.79
C SER B 329 -14.57 32.90 54.56
N VAL B 330 -14.84 31.63 54.24
CA VAL B 330 -14.22 30.53 54.96
C VAL B 330 -13.51 29.65 53.94
N GLN B 331 -12.49 28.96 54.43
CA GLN B 331 -11.75 28.01 53.63
C GLN B 331 -11.69 26.71 54.42
N LEU B 332 -12.40 25.70 53.96
CA LEU B 332 -12.46 24.45 54.70
C LEU B 332 -11.07 23.85 54.85
N GLY B 333 -10.79 23.36 56.06
CA GLY B 333 -9.48 22.89 56.44
C GLY B 333 -8.56 24.02 56.85
N VAL B 334 -8.93 25.30 56.67
CA VAL B 334 -8.03 26.38 57.11
C VAL B 334 -8.74 27.12 58.24
N THR B 335 -9.94 27.63 57.99
CA THR B 335 -10.77 28.24 59.03
C THR B 335 -10.95 27.27 60.19
N ASP B 336 -10.66 27.74 61.41
CA ASP B 336 -10.81 26.92 62.60
C ASP B 336 -12.15 27.28 63.28
N PHE B 337 -13.19 26.46 63.01
CA PHE B 337 -14.55 26.74 63.47
C PHE B 337 -14.64 26.53 65.00
N SER B 338 -13.83 25.61 65.57
CA SER B 338 -13.77 25.40 67.03
C SER B 338 -13.40 26.69 67.77
N LYS B 339 -12.70 27.64 67.13
CA LYS B 339 -12.32 28.91 67.75
C LYS B 339 -13.08 30.11 67.20
N ALA B 340 -14.02 29.92 66.29
CA ALA B 340 -14.77 31.06 65.77
C ALA B 340 -15.87 31.40 66.79
N LYS B 341 -16.25 32.69 66.82
CA LYS B 341 -17.38 33.16 67.62
C LYS B 341 -18.70 32.69 67.04
N PRO B 342 -19.45 31.84 67.79
CA PRO B 342 -20.76 31.38 67.35
C PRO B 342 -21.63 32.62 67.13
N ASN B 343 -22.37 32.67 66.02
CA ASN B 343 -23.29 33.79 65.84
C ASN B 343 -24.55 33.59 66.69
N ARG B 344 -24.74 32.35 67.19
CA ARG B 344 -25.84 31.89 68.03
C ARG B 344 -27.18 31.97 67.33
N LYS B 345 -27.18 32.16 66.02
CA LYS B 345 -28.40 32.13 65.24
C LYS B 345 -28.54 30.74 64.63
N HIS B 346 -27.53 29.89 64.84
CA HIS B 346 -27.43 28.63 64.12
C HIS B 346 -28.62 27.74 64.47
N GLY B 347 -29.32 27.20 63.50
CA GLY B 347 -30.38 26.24 63.76
C GLY B 347 -29.92 24.87 64.26
N ALA B 348 -28.84 24.32 63.65
CA ALA B 348 -28.55 22.91 63.83
C ALA B 348 -27.64 22.67 65.02
N THR B 349 -28.10 23.05 66.21
CA THR B 349 -27.39 22.80 67.48
C THR B 349 -27.87 21.46 68.03
N THR B 350 -27.04 20.82 68.85
CA THR B 350 -27.41 19.58 69.52
C THR B 350 -28.75 19.76 70.26
N ALA B 351 -28.85 20.85 71.02
CA ALA B 351 -30.06 21.09 71.84
C ALA B 351 -31.31 21.21 70.95
N ASN B 352 -31.20 21.97 69.86
CA ASN B 352 -32.37 22.21 69.03
C ASN B 352 -32.75 20.91 68.29
N VAL B 353 -31.76 20.18 67.80
CA VAL B 353 -32.03 18.95 67.08
C VAL B 353 -32.71 17.98 68.02
N LYS B 354 -32.24 17.86 69.27
CA LYS B 354 -32.89 16.97 70.22
C LYS B 354 -34.36 17.35 70.45
N ARG B 355 -34.72 18.64 70.44
CA ARG B 355 -36.12 19.02 70.61
C ARG B 355 -36.96 18.40 69.50
N TYR B 356 -36.44 18.45 68.25
CA TYR B 356 -37.21 17.90 67.15
C TYR B 356 -37.26 16.37 67.21
N ILE B 357 -36.15 15.75 67.62
CA ILE B 357 -36.12 14.30 67.82
C ILE B 357 -37.21 13.90 68.83
N ASP B 358 -37.26 14.58 69.98
CA ASP B 358 -38.25 14.30 71.02
C ASP B 358 -39.63 14.47 70.43
N PHE B 359 -39.84 15.54 69.66
CA PHE B 359 -41.15 15.78 69.10
C PHE B 359 -41.50 14.65 68.13
N ALA B 360 -40.55 14.23 67.30
CA ALA B 360 -40.83 13.19 66.33
C ALA B 360 -41.20 11.89 67.04
N ALA B 361 -40.40 11.48 68.03
CA ALA B 361 -40.61 10.19 68.69
C ALA B 361 -41.93 10.20 69.45
N LYS B 362 -42.24 11.33 70.08
CA LYS B 362 -43.52 11.47 70.78
C LYS B 362 -44.70 11.32 69.82
N ASN B 363 -44.54 11.73 68.55
CA ASN B 363 -45.67 11.87 67.66
C ASN B 363 -45.70 10.79 66.58
N GLY B 364 -44.80 9.81 66.68
CA GLY B 364 -44.77 8.69 65.75
C GLY B 364 -44.23 9.06 64.38
N PHE B 365 -43.36 10.05 64.29
CA PHE B 365 -42.66 10.35 63.03
C PHE B 365 -41.45 9.44 62.88
N ASP B 366 -41.07 9.14 61.64
CA ASP B 366 -39.93 8.25 61.40
C ASP B 366 -38.58 8.97 61.57
N ALA B 367 -38.49 10.26 61.23
CA ALA B 367 -37.20 10.91 60.98
C ALA B 367 -37.22 12.41 61.21
N VAL B 368 -36.01 12.97 61.30
CA VAL B 368 -35.75 14.39 61.45
C VAL B 368 -34.67 14.83 60.45
N LEU B 369 -35.05 15.71 59.52
CA LEU B 369 -34.06 16.39 58.69
C LEU B 369 -33.34 17.45 59.50
N VAL B 370 -32.03 17.60 59.26
CA VAL B 370 -31.24 18.71 59.78
C VAL B 370 -30.44 19.30 58.66
N GLU B 371 -30.67 20.59 58.44
CA GLU B 371 -29.82 21.42 57.60
C GLU B 371 -28.95 22.36 58.44
N GLY B 372 -27.76 22.68 57.90
CA GLY B 372 -26.77 23.52 58.51
C GLY B 372 -25.85 22.73 59.45
N TRP B 373 -25.78 21.39 59.31
CA TRP B 373 -25.02 20.60 60.28
C TRP B 373 -23.52 20.70 60.05
N ASN B 374 -23.10 20.98 58.81
CA ASN B 374 -21.73 20.76 58.35
C ASN B 374 -21.00 22.06 58.03
N GLU B 375 -19.67 22.09 58.20
CA GLU B 375 -18.91 23.30 57.91
C GLU B 375 -19.09 23.75 56.44
N GLY B 376 -19.16 25.07 56.25
CA GLY B 376 -19.14 25.70 54.95
C GLY B 376 -20.31 26.65 54.68
N TRP B 377 -21.38 26.61 55.50
CA TRP B 377 -22.61 27.35 55.21
C TRP B 377 -22.38 28.85 55.13
N GLU B 378 -21.31 29.32 55.73
CA GLU B 378 -21.03 30.74 55.74
C GLU B 378 -20.94 31.27 54.31
N ASP B 379 -20.55 30.41 53.34
CA ASP B 379 -20.33 30.88 51.97
C ASP B 379 -21.20 30.13 50.94
N TRP B 380 -22.34 29.57 51.34
CA TRP B 380 -23.09 28.62 50.50
C TRP B 380 -23.75 29.20 49.25
N ILE B 381 -23.95 30.52 49.22
CA ILE B 381 -24.79 31.13 48.21
C ILE B 381 -24.06 32.33 47.60
N GLY B 382 -24.13 32.46 46.28
CA GLY B 382 -23.70 33.70 45.66
C GLY B 382 -22.21 33.79 45.32
N HIS B 383 -21.38 32.78 45.64
CA HIS B 383 -19.95 32.96 45.41
C HIS B 383 -19.42 32.08 44.30
N GLU B 384 -20.21 31.17 43.75
CA GLU B 384 -19.78 30.29 42.68
C GLU B 384 -18.55 29.55 43.14
N LYS B 385 -18.60 29.01 44.37
CA LYS B 385 -17.47 28.49 45.10
C LYS B 385 -17.39 26.97 44.90
N ASP B 386 -16.19 26.50 44.57
CA ASP B 386 -15.95 25.12 44.22
C ASP B 386 -15.90 24.32 45.51
N TYR B 387 -14.88 24.58 46.33
CA TYR B 387 -14.70 23.78 47.52
C TYR B 387 -15.59 24.37 48.64
N VAL B 388 -16.88 24.19 48.50
CA VAL B 388 -17.84 24.89 49.36
C VAL B 388 -18.24 24.03 50.58
N PHE B 389 -18.31 22.71 50.41
CA PHE B 389 -18.62 21.77 51.48
C PHE B 389 -17.76 20.52 51.34
N ASP B 390 -17.54 19.81 52.46
CA ASP B 390 -16.95 18.50 52.41
C ASP B 390 -17.93 17.38 52.71
N PHE B 391 -19.17 17.71 53.12
CA PHE B 391 -20.23 16.74 53.29
C PHE B 391 -19.95 15.78 54.43
N VAL B 392 -18.94 16.10 55.26
CA VAL B 392 -18.55 15.17 56.32
C VAL B 392 -18.23 15.87 57.63
N THR B 393 -17.82 17.15 57.64
CA THR B 393 -17.31 17.70 58.87
C THR B 393 -18.40 18.48 59.61
N PRO B 394 -18.82 18.03 60.82
CA PRO B 394 -19.83 18.79 61.57
C PRO B 394 -19.25 20.09 62.14
N TYR B 395 -20.11 21.08 62.24
CA TYR B 395 -19.82 22.26 63.03
C TYR B 395 -19.57 21.84 64.49
N PRO B 396 -18.94 22.73 65.26
CA PRO B 396 -18.60 22.39 66.65
C PRO B 396 -19.85 22.23 67.54
N ASP B 397 -21.01 22.77 67.12
CA ASP B 397 -22.18 22.73 68.01
C ASP B 397 -23.13 21.60 67.59
N PHE B 398 -22.68 20.70 66.68
CA PHE B 398 -23.50 19.60 66.22
C PHE B 398 -22.80 18.28 66.53
N ASP B 399 -23.30 17.56 67.55
CA ASP B 399 -22.68 16.33 68.04
C ASP B 399 -23.20 15.15 67.19
N ILE B 400 -22.48 14.79 66.13
CA ILE B 400 -23.09 13.92 65.15
C ILE B 400 -23.30 12.53 65.76
N LYS B 401 -22.30 12.08 66.52
CA LYS B 401 -22.37 10.76 67.11
C LYS B 401 -23.49 10.67 68.16
N GLY B 402 -23.46 11.58 69.13
CA GLY B 402 -24.52 11.63 70.13
C GLY B 402 -25.91 11.78 69.54
N LEU B 403 -26.10 12.64 68.52
CA LEU B 403 -27.46 12.90 68.07
C LEU B 403 -28.05 11.68 67.37
N ASN B 404 -27.22 10.97 66.61
CA ASN B 404 -27.69 9.79 65.89
C ASN B 404 -27.93 8.65 66.88
N GLU B 405 -27.15 8.55 67.96
CA GLU B 405 -27.44 7.56 69.01
C GLU B 405 -28.74 7.92 69.72
N TYR B 406 -28.92 9.18 70.10
CA TYR B 406 -30.15 9.62 70.74
C TYR B 406 -31.39 9.38 69.86
N ALA B 407 -31.28 9.70 68.58
CA ALA B 407 -32.38 9.43 67.66
C ALA B 407 -32.71 7.94 67.62
N HIS B 408 -31.71 7.08 67.35
CA HIS B 408 -31.90 5.64 67.25
C HIS B 408 -32.45 5.07 68.54
N ALA B 409 -32.06 5.60 69.72
CA ALA B 409 -32.61 5.07 70.96
C ALA B 409 -34.12 5.36 71.03
N LYS B 410 -34.59 6.43 70.36
CA LYS B 410 -36.01 6.77 70.34
C LYS B 410 -36.69 6.20 69.08
N LYS B 411 -35.96 5.41 68.25
CA LYS B 411 -36.56 4.79 67.06
C LYS B 411 -36.87 5.85 66.00
N VAL B 412 -36.00 6.84 65.92
CA VAL B 412 -36.06 7.88 64.92
C VAL B 412 -34.72 7.87 64.18
N LYS B 413 -34.67 8.35 62.94
CA LYS B 413 -33.42 8.49 62.19
C LYS B 413 -33.27 9.94 61.77
N LEU B 414 -32.03 10.39 61.59
CA LEU B 414 -31.82 11.67 60.95
C LEU B 414 -31.74 11.50 59.44
N ILE B 415 -32.19 12.54 58.74
CA ILE B 415 -32.04 12.60 57.30
C ILE B 415 -30.86 13.50 57.03
N MET B 416 -29.94 12.99 56.17
CA MET B 416 -28.71 13.68 55.87
C MET B 416 -29.05 14.82 54.93
N HIS B 417 -28.31 15.93 55.05
CA HIS B 417 -28.43 17.00 54.06
C HIS B 417 -27.12 17.30 53.34
N HIS B 418 -27.22 17.35 51.99
CA HIS B 418 -26.06 17.51 51.11
C HIS B 418 -26.37 18.61 50.11
N GLU B 419 -26.33 19.86 50.56
CA GLU B 419 -26.39 20.96 49.63
C GLU B 419 -25.04 21.01 48.93
N THR B 420 -25.06 21.13 47.59
CA THR B 420 -23.81 21.16 46.84
C THR B 420 -23.46 22.55 46.37
N SER B 421 -24.43 23.49 46.43
CA SER B 421 -24.25 24.87 45.95
C SER B 421 -23.74 24.91 44.50
N GLY B 422 -24.11 23.90 43.72
CA GLY B 422 -23.82 23.82 42.30
C GLY B 422 -22.45 23.27 41.95
N ALA B 423 -21.58 23.08 42.94
CA ALA B 423 -20.24 22.58 42.74
C ALA B 423 -20.26 21.05 42.58
N VAL B 424 -20.62 20.59 41.40
CA VAL B 424 -20.91 19.19 41.13
C VAL B 424 -19.66 18.31 41.22
N ARG B 425 -18.53 18.72 40.63
CA ARG B 425 -17.30 17.98 40.76
C ARG B 425 -16.96 17.87 42.24
N ASN B 426 -17.10 18.96 42.98
CA ASN B 426 -16.79 18.88 44.42
C ASN B 426 -17.64 17.82 45.17
N TYR B 427 -18.94 17.73 44.84
CA TYR B 427 -19.80 16.70 45.42
C TYR B 427 -19.38 15.29 44.98
N GLU B 428 -19.22 15.10 43.66
CA GLU B 428 -18.73 13.81 43.13
C GLU B 428 -17.44 13.41 43.84
N ARG B 429 -16.51 14.30 44.08
CA ARG B 429 -15.29 13.84 44.72
C ARG B 429 -15.47 13.40 46.16
N HIS B 430 -16.43 13.98 46.87
CA HIS B 430 -16.68 13.65 48.26
C HIS B 430 -17.73 12.57 48.44
N MET B 431 -18.36 12.12 47.35
CA MET B 431 -19.64 11.43 47.48
C MET B 431 -19.48 10.06 48.19
N ASP B 432 -18.43 9.29 47.85
CA ASP B 432 -18.19 7.98 48.50
C ASP B 432 -17.95 8.16 50.00
N ALA B 433 -17.12 9.13 50.39
CA ALA B 433 -16.87 9.31 51.79
C ALA B 433 -18.15 9.81 52.47
N ALA B 434 -18.93 10.67 51.80
CA ALA B 434 -20.16 11.16 52.39
C ALA B 434 -21.19 10.05 52.58
N TYR B 435 -21.36 9.17 51.60
CA TYR B 435 -22.32 8.10 51.68
C TYR B 435 -21.85 7.13 52.76
N LYS B 436 -20.53 6.93 52.92
CA LYS B 436 -20.01 6.09 54.00
C LYS B 436 -20.29 6.68 55.37
N LEU B 437 -20.11 7.99 55.54
CA LEU B 437 -20.46 8.63 56.79
C LEU B 437 -21.95 8.43 57.12
N MET B 438 -22.83 8.59 56.14
CA MET B 438 -24.24 8.28 56.30
C MET B 438 -24.45 6.87 56.87
N LYS B 439 -23.86 5.88 56.19
CA LYS B 439 -23.97 4.49 56.59
C LYS B 439 -23.41 4.32 58.03
N GLN B 440 -22.26 4.96 58.33
CA GLN B 440 -21.66 4.83 59.65
C GLN B 440 -22.59 5.28 60.76
N TYR B 441 -23.34 6.37 60.57
CA TYR B 441 -24.17 6.88 61.67
C TYR B 441 -25.62 6.44 61.56
N GLY B 442 -25.99 5.58 60.60
CA GLY B 442 -27.36 5.12 60.48
C GLY B 442 -28.29 6.14 59.83
N TYR B 443 -27.74 7.00 58.95
CA TYR B 443 -28.61 7.72 58.03
C TYR B 443 -28.89 6.82 56.85
N ASP B 444 -30.16 6.72 56.42
CA ASP B 444 -30.41 5.96 55.21
C ASP B 444 -31.04 6.80 54.11
N ALA B 445 -31.17 8.11 54.32
CA ALA B 445 -31.78 8.97 53.30
C ALA B 445 -31.03 10.29 53.30
N VAL B 446 -30.90 10.88 52.10
CA VAL B 446 -30.23 12.16 51.99
C VAL B 446 -31.09 13.10 51.16
N LYS B 447 -31.10 14.36 51.61
CA LYS B 447 -31.69 15.45 50.84
C LYS B 447 -30.51 16.21 50.27
N SER B 448 -30.42 16.22 48.95
CA SER B 448 -29.39 16.92 48.21
C SER B 448 -29.99 18.20 47.66
N GLY B 449 -29.11 19.13 47.31
CA GLY B 449 -29.49 20.41 46.75
C GLY B 449 -28.47 20.91 45.72
N TYR B 450 -28.94 21.80 44.83
CA TYR B 450 -28.14 22.32 43.73
C TYR B 450 -28.50 23.79 43.54
N VAL B 451 -28.47 24.56 44.63
CA VAL B 451 -28.73 25.99 44.62
C VAL B 451 -27.53 26.72 44.07
N GLY B 452 -27.77 27.58 43.08
CA GLY B 452 -26.73 28.34 42.44
C GLY B 452 -26.41 27.80 41.04
N ASN B 453 -25.64 28.52 40.28
CA ASN B 453 -25.14 28.13 38.97
C ASN B 453 -24.32 26.86 39.11
N ILE B 454 -24.56 25.89 38.22
CA ILE B 454 -23.71 24.72 38.17
C ILE B 454 -22.32 25.16 37.74
N LEU B 455 -21.28 24.68 38.45
CA LEU B 455 -19.90 24.97 38.12
C LEU B 455 -19.36 23.87 37.22
N PRO B 456 -18.41 24.18 36.31
CA PRO B 456 -18.02 25.56 35.97
C PRO B 456 -19.11 26.34 35.27
N LEU B 457 -19.10 27.67 35.49
CA LEU B 457 -20.08 28.54 34.88
C LEU B 457 -20.24 28.22 33.38
N GLY B 458 -21.51 28.18 32.96
CA GLY B 458 -21.95 27.96 31.59
C GLY B 458 -22.71 26.66 31.52
N GLU B 459 -22.51 25.78 32.52
CA GLU B 459 -23.29 24.59 32.62
C GLU B 459 -24.71 24.96 33.08
N THR B 460 -25.66 24.05 32.79
CA THR B 460 -27.05 24.20 33.12
C THR B 460 -27.47 23.05 34.00
N HIS B 461 -28.59 23.24 34.73
CA HIS B 461 -29.08 22.21 35.65
C HIS B 461 -29.64 21.00 34.94
N TYR B 462 -30.19 21.21 33.73
CA TYR B 462 -30.95 20.17 33.04
C TYR B 462 -30.34 19.67 31.73
N SER B 463 -29.05 19.97 31.47
CA SER B 463 -28.32 19.42 30.34
C SER B 463 -28.16 17.90 30.47
N GLN B 464 -27.77 17.27 29.38
CA GLN B 464 -27.45 15.84 29.41
C GLN B 464 -26.36 15.58 30.45
N TRP B 465 -25.40 16.52 30.51
CA TRP B 465 -24.23 16.34 31.38
C TRP B 465 -24.61 16.35 32.85
N THR B 466 -25.38 17.37 33.25
CA THR B 466 -25.78 17.47 34.66
C THR B 466 -26.82 16.39 34.99
N ASN B 467 -27.69 16.04 34.00
CA ASN B 467 -28.67 15.02 34.30
C ASN B 467 -27.96 13.72 34.64
N ASN B 468 -26.78 13.51 33.99
CA ASN B 468 -25.96 12.34 34.22
C ASN B 468 -25.56 12.31 35.70
N HIS B 469 -25.13 13.45 36.23
CA HIS B 469 -24.72 13.52 37.62
C HIS B 469 -25.87 13.14 38.55
N TYR B 470 -27.10 13.63 38.31
CA TYR B 470 -28.17 13.33 39.26
C TYR B 470 -28.33 11.80 39.29
N GLN B 471 -28.28 11.19 38.09
CA GLN B 471 -28.49 9.75 37.92
C GLN B 471 -27.38 8.98 38.61
N TYR B 472 -26.15 9.48 38.46
CA TYR B 472 -25.00 8.88 39.08
C TYR B 472 -25.14 8.88 40.59
N ALA B 473 -25.56 10.01 41.17
CA ALA B 473 -25.82 10.10 42.62
C ALA B 473 -26.88 9.07 43.10
N ILE B 474 -27.94 8.87 42.34
CA ILE B 474 -29.01 7.92 42.65
C ILE B 474 -28.53 6.47 42.51
N GLU B 475 -27.79 6.17 41.44
CA GLU B 475 -27.33 4.78 41.24
C GLU B 475 -26.30 4.46 42.30
N LYS B 476 -25.46 5.41 42.65
CA LYS B 476 -24.47 5.17 43.68
C LYS B 476 -25.13 5.03 45.02
N ALA B 477 -26.10 5.88 45.32
CA ALA B 477 -26.86 5.75 46.55
C ALA B 477 -27.46 4.35 46.63
N ALA B 478 -27.98 3.84 45.51
CA ALA B 478 -28.58 2.51 45.52
C ALA B 478 -27.55 1.46 45.88
N ASP B 479 -26.29 1.61 45.41
CA ASP B 479 -25.25 0.66 45.80
C ASP B 479 -25.05 0.70 47.32
N TYR B 480 -25.29 1.83 47.97
CA TYR B 480 -25.09 1.92 49.40
C TYR B 480 -26.40 1.67 50.15
N GLN B 481 -27.50 1.40 49.42
CA GLN B 481 -28.83 1.33 50.05
C GLN B 481 -29.15 2.63 50.78
N ILE B 482 -29.10 3.70 50.02
CA ILE B 482 -29.46 5.04 50.47
C ILE B 482 -30.58 5.57 49.57
N MET B 483 -31.53 6.29 50.20
CA MET B 483 -32.62 6.93 49.50
C MET B 483 -32.20 8.36 49.21
N VAL B 484 -32.71 8.86 48.11
CA VAL B 484 -32.33 10.20 47.68
C VAL B 484 -33.57 11.07 47.48
N ASN B 485 -33.45 12.33 47.96
CA ASN B 485 -34.45 13.35 47.71
C ASN B 485 -33.70 14.59 47.20
N ALA B 486 -33.77 14.92 45.90
CA ALA B 486 -32.87 15.91 45.35
C ALA B 486 -33.58 17.19 44.98
N HIS B 487 -33.31 18.25 45.72
CA HIS B 487 -33.81 19.57 45.38
C HIS B 487 -32.96 20.20 44.26
N GLU B 488 -33.64 20.97 43.41
CA GLU B 488 -33.07 21.69 42.28
C GLU B 488 -32.55 20.75 41.18
N ALA B 489 -32.78 19.40 41.30
CA ALA B 489 -32.49 18.49 40.21
C ALA B 489 -33.51 18.67 39.10
N VAL B 490 -33.25 18.02 37.97
CA VAL B 490 -34.18 17.94 36.88
C VAL B 490 -35.48 17.31 37.42
N ARG B 491 -36.61 17.77 36.86
CA ARG B 491 -37.91 17.25 37.23
C ARG B 491 -38.08 15.81 36.76
N PRO B 492 -38.73 14.96 37.57
CA PRO B 492 -38.79 13.53 37.31
C PRO B 492 -39.67 13.10 36.15
N THR B 493 -39.39 11.87 35.72
CA THR B 493 -39.89 11.31 34.47
C THR B 493 -40.12 9.82 34.64
N GLY B 494 -40.30 9.40 35.86
CA GLY B 494 -40.76 8.05 36.17
C GLY B 494 -39.59 7.12 36.50
N ILE B 495 -38.36 7.71 36.68
CA ILE B 495 -37.19 6.89 36.86
C ILE B 495 -37.28 6.14 38.17
N ALA B 496 -38.13 6.61 39.10
CA ALA B 496 -38.25 5.87 40.36
C ALA B 496 -38.73 4.43 40.17
N ARG B 497 -39.46 4.11 39.08
CA ARG B 497 -39.81 2.70 38.91
C ARG B 497 -38.52 1.88 38.83
N THR B 498 -37.53 2.41 38.11
CA THR B 498 -36.28 1.70 37.83
C THR B 498 -35.37 1.80 39.05
N TYR B 499 -35.35 2.96 39.70
CA TYR B 499 -34.57 3.20 40.92
C TYR B 499 -35.49 3.76 42.00
N PRO B 500 -36.23 2.87 42.70
CA PRO B 500 -37.20 3.31 43.71
C PRO B 500 -36.56 3.88 44.98
N ASN B 501 -35.24 4.01 45.02
CA ASN B 501 -34.62 4.71 46.15
C ASN B 501 -34.66 6.22 45.91
N LEU B 502 -35.06 6.64 44.70
CA LEU B 502 -35.35 8.07 44.48
C LEU B 502 -36.78 8.40 44.96
N ILE B 503 -36.83 8.75 46.23
CA ILE B 503 -38.09 8.88 46.94
C ILE B 503 -38.56 10.31 46.86
N GLY B 504 -37.78 11.22 46.27
CA GLY B 504 -38.32 12.54 46.00
C GLY B 504 -37.38 13.46 45.22
N ASN B 505 -37.98 14.49 44.69
CA ASN B 505 -37.29 15.72 44.30
C ASN B 505 -38.14 16.88 44.81
N GLU B 506 -37.59 18.10 44.79
CA GLU B 506 -38.45 19.28 44.79
C GLU B 506 -38.80 19.58 43.32
N ALA B 507 -37.93 20.32 42.63
CA ALA B 507 -37.97 20.41 41.14
C ALA B 507 -39.26 21.07 40.66
N ALA B 508 -39.65 22.08 41.43
CA ALA B 508 -40.89 22.86 41.33
C ALA B 508 -40.89 23.87 42.50
N ARG B 509 -41.81 24.82 42.46
CA ARG B 509 -41.97 25.78 43.55
C ARG B 509 -42.65 25.11 44.75
N GLY B 510 -41.89 25.00 45.84
CA GLY B 510 -42.38 24.31 47.01
C GLY B 510 -42.89 25.26 48.08
N THR B 511 -43.21 24.70 49.24
CA THR B 511 -43.70 25.48 50.38
C THR B 511 -42.70 26.58 50.80
N GLU B 512 -41.39 26.38 50.54
CA GLU B 512 -40.40 27.38 50.95
C GLU B 512 -40.72 28.73 50.34
N TYR B 513 -41.38 28.73 49.14
CA TYR B 513 -41.65 30.03 48.52
C TYR B 513 -42.71 30.82 49.28
N GLN B 514 -43.47 30.11 50.12
CA GLN B 514 -44.46 30.76 50.98
C GLN B 514 -43.75 31.64 52.01
N ALA B 515 -42.47 31.41 52.23
CA ALA B 515 -41.68 32.18 53.19
C ALA B 515 -40.79 33.24 52.56
N PHE B 516 -40.87 33.41 51.23
CA PHE B 516 -39.89 34.25 50.55
C PHE B 516 -40.53 35.54 50.09
N GLY B 517 -41.69 35.91 50.62
CA GLY B 517 -42.30 37.16 50.18
C GLY B 517 -42.72 37.14 48.71
N ASN B 518 -42.71 38.29 48.05
CA ASN B 518 -43.22 38.44 46.70
C ASN B 518 -44.62 37.84 46.65
N ASP B 519 -44.93 36.98 45.66
CA ASP B 519 -46.30 36.50 45.58
C ASP B 519 -46.46 35.15 46.30
N ARG B 520 -45.41 34.65 46.94
CA ARG B 520 -45.47 33.37 47.61
C ARG B 520 -46.03 32.36 46.61
N ASN B 521 -46.92 31.44 47.03
CA ASN B 521 -47.53 30.53 46.08
C ASN B 521 -48.99 30.94 45.87
N ASN B 522 -49.43 31.02 44.62
CA ASN B 522 -50.84 31.23 44.35
C ASN B 522 -51.70 30.24 45.14
N ALA B 523 -52.89 30.66 45.55
CA ALA B 523 -53.72 29.81 46.40
C ALA B 523 -54.04 28.50 45.71
N ASN B 524 -54.09 28.50 44.37
CA ASN B 524 -54.48 27.31 43.60
C ASN B 524 -53.26 26.49 43.15
N HIS B 525 -52.06 26.82 43.67
CA HIS B 525 -50.85 26.14 43.23
C HIS B 525 -50.96 24.62 43.36
N VAL B 526 -51.36 24.17 44.54
CA VAL B 526 -51.41 22.72 44.83
C VAL B 526 -52.59 22.01 44.10
N THR B 527 -53.44 22.78 43.37
CA THR B 527 -54.43 22.21 42.47
C THR B 527 -53.89 22.08 41.04
N ILE B 528 -52.68 22.59 40.77
CA ILE B 528 -52.02 22.45 39.49
C ILE B 528 -50.85 21.47 39.56
N LEU B 529 -50.08 21.44 40.68
CA LEU B 529 -48.90 20.62 40.71
C LEU B 529 -49.22 19.16 40.38
N PRO B 530 -50.34 18.57 40.85
CA PRO B 530 -50.60 17.14 40.56
C PRO B 530 -50.82 16.88 39.07
N PHE B 531 -51.25 17.90 38.32
CA PHE B 531 -51.49 17.76 36.89
C PHE B 531 -50.24 18.04 36.05
N THR B 532 -49.15 18.49 36.71
CA THR B 532 -47.93 18.91 36.05
C THR B 532 -46.75 18.20 36.69
N ARG B 533 -46.15 18.89 37.65
CA ARG B 533 -44.97 18.40 38.32
C ARG B 533 -45.11 16.96 38.79
N LEU B 534 -46.24 16.52 39.35
CA LEU B 534 -46.26 15.18 39.95
C LEU B 534 -46.25 14.07 38.89
N ILE B 535 -46.53 14.39 37.63
CA ILE B 535 -46.43 13.43 36.56
C ILE B 535 -44.94 13.15 36.38
N GLY B 536 -44.55 11.94 36.78
CA GLY B 536 -43.16 11.53 36.67
C GLY B 536 -42.57 11.15 38.01
N GLY B 537 -43.17 11.63 39.10
CA GLY B 537 -42.61 11.29 40.40
C GLY B 537 -43.08 12.26 41.47
N PRO B 538 -42.94 11.83 42.74
CA PRO B 538 -43.45 12.58 43.87
C PRO B 538 -42.65 13.84 44.11
N MET B 539 -43.26 14.73 44.88
CA MET B 539 -42.59 15.96 45.27
C MET B 539 -42.53 16.01 46.78
N ASP B 540 -41.38 16.50 47.28
CA ASP B 540 -41.12 16.87 48.65
C ASP B 540 -41.57 18.32 48.77
N TYR B 541 -42.90 18.51 48.92
CA TYR B 541 -43.52 19.82 48.94
C TYR B 541 -43.41 20.51 50.31
N THR B 542 -43.12 19.75 51.38
CA THR B 542 -43.02 20.16 52.79
C THR B 542 -44.30 20.86 53.29
N PRO B 543 -45.43 20.13 53.29
CA PRO B 543 -46.69 20.71 53.77
C PRO B 543 -46.71 20.80 55.30
N GLY B 544 -47.87 21.20 55.82
CA GLY B 544 -48.14 21.18 57.24
C GLY B 544 -47.83 22.49 57.97
N ILE B 545 -47.93 23.63 57.31
CA ILE B 545 -47.72 24.90 58.01
C ILE B 545 -49.01 25.26 58.75
N PHE B 546 -48.92 25.55 60.05
CA PHE B 546 -50.03 25.98 60.89
C PHE B 546 -49.93 27.45 61.24
N GLU B 547 -48.70 28.00 61.34
CA GLU B 547 -48.50 29.42 61.49
C GLU B 547 -48.10 30.02 60.14
N MET B 548 -49.02 30.80 59.55
CA MET B 548 -48.82 31.35 58.22
C MET B 548 -48.14 32.72 58.21
N ASP B 549 -48.00 33.43 59.32
CA ASP B 549 -47.29 34.70 59.32
C ASP B 549 -45.95 34.48 60.02
N VAL B 550 -44.90 34.30 59.21
CA VAL B 550 -43.67 33.67 59.70
C VAL B 550 -42.70 34.77 60.11
N THR B 551 -41.55 34.38 60.66
CA THR B 551 -40.71 35.35 61.35
C THR B 551 -40.27 36.47 60.42
N ASN B 552 -39.94 36.21 59.14
CA ASN B 552 -39.45 37.29 58.29
C ASN B 552 -40.57 38.12 57.66
N GLY B 553 -41.83 37.92 58.09
CA GLY B 553 -42.94 38.75 57.64
C GLY B 553 -43.71 38.16 56.45
N SER B 554 -43.23 37.09 55.80
CA SER B 554 -43.91 36.50 54.66
C SER B 554 -45.20 35.82 55.14
N HIS B 555 -46.20 35.81 54.25
CA HIS B 555 -47.52 35.25 54.54
C HIS B 555 -47.73 33.99 53.69
N VAL B 556 -47.82 32.84 54.35
CA VAL B 556 -48.14 31.61 53.69
C VAL B 556 -49.61 31.62 53.23
N ASN B 557 -49.82 31.37 51.94
CA ASN B 557 -51.15 31.50 51.35
C ASN B 557 -51.94 30.19 51.43
N ALA B 558 -52.37 29.84 52.65
CA ALA B 558 -53.15 28.63 52.83
C ALA B 558 -53.90 28.69 54.16
N THR B 559 -54.87 27.77 54.34
CA THR B 559 -55.54 27.57 55.61
C THR B 559 -54.99 26.31 56.25
N ILE B 560 -55.33 26.12 57.54
CA ILE B 560 -54.81 24.94 58.21
C ILE B 560 -55.38 23.69 57.54
N ALA B 561 -56.65 23.71 57.19
CA ALA B 561 -57.24 22.48 56.67
C ALA B 561 -56.64 22.14 55.31
N ASN B 562 -56.30 23.17 54.51
CA ASN B 562 -55.54 22.99 53.28
C ASN B 562 -54.24 22.21 53.55
N GLN B 563 -53.56 22.62 54.61
CA GLN B 563 -52.27 22.07 54.94
C GLN B 563 -52.40 20.60 55.34
N LEU B 564 -53.51 20.23 55.98
CA LEU B 564 -53.69 18.85 56.39
C LEU B 564 -54.01 18.02 55.17
N ALA B 565 -54.77 18.62 54.21
CA ALA B 565 -55.23 17.83 53.09
C ALA B 565 -54.03 17.41 52.22
N LEU B 566 -52.97 18.22 52.21
CA LEU B 566 -51.84 17.99 51.32
C LEU B 566 -51.15 16.62 51.59
N TYR B 567 -51.29 16.06 52.78
CA TYR B 567 -50.75 14.72 53.07
C TYR B 567 -51.41 13.67 52.19
N VAL B 568 -52.57 13.98 51.58
CA VAL B 568 -53.26 13.08 50.68
C VAL B 568 -53.27 13.64 49.26
N THR B 569 -53.43 14.96 49.10
CA THR B 569 -53.60 15.51 47.76
C THR B 569 -52.27 15.79 47.06
N MET B 570 -51.16 15.99 47.78
CA MET B 570 -49.83 15.98 47.14
C MET B 570 -49.10 14.65 47.44
N TYR B 571 -49.38 13.63 46.62
CA TYR B 571 -48.87 12.28 46.83
C TYR B 571 -47.34 12.28 46.95
N SER B 572 -46.80 11.60 47.98
CA SER B 572 -45.38 11.42 48.15
C SER B 572 -45.11 10.33 49.16
N PRO B 573 -44.07 9.48 48.96
CA PRO B 573 -43.64 8.55 50.01
C PRO B 573 -42.86 9.25 51.12
N LEU B 574 -42.56 10.52 50.90
CA LEU B 574 -41.72 11.33 51.79
C LEU B 574 -42.51 12.60 52.08
N GLN B 575 -42.98 12.69 53.34
CA GLN B 575 -43.93 13.70 53.78
C GLN B 575 -43.39 14.43 55.00
N MET B 576 -43.17 15.73 54.85
CA MET B 576 -42.72 16.56 55.96
C MET B 576 -43.92 17.22 56.66
N ALA B 577 -43.81 17.32 57.98
CA ALA B 577 -44.50 18.30 58.76
C ALA B 577 -43.52 19.41 59.08
N ALA B 578 -43.63 20.50 58.33
CA ALA B 578 -42.59 21.49 58.19
C ALA B 578 -42.57 22.54 59.27
N ASP B 579 -43.63 22.66 60.05
CA ASP B 579 -43.68 23.76 61.00
C ASP B 579 -42.87 23.40 62.25
N PHE B 580 -42.82 24.38 63.18
CA PHE B 580 -42.14 24.23 64.45
C PHE B 580 -43.00 23.40 65.43
N PRO B 581 -42.36 22.60 66.31
CA PRO B 581 -43.06 21.84 67.33
C PRO B 581 -44.08 22.62 68.16
N GLU B 582 -43.70 23.82 68.63
CA GLU B 582 -44.55 24.79 69.29
C GLU B 582 -45.89 24.98 68.58
N ASN B 583 -45.84 25.16 67.26
CA ASN B 583 -47.02 25.49 66.52
C ASN B 583 -47.93 24.28 66.43
N TYR B 584 -47.37 23.08 66.28
CA TYR B 584 -48.20 21.90 66.30
C TYR B 584 -48.84 21.68 67.66
N GLU B 585 -48.11 21.96 68.74
CA GLU B 585 -48.62 21.80 70.09
C GLU B 585 -49.82 22.72 70.31
N ARG B 586 -49.74 23.94 69.78
CA ARG B 586 -50.80 24.92 69.92
C ARG B 586 -52.07 24.44 69.23
N PHE B 587 -51.97 23.67 68.16
CA PHE B 587 -53.13 23.21 67.43
C PHE B 587 -53.12 21.70 67.39
N ALA B 588 -52.98 21.10 68.59
CA ALA B 588 -52.79 19.67 68.74
C ALA B 588 -53.95 18.90 68.11
N ASP B 589 -55.19 19.44 68.17
CA ASP B 589 -56.35 18.70 67.68
C ASP B 589 -56.23 18.52 66.16
N ALA B 590 -55.85 19.59 65.45
CA ALA B 590 -55.67 19.56 64.02
C ALA B 590 -54.48 18.66 63.65
N PHE B 591 -53.47 18.70 64.51
CA PHE B 591 -52.27 17.96 64.25
C PHE B 591 -52.53 16.45 64.18
N GLN B 592 -53.57 16.00 64.83
CA GLN B 592 -53.89 14.59 64.90
C GLN B 592 -53.95 13.99 63.50
N PHE B 593 -54.46 14.79 62.53
CA PHE B 593 -54.58 14.25 61.19
C PHE B 593 -53.17 13.91 60.66
N ILE B 594 -52.22 14.82 60.88
CA ILE B 594 -50.88 14.63 60.35
C ILE B 594 -50.28 13.38 60.99
N LYS B 595 -50.59 13.15 62.26
CA LYS B 595 -50.03 12.00 62.94
C LYS B 595 -50.69 10.73 62.45
N ASP B 596 -51.98 10.79 62.12
CA ASP B 596 -52.71 9.59 61.72
C ASP B 596 -52.38 9.18 60.29
N VAL B 597 -52.22 10.17 59.40
CA VAL B 597 -52.27 9.87 57.99
C VAL B 597 -51.10 8.94 57.57
N ALA B 598 -51.39 8.00 56.66
CA ALA B 598 -50.33 7.13 56.14
C ALA B 598 -49.57 7.84 55.02
N VAL B 599 -48.51 7.17 54.52
CA VAL B 599 -47.62 7.68 53.49
C VAL B 599 -47.42 6.68 52.34
N ASP B 600 -48.13 5.55 52.38
CA ASP B 600 -48.05 4.55 51.34
C ASP B 600 -49.39 3.83 51.28
N TRP B 601 -49.74 3.35 50.08
CA TRP B 601 -51.15 3.14 49.75
C TRP B 601 -51.37 1.89 48.91
N ASP B 602 -52.46 1.16 49.22
CA ASP B 602 -52.84 0.02 48.40
C ASP B 602 -53.82 0.41 47.30
N ASP B 603 -54.46 1.60 47.47
CA ASP B 603 -55.37 2.09 46.46
C ASP B 603 -55.55 3.58 46.66
N SER B 604 -55.98 4.23 45.57
CA SER B 604 -56.24 5.66 45.55
C SER B 604 -57.44 5.85 44.62
N ARG B 605 -58.34 6.74 44.98
CA ARG B 605 -59.44 7.09 44.08
C ARG B 605 -59.59 8.59 44.09
N TYR B 606 -59.35 9.14 42.89
CA TYR B 606 -59.53 10.56 42.69
C TYR B 606 -61.03 10.78 42.61
N LEU B 607 -61.62 11.56 43.53
CA LEU B 607 -63.08 11.73 43.56
C LEU B 607 -63.48 12.95 42.74
N GLU B 608 -62.73 14.07 42.86
CA GLU B 608 -63.03 15.24 42.03
C GLU B 608 -61.70 15.87 41.68
N ALA B 609 -61.59 16.44 40.49
CA ALA B 609 -60.37 17.13 40.10
C ALA B 609 -60.63 18.04 38.93
N GLU B 610 -60.15 19.26 39.05
CA GLU B 610 -60.19 20.21 37.95
C GLU B 610 -58.92 21.05 38.13
N PRO B 611 -58.03 21.09 37.12
CA PRO B 611 -56.73 21.76 37.27
C PRO B 611 -56.92 23.24 37.55
N GLY B 612 -56.23 23.71 38.59
CA GLY B 612 -56.28 25.13 38.96
C GLY B 612 -57.50 25.46 39.83
N GLN B 613 -58.38 24.44 40.08
CA GLN B 613 -59.57 24.71 40.89
C GLN B 613 -59.69 23.88 42.16
N TYR B 614 -59.58 22.55 42.08
CA TYR B 614 -59.81 21.68 43.21
C TYR B 614 -59.29 20.27 42.91
N ILE B 615 -58.94 19.53 43.98
CA ILE B 615 -58.63 18.13 43.86
C ILE B 615 -59.13 17.49 45.12
N THR B 616 -59.77 16.32 44.96
CA THR B 616 -60.28 15.59 46.10
C THR B 616 -59.95 14.13 45.87
N VAL B 617 -59.30 13.48 46.84
CA VAL B 617 -58.81 12.13 46.59
C VAL B 617 -58.76 11.39 47.92
N ALA B 618 -59.12 10.09 47.81
CA ALA B 618 -59.13 9.19 48.94
C ALA B 618 -58.13 8.07 48.65
N ARG B 619 -57.40 7.68 49.71
CA ARG B 619 -56.36 6.66 49.59
C ARG B 619 -56.49 5.67 50.76
N LYS B 620 -56.25 4.39 50.44
CA LYS B 620 -56.33 3.31 51.40
C LYS B 620 -54.94 2.99 51.91
N ALA B 621 -54.72 3.18 53.23
CA ALA B 621 -53.37 3.02 53.78
C ALA B 621 -52.87 1.58 53.55
N LYS B 622 -51.64 1.43 53.03
CA LYS B 622 -51.15 0.11 52.68
C LYS B 622 -51.21 -0.81 53.88
N GLY B 623 -51.60 -2.07 53.64
CA GLY B 623 -51.66 -3.11 54.65
C GLY B 623 -52.90 -3.02 55.54
N THR B 624 -53.78 -2.02 55.35
CA THR B 624 -54.91 -1.76 56.31
C THR B 624 -56.24 -1.59 55.59
N ASP B 625 -57.34 -1.51 56.37
CA ASP B 625 -58.67 -1.18 55.85
C ASP B 625 -59.02 0.29 56.09
N ASN B 626 -58.00 1.11 56.41
CA ASN B 626 -58.20 2.51 56.76
C ASN B 626 -58.06 3.40 55.54
N TRP B 627 -58.86 4.46 55.47
CA TRP B 627 -58.75 5.41 54.37
C TRP B 627 -58.49 6.82 54.92
N PHE B 628 -57.92 7.63 54.01
CA PHE B 628 -57.63 9.02 54.27
C PHE B 628 -57.94 9.81 52.99
N LEU B 629 -58.56 10.97 53.20
CA LEU B 629 -59.08 11.75 52.11
C LEU B 629 -58.60 13.18 52.30
N GLY B 630 -58.26 13.85 51.19
CA GLY B 630 -58.01 15.28 51.26
C GLY B 630 -58.65 15.96 50.05
N ASN B 631 -59.03 17.20 50.30
CA ASN B 631 -59.47 18.14 49.30
C ASN B 631 -58.57 19.36 49.44
N VAL B 632 -58.15 19.91 48.29
CA VAL B 632 -57.54 21.22 48.27
C VAL B 632 -58.32 22.01 47.24
N ASN B 633 -58.46 23.31 47.50
CA ASN B 633 -59.39 24.18 46.80
C ASN B 633 -58.67 25.48 46.51
N GLY B 634 -58.93 25.99 45.32
CA GLY B 634 -58.25 27.13 44.78
C GLY B 634 -58.83 28.46 45.24
N GLU B 635 -58.84 29.44 44.30
CA GLU B 635 -59.16 30.82 44.62
C GLU B 635 -60.62 31.00 45.06
N THR B 636 -61.49 30.15 44.51
CA THR B 636 -62.93 30.27 44.66
C THR B 636 -63.43 29.28 45.72
N ALA B 637 -63.93 29.80 46.85
CA ALA B 637 -64.62 28.98 47.83
C ALA B 637 -65.67 28.12 47.13
N ARG B 638 -65.86 26.90 47.59
CA ARG B 638 -66.68 25.93 46.88
C ARG B 638 -67.18 24.86 47.86
N VAL B 639 -68.36 24.31 47.57
CA VAL B 639 -68.88 23.19 48.33
C VAL B 639 -68.58 21.93 47.53
N SER B 640 -67.93 20.98 48.19
CA SER B 640 -67.60 19.69 47.58
C SER B 640 -68.68 18.66 47.97
N ASN B 641 -69.13 17.86 46.98
CA ASN B 641 -70.23 16.90 47.11
C ASN B 641 -69.74 15.54 46.56
N ILE B 642 -69.51 14.60 47.49
CA ILE B 642 -68.75 13.39 47.22
C ILE B 642 -69.53 12.20 47.75
N ASP B 643 -69.30 11.07 47.06
CA ASP B 643 -69.91 9.82 47.41
C ASP B 643 -68.78 9.04 48.10
N LEU B 644 -69.07 8.42 49.27
CA LEU B 644 -68.09 7.64 50.04
C LEU B 644 -68.10 6.16 49.61
N GLY B 645 -68.45 5.89 48.35
CA GLY B 645 -68.65 4.54 47.85
C GLY B 645 -67.34 3.78 47.64
N PHE B 646 -66.18 4.42 47.82
CA PHE B 646 -64.91 3.71 47.81
C PHE B 646 -64.75 2.85 49.07
N LEU B 647 -65.47 3.18 50.17
CA LEU B 647 -65.38 2.39 51.38
C LEU B 647 -65.94 0.99 51.10
N GLU B 648 -65.57 0.02 51.93
CA GLU B 648 -65.95 -1.36 51.69
C GLU B 648 -67.44 -1.54 52.03
N LYS B 649 -68.20 -2.23 51.17
CA LYS B 649 -69.65 -2.23 51.30
C LYS B 649 -70.03 -3.03 52.53
N GLY B 650 -71.03 -2.52 53.26
CA GLY B 650 -71.58 -3.20 54.41
C GLY B 650 -70.77 -3.01 55.69
N LYS B 651 -69.77 -2.13 55.70
CA LYS B 651 -69.06 -1.84 56.92
C LYS B 651 -69.30 -0.39 57.33
N LYS B 652 -69.27 -0.15 58.65
CA LYS B 652 -69.28 1.17 59.25
C LYS B 652 -67.89 1.67 59.62
N TYR B 653 -67.63 2.98 59.43
CA TYR B 653 -66.36 3.61 59.76
C TYR B 653 -66.61 4.84 60.64
N THR B 654 -65.69 5.09 61.58
CA THR B 654 -65.58 6.38 62.24
C THR B 654 -64.83 7.34 61.31
N ALA B 655 -65.48 8.44 60.96
CA ALA B 655 -64.85 9.50 60.21
C ALA B 655 -64.56 10.67 61.16
N VAL B 656 -63.37 11.22 61.04
CA VAL B 656 -63.07 12.54 61.58
C VAL B 656 -62.76 13.50 60.42
N ILE B 657 -63.55 14.57 60.36
CA ILE B 657 -63.45 15.60 59.32
C ILE B 657 -62.81 16.86 59.87
N TYR B 658 -61.67 17.21 59.31
CA TYR B 658 -60.92 18.41 59.66
C TYR B 658 -61.08 19.40 58.54
N ALA B 659 -61.83 20.50 58.78
CA ALA B 659 -62.34 21.32 57.68
C ALA B 659 -62.10 22.79 57.98
N ASP B 660 -62.26 23.62 56.94
CA ASP B 660 -62.19 25.05 57.14
C ASP B 660 -63.44 25.53 57.86
N ALA B 661 -63.32 26.49 58.75
CA ALA B 661 -64.48 27.20 59.24
C ALA B 661 -65.06 28.00 58.08
N LYS B 662 -66.33 28.37 58.22
CA LYS B 662 -67.11 29.03 57.19
C LYS B 662 -66.46 30.35 56.81
N ASP B 663 -65.76 31.00 57.76
CA ASP B 663 -65.14 32.28 57.51
C ASP B 663 -63.62 32.12 57.34
N ALA B 664 -63.11 30.89 57.14
CA ALA B 664 -61.67 30.72 56.91
C ALA B 664 -61.28 31.34 55.56
N ASN B 665 -59.99 31.66 55.41
CA ASN B 665 -59.57 32.41 54.24
C ASN B 665 -58.03 32.37 54.16
N TYR B 666 -57.44 32.07 52.98
CA TYR B 666 -55.98 31.97 52.90
C TYR B 666 -55.27 33.31 53.16
N LYS B 667 -55.97 34.42 53.00
CA LYS B 667 -55.31 35.72 53.11
C LYS B 667 -55.41 36.26 54.54
N THR B 668 -56.59 36.20 55.17
CA THR B 668 -56.81 36.94 56.40
C THR B 668 -57.29 36.05 57.54
N ASN B 669 -57.56 34.77 57.35
CA ASN B 669 -58.07 33.99 58.49
C ASN B 669 -57.69 32.52 58.30
N THR B 670 -56.40 32.27 58.50
CA THR B 670 -55.77 31.04 58.06
C THR B 670 -55.91 29.93 59.07
N GLN B 671 -56.16 30.23 60.34
CA GLN B 671 -56.17 29.25 61.42
C GLN B 671 -57.57 28.85 61.91
N ALA B 672 -58.61 29.11 61.11
CA ALA B 672 -59.99 28.84 61.49
C ALA B 672 -60.41 27.51 60.88
N TYR B 673 -60.55 26.48 61.73
CA TYR B 673 -60.80 25.13 61.26
C TYR B 673 -61.84 24.50 62.21
N THR B 674 -62.56 23.46 61.77
CA THR B 674 -63.45 22.72 62.64
C THR B 674 -63.13 21.22 62.55
N ILE B 675 -63.43 20.50 63.61
CA ILE B 675 -63.21 19.07 63.66
C ILE B 675 -64.53 18.40 64.06
N ARG B 676 -64.99 17.41 63.30
CA ARG B 676 -66.29 16.79 63.56
C ARG B 676 -66.19 15.28 63.29
N LYS B 677 -66.92 14.49 64.06
CA LYS B 677 -66.81 13.03 64.02
C LYS B 677 -68.15 12.49 63.61
N VAL B 678 -68.24 11.52 62.71
CA VAL B 678 -69.53 10.97 62.30
C VAL B 678 -69.29 9.56 61.79
N VAL B 679 -70.25 8.67 62.02
CA VAL B 679 -70.15 7.31 61.53
C VAL B 679 -70.71 7.27 60.10
N VAL B 680 -69.97 6.62 59.18
CA VAL B 680 -70.38 6.55 57.78
C VAL B 680 -70.27 5.13 57.23
N THR B 681 -70.83 4.93 56.03
CA THR B 681 -70.77 3.67 55.30
C THR B 681 -70.54 4.02 53.84
N SER B 682 -70.46 2.99 52.97
CA SER B 682 -70.28 3.21 51.54
C SER B 682 -71.45 3.98 50.90
N ASN B 683 -72.62 4.07 51.58
CA ASN B 683 -73.77 4.77 51.02
C ASN B 683 -73.84 6.22 51.49
N SER B 684 -72.98 6.62 52.44
CA SER B 684 -72.91 7.98 52.91
C SER B 684 -72.46 8.93 51.79
N LYS B 685 -73.07 10.11 51.82
CA LYS B 685 -72.74 11.28 51.02
C LYS B 685 -72.19 12.36 51.95
N LEU B 686 -71.28 13.18 51.44
CA LEU B 686 -70.79 14.28 52.23
C LEU B 686 -70.87 15.54 51.39
N SER B 687 -71.26 16.60 52.08
CA SER B 687 -71.20 17.94 51.54
C SER B 687 -70.33 18.77 52.46
N GLN B 688 -69.29 19.44 51.91
CA GLN B 688 -68.35 20.20 52.73
C GLN B 688 -67.81 21.42 51.96
N PHE B 689 -68.00 22.59 52.61
CA PHE B 689 -67.49 23.88 52.19
C PHE B 689 -65.96 23.86 52.32
N SER B 690 -65.26 24.31 51.27
CA SER B 690 -63.82 24.57 51.37
C SER B 690 -63.59 26.05 51.09
N ALA B 691 -62.76 26.71 51.91
CA ALA B 691 -62.50 28.12 51.72
C ALA B 691 -61.60 28.32 50.50
N SER B 692 -61.50 29.60 50.14
CA SER B 692 -60.47 30.09 49.23
C SER B 692 -59.05 29.74 49.75
N GLY B 693 -58.27 28.95 48.97
CA GLY B 693 -56.96 28.44 49.37
C GLY B 693 -57.09 27.45 50.54
N GLY B 694 -58.28 26.83 50.64
CA GLY B 694 -58.57 25.96 51.76
C GLY B 694 -58.61 24.50 51.32
N GLY B 695 -59.38 23.71 52.08
CA GLY B 695 -59.44 22.29 51.83
C GLY B 695 -60.02 21.59 53.04
N TYR B 696 -59.98 20.25 53.05
CA TYR B 696 -60.41 19.47 54.20
C TYR B 696 -59.71 18.13 54.15
N ALA B 697 -59.65 17.48 55.31
CA ALA B 697 -59.02 16.20 55.48
C ALA B 697 -59.90 15.30 56.33
N ILE B 698 -59.94 14.00 55.98
CA ILE B 698 -60.81 13.05 56.65
C ILE B 698 -60.07 11.73 56.87
N SER B 699 -60.13 11.25 58.12
CA SER B 699 -59.71 9.90 58.44
C SER B 699 -60.93 8.97 58.60
N PHE B 700 -60.77 7.71 58.16
CA PHE B 700 -61.79 6.69 58.20
C PHE B 700 -61.22 5.39 58.76
N TYR B 701 -61.65 5.02 59.98
CA TYR B 701 -61.22 3.81 60.68
C TYR B 701 -62.43 2.92 60.88
N PRO B 702 -62.33 1.62 60.53
CA PRO B 702 -63.39 0.66 60.83
C PRO B 702 -63.74 0.73 62.30
N VAL B 703 -65.04 0.54 62.56
CA VAL B 703 -65.64 0.34 63.87
C VAL B 703 -65.07 -0.91 64.54
N SER C 23 28.97 -22.82 6.67
CA SER C 23 27.87 -23.81 6.62
C SER C 23 26.44 -23.27 6.93
N ASP C 24 26.29 -22.28 7.84
CA ASP C 24 25.02 -21.72 8.28
C ASP C 24 24.91 -20.22 7.95
N LEU C 25 23.72 -19.78 7.52
CA LEU C 25 23.47 -18.39 7.17
C LEU C 25 22.15 -17.94 7.80
N LYS C 26 22.04 -16.66 8.19
CA LYS C 26 20.83 -16.09 8.76
C LYS C 26 20.36 -14.83 8.02
N SER C 27 19.05 -14.55 8.03
CA SER C 27 18.53 -13.25 7.62
C SER C 27 19.09 -12.19 8.54
N PRO C 28 19.14 -10.92 8.13
CA PRO C 28 19.54 -9.82 9.01
C PRO C 28 18.74 -9.73 10.33
N ASP C 29 17.43 -10.03 10.29
CA ASP C 29 16.62 -10.05 11.51
C ASP C 29 16.71 -11.39 12.24
N GLY C 30 17.45 -12.40 11.73
CA GLY C 30 17.62 -13.66 12.48
C GLY C 30 16.44 -14.62 12.38
N ASN C 31 15.35 -14.26 11.69
CA ASN C 31 14.20 -15.17 11.61
C ASN C 31 14.43 -16.35 10.65
N PHE C 32 15.33 -16.22 9.67
CA PHE C 32 15.65 -17.32 8.76
C PHE C 32 17.00 -17.92 9.08
N LEU C 33 17.06 -19.26 9.10
CA LEU C 33 18.33 -19.97 9.10
C LEU C 33 18.38 -20.91 7.89
N MET C 34 19.53 -20.87 7.16
CA MET C 34 19.78 -21.70 5.99
C MET C 34 21.01 -22.55 6.31
N HIS C 35 20.87 -23.90 6.30
CA HIS C 35 22.00 -24.82 6.52
C HIS C 35 22.37 -25.46 5.17
N PHE C 36 23.63 -25.29 4.76
CA PHE C 36 24.20 -25.95 3.60
C PHE C 36 25.08 -27.11 4.06
N SER C 37 24.94 -28.31 3.45
CA SER C 37 25.81 -29.43 3.78
C SER C 37 25.96 -30.35 2.57
N LEU C 38 26.78 -31.40 2.70
CA LEU C 38 26.95 -32.43 1.68
C LEU C 38 26.52 -33.77 2.22
N GLU C 39 25.74 -34.56 1.48
CA GLU C 39 25.47 -35.95 1.86
C GLU C 39 26.79 -36.73 1.76
N ALA C 40 26.83 -37.95 2.28
CA ALA C 40 28.08 -38.69 2.38
C ALA C 40 28.66 -38.90 0.98
N ASP C 41 27.77 -39.06 -0.01
CA ASP C 41 28.19 -39.30 -1.38
C ASP C 41 28.59 -37.98 -2.08
N GLY C 42 28.61 -36.83 -1.38
CA GLY C 42 29.02 -35.56 -1.98
C GLY C 42 27.88 -34.75 -2.66
N THR C 43 26.62 -35.19 -2.51
CA THR C 43 25.48 -34.44 -3.03
C THR C 43 25.32 -33.16 -2.22
N PRO C 44 25.25 -31.96 -2.84
CA PRO C 44 25.01 -30.74 -2.10
C PRO C 44 23.53 -30.61 -1.74
N VAL C 45 23.27 -30.22 -0.48
CA VAL C 45 21.92 -30.05 0.06
C VAL C 45 21.83 -28.72 0.81
N TYR C 46 20.61 -28.14 0.78
CA TYR C 46 20.29 -27.00 1.62
C TYR C 46 18.96 -27.29 2.31
N LYS C 47 18.75 -26.47 3.36
CA LYS C 47 17.60 -26.52 4.23
C LYS C 47 17.32 -25.09 4.70
N LEU C 48 16.04 -24.77 4.86
CA LEU C 48 15.64 -23.42 5.25
C LEU C 48 14.62 -23.50 6.38
N ILE C 49 14.91 -22.74 7.45
CA ILE C 49 14.13 -22.69 8.68
C ILE C 49 13.66 -21.24 8.86
N TYR C 50 12.36 -21.06 9.16
CA TYR C 50 11.75 -19.75 9.44
C TYR C 50 11.08 -19.82 10.81
N LYS C 51 11.53 -18.92 11.71
CA LYS C 51 11.07 -18.84 13.08
C LYS C 51 10.93 -20.24 13.66
N GLY C 52 12.00 -21.02 13.55
CA GLY C 52 12.10 -22.33 14.18
C GLY C 52 11.33 -23.41 13.44
N LYS C 53 10.68 -23.10 12.31
CA LYS C 53 9.93 -24.11 11.58
C LYS C 53 10.59 -24.40 10.21
N ASP C 54 10.61 -25.67 9.82
CA ASP C 54 11.08 -26.10 8.53
C ASP C 54 10.21 -25.52 7.43
N VAL C 55 10.83 -24.91 6.45
CA VAL C 55 10.12 -24.40 5.27
C VAL C 55 10.61 -25.13 4.02
N ILE C 56 11.95 -25.25 3.90
CA ILE C 56 12.56 -26.17 2.95
C ILE C 56 13.37 -27.23 3.71
N LYS C 57 12.92 -28.47 3.64
CA LYS C 57 13.67 -29.57 4.19
C LYS C 57 14.85 -29.89 3.30
N ALA C 58 15.67 -30.84 3.74
CA ALA C 58 16.87 -31.22 3.06
C ALA C 58 16.59 -31.36 1.57
N SER C 59 17.25 -30.55 0.74
CA SER C 59 16.90 -30.39 -0.67
C SER C 59 18.16 -30.44 -1.53
N LYS C 60 18.21 -31.34 -2.54
CA LYS C 60 19.42 -31.52 -3.31
C LYS C 60 19.61 -30.44 -4.37
N LEU C 61 20.87 -30.23 -4.81
CA LEU C 61 21.27 -29.18 -5.75
C LEU C 61 22.20 -29.74 -6.80
N GLY C 62 22.25 -29.12 -7.99
CA GLY C 62 23.15 -29.58 -9.03
C GLY C 62 22.47 -29.75 -10.38
N PHE C 63 23.18 -30.46 -11.31
CA PHE C 63 22.74 -30.63 -12.68
C PHE C 63 23.04 -32.02 -13.19
N THR C 64 22.13 -32.48 -14.05
CA THR C 64 22.40 -33.56 -14.99
C THR C 64 22.87 -32.92 -16.29
N LEU C 65 24.07 -33.26 -16.79
CA LEU C 65 24.59 -32.75 -18.03
C LEU C 65 24.41 -33.76 -19.16
N LYS C 66 24.18 -33.25 -20.39
CA LYS C 66 24.09 -34.13 -21.55
C LYS C 66 25.48 -34.63 -21.96
N ASN C 67 25.55 -35.89 -22.36
CA ASN C 67 26.80 -36.51 -22.84
C ASN C 67 27.88 -36.45 -21.78
N ASP C 68 27.53 -36.89 -20.57
CA ASP C 68 28.39 -36.76 -19.40
C ASP C 68 28.07 -37.87 -18.39
N ASN C 69 28.99 -38.80 -18.24
CA ASN C 69 28.95 -39.87 -17.25
C ASN C 69 28.66 -39.31 -15.87
N LYS C 70 29.42 -38.31 -15.45
CA LYS C 70 29.44 -37.98 -14.03
C LYS C 70 28.37 -36.94 -13.71
N SER C 71 28.17 -35.98 -14.59
CA SER C 71 27.30 -34.86 -14.27
C SER C 71 27.79 -34.14 -13.00
N LEU C 72 26.96 -33.25 -12.45
CA LEU C 72 27.25 -32.33 -11.37
C LEU C 72 26.20 -32.51 -10.25
N LEU C 73 26.12 -33.75 -9.76
CA LEU C 73 25.09 -34.19 -8.86
C LEU C 73 25.68 -34.51 -7.48
N ASN C 74 26.98 -34.77 -7.42
CA ASN C 74 27.56 -35.40 -6.25
C ASN C 74 29.08 -35.39 -6.37
N ASP C 75 29.69 -36.05 -5.37
CA ASP C 75 31.14 -36.23 -5.28
C ASP C 75 31.84 -34.88 -5.15
N PHE C 76 31.11 -33.88 -4.63
CA PHE C 76 31.69 -32.58 -4.35
C PHE C 76 32.29 -32.60 -2.94
N LYS C 77 33.30 -31.76 -2.75
CA LYS C 77 33.73 -31.35 -1.44
C LYS C 77 33.70 -29.83 -1.44
N ILE C 78 33.50 -29.27 -0.26
CA ILE C 78 33.61 -27.83 -0.05
C ILE C 78 35.10 -27.48 -0.09
N GLU C 79 35.46 -26.58 -0.97
CA GLU C 79 36.84 -26.13 -1.12
C GLU C 79 37.00 -24.85 -0.32
N ASP C 80 35.94 -24.02 -0.24
CA ASP C 80 36.06 -22.71 0.37
C ASP C 80 34.65 -22.20 0.65
N THR C 81 34.49 -21.38 1.72
CA THR C 81 33.26 -20.62 1.88
C THR C 81 33.62 -19.15 2.08
N LYS C 82 32.74 -18.25 1.65
CA LYS C 82 32.87 -16.83 1.94
C LYS C 82 31.53 -16.20 2.34
N THR C 83 31.53 -15.31 3.33
CA THR C 83 30.36 -14.59 3.81
C THR C 83 30.56 -13.09 3.62
N SER C 84 29.45 -12.36 3.49
CA SER C 84 29.46 -10.91 3.56
C SER C 84 28.04 -10.43 3.82
N SER C 85 27.86 -9.12 3.93
CA SER C 85 26.60 -8.48 4.19
C SER C 85 26.49 -7.29 3.28
N PHE C 86 25.26 -6.90 3.00
CA PHE C 86 24.96 -5.78 2.12
C PHE C 86 23.66 -5.14 2.63
N ASP C 87 23.61 -3.81 2.62
CA ASP C 87 22.40 -3.06 2.97
C ASP C 87 22.47 -1.70 2.28
N GLU C 88 21.85 -1.58 1.12
CA GLU C 88 21.74 -0.29 0.45
C GLU C 88 20.33 -0.18 -0.11
N ASN C 89 19.95 1.08 -0.36
CA ASN C 89 18.72 1.44 -1.05
C ASN C 89 19.00 1.82 -2.48
N TRP C 90 18.01 1.61 -3.33
CA TRP C 90 18.03 2.09 -4.69
C TRP C 90 16.65 2.65 -5.05
N LYS C 91 16.58 3.54 -6.07
CA LYS C 91 15.39 4.23 -6.51
C LYS C 91 14.87 3.59 -7.79
N PRO C 92 13.71 2.92 -7.77
CA PRO C 92 13.10 2.41 -9.03
C PRO C 92 12.72 3.59 -9.89
N VAL C 93 12.67 3.38 -11.19
CA VAL C 93 12.18 4.39 -12.10
C VAL C 93 10.68 4.56 -11.92
N TRP C 94 9.98 3.44 -11.78
CA TRP C 94 8.56 3.33 -11.54
C TRP C 94 8.41 2.14 -10.61
N GLY C 95 7.36 2.11 -9.79
CA GLY C 95 7.21 1.05 -8.82
C GLY C 95 6.14 1.35 -7.78
N GLU C 96 6.08 0.49 -6.79
CA GLU C 96 5.14 0.53 -5.69
C GLU C 96 5.63 1.44 -4.54
N VAL C 97 6.93 1.75 -4.53
CA VAL C 97 7.55 2.56 -3.48
C VAL C 97 8.61 3.44 -4.13
N SER C 98 8.95 4.55 -3.46
CA SER C 98 9.94 5.49 -4.00
C SER C 98 11.38 4.98 -3.84
N SER C 99 11.61 4.08 -2.87
CA SER C 99 12.92 3.63 -2.47
C SER C 99 12.82 2.18 -2.01
N ILE C 100 13.75 1.34 -2.42
CA ILE C 100 13.69 -0.07 -2.10
C ILE C 100 14.98 -0.43 -1.38
N ARG C 101 14.84 -1.14 -0.26
CA ARG C 101 15.98 -1.58 0.50
C ARG C 101 16.43 -2.97 0.07
N ASN C 102 17.73 -3.09 -0.17
CA ASN C 102 18.36 -4.35 -0.53
C ASN C 102 19.31 -4.73 0.59
N ASN C 103 18.86 -5.67 1.45
CA ASN C 103 19.52 -5.93 2.73
C ASN C 103 19.58 -7.44 2.91
N TYR C 104 20.77 -8.03 2.89
CA TYR C 104 20.89 -9.48 2.95
C TYR C 104 22.22 -9.86 3.57
N ASN C 105 22.31 -11.11 4.02
CA ASN C 105 23.58 -11.79 4.31
C ASN C 105 23.83 -12.86 3.25
N GLU C 106 25.11 -13.01 2.91
CA GLU C 106 25.47 -13.82 1.72
C GLU C 106 26.44 -14.87 2.18
N LEU C 107 26.19 -16.11 1.77
CA LEU C 107 27.18 -17.20 1.83
C LEU C 107 27.46 -17.73 0.43
N ALA C 108 28.74 -17.71 0.04
CA ALA C 108 29.22 -18.27 -1.22
C ALA C 108 29.98 -19.56 -0.94
N VAL C 109 29.45 -20.70 -1.38
CA VAL C 109 30.12 -21.96 -1.17
C VAL C 109 30.83 -22.39 -2.46
N SER C 110 32.16 -22.56 -2.40
CA SER C 110 32.97 -23.02 -3.52
C SER C 110 33.11 -24.53 -3.46
N LEU C 111 32.52 -25.25 -4.42
CA LEU C 111 32.65 -26.68 -4.44
C LEU C 111 33.68 -27.11 -5.48
N SER C 112 34.23 -28.30 -5.25
CA SER C 112 35.10 -28.99 -6.18
C SER C 112 34.71 -30.47 -6.26
N GLN C 113 34.54 -30.94 -7.48
CA GLN C 113 34.17 -32.33 -7.69
C GLN C 113 35.47 -33.13 -7.78
N LYS C 114 35.47 -34.28 -7.12
CA LYS C 114 36.58 -35.22 -7.24
C LYS C 114 36.58 -35.81 -8.63
N GLU C 115 37.75 -36.31 -9.07
CA GLU C 115 37.99 -36.93 -10.36
C GLU C 115 38.06 -35.86 -11.46
N THR C 116 37.03 -35.04 -11.62
CA THR C 116 36.99 -34.06 -12.69
C THR C 116 37.66 -32.74 -12.31
N ASP C 117 37.75 -32.47 -10.99
CA ASP C 117 38.14 -31.18 -10.42
C ASP C 117 37.38 -29.98 -10.98
N ARG C 118 36.10 -30.17 -11.34
CA ARG C 118 35.30 -29.07 -11.81
C ARG C 118 34.74 -28.26 -10.63
N LYS C 119 34.65 -26.93 -10.85
CA LYS C 119 34.32 -25.96 -9.82
C LYS C 119 32.89 -25.47 -10.04
N MET C 120 32.12 -25.45 -8.96
CA MET C 120 30.79 -24.89 -8.97
C MET C 120 30.59 -24.13 -7.66
N ILE C 121 30.18 -22.86 -7.77
CA ILE C 121 29.89 -22.01 -6.63
C ILE C 121 28.38 -21.99 -6.47
N ILE C 122 27.89 -22.21 -5.24
CA ILE C 122 26.50 -21.93 -4.88
C ILE C 122 26.48 -20.70 -3.97
N ARG C 123 25.81 -19.66 -4.45
CA ARG C 123 25.74 -18.37 -3.78
C ARG C 123 24.35 -18.24 -3.16
N PHE C 124 24.29 -18.06 -1.84
CA PHE C 124 23.05 -17.84 -1.12
C PHE C 124 22.93 -16.40 -0.59
N ARG C 125 21.73 -15.81 -0.77
CA ARG C 125 21.40 -14.55 -0.13
C ARG C 125 20.11 -14.70 0.65
N LEU C 126 20.24 -14.35 1.95
CA LEU C 126 19.15 -14.48 2.88
C LEU C 126 18.74 -13.08 3.34
N PHE C 127 17.50 -12.76 2.99
CA PHE C 127 16.84 -11.52 3.34
C PHE C 127 15.79 -11.76 4.42
N ASP C 128 15.25 -10.65 4.96
CA ASP C 128 14.16 -10.78 5.93
C ASP C 128 12.93 -11.38 5.27
N ASP C 129 12.84 -11.38 3.94
CA ASP C 129 11.72 -11.89 3.17
C ASP C 129 11.95 -13.33 2.71
N GLY C 130 13.18 -13.84 2.87
CA GLY C 130 13.49 -15.21 2.48
C GLY C 130 14.80 -15.38 1.70
N LEU C 131 14.83 -16.47 0.92
CA LEU C 131 16.07 -16.93 0.33
C LEU C 131 16.12 -16.76 -1.17
N GLY C 132 17.30 -16.35 -1.65
CA GLY C 132 17.70 -16.56 -3.04
C GLY C 132 19.00 -17.34 -3.15
N PHE C 133 19.09 -18.22 -4.16
CA PHE C 133 20.38 -18.84 -4.42
C PHE C 133 20.60 -19.07 -5.89
N ARG C 134 21.87 -19.13 -6.27
CA ARG C 134 22.15 -19.49 -7.66
C ARG C 134 23.45 -20.28 -7.74
N TYR C 135 23.65 -20.87 -8.94
CA TYR C 135 24.89 -21.52 -9.23
C TYR C 135 25.75 -20.66 -10.13
N GLU C 136 27.08 -20.77 -9.90
CA GLU C 136 28.04 -20.04 -10.71
C GLU C 136 29.17 -20.99 -11.08
N PHE C 137 29.66 -20.84 -12.33
CA PHE C 137 30.79 -21.63 -12.83
C PHE C 137 31.90 -20.67 -13.17
N PRO C 138 33.00 -20.63 -12.43
CA PRO C 138 34.11 -19.77 -12.80
C PRO C 138 34.86 -20.36 -13.98
N GLN C 139 35.67 -19.50 -14.60
CA GLN C 139 36.55 -19.96 -15.69
C GLN C 139 37.38 -21.12 -15.15
N GLN C 140 37.44 -22.23 -15.87
CA GLN C 140 38.20 -23.37 -15.41
C GLN C 140 38.64 -24.20 -16.62
N ASN C 141 39.58 -25.12 -16.36
CA ASN C 141 40.21 -25.86 -17.43
C ASN C 141 39.39 -27.04 -17.89
N ASN C 142 38.52 -27.59 -17.04
CA ASN C 142 37.86 -28.84 -17.35
C ASN C 142 36.35 -28.65 -17.50
N LEU C 143 35.91 -27.39 -17.68
CA LEU C 143 34.52 -27.11 -17.94
C LEU C 143 34.46 -25.78 -18.66
N ILE C 144 34.13 -25.87 -19.93
CA ILE C 144 34.05 -24.71 -20.79
C ILE C 144 32.67 -24.72 -21.43
N TYR C 145 32.47 -25.42 -22.56
CA TYR C 145 31.15 -25.50 -23.20
C TYR C 145 30.44 -26.72 -22.63
N PHE C 146 29.19 -26.57 -22.22
CA PHE C 146 28.48 -27.75 -21.71
C PHE C 146 26.98 -27.52 -21.87
N THR C 147 26.23 -28.61 -21.79
CA THR C 147 24.82 -28.60 -21.99
C THR C 147 24.10 -29.20 -20.79
N ILE C 148 23.17 -28.45 -20.26
CA ILE C 148 22.34 -28.94 -19.16
C ILE C 148 21.24 -29.82 -19.74
N LYS C 149 21.20 -31.07 -19.31
CA LYS C 149 20.10 -31.91 -19.71
C LYS C 149 18.88 -31.71 -18.79
N GLU C 150 19.09 -31.69 -17.46
CA GLU C 150 18.10 -31.26 -16.48
C GLU C 150 18.81 -30.49 -15.37
N GLU C 151 18.22 -29.41 -14.85
CA GLU C 151 18.64 -28.87 -13.55
C GLU C 151 18.07 -29.77 -12.43
N ARG C 152 18.86 -30.01 -11.37
CA ARG C 152 18.42 -30.86 -10.26
C ARG C 152 18.47 -30.03 -8.95
N THR C 153 17.62 -29.01 -8.93
CA THR C 153 17.37 -28.18 -7.77
C THR C 153 16.03 -28.55 -7.13
N GLN C 154 16.09 -28.89 -5.83
CA GLN C 154 14.91 -29.34 -5.13
C GLN C 154 14.42 -28.31 -4.15
N PHE C 155 13.13 -28.44 -3.87
CA PHE C 155 12.45 -27.70 -2.82
C PHE C 155 11.54 -28.68 -2.08
N ALA C 156 12.07 -29.33 -1.04
CA ALA C 156 11.36 -30.32 -0.26
C ALA C 156 10.45 -29.58 0.74
N MET C 157 9.13 -29.85 0.60
CA MET C 157 8.15 -29.21 1.45
C MET C 157 8.00 -30.01 2.75
N ALA C 158 7.56 -29.33 3.81
CA ALA C 158 7.43 -29.93 5.13
C ALA C 158 6.09 -30.67 5.22
N GLY C 159 5.14 -30.40 4.31
CA GLY C 159 3.97 -31.26 4.26
C GLY C 159 3.05 -30.94 3.09
N ASP C 160 1.79 -31.31 3.21
CA ASP C 160 0.80 -31.28 2.13
C ASP C 160 0.14 -29.90 2.09
N HIS C 161 0.89 -28.91 1.63
CA HIS C 161 0.42 -27.55 1.65
C HIS C 161 -0.80 -27.40 0.74
N THR C 162 -1.51 -26.27 0.94
CA THR C 162 -2.38 -25.74 -0.10
C THR C 162 -1.51 -25.04 -1.13
N ALA C 163 -1.81 -25.25 -2.43
CA ALA C 163 -1.12 -24.55 -3.49
C ALA C 163 -2.12 -23.83 -4.40
N TYR C 164 -1.61 -22.73 -5.00
CA TYR C 164 -2.35 -21.94 -5.95
C TYR C 164 -1.54 -21.98 -7.24
N TRP C 165 -1.99 -22.84 -8.20
CA TRP C 165 -1.12 -23.36 -9.23
C TRP C 165 -1.80 -23.39 -10.61
N ILE C 166 -0.93 -23.33 -11.64
CA ILE C 166 -1.34 -23.60 -13.03
C ILE C 166 -0.46 -24.70 -13.61
N PRO C 167 -1.01 -25.47 -14.59
CA PRO C 167 -0.22 -26.52 -15.22
C PRO C 167 1.10 -26.08 -15.81
N GLY C 168 2.15 -26.87 -15.56
CA GLY C 168 3.43 -26.77 -16.22
C GLY C 168 3.28 -26.76 -17.73
N ASP C 169 3.81 -25.69 -18.38
CA ASP C 169 3.65 -25.62 -19.83
C ASP C 169 4.80 -24.82 -20.42
N TYR C 170 5.31 -25.30 -21.58
CA TYR C 170 6.42 -24.69 -22.29
C TYR C 170 5.97 -23.53 -23.18
N ASP C 171 4.66 -23.32 -23.37
CA ASP C 171 4.18 -22.38 -24.40
C ASP C 171 3.12 -21.38 -23.94
N THR C 172 2.39 -21.66 -22.86
CA THR C 172 1.43 -20.70 -22.37
C THR C 172 1.29 -20.73 -20.84
N GLN C 173 0.95 -19.57 -20.27
CA GLN C 173 0.57 -19.45 -18.87
C GLN C 173 -0.90 -19.00 -18.77
N GLU C 174 -1.70 -19.08 -19.85
CA GLU C 174 -3.02 -18.47 -19.90
C GLU C 174 -4.11 -19.35 -19.30
N TYR C 175 -3.83 -19.92 -18.11
CA TYR C 175 -4.75 -20.83 -17.42
C TYR C 175 -5.37 -20.16 -16.21
N ASN C 176 -6.60 -20.57 -15.90
CA ASN C 176 -7.17 -20.36 -14.57
C ASN C 176 -6.34 -21.14 -13.55
N TYR C 177 -6.19 -20.53 -12.37
CA TYR C 177 -5.49 -21.14 -11.24
C TYR C 177 -6.39 -22.20 -10.67
N SER C 178 -5.81 -23.22 -10.03
CA SER C 178 -6.52 -24.13 -9.17
C SER C 178 -5.95 -23.95 -7.75
N THR C 179 -6.84 -24.14 -6.77
CA THR C 179 -6.49 -24.10 -5.37
C THR C 179 -6.69 -25.49 -4.83
N SER C 180 -5.63 -26.15 -4.36
CA SER C 180 -5.79 -27.51 -3.86
C SER C 180 -4.61 -27.87 -2.98
N LYS C 181 -4.68 -29.04 -2.37
CA LYS C 181 -3.50 -29.56 -1.71
C LYS C 181 -2.53 -30.11 -2.76
N LEU C 182 -1.28 -30.22 -2.35
CA LEU C 182 -0.23 -30.81 -3.20
C LEU C 182 -0.66 -32.21 -3.60
N SER C 183 -1.23 -32.94 -2.66
CA SER C 183 -1.64 -34.33 -2.90
C SER C 183 -2.80 -34.44 -3.88
N GLU C 184 -3.44 -33.31 -4.27
CA GLU C 184 -4.62 -33.36 -5.11
C GLU C 184 -4.30 -32.92 -6.54
N ILE C 185 -3.09 -32.39 -6.74
CA ILE C 185 -2.74 -31.79 -8.02
C ILE C 185 -2.90 -32.82 -9.14
N ARG C 186 -2.37 -34.02 -8.91
CA ARG C 186 -2.38 -35.07 -9.91
C ARG C 186 -3.83 -35.28 -10.39
N GLY C 187 -4.74 -35.46 -9.43
CA GLY C 187 -6.13 -35.75 -9.74
C GLY C 187 -6.84 -34.59 -10.46
N LEU C 188 -6.46 -33.35 -10.17
CA LEU C 188 -7.11 -32.19 -10.77
C LEU C 188 -6.51 -31.81 -12.14
N MET C 189 -5.36 -32.38 -12.49
CA MET C 189 -4.55 -31.85 -13.59
C MET C 189 -5.31 -31.91 -14.93
N GLU C 190 -6.04 -33.00 -15.21
CA GLU C 190 -6.76 -33.15 -16.48
C GLU C 190 -7.76 -32.02 -16.70
N LYS C 191 -8.48 -31.63 -15.65
CA LYS C 191 -9.40 -30.50 -15.68
C LYS C 191 -8.69 -29.12 -15.78
N ALA C 192 -7.61 -28.90 -14.99
CA ALA C 192 -6.92 -27.61 -14.97
C ALA C 192 -6.26 -27.26 -16.33
N TYR C 193 -5.81 -28.32 -17.07
CA TYR C 193 -5.11 -28.26 -18.35
C TYR C 193 -6.16 -28.09 -19.45
N THR C 194 -6.80 -26.91 -19.50
CA THR C 194 -7.78 -26.59 -20.51
C THR C 194 -7.07 -26.45 -21.89
N LYS C 195 -7.74 -26.96 -22.95
CA LYS C 195 -7.21 -27.06 -24.31
C LYS C 195 -7.74 -25.91 -25.19
N GLY C 196 -7.29 -25.85 -26.44
CA GLY C 196 -7.72 -24.86 -27.41
C GLY C 196 -6.94 -23.53 -27.38
N ASN C 197 -5.79 -23.48 -26.67
CA ASN C 197 -4.77 -22.44 -26.88
C ASN C 197 -4.08 -22.65 -28.25
N ALA C 198 -3.78 -21.55 -28.96
CA ALA C 198 -2.91 -21.51 -30.16
C ALA C 198 -1.61 -22.33 -29.99
N SER C 199 -1.10 -22.44 -28.75
CA SER C 199 0.21 -23.01 -28.47
C SER C 199 0.26 -23.38 -26.97
N GLN C 200 0.37 -24.69 -26.66
CA GLN C 200 0.51 -25.18 -25.30
C GLN C 200 1.15 -26.57 -25.35
N THR C 201 2.09 -26.82 -24.42
CA THR C 201 2.75 -28.11 -24.32
C THR C 201 3.00 -28.45 -22.84
N SER C 202 2.29 -29.46 -22.30
CA SER C 202 2.42 -29.89 -20.91
C SER C 202 3.66 -30.78 -20.79
N PHE C 203 3.94 -31.28 -19.57
CA PHE C 203 5.16 -32.09 -19.46
C PHE C 203 5.05 -33.16 -18.39
N SER C 204 4.16 -33.02 -17.40
CA SER C 204 4.04 -34.01 -16.35
C SER C 204 2.63 -34.00 -15.80
N PRO C 205 2.15 -35.17 -15.31
CA PRO C 205 0.90 -35.17 -14.55
C PRO C 205 0.93 -34.35 -13.25
N THR C 206 2.13 -33.96 -12.79
CA THR C 206 2.26 -33.14 -11.57
C THR C 206 3.18 -31.96 -11.81
N GLY C 207 3.18 -31.45 -13.06
CA GLY C 207 4.00 -30.29 -13.37
C GLY C 207 3.25 -29.00 -13.15
N VAL C 208 3.92 -27.98 -12.53
CA VAL C 208 3.28 -26.70 -12.30
C VAL C 208 4.25 -25.61 -12.68
N GLN C 209 3.73 -24.41 -12.87
CA GLN C 209 4.60 -23.29 -13.19
C GLN C 209 5.02 -22.57 -11.91
N THR C 210 5.94 -21.64 -12.08
CA THR C 210 6.24 -20.61 -11.10
C THR C 210 5.89 -19.25 -11.70
N SER C 211 5.70 -18.23 -10.84
CA SER C 211 5.71 -18.27 -9.40
C SER C 211 4.62 -19.17 -8.83
N LEU C 212 4.99 -20.08 -7.91
CA LEU C 212 4.02 -20.97 -7.30
C LEU C 212 3.76 -20.53 -5.84
N MET C 213 2.49 -20.33 -5.49
CA MET C 213 2.16 -19.88 -4.16
C MET C 213 1.60 -21.04 -3.34
N MET C 214 1.99 -21.06 -2.05
CA MET C 214 1.52 -22.10 -1.17
C MET C 214 1.21 -21.50 0.20
N LYS C 215 0.40 -22.28 0.95
CA LYS C 215 0.08 -21.97 2.32
C LYS C 215 0.14 -23.28 3.06
N SER C 216 1.01 -23.39 4.08
CA SER C 216 1.10 -24.58 4.90
C SER C 216 -0.10 -24.69 5.84
N GLN C 217 -0.28 -25.91 6.36
CA GLN C 217 -1.30 -26.18 7.36
C GLN C 217 -1.14 -25.33 8.60
N ASP C 218 0.08 -24.94 8.96
CA ASP C 218 0.32 -24.17 10.18
C ASP C 218 0.40 -22.66 9.83
N GLY C 219 0.00 -22.28 8.62
CA GLY C 219 -0.14 -20.86 8.28
C GLY C 219 1.11 -20.14 7.75
N LEU C 220 2.13 -20.86 7.23
CA LEU C 220 3.19 -20.17 6.53
C LEU C 220 2.80 -19.99 5.05
N TYR C 221 3.10 -18.81 4.55
CA TYR C 221 2.98 -18.46 3.17
C TYR C 221 4.36 -18.67 2.55
N ILE C 222 4.40 -19.53 1.50
CA ILE C 222 5.63 -19.92 0.84
C ILE C 222 5.47 -19.79 -0.67
N ASN C 223 6.40 -19.04 -1.26
CA ASN C 223 6.40 -18.72 -2.68
C ASN C 223 7.70 -19.28 -3.28
N LEU C 224 7.58 -20.10 -4.35
CA LEU C 224 8.74 -20.57 -5.10
C LEU C 224 8.79 -19.90 -6.46
N HIS C 225 9.95 -19.31 -6.75
CA HIS C 225 10.06 -18.66 -8.05
C HIS C 225 11.53 -18.61 -8.46
N GLU C 226 11.85 -17.68 -9.37
CA GLU C 226 13.24 -17.43 -9.78
C GLU C 226 13.37 -15.94 -10.06
N ALA C 227 14.62 -15.48 -10.21
CA ALA C 227 14.94 -14.07 -10.48
C ALA C 227 16.12 -13.99 -11.45
N ALA C 228 16.06 -13.03 -12.37
CA ALA C 228 17.14 -12.73 -13.30
C ALA C 228 17.30 -13.88 -14.32
N LEU C 229 16.16 -14.28 -14.94
CA LEU C 229 16.14 -15.29 -15.99
C LEU C 229 16.75 -14.68 -17.27
N ILE C 230 18.06 -14.89 -17.42
CA ILE C 230 18.89 -14.38 -18.47
C ILE C 230 19.82 -15.50 -18.93
N ASN C 231 19.89 -15.67 -20.26
CA ASN C 231 20.77 -16.63 -20.90
C ASN C 231 20.53 -18.01 -20.31
N TYR C 232 19.25 -18.40 -20.19
CA TYR C 232 18.91 -19.64 -19.47
C TYR C 232 17.48 -19.99 -19.80
N SER C 233 17.11 -21.25 -19.62
CA SER C 233 15.75 -21.74 -19.85
C SER C 233 14.81 -21.49 -18.66
N CYS C 234 13.56 -21.12 -18.94
CA CYS C 234 12.55 -20.93 -17.92
C CYS C 234 12.37 -22.16 -17.02
N MET C 235 12.35 -21.91 -15.68
CA MET C 235 12.12 -22.97 -14.70
C MET C 235 10.63 -23.18 -14.41
N HIS C 236 10.23 -24.45 -14.54
CA HIS C 236 8.98 -24.97 -14.03
C HIS C 236 9.30 -25.87 -12.83
N LEU C 237 8.26 -26.43 -12.20
CA LEU C 237 8.51 -27.35 -11.11
C LEU C 237 7.73 -28.61 -11.39
N ASN C 238 8.36 -29.73 -11.01
CA ASN C 238 7.74 -31.03 -11.10
C ASN C 238 7.58 -31.58 -9.70
N LEU C 239 6.33 -31.94 -9.35
CA LEU C 239 6.07 -32.34 -7.97
C LEU C 239 6.17 -33.86 -7.82
N ASP C 240 7.00 -34.29 -6.88
CA ASP C 240 6.94 -35.66 -6.38
C ASP C 240 5.90 -35.64 -5.25
N ASP C 241 4.68 -36.14 -5.54
CA ASP C 241 3.55 -35.99 -4.62
C ASP C 241 3.50 -37.13 -3.59
N LYS C 242 4.50 -37.98 -3.59
CA LYS C 242 4.65 -38.97 -2.53
C LYS C 242 5.39 -38.33 -1.34
N ASN C 243 6.54 -37.67 -1.58
CA ASN C 243 7.33 -37.02 -0.55
C ASN C 243 7.19 -35.50 -0.53
N PHE C 244 6.39 -34.92 -1.43
CA PHE C 244 6.14 -33.48 -1.39
C PHE C 244 7.45 -32.70 -1.65
N VAL C 245 8.15 -33.13 -2.70
CA VAL C 245 9.36 -32.45 -3.13
C VAL C 245 9.13 -31.88 -4.53
N PHE C 246 9.30 -30.56 -4.69
CA PHE C 246 9.39 -29.97 -6.01
C PHE C 246 10.84 -30.04 -6.55
N GLU C 247 10.95 -30.20 -7.88
CA GLU C 247 12.26 -30.22 -8.53
C GLU C 247 12.21 -29.43 -9.84
N SER C 248 13.21 -28.56 -10.00
CA SER C 248 13.36 -27.75 -11.19
C SER C 248 13.18 -28.60 -12.45
N TRP C 249 12.25 -28.18 -13.30
CA TRP C 249 12.07 -28.79 -14.62
C TRP C 249 12.16 -27.69 -15.66
N LEU C 250 13.30 -27.55 -16.34
CA LEU C 250 13.50 -26.40 -17.21
C LEU C 250 12.84 -26.69 -18.57
N THR C 251 12.73 -25.66 -19.39
CA THR C 251 12.00 -25.75 -20.66
C THR C 251 12.97 -26.21 -21.78
N PRO C 252 12.68 -27.29 -22.52
CA PRO C 252 13.51 -27.75 -23.62
C PRO C 252 13.47 -26.75 -24.77
N ASP C 253 14.60 -26.68 -25.48
CA ASP C 253 14.70 -25.89 -26.68
C ASP C 253 14.26 -26.78 -27.84
N SER C 254 14.51 -26.29 -29.07
CA SER C 254 14.04 -27.02 -30.23
C SER C 254 14.79 -28.32 -30.42
N HIS C 255 15.93 -28.51 -29.75
CA HIS C 255 16.73 -29.71 -29.90
C HIS C 255 16.52 -30.59 -28.66
N GLY C 256 15.66 -30.19 -27.74
CA GLY C 256 15.46 -31.02 -26.55
C GLY C 256 16.38 -30.67 -25.38
N ASP C 257 17.21 -29.63 -25.50
CA ASP C 257 18.21 -29.35 -24.48
C ASP C 257 17.65 -28.28 -23.52
N LYS C 258 18.33 -28.16 -22.35
CA LYS C 258 17.83 -27.31 -21.28
C LYS C 258 18.90 -26.34 -20.78
N GLY C 259 19.75 -25.89 -21.70
CA GLY C 259 20.73 -24.86 -21.43
C GLY C 259 22.08 -25.13 -22.08
N LYS C 260 22.44 -24.34 -23.07
CA LYS C 260 23.72 -24.37 -23.74
C LYS C 260 24.57 -23.35 -23.04
N MET C 261 25.50 -23.83 -22.22
CA MET C 261 26.24 -23.00 -21.30
C MET C 261 27.69 -22.90 -21.78
N GLN C 262 28.34 -21.83 -21.31
CA GLN C 262 29.77 -21.57 -21.47
C GLN C 262 30.30 -20.91 -20.20
N ALA C 263 31.11 -21.62 -19.40
CA ALA C 263 31.80 -21.03 -18.23
C ALA C 263 32.85 -20.02 -18.70
N PRO C 264 33.00 -18.85 -18.04
CA PRO C 264 32.24 -18.48 -16.83
C PRO C 264 30.80 -18.03 -17.07
N CYS C 265 29.90 -18.54 -16.25
CA CYS C 265 28.45 -18.32 -16.42
C CYS C 265 27.73 -18.61 -15.11
N LYS C 266 26.46 -18.27 -15.04
CA LYS C 266 25.68 -18.49 -13.80
C LYS C 266 24.20 -18.68 -14.12
N THR C 267 23.51 -19.45 -13.29
CA THR C 267 22.07 -19.57 -13.35
C THR C 267 21.37 -18.32 -12.82
N PRO C 268 20.07 -18.17 -13.18
CA PRO C 268 19.19 -17.29 -12.44
C PRO C 268 19.13 -17.75 -10.99
N TRP C 269 18.67 -16.85 -10.15
CA TRP C 269 18.43 -17.18 -8.74
C TRP C 269 17.14 -17.98 -8.61
N ARG C 270 17.16 -18.90 -7.64
CA ARG C 270 15.95 -19.58 -7.22
C ARG C 270 15.53 -18.94 -5.89
N THR C 271 14.23 -18.63 -5.75
CA THR C 271 13.73 -17.85 -4.63
C THR C 271 12.65 -18.60 -3.86
N VAL C 272 12.77 -18.47 -2.52
CA VAL C 272 11.82 -18.98 -1.54
C VAL C 272 11.47 -17.79 -0.66
N ILE C 273 10.33 -17.16 -1.00
CA ILE C 273 9.82 -16.02 -0.27
C ILE C 273 8.80 -16.53 0.73
N VAL C 274 8.98 -16.15 2.01
CA VAL C 274 8.24 -16.78 3.08
C VAL C 274 7.85 -15.74 4.13
N SER C 275 6.66 -15.88 4.68
CA SER C 275 6.25 -15.11 5.85
C SER C 275 5.04 -15.83 6.50
N ASP C 276 4.80 -15.51 7.78
CA ASP C 276 3.58 -15.87 8.49
C ASP C 276 2.48 -14.84 8.23
N ASP C 277 2.78 -13.79 7.44
CA ASP C 277 1.83 -12.75 7.06
C ASP C 277 1.78 -12.67 5.55
N ALA C 278 0.60 -13.06 4.96
CA ALA C 278 0.48 -13.09 3.50
C ALA C 278 0.79 -11.75 2.84
N ARG C 279 0.53 -10.67 3.57
CA ARG C 279 0.77 -9.34 3.00
C ARG C 279 2.26 -9.13 2.70
N ASN C 280 3.14 -9.76 3.44
CA ASN C 280 4.58 -9.56 3.24
C ASN C 280 5.08 -10.22 1.96
N ILE C 281 4.40 -11.29 1.51
CA ILE C 281 4.69 -11.87 0.20
C ILE C 281 4.48 -10.78 -0.84
N LEU C 282 3.31 -10.14 -0.83
CA LEU C 282 2.97 -9.12 -1.80
C LEU C 282 3.91 -7.94 -1.71
N ALA C 283 4.32 -7.55 -0.50
CA ALA C 283 5.17 -6.39 -0.31
C ALA C 283 6.63 -6.63 -0.73
N SER C 284 7.06 -7.88 -0.76
CA SER C 284 8.46 -8.18 -0.99
C SER C 284 9.03 -7.58 -2.26
N LYS C 285 10.27 -7.09 -2.22
CA LYS C 285 11.05 -6.69 -3.39
C LYS C 285 12.26 -7.59 -3.62
N LEU C 286 12.27 -8.77 -3.00
CA LEU C 286 13.37 -9.70 -3.07
C LEU C 286 13.71 -10.02 -4.54
N THR C 287 12.67 -10.28 -5.37
CA THR C 287 12.86 -10.57 -6.79
C THR C 287 13.64 -9.46 -7.46
N TYR C 288 13.26 -8.21 -7.25
CA TYR C 288 13.96 -7.12 -7.91
C TYR C 288 15.36 -6.94 -7.35
N ASN C 289 15.51 -7.18 -6.04
CA ASN C 289 16.81 -7.00 -5.38
C ASN C 289 17.84 -7.94 -5.95
N LEU C 290 17.42 -9.11 -6.45
CA LEU C 290 18.34 -10.09 -6.99
C LEU C 290 18.64 -9.85 -8.49
N ASN C 291 18.13 -8.77 -9.10
CA ASN C 291 18.52 -8.39 -10.46
C ASN C 291 19.55 -7.28 -10.37
N GLU C 292 20.35 -7.19 -11.43
CA GLU C 292 21.42 -6.19 -11.49
C GLU C 292 20.83 -4.79 -11.56
N PRO C 293 21.49 -3.75 -10.99
CA PRO C 293 21.05 -2.37 -11.09
C PRO C 293 20.82 -1.94 -12.53
N SER C 294 19.97 -0.91 -12.68
CA SER C 294 19.58 -0.36 -13.97
C SER C 294 20.77 -0.27 -14.91
N LYS C 295 20.64 -0.77 -16.15
CA LYS C 295 21.59 -0.46 -17.18
C LYS C 295 21.12 0.68 -18.06
N ILE C 296 20.02 1.35 -17.73
CA ILE C 296 19.66 2.52 -18.49
C ILE C 296 20.05 3.74 -17.66
N GLN C 297 20.95 4.58 -18.17
CA GLN C 297 21.52 5.68 -17.36
C GLN C 297 20.55 6.82 -17.19
N GLU C 298 19.96 7.28 -18.31
CA GLU C 298 18.99 8.36 -18.33
C GLU C 298 17.59 7.76 -18.56
N THR C 299 16.67 7.92 -17.60
CA THR C 299 15.45 7.16 -17.57
C THR C 299 14.20 8.03 -17.64
N SER C 300 14.32 9.36 -17.83
CA SER C 300 13.15 10.21 -17.83
C SER C 300 12.24 9.93 -19.03
N TRP C 301 12.71 9.20 -20.05
CA TRP C 301 11.87 8.92 -21.23
C TRP C 301 10.90 7.77 -20.92
N ILE C 302 11.20 7.04 -19.84
CA ILE C 302 10.35 5.94 -19.43
C ILE C 302 9.16 6.49 -18.63
N LYS C 303 7.92 6.28 -19.11
CA LYS C 303 6.74 6.95 -18.57
C LYS C 303 5.62 5.97 -18.25
N PRO C 304 5.31 5.78 -16.96
CA PRO C 304 4.07 5.08 -16.58
C PRO C 304 2.93 5.72 -17.37
N THR C 305 1.97 4.90 -17.80
CA THR C 305 1.04 5.27 -18.84
C THR C 305 -0.35 4.71 -18.47
N LYS C 306 -1.35 5.55 -18.55
CA LYS C 306 -2.72 5.06 -18.54
C LYS C 306 -3.25 5.12 -19.98
N TYR C 307 -3.95 4.09 -20.47
CA TYR C 307 -4.29 4.08 -21.87
C TYR C 307 -5.67 3.51 -22.12
N VAL C 308 -6.20 3.81 -23.31
CA VAL C 308 -7.37 3.14 -23.88
C VAL C 308 -6.91 2.53 -25.19
N GLY C 309 -7.81 1.89 -25.92
CA GLY C 309 -7.39 1.42 -27.23
C GLY C 309 -8.48 0.77 -28.07
N VAL C 310 -8.18 0.74 -29.39
CA VAL C 310 -8.94 -0.04 -30.34
C VAL C 310 -8.39 -1.43 -30.16
N TRP C 311 -9.14 -2.23 -29.40
CA TRP C 311 -8.60 -3.45 -28.85
C TRP C 311 -9.74 -4.37 -28.44
N TRP C 312 -10.45 -4.01 -27.35
CA TRP C 312 -11.58 -4.79 -26.87
C TRP C 312 -12.63 -5.02 -27.97
N GLU C 313 -12.85 -4.05 -28.85
CA GLU C 313 -13.73 -4.29 -30.01
C GLU C 313 -13.45 -5.61 -30.73
N MET C 314 -12.15 -5.89 -30.97
CA MET C 314 -11.81 -7.09 -31.72
C MET C 314 -11.87 -8.29 -30.77
N ILE C 315 -11.42 -8.13 -29.54
CA ILE C 315 -11.37 -9.24 -28.58
C ILE C 315 -12.78 -9.72 -28.25
N SER C 316 -13.75 -8.80 -28.16
CA SER C 316 -15.12 -9.10 -27.79
C SER C 316 -16.05 -9.30 -28.98
N GLY C 317 -15.50 -9.41 -30.19
CA GLY C 317 -16.22 -9.88 -31.35
C GLY C 317 -17.04 -8.79 -32.05
N LYS C 318 -16.75 -7.54 -31.81
CA LYS C 318 -17.45 -6.50 -32.52
C LYS C 318 -16.78 -6.10 -33.84
N SER C 319 -15.46 -6.15 -33.92
CA SER C 319 -14.68 -5.68 -35.07
C SER C 319 -13.59 -6.71 -35.37
N THR C 320 -12.90 -6.53 -36.51
CA THR C 320 -11.82 -7.43 -36.88
C THR C 320 -10.48 -6.68 -36.88
N TRP C 321 -9.39 -7.44 -36.68
CA TRP C 321 -8.04 -6.93 -36.92
C TRP C 321 -7.80 -6.85 -38.44
N SER C 322 -8.45 -7.74 -39.21
CA SER C 322 -8.29 -7.84 -40.67
C SER C 322 -9.03 -6.71 -41.35
N TYR C 323 -8.50 -6.31 -42.53
CA TYR C 323 -9.08 -5.31 -43.38
C TYR C 323 -10.02 -5.90 -44.45
N THR C 324 -9.67 -7.07 -45.04
CA THR C 324 -10.45 -7.63 -46.13
C THR C 324 -10.66 -9.11 -45.88
N ASP C 325 -11.78 -9.58 -46.41
CA ASP C 325 -12.16 -10.98 -46.43
C ASP C 325 -12.07 -11.51 -47.84
N GLU C 326 -11.53 -10.75 -48.80
CA GLU C 326 -11.63 -11.20 -50.18
C GLU C 326 -10.77 -12.44 -50.48
N PHE C 327 -9.71 -12.69 -49.69
CA PHE C 327 -8.71 -13.66 -50.06
C PHE C 327 -8.69 -14.87 -49.13
N PRO C 328 -8.49 -16.10 -49.62
CA PRO C 328 -8.26 -17.26 -48.77
C PRO C 328 -7.03 -17.10 -47.87
N SER C 329 -5.99 -16.37 -48.29
CA SER C 329 -4.87 -16.04 -47.42
C SER C 329 -4.19 -14.85 -48.10
N VAL C 330 -3.16 -14.24 -47.52
CA VAL C 330 -2.55 -13.07 -48.14
C VAL C 330 -1.05 -13.32 -48.22
N GLN C 331 -0.40 -12.58 -49.12
CA GLN C 331 1.05 -12.65 -49.27
C GLN C 331 1.54 -11.22 -49.32
N LEU C 332 2.21 -10.78 -48.26
CA LEU C 332 2.61 -9.37 -48.22
C LEU C 332 3.56 -9.05 -49.37
N GLY C 333 3.37 -7.86 -50.00
CA GLY C 333 4.10 -7.48 -51.19
C GLY C 333 3.49 -8.08 -52.46
N VAL C 334 2.53 -9.01 -52.35
CA VAL C 334 1.87 -9.51 -53.56
C VAL C 334 0.42 -9.08 -53.48
N THR C 335 -0.27 -9.42 -52.38
CA THR C 335 -1.62 -8.91 -52.15
C THR C 335 -1.62 -7.39 -52.17
N ASP C 336 -2.50 -6.81 -52.99
CA ASP C 336 -2.62 -5.37 -53.11
C ASP C 336 -3.85 -4.98 -52.29
N PHE C 337 -3.57 -4.50 -51.04
CA PHE C 337 -4.63 -4.18 -50.09
C PHE C 337 -5.38 -2.93 -50.55
N SER C 338 -4.70 -2.00 -51.26
CA SER C 338 -5.34 -0.77 -51.75
C SER C 338 -6.49 -1.10 -52.70
N LYS C 339 -6.47 -2.27 -53.36
CA LYS C 339 -7.54 -2.66 -54.28
C LYS C 339 -8.43 -3.76 -53.71
N ALA C 340 -8.20 -4.24 -52.47
CA ALA C 340 -9.02 -5.31 -51.94
C ALA C 340 -10.32 -4.70 -51.44
N LYS C 341 -11.39 -5.52 -51.47
CA LYS C 341 -12.68 -5.14 -50.91
C LYS C 341 -12.59 -5.06 -49.38
N PRO C 342 -12.87 -3.87 -48.80
CA PRO C 342 -12.89 -3.75 -47.35
C PRO C 342 -13.98 -4.66 -46.80
N ASN C 343 -13.71 -5.42 -45.75
CA ASN C 343 -14.75 -6.21 -45.14
C ASN C 343 -15.70 -5.38 -44.29
N ARG C 344 -15.37 -4.08 -44.03
CA ARG C 344 -16.21 -3.13 -43.32
C ARG C 344 -16.32 -3.49 -41.84
N LYS C 345 -15.48 -4.37 -41.32
CA LYS C 345 -15.54 -4.76 -39.92
C LYS C 345 -14.29 -4.30 -39.20
N HIS C 346 -13.30 -3.82 -39.95
CA HIS C 346 -12.00 -3.46 -39.44
C HIS C 346 -12.09 -2.45 -38.31
N GLY C 347 -11.46 -2.72 -37.18
CA GLY C 347 -11.40 -1.79 -36.06
C GLY C 347 -10.54 -0.54 -36.30
N ALA C 348 -9.35 -0.73 -36.84
CA ALA C 348 -8.31 0.29 -36.80
C ALA C 348 -8.42 1.23 -38.02
N THR C 349 -9.56 1.90 -38.18
CA THR C 349 -9.79 2.93 -39.18
C THR C 349 -9.37 4.27 -38.59
N THR C 350 -9.03 5.22 -39.48
CA THR C 350 -8.63 6.54 -39.04
C THR C 350 -9.73 7.14 -38.15
N ALA C 351 -10.99 7.05 -38.58
CA ALA C 351 -12.11 7.65 -37.85
C ALA C 351 -12.26 7.00 -36.48
N ASN C 352 -12.11 5.65 -36.39
CA ASN C 352 -12.29 5.04 -35.09
C ASN C 352 -11.16 5.39 -34.13
N VAL C 353 -9.92 5.36 -34.63
CA VAL C 353 -8.77 5.73 -33.84
C VAL C 353 -8.92 7.16 -33.34
N LYS C 354 -9.38 8.09 -34.19
CA LYS C 354 -9.60 9.47 -33.74
C LYS C 354 -10.64 9.55 -32.60
N ARG C 355 -11.67 8.71 -32.60
CA ARG C 355 -12.64 8.75 -31.52
CA ARG C 355 -12.65 8.67 -31.52
C ARG C 355 -11.94 8.34 -30.22
N TYR C 356 -11.05 7.35 -30.26
CA TYR C 356 -10.36 6.95 -29.03
C TYR C 356 -9.36 8.02 -28.56
N ILE C 357 -8.70 8.67 -29.50
CA ILE C 357 -7.82 9.78 -29.19
C ILE C 357 -8.61 10.86 -28.49
N ASP C 358 -9.76 11.26 -29.06
CA ASP C 358 -10.64 12.27 -28.44
C ASP C 358 -11.02 11.82 -27.04
N PHE C 359 -11.41 10.56 -26.88
CA PHE C 359 -11.80 10.09 -25.56
C PHE C 359 -10.63 10.17 -24.57
N ALA C 360 -9.45 9.75 -25.02
CA ALA C 360 -8.27 9.81 -24.15
C ALA C 360 -7.96 11.24 -23.75
N ALA C 361 -7.92 12.15 -24.72
CA ALA C 361 -7.54 13.54 -24.45
C ALA C 361 -8.56 14.19 -23.52
N LYS C 362 -9.85 13.89 -23.71
CA LYS C 362 -10.90 14.45 -22.88
C LYS C 362 -10.72 14.00 -21.43
N ASN C 363 -10.20 12.82 -21.19
CA ASN C 363 -10.26 12.19 -19.90
C ASN C 363 -8.89 12.12 -19.25
N GLY C 364 -7.88 12.77 -19.83
CA GLY C 364 -6.55 12.78 -19.23
C GLY C 364 -5.76 11.47 -19.35
N PHE C 365 -6.06 10.62 -20.34
CA PHE C 365 -5.25 9.44 -20.61
C PHE C 365 -4.01 9.81 -21.42
N ASP C 366 -2.92 9.05 -21.26
CA ASP C 366 -1.67 9.36 -21.94
C ASP C 366 -1.64 8.86 -23.39
N ALA C 367 -2.28 7.71 -23.64
CA ALA C 367 -2.06 6.98 -24.90
C ALA C 367 -3.26 6.16 -25.31
N VAL C 368 -3.17 5.74 -26.58
CA VAL C 368 -4.13 4.88 -27.26
C VAL C 368 -3.40 3.76 -27.98
N LEU C 369 -3.62 2.53 -27.55
CA LEU C 369 -3.18 1.37 -28.29
C LEU C 369 -4.07 1.21 -29.55
N VAL C 370 -3.47 0.80 -30.67
CA VAL C 370 -4.21 0.41 -31.86
C VAL C 370 -3.64 -0.91 -32.35
N GLU C 371 -4.55 -1.89 -32.43
CA GLU C 371 -4.24 -3.18 -33.04
C GLU C 371 -5.00 -3.31 -34.35
N GLY C 372 -4.36 -4.02 -35.29
CA GLY C 372 -4.87 -4.25 -36.63
C GLY C 372 -4.48 -3.12 -37.57
N TRP C 373 -3.44 -2.34 -37.22
CA TRP C 373 -3.11 -1.17 -38.05
C TRP C 373 -2.40 -1.58 -39.34
N ASN C 374 -1.68 -2.72 -39.32
CA ASN C 374 -0.69 -3.06 -40.33
C ASN C 374 -1.11 -4.26 -41.21
N GLU C 375 -0.57 -4.33 -42.44
CA GLU C 375 -0.97 -5.42 -43.34
C GLU C 375 -0.62 -6.77 -42.71
N GLY C 376 -1.51 -7.77 -42.91
CA GLY C 376 -1.21 -9.14 -42.56
C GLY C 376 -2.23 -9.82 -41.67
N TRP C 377 -3.09 -9.06 -41.00
CA TRP C 377 -3.97 -9.62 -39.96
C TRP C 377 -4.90 -10.70 -40.48
N GLU C 378 -5.13 -10.71 -41.80
CA GLU C 378 -6.01 -11.70 -42.37
C GLU C 378 -5.49 -13.08 -42.00
N ASP C 379 -4.19 -13.26 -41.78
CA ASP C 379 -3.62 -14.60 -41.52
C ASP C 379 -2.91 -14.69 -40.15
N TRP C 380 -3.30 -13.87 -39.17
CA TRP C 380 -2.53 -13.75 -37.93
C TRP C 380 -2.53 -15.00 -37.04
N ILE C 381 -3.56 -15.86 -37.13
CA ILE C 381 -3.75 -16.83 -36.06
C ILE C 381 -3.77 -18.24 -36.60
N GLY C 382 -2.84 -19.03 -36.14
CA GLY C 382 -2.88 -20.48 -36.27
C GLY C 382 -2.28 -21.00 -37.59
N HIS C 383 -1.70 -20.17 -38.46
CA HIS C 383 -1.22 -20.68 -39.72
C HIS C 383 0.29 -21.00 -39.70
N GLU C 384 0.99 -20.70 -38.60
CA GLU C 384 2.40 -21.08 -38.55
C GLU C 384 3.14 -20.43 -39.72
N LYS C 385 2.85 -19.15 -39.92
CA LYS C 385 3.30 -18.40 -41.09
C LYS C 385 4.49 -17.55 -40.72
N ASP C 386 5.55 -17.67 -41.50
CA ASP C 386 6.79 -16.97 -41.34
C ASP C 386 6.65 -15.49 -41.63
N TYR C 387 6.45 -15.17 -42.90
CA TYR C 387 6.38 -13.77 -43.27
C TYR C 387 4.96 -13.30 -43.09
N VAL C 388 4.58 -13.17 -41.83
CA VAL C 388 3.19 -12.91 -41.49
C VAL C 388 2.91 -11.41 -41.41
N PHE C 389 3.91 -10.63 -40.98
CA PHE C 389 3.79 -9.18 -40.87
C PHE C 389 5.11 -8.53 -41.27
N ASP C 390 5.06 -7.28 -41.75
CA ASP C 390 6.27 -6.52 -41.91
C ASP C 390 6.48 -5.41 -40.84
N PHE C 391 5.48 -5.16 -39.98
CA PHE C 391 5.59 -4.25 -38.83
C PHE C 391 5.79 -2.82 -39.29
N VAL C 392 5.56 -2.55 -40.56
CA VAL C 392 5.75 -1.17 -41.05
C VAL C 392 4.63 -0.70 -41.97
N THR C 393 3.89 -1.59 -42.68
CA THR C 393 3.01 -1.07 -43.71
C THR C 393 1.61 -0.94 -43.16
N PRO C 394 1.03 0.27 -43.07
CA PRO C 394 -0.38 0.43 -42.70
C PRO C 394 -1.37 -0.09 -43.74
N TYR C 395 -2.50 -0.58 -43.26
CA TYR C 395 -3.64 -0.83 -44.11
C TYR C 395 -4.10 0.47 -44.76
N PRO C 396 -4.85 0.38 -45.86
CA PRO C 396 -5.26 1.57 -46.58
C PRO C 396 -6.21 2.47 -45.78
N ASP C 397 -6.87 1.94 -44.75
CA ASP C 397 -7.83 2.72 -44.00
C ASP C 397 -7.21 3.27 -42.68
N PHE C 398 -5.90 3.16 -42.51
CA PHE C 398 -5.19 3.65 -41.32
C PHE C 398 -4.14 4.68 -41.74
N ASP C 399 -4.40 5.96 -41.50
CA ASP C 399 -3.50 7.05 -41.89
C ASP C 399 -2.43 7.27 -40.80
N ILE C 400 -1.26 6.66 -40.97
CA ILE C 400 -0.30 6.64 -39.89
C ILE C 400 0.21 8.04 -39.56
N LYS C 401 0.50 8.81 -40.58
CA LYS C 401 0.98 10.18 -40.38
C LYS C 401 -0.09 11.09 -39.78
N GLY C 402 -1.29 11.15 -40.41
CA GLY C 402 -2.39 11.93 -39.85
C GLY C 402 -2.69 11.58 -38.39
N LEU C 403 -2.76 10.27 -38.06
CA LEU C 403 -3.24 9.91 -36.74
C LEU C 403 -2.26 10.30 -35.64
N ASN C 404 -0.96 10.15 -35.93
CA ASN C 404 0.06 10.45 -34.97
C ASN C 404 0.16 11.96 -34.80
N GLU C 405 -0.02 12.74 -35.87
CA GLU C 405 -0.10 14.19 -35.71
C GLU C 405 -1.34 14.63 -34.93
N TYR C 406 -2.50 14.04 -35.23
CA TYR C 406 -3.72 14.37 -34.50
C TYR C 406 -3.58 14.03 -33.00
N ALA C 407 -3.02 12.86 -32.71
CA ALA C 407 -2.78 12.46 -31.33
C ALA C 407 -1.87 13.46 -30.62
N HIS C 408 -0.70 13.77 -31.20
CA HIS C 408 0.27 14.67 -30.58
C HIS C 408 -0.33 16.04 -30.39
N ALA C 409 -1.18 16.51 -31.31
CA ALA C 409 -1.83 17.81 -31.12
C ALA C 409 -2.75 17.80 -29.89
N LYS C 410 -3.27 16.64 -29.49
CA LYS C 410 -4.13 16.54 -28.31
C LYS C 410 -3.33 16.03 -27.12
N LYS C 411 -2.01 15.94 -27.21
CA LYS C 411 -1.17 15.54 -26.08
C LYS C 411 -1.31 14.07 -25.76
N VAL C 412 -1.50 13.26 -26.78
CA VAL C 412 -1.71 11.83 -26.62
C VAL C 412 -0.71 11.16 -27.56
N LYS C 413 -0.31 9.93 -27.23
CA LYS C 413 0.53 9.14 -28.10
C LYS C 413 -0.18 7.87 -28.45
N LEU C 414 0.13 7.31 -29.63
CA LEU C 414 -0.31 5.95 -29.91
C LEU C 414 0.73 4.98 -29.37
N ILE C 415 0.26 3.82 -28.93
CA ILE C 415 1.15 2.73 -28.59
C ILE C 415 1.19 1.84 -29.82
N MET C 416 2.40 1.48 -30.22
CA MET C 416 2.65 0.63 -31.33
C MET C 416 2.26 -0.79 -30.96
N HIS C 417 1.75 -1.52 -31.92
CA HIS C 417 1.49 -2.95 -31.75
C HIS C 417 2.28 -3.79 -32.73
N HIS C 418 2.99 -4.81 -32.17
CA HIS C 418 3.84 -5.69 -32.96
C HIS C 418 3.52 -7.12 -32.59
N GLU C 419 2.37 -7.61 -33.06
CA GLU C 419 2.09 -9.04 -32.94
C GLU C 419 3.04 -9.76 -33.90
N THR C 420 3.68 -10.83 -33.43
CA THR C 420 4.60 -11.58 -34.24
C THR C 420 3.99 -12.87 -34.79
N SER C 421 2.93 -13.35 -34.17
CA SER C 421 2.31 -14.62 -34.53
C SER C 421 3.31 -15.78 -34.52
N GLY C 422 4.31 -15.68 -33.62
CA GLY C 422 5.24 -16.77 -33.35
C GLY C 422 6.45 -16.79 -34.29
N ALA C 423 6.48 -15.91 -35.28
CA ALA C 423 7.51 -15.88 -36.29
C ALA C 423 8.67 -14.99 -35.81
N VAL C 424 9.55 -15.55 -35.00
CA VAL C 424 10.55 -14.77 -34.29
C VAL C 424 11.65 -14.23 -35.21
N ARG C 425 12.17 -15.07 -36.13
CA ARG C 425 13.15 -14.60 -37.09
C ARG C 425 12.55 -13.48 -37.91
N ASN C 426 11.27 -13.62 -38.27
CA ASN C 426 10.66 -12.57 -39.08
C ASN C 426 10.60 -11.23 -38.35
N TYR C 427 10.27 -11.28 -37.04
CA TYR C 427 10.29 -10.05 -36.22
C TYR C 427 11.71 -9.48 -36.08
N GLU C 428 12.67 -10.31 -35.70
CA GLU C 428 14.08 -9.85 -35.63
C GLU C 428 14.52 -9.19 -36.91
N ARG C 429 14.18 -9.78 -38.07
CA ARG C 429 14.63 -9.15 -39.31
C ARG C 429 14.00 -7.76 -39.52
N HIS C 430 12.77 -7.53 -39.04
CA HIS C 430 12.07 -6.26 -39.29
C HIS C 430 12.25 -5.28 -38.14
N MET C 431 12.87 -5.73 -37.04
CA MET C 431 12.78 -5.00 -35.78
C MET C 431 13.42 -3.60 -35.83
N ASP C 432 14.58 -3.44 -36.47
CA ASP C 432 15.21 -2.11 -36.58
C ASP C 432 14.35 -1.17 -37.42
N ALA C 433 13.83 -1.66 -38.55
CA ALA C 433 13.01 -0.79 -39.37
C ALA C 433 11.74 -0.43 -38.59
N ALA C 434 11.18 -1.40 -37.87
CA ALA C 434 9.95 -1.14 -37.12
C ALA C 434 10.16 -0.16 -35.95
N TYR C 435 11.27 -0.31 -35.22
CA TYR C 435 11.57 0.61 -34.12
C TYR C 435 11.85 1.99 -34.70
N LYS C 436 12.51 2.08 -35.89
CA LYS C 436 12.75 3.38 -36.52
C LYS C 436 11.44 4.06 -36.92
N LEU C 437 10.50 3.27 -37.42
CA LEU C 437 9.21 3.83 -37.78
C LEU C 437 8.54 4.42 -36.54
N MET C 438 8.59 3.69 -35.42
CA MET C 438 8.08 4.15 -34.12
C MET C 438 8.68 5.52 -33.81
N LYS C 439 10.01 5.65 -33.89
CA LYS C 439 10.65 6.91 -33.55
C LYS C 439 10.21 7.98 -34.55
N GLN C 440 10.12 7.65 -35.83
CA GLN C 440 9.70 8.62 -36.83
C GLN C 440 8.33 9.23 -36.50
N TYR C 441 7.37 8.46 -36.01
CA TYR C 441 6.03 8.99 -35.81
C TYR C 441 5.73 9.30 -34.35
N GLY C 442 6.71 9.18 -33.43
CA GLY C 442 6.48 9.59 -32.06
C GLY C 442 5.79 8.50 -31.24
N TYR C 443 5.97 7.25 -31.61
CA TYR C 443 5.57 6.20 -30.72
C TYR C 443 6.77 5.91 -29.79
N ASP C 444 6.52 5.75 -28.48
CA ASP C 444 7.62 5.44 -27.58
C ASP C 444 7.36 4.15 -26.83
N ALA C 445 6.23 3.46 -27.08
CA ALA C 445 5.97 2.19 -26.42
C ALA C 445 5.41 1.21 -27.45
N VAL C 446 5.73 -0.07 -27.27
CA VAL C 446 5.22 -1.11 -28.14
C VAL C 446 4.66 -2.23 -27.29
N LYS C 447 3.50 -2.73 -27.72
CA LYS C 447 2.94 -3.99 -27.24
C LYS C 447 3.27 -5.03 -28.30
N SER C 448 4.06 -6.02 -27.91
CA SER C 448 4.44 -7.12 -28.76
C SER C 448 3.56 -8.31 -28.37
N GLY C 449 3.53 -9.28 -29.26
CA GLY C 449 2.83 -10.53 -29.02
C GLY C 449 3.49 -11.72 -29.67
N TYR C 450 3.18 -12.91 -29.16
CA TYR C 450 3.76 -14.17 -29.61
C TYR C 450 2.70 -15.26 -29.61
N VAL C 451 1.57 -14.97 -30.28
CA VAL C 451 0.47 -15.92 -30.36
C VAL C 451 0.75 -16.92 -31.46
N GLY C 452 0.71 -18.20 -31.14
CA GLY C 452 1.02 -19.23 -32.11
C GLY C 452 2.29 -19.97 -31.68
N ASN C 453 2.46 -21.19 -32.20
CA ASN C 453 3.69 -21.92 -32.05
C ASN C 453 4.86 -21.08 -32.53
N ILE C 454 5.95 -21.09 -31.75
CA ILE C 454 7.15 -20.40 -32.19
C ILE C 454 7.70 -21.15 -33.42
N LEU C 455 8.09 -20.36 -34.44
CA LEU C 455 8.70 -20.90 -35.64
C LEU C 455 10.22 -20.89 -35.51
N PRO C 456 10.94 -21.82 -36.14
CA PRO C 456 10.37 -23.02 -36.79
C PRO C 456 9.80 -24.00 -35.77
N LEU C 457 8.83 -24.78 -36.23
CA LEU C 457 8.11 -25.71 -35.38
C LEU C 457 9.10 -26.56 -34.58
N GLY C 458 8.79 -26.72 -33.29
CA GLY C 458 9.57 -27.52 -32.36
C GLY C 458 10.23 -26.65 -31.30
N GLU C 459 10.31 -25.36 -31.57
CA GLU C 459 10.76 -24.40 -30.61
C GLU C 459 9.62 -24.19 -29.61
N THR C 460 9.97 -23.68 -28.42
CA THR C 460 9.03 -23.39 -27.35
C THR C 460 9.16 -21.93 -26.95
N HIS C 461 8.12 -21.43 -26.30
CA HIS C 461 8.05 -19.99 -25.95
C HIS C 461 9.05 -19.62 -24.85
N TYR C 462 9.40 -20.58 -23.98
CA TYR C 462 10.20 -20.28 -22.80
C TYR C 462 11.56 -21.00 -22.74
N SER C 463 12.07 -21.49 -23.86
CA SER C 463 13.42 -22.06 -23.93
C SER C 463 14.45 -20.97 -23.68
N GLN C 464 15.71 -21.39 -23.46
CA GLN C 464 16.82 -20.46 -23.45
C GLN C 464 16.85 -19.62 -24.73
N TRP C 465 16.62 -20.29 -25.85
CA TRP C 465 16.76 -19.68 -27.17
C TRP C 465 15.71 -18.56 -27.35
N THR C 466 14.44 -18.86 -27.05
CA THR C 466 13.40 -17.87 -27.22
C THR C 466 13.50 -16.81 -26.12
N ASN C 467 13.92 -17.20 -24.91
CA ASN C 467 14.08 -16.18 -23.87
C ASN C 467 15.09 -15.15 -24.30
N ASN C 468 16.11 -15.60 -25.05
CA ASN C 468 17.12 -14.74 -25.59
C ASN C 468 16.50 -13.69 -26.51
N HIS C 469 15.59 -14.14 -27.38
CA HIS C 469 14.88 -13.22 -28.24
C HIS C 469 14.11 -12.14 -27.43
N TYR C 470 13.38 -12.52 -26.38
CA TYR C 470 12.60 -11.49 -25.69
C TYR C 470 13.56 -10.44 -25.15
N GLN C 471 14.69 -10.91 -24.60
CA GLN C 471 15.67 -10.04 -23.95
C GLN C 471 16.29 -9.13 -25.00
N TYR C 472 16.59 -9.71 -26.16
CA TYR C 472 17.16 -8.96 -27.27
C TYR C 472 16.22 -7.84 -27.73
N ALA C 473 14.90 -8.15 -27.83
CA ALA C 473 13.93 -7.12 -28.17
C ALA C 473 13.90 -5.97 -27.18
N ILE C 474 14.01 -6.30 -25.87
CA ILE C 474 14.04 -5.30 -24.78
C ILE C 474 15.30 -4.44 -24.85
N GLU C 475 16.46 -5.11 -25.06
CA GLU C 475 17.71 -4.36 -25.05
C GLU C 475 17.79 -3.43 -26.25
N LYS C 476 17.30 -3.93 -27.41
CA LYS C 476 17.36 -3.08 -28.58
C LYS C 476 16.37 -1.93 -28.41
N ALA C 477 15.18 -2.21 -27.92
CA ALA C 477 14.25 -1.13 -27.63
C ALA C 477 14.87 -0.05 -26.75
N ALA C 478 15.59 -0.48 -25.71
CA ALA C 478 16.25 0.50 -24.85
C ALA C 478 17.18 1.42 -25.64
N ASP C 479 17.93 0.89 -26.60
CA ASP C 479 18.82 1.72 -27.40
C ASP C 479 18.01 2.73 -28.21
N TYR C 480 16.76 2.44 -28.55
CA TYR C 480 15.96 3.40 -29.29
C TYR C 480 15.11 4.24 -28.32
N GLN C 481 15.25 4.02 -27.02
CA GLN C 481 14.36 4.64 -26.02
C GLN C 481 12.91 4.34 -26.29
N ILE C 482 12.64 3.06 -26.32
CA ILE C 482 11.32 2.50 -26.48
C ILE C 482 11.02 1.61 -25.30
N MET C 483 9.77 1.70 -24.82
CA MET C 483 9.25 0.84 -23.77
C MET C 483 8.58 -0.36 -24.41
N VAL C 484 8.66 -1.47 -23.73
CA VAL C 484 8.16 -2.71 -24.21
C VAL C 484 7.16 -3.35 -23.23
N ASN C 485 6.06 -3.85 -23.81
CA ASN C 485 5.03 -4.59 -23.10
C ASN C 485 4.79 -5.88 -23.91
N ALA C 486 5.27 -7.04 -23.46
CA ALA C 486 5.30 -8.21 -24.33
C ALA C 486 4.28 -9.26 -23.89
N HIS C 487 3.23 -9.41 -24.69
CA HIS C 487 2.29 -10.51 -24.46
C HIS C 487 2.85 -11.82 -24.97
N GLU C 488 2.48 -12.91 -24.27
CA GLU C 488 2.90 -14.28 -24.55
C GLU C 488 4.41 -14.53 -24.38
N ALA C 489 5.17 -13.54 -23.87
CA ALA C 489 6.56 -13.76 -23.50
C ALA C 489 6.62 -14.61 -22.24
N VAL C 490 7.83 -15.03 -21.92
CA VAL C 490 8.12 -15.71 -20.68
C VAL C 490 7.71 -14.79 -19.51
N ARG C 491 7.20 -15.40 -18.45
CA ARG C 491 6.76 -14.62 -17.29
C ARG C 491 7.97 -13.99 -16.58
N PRO C 492 7.83 -12.76 -16.07
CA PRO C 492 8.96 -11.98 -15.62
C PRO C 492 9.53 -12.44 -14.28
N THR C 493 10.76 -11.96 -14.07
CA THR C 493 11.64 -12.43 -13.02
C THR C 493 12.47 -11.31 -12.47
N GLY C 494 11.99 -10.10 -12.64
CA GLY C 494 12.58 -8.94 -12.00
C GLY C 494 13.55 -8.16 -12.88
N ILE C 495 13.61 -8.52 -14.17
CA ILE C 495 14.60 -7.94 -15.06
C ILE C 495 14.30 -6.45 -15.27
N ALA C 496 13.06 -6.01 -15.00
CA ALA C 496 12.79 -4.58 -15.14
C ALA C 496 13.70 -3.69 -14.27
N ARG C 497 14.26 -4.24 -13.19
CA ARG C 497 15.19 -3.38 -12.47
C ARG C 497 16.34 -2.99 -13.39
N THR C 498 16.80 -3.96 -14.16
CA THR C 498 18.03 -3.79 -14.98
C THR C 498 17.65 -3.06 -16.26
N TYR C 499 16.43 -3.37 -16.78
CA TYR C 499 15.88 -2.75 -17.98
C TYR C 499 14.48 -2.23 -17.67
N PRO C 500 14.40 -1.04 -17.06
CA PRO C 500 13.08 -0.51 -16.66
C PRO C 500 12.22 -0.06 -17.83
N ASN C 501 12.68 -0.27 -19.07
CA ASN C 501 11.85 0.00 -20.24
C ASN C 501 10.91 -1.17 -20.46
N LEU C 502 11.11 -2.28 -19.76
CA LEU C 502 10.14 -3.35 -19.72
C LEU C 502 9.04 -3.04 -18.70
N ILE C 503 8.03 -2.35 -19.20
CA ILE C 503 6.94 -1.83 -18.39
C ILE C 503 5.81 -2.84 -18.35
N GLY C 504 5.90 -3.95 -19.09
CA GLY C 504 4.83 -4.93 -18.96
C GLY C 504 5.07 -6.23 -19.65
N ASN C 505 4.39 -7.26 -19.16
CA ASN C 505 4.10 -8.44 -19.95
C ASN C 505 2.61 -8.77 -19.68
N GLU C 506 2.04 -9.67 -20.48
CA GLU C 506 0.85 -10.40 -20.07
C GLU C 506 1.29 -11.62 -19.31
N ALA C 507 1.59 -12.71 -20.02
CA ALA C 507 2.33 -13.85 -19.47
C ALA C 507 1.59 -14.49 -18.29
N ALA C 508 0.28 -14.61 -18.52
CA ALA C 508 -0.73 -15.07 -17.57
C ALA C 508 -2.12 -14.90 -18.25
N ARG C 509 -3.16 -15.42 -17.62
CA ARG C 509 -4.52 -15.24 -18.12
C ARG C 509 -5.02 -13.84 -17.79
N GLY C 510 -5.21 -13.03 -18.82
CA GLY C 510 -5.62 -11.65 -18.68
C GLY C 510 -7.15 -11.48 -18.82
N THR C 511 -7.57 -10.21 -18.80
CA THR C 511 -8.96 -9.85 -18.98
C THR C 511 -9.53 -10.34 -20.32
N GLU C 512 -8.70 -10.53 -21.34
CA GLU C 512 -9.18 -10.97 -22.64
C GLU C 512 -9.90 -12.29 -22.51
N TYR C 513 -9.54 -13.13 -21.53
CA TYR C 513 -10.24 -14.41 -21.42
C TYR C 513 -11.69 -14.25 -20.92
N GLN C 514 -12.00 -13.07 -20.34
CA GLN C 514 -13.34 -12.76 -19.92
C GLN C 514 -14.23 -12.61 -21.16
N ALA C 515 -13.62 -12.41 -22.34
CA ALA C 515 -14.35 -12.28 -23.59
C ALA C 515 -14.34 -13.52 -24.45
N PHE C 516 -13.83 -14.64 -23.97
CA PHE C 516 -13.59 -15.78 -24.83
C PHE C 516 -14.54 -16.91 -24.51
N GLY C 517 -15.57 -16.67 -23.71
CA GLY C 517 -16.50 -17.73 -23.38
C GLY C 517 -15.84 -18.77 -22.50
N ASN C 518 -16.31 -20.02 -22.62
CA ASN C 518 -15.83 -21.10 -21.76
C ASN C 518 -15.92 -20.62 -20.33
N ASP C 519 -14.91 -20.79 -19.48
CA ASP C 519 -15.14 -20.43 -18.09
C ASP C 519 -14.67 -19.01 -17.77
N ARG C 520 -14.23 -18.24 -18.78
CA ARG C 520 -13.74 -16.90 -18.56
C ARG C 520 -12.68 -16.97 -17.45
N ASN C 521 -12.63 -15.99 -16.59
CA ASN C 521 -11.72 -16.03 -15.44
C ASN C 521 -12.51 -16.30 -14.15
N ASN C 522 -12.00 -17.22 -13.34
CA ASN C 522 -12.63 -17.45 -12.04
C ASN C 522 -12.78 -16.13 -11.29
N ALA C 523 -13.83 -16.01 -10.48
CA ALA C 523 -14.10 -14.77 -9.78
C ALA C 523 -12.93 -14.40 -8.84
N ASN C 524 -12.18 -15.41 -8.30
CA ASN C 524 -11.07 -15.07 -7.39
C ASN C 524 -9.71 -14.99 -8.13
N HIS C 525 -9.74 -14.92 -9.45
CA HIS C 525 -8.50 -14.89 -10.23
C HIS C 525 -7.53 -13.78 -9.79
N VAL C 526 -8.03 -12.54 -9.71
CA VAL C 526 -7.24 -11.37 -9.36
C VAL C 526 -6.84 -11.34 -7.86
N THR C 527 -7.30 -12.31 -7.06
CA THR C 527 -6.80 -12.46 -5.71
C THR C 527 -5.66 -13.51 -5.66
N ILE C 528 -5.36 -14.17 -6.81
CA ILE C 528 -4.25 -15.11 -6.92
C ILE C 528 -3.10 -14.51 -7.72
N LEU C 529 -3.40 -13.75 -8.79
CA LEU C 529 -2.34 -13.26 -9.66
C LEU C 529 -1.29 -12.48 -8.86
N PRO C 530 -1.64 -11.63 -7.86
CA PRO C 530 -0.62 -10.86 -7.12
C PRO C 530 0.35 -11.76 -6.34
N PHE C 531 -0.09 -12.96 -5.96
CA PHE C 531 0.73 -13.88 -5.21
C PHE C 531 1.57 -14.82 -6.10
N THR C 532 1.38 -14.73 -7.43
CA THR C 532 1.98 -15.64 -8.39
C THR C 532 2.62 -14.82 -9.50
N ARG C 533 1.80 -14.58 -10.53
CA ARG C 533 2.25 -13.86 -11.68
C ARG C 533 2.91 -12.53 -11.35
N LEU C 534 2.37 -11.73 -10.40
CA LEU C 534 3.00 -10.40 -10.24
C LEU C 534 4.40 -10.42 -9.59
N ILE C 535 4.77 -11.53 -9.00
CA ILE C 535 6.12 -11.69 -8.46
C ILE C 535 7.07 -11.82 -9.65
N GLY C 536 7.85 -10.78 -9.87
CA GLY C 536 8.76 -10.70 -10.97
C GLY C 536 8.53 -9.46 -11.83
N GLY C 537 7.32 -8.93 -11.78
CA GLY C 537 7.03 -7.78 -12.61
C GLY C 537 5.56 -7.58 -12.88
N PRO C 538 5.19 -6.37 -13.35
CA PRO C 538 3.78 -6.00 -13.44
C PRO C 538 3.11 -6.74 -14.59
N MET C 539 1.77 -6.75 -14.54
CA MET C 539 1.00 -7.34 -15.62
C MET C 539 0.15 -6.28 -16.25
N ASP C 540 0.03 -6.38 -17.59
CA ASP C 540 -0.90 -5.60 -18.41
C ASP C 540 -2.17 -6.42 -18.42
N TYR C 541 -2.98 -6.30 -17.36
CA TYR C 541 -4.16 -7.14 -17.13
C TYR C 541 -5.39 -6.62 -17.90
N THR C 542 -5.37 -5.34 -18.30
CA THR C 542 -6.42 -4.61 -19.02
C THR C 542 -7.72 -4.59 -18.26
N PRO C 543 -7.71 -3.94 -17.08
CA PRO C 543 -8.94 -3.81 -16.31
C PRO C 543 -9.89 -2.74 -16.88
N GLY C 544 -10.97 -2.47 -16.12
CA GLY C 544 -11.87 -1.36 -16.36
C GLY C 544 -13.08 -1.75 -17.24
N ILE C 545 -13.52 -3.01 -17.22
CA ILE C 545 -14.71 -3.37 -18.01
C ILE C 545 -15.95 -2.94 -17.21
N PHE C 546 -16.86 -2.18 -17.85
CA PHE C 546 -18.11 -1.74 -17.25
C PHE C 546 -19.31 -2.46 -17.87
N GLU C 547 -19.22 -2.88 -19.13
CA GLU C 547 -20.22 -3.75 -19.75
C GLU C 547 -19.68 -5.18 -19.78
N MET C 548 -20.27 -6.03 -18.94
CA MET C 548 -19.82 -7.41 -18.81
C MET C 548 -20.48 -8.39 -19.82
N ASP C 549 -21.56 -8.05 -20.50
CA ASP C 549 -22.16 -8.99 -21.47
C ASP C 549 -21.87 -8.49 -22.88
N VAL C 550 -20.84 -9.06 -23.50
CA VAL C 550 -20.16 -8.38 -24.58
C VAL C 550 -20.70 -8.86 -25.92
N THR C 551 -20.22 -8.28 -27.02
CA THR C 551 -20.84 -8.54 -28.31
C THR C 551 -20.91 -10.03 -28.66
N ASN C 552 -19.86 -10.82 -28.39
CA ASN C 552 -19.85 -12.22 -28.79
C ASN C 552 -20.51 -13.11 -27.77
N GLY C 553 -21.26 -12.56 -26.79
CA GLY C 553 -22.03 -13.43 -25.87
C GLY C 553 -21.29 -13.81 -24.55
N SER C 554 -19.97 -13.58 -24.46
CA SER C 554 -19.20 -13.89 -23.26
C SER C 554 -19.60 -12.99 -22.09
N HIS C 555 -19.55 -13.55 -20.89
CA HIS C 555 -19.87 -12.81 -19.68
C HIS C 555 -18.60 -12.56 -18.85
N VAL C 556 -18.21 -11.30 -18.68
CA VAL C 556 -17.11 -10.93 -17.82
C VAL C 556 -17.45 -11.19 -16.35
N ASN C 557 -16.64 -12.01 -15.65
CA ASN C 557 -16.97 -12.43 -14.29
C ASN C 557 -16.48 -11.45 -13.22
N ALA C 558 -17.08 -10.27 -13.17
CA ALA C 558 -16.68 -9.23 -12.26
C ALA C 558 -17.80 -8.20 -12.11
N THR C 559 -17.68 -7.37 -11.06
CA THR C 559 -18.53 -6.23 -10.87
C THR C 559 -17.76 -4.99 -11.26
N ILE C 560 -18.49 -3.87 -11.43
CA ILE C 560 -17.85 -2.62 -11.79
C ILE C 560 -16.90 -2.23 -10.68
N ALA C 561 -17.31 -2.34 -9.42
CA ALA C 561 -16.39 -1.84 -8.39
C ALA C 561 -15.12 -2.71 -8.34
N ASN C 562 -15.23 -4.03 -8.62
CA ASN C 562 -14.05 -4.88 -8.81
C ASN C 562 -13.09 -4.30 -9.86
N GLN C 563 -13.66 -3.85 -10.94
CA GLN C 563 -12.92 -3.33 -12.08
C GLN C 563 -12.23 -2.03 -11.72
N LEU C 564 -12.83 -1.23 -10.83
CA LEU C 564 -12.17 0.01 -10.38
C LEU C 564 -11.01 -0.34 -9.46
N ALA C 565 -11.22 -1.38 -8.65
CA ALA C 565 -10.21 -1.66 -7.61
C ALA C 565 -8.90 -2.14 -8.25
N LEU C 566 -8.99 -2.78 -9.43
CA LEU C 566 -7.82 -3.35 -10.09
C LEU C 566 -6.74 -2.31 -10.38
N TYR C 567 -7.09 -1.04 -10.54
CA TYR C 567 -6.09 -0.01 -10.79
C TYR C 567 -5.14 0.09 -9.59
N VAL C 568 -5.55 -0.41 -8.40
CA VAL C 568 -4.69 -0.44 -7.23
C VAL C 568 -4.25 -1.86 -6.90
N THR C 569 -5.13 -2.85 -7.02
CA THR C 569 -4.81 -4.19 -6.56
C THR C 569 -4.00 -5.02 -7.60
N MET C 570 -4.06 -4.67 -8.88
CA MET C 570 -3.19 -5.26 -9.90
C MET C 570 -2.17 -4.21 -10.31
N TYR C 571 -1.08 -4.13 -9.52
CA TYR C 571 -0.06 -3.11 -9.69
C TYR C 571 0.53 -3.17 -11.10
N SER C 572 0.68 -2.02 -11.76
CA SER C 572 1.32 -1.94 -13.03
C SER C 572 1.61 -0.49 -13.36
N PRO C 573 2.76 -0.17 -13.97
CA PRO C 573 2.99 1.19 -14.46
C PRO C 573 2.24 1.45 -15.76
N LEU C 574 1.59 0.42 -16.27
CA LEU C 574 0.89 0.47 -17.57
C LEU C 574 -0.52 -0.07 -17.33
N GLN C 575 -1.47 0.83 -17.35
CA GLN C 575 -2.84 0.58 -16.92
C GLN C 575 -3.83 0.91 -18.05
N MET C 576 -4.53 -0.11 -18.55
CA MET C 576 -5.57 0.12 -19.56
C MET C 576 -6.93 0.33 -18.90
N ALA C 577 -7.69 1.28 -19.46
CA ALA C 577 -9.14 1.23 -19.38
C ALA C 577 -9.68 0.64 -20.71
N ALA C 578 -9.99 -0.63 -20.65
CA ALA C 578 -10.16 -1.52 -21.79
C ALA C 578 -11.51 -1.39 -22.48
N ASP C 579 -12.52 -0.80 -21.82
CA ASP C 579 -13.85 -0.83 -22.38
C ASP C 579 -14.00 0.22 -23.48
N PHE C 580 -15.20 0.25 -24.12
CA PHE C 580 -15.50 1.23 -25.15
C PHE C 580 -15.77 2.59 -24.54
N PRO C 581 -15.43 3.71 -25.22
CA PRO C 581 -15.82 5.05 -24.76
C PRO C 581 -17.29 5.19 -24.34
N GLU C 582 -18.23 4.69 -25.15
CA GLU C 582 -19.68 4.79 -24.88
C GLU C 582 -20.03 4.08 -23.56
N ASN C 583 -19.36 2.98 -23.22
CA ASN C 583 -19.64 2.32 -21.96
C ASN C 583 -19.15 3.14 -20.78
N TYR C 584 -18.02 3.84 -20.92
CA TYR C 584 -17.57 4.70 -19.83
C TYR C 584 -18.50 5.89 -19.69
N GLU C 585 -18.99 6.44 -20.80
CA GLU C 585 -19.92 7.57 -20.78
C GLU C 585 -21.21 7.16 -20.04
N ARG C 586 -21.66 5.93 -20.21
CA ARG C 586 -22.87 5.42 -19.57
C ARG C 586 -22.69 5.41 -18.06
N PHE C 587 -21.47 5.19 -17.52
CA PHE C 587 -21.32 5.12 -16.08
C PHE C 587 -20.25 6.13 -15.68
N ALA C 588 -20.45 7.37 -16.15
CA ALA C 588 -19.44 8.41 -15.97
C ALA C 588 -19.05 8.61 -14.49
N ASP C 589 -19.98 8.45 -13.55
CA ASP C 589 -19.70 8.70 -12.13
C ASP C 589 -18.66 7.68 -11.63
N ALA C 590 -18.81 6.40 -11.98
CA ALA C 590 -17.85 5.37 -11.59
C ALA C 590 -16.51 5.61 -12.28
N PHE C 591 -16.58 6.13 -13.51
CA PHE C 591 -15.42 6.30 -14.34
C PHE C 591 -14.45 7.29 -13.67
N GLN C 592 -15.01 8.19 -12.85
CA GLN C 592 -14.18 9.22 -12.21
C GLN C 592 -12.99 8.57 -11.48
N PHE C 593 -13.16 7.37 -10.91
CA PHE C 593 -12.06 6.75 -10.20
C PHE C 593 -10.93 6.44 -11.18
N ILE C 594 -11.30 5.92 -12.36
CA ILE C 594 -10.28 5.53 -13.34
C ILE C 594 -9.53 6.78 -13.77
N LYS C 595 -10.26 7.89 -13.87
CA LYS C 595 -9.63 9.12 -14.30
C LYS C 595 -8.72 9.66 -13.21
N ASP C 596 -9.11 9.49 -11.97
CA ASP C 596 -8.33 10.05 -10.86
C ASP C 596 -7.08 9.23 -10.55
N VAL C 597 -7.17 7.90 -10.67
CA VAL C 597 -6.18 7.04 -10.06
C VAL C 597 -4.81 7.24 -10.72
N ALA C 598 -3.74 7.22 -9.90
CA ALA C 598 -2.39 7.30 -10.40
C ALA C 598 -1.97 5.93 -10.92
N VAL C 599 -0.80 5.95 -11.58
CA VAL C 599 -0.15 4.75 -12.07
C VAL C 599 1.30 4.58 -11.55
N ASP C 600 1.69 5.45 -10.61
CA ASP C 600 3.03 5.35 -10.04
C ASP C 600 3.01 5.88 -8.61
N TRP C 601 3.86 5.33 -7.74
CA TRP C 601 3.63 5.37 -6.32
C TRP C 601 4.91 5.65 -5.52
N ASP C 602 4.77 6.50 -4.48
CA ASP C 602 5.86 6.69 -3.52
C ASP C 602 5.79 5.69 -2.37
N ASP C 603 4.63 5.08 -2.14
CA ASP C 603 4.49 4.10 -1.08
C ASP C 603 3.26 3.24 -1.36
N SER C 604 3.27 2.04 -0.80
CA SER C 604 2.19 1.07 -0.92
C SER C 604 2.09 0.32 0.39
N ARG C 605 0.86 0.18 0.89
CA ARG C 605 0.58 -0.55 2.10
C ARG C 605 -0.49 -1.61 1.89
N TYR C 606 -0.06 -2.88 1.93
CA TYR C 606 -0.98 -3.97 1.86
C TYR C 606 -1.73 -4.08 3.18
N LEU C 607 -3.06 -3.93 3.19
CA LEU C 607 -3.83 -3.91 4.44
C LEU C 607 -4.37 -5.30 4.76
N GLU C 608 -4.89 -6.03 3.77
CA GLU C 608 -5.39 -7.37 3.97
C GLU C 608 -5.03 -8.17 2.73
N ALA C 609 -4.72 -9.45 2.91
CA ALA C 609 -4.46 -10.31 1.76
C ALA C 609 -4.55 -11.75 2.17
N GLU C 610 -5.33 -12.52 1.41
CA GLU C 610 -5.33 -13.96 1.57
C GLU C 610 -5.46 -14.49 0.14
N PRO C 611 -4.52 -15.36 -0.30
CA PRO C 611 -4.52 -15.83 -1.67
C PRO C 611 -5.81 -16.60 -1.99
N GLY C 612 -6.44 -16.20 -3.10
CA GLY C 612 -7.66 -16.85 -3.54
C GLY C 612 -8.90 -16.28 -2.85
N GLN C 613 -8.72 -15.34 -1.90
CA GLN C 613 -9.87 -14.79 -1.20
C GLN C 613 -10.06 -13.28 -1.32
N TYR C 614 -9.02 -12.50 -1.02
CA TYR C 614 -9.17 -11.05 -0.98
C TYR C 614 -7.82 -10.36 -0.94
N ILE C 615 -7.77 -9.16 -1.50
CA ILE C 615 -6.59 -8.32 -1.33
C ILE C 615 -7.11 -6.90 -1.14
N THR C 616 -6.56 -6.20 -0.17
CA THR C 616 -6.82 -4.79 0.05
C THR C 616 -5.50 -4.06 0.17
N VAL C 617 -5.32 -3.00 -0.64
CA VAL C 617 -4.06 -2.30 -0.62
C VAL C 617 -4.30 -0.83 -0.91
N ALA C 618 -3.49 0.02 -0.25
CA ALA C 618 -3.51 1.45 -0.43
C ALA C 618 -2.16 1.88 -0.94
N ARG C 619 -2.18 2.86 -1.86
CA ARG C 619 -0.95 3.36 -2.47
C ARG C 619 -0.99 4.90 -2.52
N LYS C 620 0.18 5.50 -2.31
CA LYS C 620 0.35 6.94 -2.30
C LYS C 620 0.87 7.41 -3.65
N ALA C 621 0.09 8.24 -4.34
CA ALA C 621 0.46 8.64 -5.70
C ALA C 621 1.79 9.40 -5.71
N LYS C 622 2.71 9.00 -6.62
CA LYS C 622 4.03 9.61 -6.66
C LYS C 622 3.94 11.12 -6.81
N GLY C 623 4.74 11.85 -6.02
CA GLY C 623 4.83 13.29 -6.05
C GLY C 623 3.68 13.99 -5.32
N THR C 624 2.75 13.24 -4.67
CA THR C 624 1.56 13.83 -4.03
C THR C 624 1.37 13.29 -2.62
N ASP C 625 0.44 13.88 -1.87
CA ASP C 625 -0.06 13.35 -0.61
C ASP C 625 -1.39 12.60 -0.76
N ASN C 626 -1.76 12.23 -1.99
CA ASN C 626 -2.99 11.54 -2.28
C ASN C 626 -2.82 10.03 -2.18
N TRP C 627 -3.83 9.33 -1.69
CA TRP C 627 -3.82 7.87 -1.70
C TRP C 627 -4.99 7.32 -2.52
N PHE C 628 -4.79 6.11 -3.03
CA PHE C 628 -5.82 5.31 -3.66
C PHE C 628 -5.79 3.91 -3.06
N LEU C 629 -6.98 3.34 -2.85
CA LEU C 629 -7.09 2.03 -2.21
C LEU C 629 -7.98 1.14 -3.09
N GLY C 630 -7.67 -0.16 -3.16
CA GLY C 630 -8.58 -1.08 -3.78
C GLY C 630 -8.64 -2.36 -2.96
N ASN C 631 -9.82 -2.98 -3.03
CA ASN C 631 -10.08 -4.30 -2.51
C ASN C 631 -10.63 -5.09 -3.68
N VAL C 632 -10.19 -6.36 -3.79
CA VAL C 632 -10.82 -7.30 -4.71
C VAL C 632 -11.16 -8.49 -3.85
N ASN C 633 -12.30 -9.10 -4.17
CA ASN C 633 -12.90 -10.12 -3.34
C ASN C 633 -13.29 -11.31 -4.20
N GLY C 634 -13.09 -12.51 -3.66
CA GLY C 634 -13.27 -13.73 -4.40
C GLY C 634 -14.73 -14.24 -4.38
N GLU C 635 -14.88 -15.55 -4.41
CA GLU C 635 -16.18 -16.23 -4.54
C GLU C 635 -17.14 -15.94 -3.39
N THR C 636 -16.60 -15.74 -2.18
CA THR C 636 -17.41 -15.54 -0.97
C THR C 636 -17.51 -14.05 -0.64
N ALA C 637 -18.72 -13.49 -0.73
CA ALA C 637 -19.03 -12.13 -0.30
C ALA C 637 -18.50 -11.97 1.12
N ARG C 638 -17.98 -10.79 1.44
CA ARG C 638 -17.23 -10.59 2.70
C ARG C 638 -17.27 -9.11 3.07
N VAL C 639 -17.41 -8.86 4.37
CA VAL C 639 -17.33 -7.52 4.90
C VAL C 639 -15.91 -7.30 5.39
N SER C 640 -15.28 -6.26 4.87
CA SER C 640 -13.88 -5.94 5.07
C SER C 640 -13.84 -4.81 6.13
N ASN C 641 -12.96 -4.87 7.08
CA ASN C 641 -12.94 -3.84 8.13
C ASN C 641 -11.57 -3.21 8.11
N ILE C 642 -11.42 -2.04 7.46
CA ILE C 642 -10.08 -1.56 7.23
C ILE C 642 -9.67 -0.34 8.06
N ASP C 643 -8.45 -0.56 8.54
CA ASP C 643 -7.60 0.38 9.21
C ASP C 643 -7.11 1.45 8.23
N LEU C 644 -7.56 2.70 8.40
CA LEU C 644 -7.07 3.83 7.62
C LEU C 644 -5.78 4.45 8.19
N GLY C 645 -5.03 3.71 9.01
CA GLY C 645 -3.88 4.29 9.72
C GLY C 645 -2.68 4.47 8.79
N PHE C 646 -2.73 4.05 7.51
CA PHE C 646 -1.67 4.42 6.57
C PHE C 646 -1.71 5.91 6.23
N LEU C 647 -2.86 6.61 6.41
CA LEU C 647 -2.94 8.06 6.10
C LEU C 647 -1.96 8.79 7.00
N GLU C 648 -1.62 10.03 6.64
CA GLU C 648 -0.70 10.81 7.45
C GLU C 648 -1.38 11.30 8.71
N LYS C 649 -0.66 11.29 9.85
CA LYS C 649 -1.29 11.61 11.11
C LYS C 649 -1.51 13.13 11.13
N GLY C 650 -2.67 13.57 11.63
CA GLY C 650 -2.94 15.00 11.76
C GLY C 650 -3.55 15.61 10.50
N LYS C 651 -3.80 14.82 9.47
CA LYS C 651 -4.49 15.37 8.31
C LYS C 651 -5.89 14.79 8.18
N LYS C 652 -6.78 15.63 7.67
CA LYS C 652 -8.10 15.22 7.16
C LYS C 652 -8.10 14.98 5.64
N TYR C 653 -8.82 13.94 5.19
CA TYR C 653 -8.89 13.61 3.77
C TYR C 653 -10.35 13.47 3.33
N THR C 654 -10.66 13.92 2.11
CA THR C 654 -11.90 13.57 1.43
C THR C 654 -11.73 12.18 0.81
N ALA C 655 -12.59 11.27 1.25
CA ALA C 655 -12.60 9.92 0.72
C ALA C 655 -13.84 9.77 -0.13
N VAL C 656 -13.64 9.20 -1.32
CA VAL C 656 -14.73 8.86 -2.21
C VAL C 656 -14.65 7.36 -2.44
N ILE C 657 -15.75 6.68 -2.06
CA ILE C 657 -15.82 5.23 -1.94
C ILE C 657 -16.73 4.72 -3.05
N TYR C 658 -16.14 3.92 -3.93
CA TYR C 658 -16.84 3.32 -5.07
C TYR C 658 -16.98 1.84 -4.75
N ALA C 659 -18.20 1.39 -4.44
CA ALA C 659 -18.39 0.12 -3.78
C ALA C 659 -19.48 -0.66 -4.51
N ASP C 660 -19.51 -1.99 -4.26
CA ASP C 660 -20.59 -2.80 -4.74
C ASP C 660 -21.88 -2.46 -4.01
N ALA C 661 -23.02 -2.43 -4.70
CA ALA C 661 -24.29 -2.46 -4.01
C ALA C 661 -24.41 -3.79 -3.27
N LYS C 662 -25.28 -3.84 -2.26
CA LYS C 662 -25.40 -5.00 -1.38
C LYS C 662 -25.86 -6.24 -2.15
N ASP C 663 -26.58 -6.02 -3.26
CA ASP C 663 -27.05 -7.13 -4.07
C ASP C 663 -26.21 -7.26 -5.34
N ALA C 664 -25.05 -6.59 -5.43
CA ALA C 664 -24.19 -6.81 -6.61
C ALA C 664 -23.62 -8.23 -6.61
N ASN C 665 -23.21 -8.69 -7.80
CA ASN C 665 -22.85 -10.06 -7.95
C ASN C 665 -22.12 -10.22 -9.29
N TYR C 666 -21.00 -10.94 -9.34
CA TYR C 666 -20.26 -11.07 -10.60
C TYR C 666 -21.05 -11.83 -11.67
N LYS C 667 -22.06 -12.60 -11.26
CA LYS C 667 -22.77 -13.43 -12.23
C LYS C 667 -23.98 -12.69 -12.78
N THR C 668 -24.84 -12.18 -11.88
CA THR C 668 -26.16 -11.75 -12.27
C THR C 668 -26.42 -10.28 -11.98
N ASN C 669 -25.47 -9.51 -11.42
CA ASN C 669 -25.76 -8.10 -11.18
C ASN C 669 -24.46 -7.32 -11.12
N THR C 670 -23.84 -7.18 -12.30
CA THR C 670 -22.49 -6.70 -12.39
C THR C 670 -22.35 -5.19 -12.30
N GLN C 671 -23.41 -4.43 -12.60
CA GLN C 671 -23.28 -2.98 -12.79
C GLN C 671 -23.88 -2.17 -11.61
N ALA C 672 -24.22 -2.83 -10.47
CA ALA C 672 -24.77 -2.18 -9.29
C ALA C 672 -23.65 -1.75 -8.34
N TYR C 673 -23.42 -0.46 -8.26
CA TYR C 673 -22.36 0.14 -7.45
C TYR C 673 -22.93 1.35 -6.71
N THR C 674 -22.27 1.83 -5.66
CA THR C 674 -22.64 3.05 -5.01
C THR C 674 -21.37 3.91 -4.93
N ILE C 675 -21.57 5.22 -4.79
CA ILE C 675 -20.50 6.15 -4.63
C ILE C 675 -20.85 6.99 -3.42
N ARG C 676 -19.93 7.21 -2.48
CA ARG C 676 -20.24 8.10 -1.35
C ARG C 676 -18.96 8.75 -0.84
N LYS C 677 -19.14 9.97 -0.28
CA LYS C 677 -18.08 10.82 0.20
C LYS C 677 -18.13 10.88 1.70
N VAL C 678 -16.97 10.94 2.33
CA VAL C 678 -16.90 11.08 3.79
C VAL C 678 -15.49 11.61 4.11
N VAL C 679 -15.39 12.46 5.12
CA VAL C 679 -14.12 13.00 5.53
C VAL C 679 -13.55 12.06 6.58
N VAL C 680 -12.27 11.66 6.43
CA VAL C 680 -11.65 10.72 7.35
C VAL C 680 -10.29 11.23 7.83
N THR C 681 -9.77 10.57 8.86
CA THR C 681 -8.41 10.77 9.34
C THR C 681 -7.77 9.40 9.49
N SER C 682 -6.48 9.36 9.86
CA SER C 682 -5.78 8.11 10.12
C SER C 682 -6.43 7.27 11.23
N ASN C 683 -7.34 7.85 12.05
CA ASN C 683 -7.99 7.13 13.12
C ASN C 683 -9.39 6.65 12.69
N SER C 684 -9.82 6.97 11.47
CA SER C 684 -11.14 6.58 10.99
C SER C 684 -11.13 5.07 10.70
N LYS C 685 -12.24 4.41 11.07
CA LYS C 685 -12.42 3.04 10.57
C LYS C 685 -13.66 3.00 9.66
N LEU C 686 -13.45 2.13 8.69
CA LEU C 686 -14.28 1.89 7.55
C LEU C 686 -14.47 0.40 7.55
N SER C 687 -15.71 0.07 7.23
CA SER C 687 -16.20 -1.26 7.07
C SER C 687 -16.89 -1.22 5.68
N GLN C 688 -16.67 -2.25 4.85
CA GLN C 688 -17.34 -2.30 3.54
C GLN C 688 -17.58 -3.74 3.09
N PHE C 689 -18.81 -4.02 2.66
CA PHE C 689 -19.25 -5.25 2.02
C PHE C 689 -18.63 -5.30 0.63
N SER C 690 -18.02 -6.42 0.28
CA SER C 690 -17.64 -6.68 -1.13
C SER C 690 -18.44 -7.87 -1.62
N ALA C 691 -18.92 -7.78 -2.89
CA ALA C 691 -19.68 -8.87 -3.42
C ALA C 691 -18.73 -9.99 -3.80
N SER C 692 -19.36 -11.11 -4.10
CA SER C 692 -18.74 -12.22 -4.79
C SER C 692 -18.21 -11.71 -6.14
N GLY C 693 -16.88 -11.81 -6.36
CA GLY C 693 -16.21 -11.29 -7.53
C GLY C 693 -16.25 -9.77 -7.62
N GLY C 694 -16.40 -9.15 -6.45
CA GLY C 694 -16.58 -7.72 -6.36
C GLY C 694 -15.33 -7.08 -5.80
N GLY C 695 -15.52 -5.94 -5.14
CA GLY C 695 -14.39 -5.16 -4.70
C GLY C 695 -14.86 -3.75 -4.37
N TYR C 696 -13.92 -2.88 -3.99
CA TYR C 696 -14.19 -1.48 -3.80
C TYR C 696 -12.94 -0.67 -4.08
N ALA C 697 -13.16 0.59 -4.38
CA ALA C 697 -12.11 1.52 -4.66
C ALA C 697 -12.35 2.83 -3.94
N ILE C 698 -11.25 3.43 -3.44
CA ILE C 698 -11.36 4.65 -2.65
C ILE C 698 -10.25 5.60 -3.06
N SER C 699 -10.64 6.85 -3.36
CA SER C 699 -9.67 7.94 -3.43
C SER C 699 -9.63 8.72 -2.12
N PHE C 700 -8.44 9.20 -1.73
CA PHE C 700 -8.22 10.07 -0.59
C PHE C 700 -7.40 11.31 -1.01
N TYR C 701 -7.97 12.52 -0.94
CA TYR C 701 -7.31 13.79 -1.19
C TYR C 701 -7.32 14.61 0.09
N PRO C 702 -6.16 15.18 0.53
CA PRO C 702 -6.13 16.03 1.71
C PRO C 702 -7.14 17.14 1.57
N VAL C 703 -7.78 17.52 2.67
CA VAL C 703 -8.72 18.63 2.67
C VAL C 703 -7.96 19.96 2.51
N ALA C 704 -8.46 20.85 1.63
CA ALA C 704 -8.01 22.24 1.54
C ALA C 704 -8.51 23.01 2.78
N SER D 23 0.08 -32.38 -74.92
CA SER D 23 0.66 -33.74 -74.62
C SER D 23 2.13 -33.89 -75.02
N ASP D 24 2.50 -33.44 -76.24
CA ASP D 24 3.86 -33.60 -76.80
C ASP D 24 4.53 -32.24 -77.02
N LEU D 25 5.80 -32.13 -76.63
CA LEU D 25 6.55 -30.89 -76.77
C LEU D 25 7.91 -31.18 -77.40
N LYS D 26 8.42 -30.25 -78.22
CA LYS D 26 9.69 -30.41 -78.92
C LYS D 26 10.59 -29.21 -78.66
N SER D 27 11.91 -29.44 -78.67
CA SER D 27 12.86 -28.31 -78.63
C SER D 27 12.65 -27.52 -79.91
N PRO D 28 13.06 -26.23 -79.97
CA PRO D 28 12.99 -25.45 -81.20
C PRO D 28 13.70 -26.10 -82.40
N ASP D 29 14.80 -26.82 -82.19
CA ASP D 29 15.50 -27.52 -83.26
C ASP D 29 14.91 -28.92 -83.52
N GLY D 30 13.91 -29.38 -82.77
CA GLY D 30 13.32 -30.69 -83.06
C GLY D 30 14.13 -31.90 -82.52
N ASN D 31 15.32 -31.71 -81.94
CA ASN D 31 16.09 -32.84 -81.44
C ASN D 31 15.52 -33.47 -80.16
N PHE D 32 14.80 -32.72 -79.34
CA PHE D 32 14.16 -33.26 -78.14
C PHE D 32 12.66 -33.42 -78.34
N LEU D 33 12.14 -34.53 -77.81
CA LEU D 33 10.71 -34.79 -77.73
C LEU D 33 10.39 -35.15 -76.29
N MET D 34 9.39 -34.45 -75.70
CA MET D 34 8.91 -34.68 -74.32
C MET D 34 7.44 -35.07 -74.39
N HIS D 35 7.08 -36.27 -73.93
CA HIS D 35 5.70 -36.73 -73.85
C HIS D 35 5.23 -36.67 -72.40
N PHE D 36 4.14 -35.94 -72.14
CA PHE D 36 3.45 -35.91 -70.86
C PHE D 36 2.18 -36.75 -70.95
N SER D 37 1.93 -37.66 -69.97
CA SER D 37 0.67 -38.37 -69.89
C SER D 37 0.28 -38.65 -68.42
N LEU D 38 -0.89 -39.29 -68.22
CA LEU D 38 -1.37 -39.77 -66.92
C LEU D 38 -1.46 -41.27 -66.96
N GLU D 39 -0.98 -41.97 -65.93
CA GLU D 39 -1.22 -43.39 -65.80
C GLU D 39 -2.73 -43.62 -65.60
N ALA D 40 -3.16 -44.89 -65.66
CA ALA D 40 -4.56 -45.23 -65.47
C ALA D 40 -5.04 -44.66 -64.13
N ASP D 41 -4.19 -44.74 -63.12
CA ASP D 41 -4.57 -44.35 -61.78
C ASP D 41 -4.46 -42.82 -61.57
N GLY D 42 -4.16 -42.02 -62.63
CA GLY D 42 -4.09 -40.55 -62.52
C GLY D 42 -2.71 -40.00 -62.11
N THR D 43 -1.69 -40.85 -61.99
CA THR D 43 -0.34 -40.42 -61.71
C THR D 43 0.21 -39.68 -62.93
N PRO D 44 0.73 -38.44 -62.78
CA PRO D 44 1.38 -37.74 -63.89
C PRO D 44 2.79 -38.29 -64.16
N VAL D 45 3.09 -38.48 -65.45
CA VAL D 45 4.35 -39.03 -65.94
C VAL D 45 4.85 -38.22 -67.13
N TYR D 46 6.18 -38.14 -67.25
CA TYR D 46 6.84 -37.54 -68.39
C TYR D 46 7.92 -38.50 -68.88
N LYS D 47 8.32 -38.25 -70.11
CA LYS D 47 9.30 -39.01 -70.86
C LYS D 47 10.09 -38.04 -71.75
N LEU D 48 11.41 -38.27 -71.90
CA LEU D 48 12.23 -37.36 -72.72
C LEU D 48 13.10 -38.16 -73.68
N ILE D 49 13.04 -37.73 -74.93
CA ILE D 49 13.72 -38.38 -76.03
C ILE D 49 14.65 -37.36 -76.68
N TYR D 50 15.91 -37.77 -76.93
CA TYR D 50 16.89 -36.97 -77.66
C TYR D 50 17.36 -37.73 -78.90
N LYS D 51 17.15 -37.12 -80.05
CA LYS D 51 17.50 -37.66 -81.36
C LYS D 51 17.08 -39.12 -81.42
N GLY D 52 15.81 -39.40 -81.08
CA GLY D 52 15.24 -40.74 -81.18
C GLY D 52 15.69 -41.66 -80.06
N LYS D 53 16.53 -41.21 -79.11
CA LYS D 53 17.00 -42.09 -78.04
C LYS D 53 16.40 -41.66 -76.70
N ASP D 54 16.03 -42.66 -75.88
CA ASP D 54 15.50 -42.38 -74.57
C ASP D 54 16.58 -41.75 -73.72
N VAL D 55 16.21 -40.65 -73.04
CA VAL D 55 17.08 -40.08 -72.03
C VAL D 55 16.42 -40.19 -70.68
N ILE D 56 15.14 -39.79 -70.63
CA ILE D 56 14.28 -40.04 -69.46
C ILE D 56 13.10 -40.92 -69.86
N LYS D 57 13.08 -42.13 -69.34
CA LYS D 57 11.95 -43.02 -69.53
C LYS D 57 10.79 -42.54 -68.65
N ALA D 58 9.67 -43.24 -68.79
CA ALA D 58 8.46 -42.91 -68.06
C ALA D 58 8.80 -42.59 -66.60
N SER D 59 8.50 -41.37 -66.14
CA SER D 59 8.97 -40.86 -64.86
C SER D 59 7.82 -40.17 -64.09
N LYS D 60 7.52 -40.55 -62.85
CA LYS D 60 6.35 -40.03 -62.14
C LYS D 60 6.67 -38.66 -61.52
N LEU D 61 5.60 -37.89 -61.27
CA LEU D 61 5.65 -36.52 -60.78
C LEU D 61 4.66 -36.34 -59.63
N GLY D 62 4.92 -35.35 -58.75
CA GLY D 62 3.97 -35.05 -57.69
C GLY D 62 4.63 -35.00 -56.31
N PHE D 63 3.80 -35.06 -55.24
CA PHE D 63 4.27 -34.87 -53.86
C PHE D 63 3.56 -35.78 -52.87
N THR D 64 4.30 -36.19 -51.83
CA THR D 64 3.74 -36.68 -50.59
C THR D 64 3.64 -35.49 -49.64
N LEU D 65 2.42 -35.20 -49.15
CA LEU D 65 2.16 -34.13 -48.18
C LEU D 65 2.04 -34.70 -46.78
N LYS D 66 2.48 -33.93 -45.79
CA LYS D 66 2.37 -34.33 -44.39
C LYS D 66 0.94 -34.10 -43.92
N ASN D 67 0.43 -35.01 -43.09
CA ASN D 67 -0.91 -34.91 -42.49
C ASN D 67 -1.98 -34.80 -43.58
N ASP D 68 -1.92 -35.73 -44.55
CA ASP D 68 -2.75 -35.70 -45.74
C ASP D 68 -2.81 -37.13 -46.30
N ASN D 69 -3.98 -37.75 -46.18
CA ASN D 69 -4.18 -39.12 -46.64
C ASN D 69 -3.87 -39.21 -48.13
N LYS D 70 -4.37 -38.27 -48.94
CA LYS D 70 -4.37 -38.47 -50.37
C LYS D 70 -3.06 -37.99 -50.98
N SER D 71 -2.51 -36.87 -50.51
CA SER D 71 -1.32 -36.33 -51.12
C SER D 71 -1.62 -35.97 -52.58
N LEU D 72 -0.54 -35.67 -53.34
CA LEU D 72 -0.59 -35.15 -54.71
C LEU D 72 0.20 -36.08 -55.66
N LEU D 73 -0.20 -37.36 -55.65
CA LEU D 73 0.53 -38.45 -56.28
C LEU D 73 -0.19 -38.97 -57.51
N ASN D 74 -1.51 -38.78 -57.55
CA ASN D 74 -2.35 -39.52 -58.47
C ASN D 74 -3.77 -38.96 -58.44
N ASP D 75 -4.65 -39.64 -59.19
CA ASP D 75 -6.06 -39.28 -59.28
C ASP D 75 -6.25 -37.86 -59.87
N PHE D 76 -5.29 -37.44 -60.69
CA PHE D 76 -5.43 -36.21 -61.45
C PHE D 76 -6.14 -36.48 -62.76
N LYS D 77 -6.76 -35.44 -63.29
CA LYS D 77 -7.24 -35.41 -64.67
C LYS D 77 -6.71 -34.10 -65.26
N ILE D 78 -6.50 -34.12 -66.57
CA ILE D 78 -6.01 -32.92 -67.25
C ILE D 78 -7.16 -31.96 -67.44
N GLU D 79 -7.06 -30.75 -66.92
CA GLU D 79 -8.12 -29.78 -66.98
C GLU D 79 -7.88 -28.87 -68.16
N ASP D 80 -6.61 -28.60 -68.48
CA ASP D 80 -6.26 -27.60 -69.48
C ASP D 80 -4.80 -27.82 -69.89
N THR D 81 -4.45 -27.53 -71.15
CA THR D 81 -3.06 -27.50 -71.59
C THR D 81 -2.86 -26.19 -72.35
N LYS D 82 -1.64 -25.63 -72.30
CA LYS D 82 -1.30 -24.43 -73.04
C LYS D 82 0.14 -24.53 -73.53
N THR D 83 0.37 -24.15 -74.80
CA THR D 83 1.68 -24.12 -75.41
C THR D 83 2.02 -22.69 -75.80
N SER D 84 3.32 -22.39 -75.86
CA SER D 84 3.80 -21.11 -76.34
C SER D 84 5.30 -21.25 -76.59
N SER D 85 5.83 -20.22 -77.25
CA SER D 85 7.20 -20.17 -77.67
C SER D 85 7.78 -18.85 -77.22
N PHE D 86 9.06 -18.85 -76.91
CA PHE D 86 9.72 -17.65 -76.42
C PHE D 86 11.14 -17.68 -76.98
N ASP D 87 11.62 -16.49 -77.40
CA ASP D 87 12.95 -16.37 -77.94
C ASP D 87 13.40 -14.94 -77.74
N GLU D 88 14.14 -14.68 -76.65
CA GLU D 88 14.72 -13.37 -76.41
C GLU D 88 16.15 -13.54 -75.94
N ASN D 89 16.90 -12.45 -76.09
CA ASN D 89 18.25 -12.33 -75.59
C ASN D 89 18.25 -11.39 -74.40
N TRP D 90 19.19 -11.63 -73.49
CA TRP D 90 19.37 -10.76 -72.34
C TRP D 90 20.88 -10.62 -72.12
N LYS D 91 21.30 -9.48 -71.51
CA LYS D 91 22.73 -9.20 -71.31
C LYS D 91 23.07 -9.46 -69.84
N PRO D 92 23.92 -10.44 -69.52
CA PRO D 92 24.35 -10.66 -68.14
C PRO D 92 25.18 -9.47 -67.69
N VAL D 93 25.27 -9.27 -66.38
CA VAL D 93 26.16 -8.26 -65.86
C VAL D 93 27.59 -8.71 -66.02
N TRP D 94 27.82 -9.98 -65.69
CA TRP D 94 29.12 -10.62 -65.81
C TRP D 94 28.80 -12.04 -66.25
N GLY D 95 29.71 -12.67 -66.97
CA GLY D 95 29.40 -13.96 -67.56
C GLY D 95 30.45 -14.44 -68.52
N GLU D 96 30.11 -15.56 -69.18
CA GLU D 96 30.92 -16.20 -70.20
C GLU D 96 30.72 -15.56 -71.58
N VAL D 97 29.64 -14.81 -71.78
CA VAL D 97 29.27 -14.22 -73.05
C VAL D 97 28.63 -12.86 -72.80
N SER D 98 28.64 -11.99 -73.82
CA SER D 98 28.01 -10.68 -73.72
C SER D 98 26.49 -10.77 -73.81
N SER D 99 25.97 -11.81 -74.49
CA SER D 99 24.54 -11.89 -74.78
C SER D 99 24.10 -13.34 -74.68
N ILE D 100 22.99 -13.58 -74.00
CA ILE D 100 22.53 -14.96 -73.79
C ILE D 100 21.17 -15.14 -74.44
N ARG D 101 21.07 -16.16 -75.30
CA ARG D 101 19.80 -16.48 -75.89
C ARG D 101 18.92 -17.39 -75.03
N ASN D 102 17.68 -16.93 -74.79
CA ASN D 102 16.68 -17.72 -74.10
C ASN D 102 15.58 -18.13 -75.09
N ASN D 103 15.62 -19.40 -75.50
CA ASN D 103 14.78 -19.85 -76.59
C ASN D 103 14.18 -21.21 -76.23
N TYR D 104 12.85 -21.28 -76.07
CA TYR D 104 12.24 -22.54 -75.68
C TYR D 104 10.83 -22.64 -76.22
N ASN D 105 10.31 -23.88 -76.22
CA ASN D 105 8.90 -24.15 -76.35
C ASN D 105 8.39 -24.64 -75.00
N GLU D 106 7.18 -24.20 -74.65
CA GLU D 106 6.60 -24.42 -73.32
C GLU D 106 5.29 -25.17 -73.50
N LEU D 107 5.10 -26.21 -72.69
CA LEU D 107 3.79 -26.76 -72.37
C LEU D 107 3.47 -26.61 -70.88
N ALA D 108 2.33 -25.94 -70.61
CA ALA D 108 1.72 -25.85 -69.30
C ALA D 108 0.57 -26.83 -69.17
N VAL D 109 0.69 -27.82 -68.30
CA VAL D 109 -0.39 -28.76 -68.04
C VAL D 109 -1.10 -28.37 -66.73
N SER D 110 -2.39 -28.06 -66.83
CA SER D 110 -3.24 -27.78 -65.66
C SER D 110 -3.91 -29.06 -65.20
N LEU D 111 -3.56 -29.54 -64.01
CA LEU D 111 -4.21 -30.72 -63.49
C LEU D 111 -5.24 -30.35 -62.42
N SER D 112 -6.17 -31.31 -62.21
CA SER D 112 -7.19 -31.24 -61.17
C SER D 112 -7.35 -32.62 -60.55
N GLN D 113 -7.26 -32.68 -59.22
CA GLN D 113 -7.38 -33.95 -58.53
C GLN D 113 -8.87 -34.19 -58.25
N LYS D 114 -9.32 -35.42 -58.50
CA LYS D 114 -10.63 -35.86 -58.07
C LYS D 114 -10.69 -35.85 -56.53
N GLU D 115 -11.91 -35.76 -55.99
CA GLU D 115 -12.24 -35.74 -54.58
C GLU D 115 -11.87 -34.39 -54.01
N THR D 116 -10.61 -33.97 -54.08
CA THR D 116 -10.14 -32.77 -53.42
C THR D 116 -10.33 -31.51 -54.28
N ASP D 117 -10.41 -31.66 -55.60
CA ASP D 117 -10.48 -30.51 -56.49
C ASP D 117 -9.25 -29.60 -56.42
N ARG D 118 -8.08 -30.15 -56.02
CA ARG D 118 -6.90 -29.34 -55.91
C ARG D 118 -6.26 -29.17 -57.28
N LYS D 119 -5.67 -27.97 -57.53
CA LYS D 119 -5.08 -27.59 -58.78
C LYS D 119 -3.56 -27.63 -58.66
N MET D 120 -2.95 -28.27 -59.65
CA MET D 120 -1.50 -28.32 -59.74
C MET D 120 -1.15 -28.18 -61.22
N ILE D 121 -0.33 -27.18 -61.54
CA ILE D 121 0.19 -26.94 -62.87
C ILE D 121 1.60 -27.57 -62.94
N ILE D 122 1.88 -28.29 -64.03
CA ILE D 122 3.24 -28.68 -64.39
C ILE D 122 3.64 -27.95 -65.67
N ARG D 123 4.70 -27.13 -65.53
CA ARG D 123 5.20 -26.30 -66.60
C ARG D 123 6.48 -26.92 -67.14
N PHE D 124 6.49 -27.19 -68.45
CA PHE D 124 7.67 -27.73 -69.14
C PHE D 124 8.21 -26.73 -70.15
N ARG D 125 9.53 -26.53 -70.13
CA ARG D 125 10.24 -25.78 -71.15
C ARG D 125 11.33 -26.66 -71.74
N LEU D 126 11.27 -26.72 -73.07
CA LEU D 126 12.19 -27.51 -73.83
C LEU D 126 13.02 -26.56 -74.69
N PHE D 127 14.32 -26.60 -74.39
CA PHE D 127 15.36 -25.88 -75.12
C PHE D 127 16.16 -26.86 -75.97
N ASP D 128 17.00 -26.30 -76.85
CA ASP D 128 17.91 -27.09 -77.65
C ASP D 128 18.91 -27.80 -76.76
N ASP D 129 19.11 -27.34 -75.51
CA ASP D 129 20.07 -27.94 -74.58
C ASP D 129 19.36 -28.89 -73.60
N GLY D 130 18.01 -28.95 -73.62
CA GLY D 130 17.29 -29.91 -72.80
C GLY D 130 16.08 -29.32 -72.08
N LEU D 131 15.71 -29.98 -70.97
CA LEU D 131 14.40 -29.81 -70.39
C LEU D 131 14.51 -29.13 -69.03
N GLY D 132 13.58 -28.18 -68.83
CA GLY D 132 13.22 -27.73 -67.49
C GLY D 132 11.74 -27.97 -67.17
N PHE D 133 11.44 -28.34 -65.90
CA PHE D 133 10.04 -28.36 -65.51
C PHE D 133 9.87 -27.96 -64.05
N ARG D 134 8.69 -27.40 -63.75
CA ARG D 134 8.39 -27.13 -62.36
C ARG D 134 6.92 -27.32 -62.07
N TYR D 135 6.63 -27.35 -60.76
CA TYR D 135 5.25 -27.37 -60.33
C TYR D 135 4.80 -26.00 -59.84
N GLU D 136 3.52 -25.70 -60.11
CA GLU D 136 2.88 -24.48 -59.63
C GLU D 136 1.52 -24.78 -59.01
N PHE D 137 1.21 -24.04 -57.93
CA PHE D 137 -0.09 -24.14 -57.27
C PHE D 137 -0.75 -22.78 -57.30
N PRO D 138 -1.84 -22.59 -58.06
CA PRO D 138 -2.50 -21.30 -58.05
C PRO D 138 -3.33 -21.17 -56.77
N GLN D 139 -3.74 -19.92 -56.52
CA GLN D 139 -4.78 -19.60 -55.58
C GLN D 139 -5.94 -20.57 -55.74
N GLN D 140 -6.34 -21.22 -54.67
CA GLN D 140 -7.49 -22.12 -54.71
C GLN D 140 -8.03 -22.29 -53.27
N ASN D 141 -9.24 -22.78 -53.18
CA ASN D 141 -9.96 -22.79 -51.93
C ASN D 141 -9.62 -24.01 -51.08
N ASN D 142 -9.09 -25.10 -51.64
CA ASN D 142 -8.93 -26.32 -50.89
C ASN D 142 -7.45 -26.69 -50.76
N LEU D 143 -6.56 -25.73 -51.00
CA LEU D 143 -5.14 -25.89 -50.75
C LEU D 143 -4.54 -24.49 -50.55
N ILE D 144 -4.17 -24.23 -49.31
CA ILE D 144 -3.67 -22.92 -48.94
C ILE D 144 -2.32 -23.18 -48.24
N TYR D 145 -2.31 -23.47 -46.92
CA TYR D 145 -1.06 -23.77 -46.25
C TYR D 145 -0.85 -25.26 -46.29
N PHE D 146 0.33 -25.74 -46.73
CA PHE D 146 0.53 -27.19 -46.75
C PHE D 146 2.01 -27.48 -46.59
N THR D 147 2.31 -28.73 -46.27
CA THR D 147 3.67 -29.12 -45.95
C THR D 147 4.08 -30.32 -46.80
N ILE D 148 5.19 -30.16 -47.53
CA ILE D 148 5.73 -31.26 -48.31
C ILE D 148 6.47 -32.25 -47.41
N LYS D 149 6.03 -33.49 -47.38
CA LYS D 149 6.80 -34.51 -46.69
C LYS D 149 7.94 -35.08 -47.57
N GLU D 150 7.65 -35.43 -48.82
CA GLU D 150 8.66 -35.73 -49.84
C GLU D 150 8.18 -35.21 -51.19
N GLU D 151 9.06 -34.62 -52.01
CA GLU D 151 8.73 -34.46 -53.44
C GLU D 151 8.86 -35.81 -54.15
N ARG D 152 7.97 -36.12 -55.10
CA ARG D 152 7.98 -37.40 -55.81
C ARG D 152 8.18 -37.16 -57.30
N THR D 153 9.35 -36.57 -57.60
CA THR D 153 9.82 -36.33 -58.95
C THR D 153 10.87 -37.38 -59.31
N GLN D 154 10.64 -38.05 -60.44
CA GLN D 154 11.54 -39.09 -60.88
C GLN D 154 12.27 -38.68 -62.14
N PHE D 155 13.41 -39.35 -62.31
CA PHE D 155 14.21 -39.32 -63.52
C PHE D 155 14.62 -40.76 -63.79
N ALA D 156 13.84 -41.47 -64.64
CA ALA D 156 14.10 -42.88 -64.97
C ALA D 156 15.15 -42.92 -66.08
N MET D 157 16.28 -43.56 -65.78
CA MET D 157 17.38 -43.62 -66.77
C MET D 157 17.14 -44.80 -67.73
N ALA D 158 17.73 -44.69 -68.94
CA ALA D 158 17.65 -45.72 -69.98
C ALA D 158 18.61 -46.86 -69.66
N GLY D 159 19.61 -46.67 -68.80
CA GLY D 159 20.45 -47.79 -68.42
C GLY D 159 21.45 -47.46 -67.33
N ASP D 160 22.50 -48.29 -67.25
CA ASP D 160 23.49 -48.21 -66.20
C ASP D 160 24.60 -47.21 -66.60
N HIS D 161 24.25 -45.94 -66.64
CA HIS D 161 25.18 -44.91 -67.07
C HIS D 161 26.40 -44.85 -66.14
N THR D 162 27.49 -44.23 -66.65
CA THR D 162 28.54 -43.73 -65.77
C THR D 162 28.04 -42.44 -65.09
N ALA D 163 28.29 -42.32 -63.79
CA ALA D 163 28.00 -41.07 -63.08
C ALA D 163 29.26 -40.47 -62.46
N TYR D 164 29.23 -39.16 -62.31
CA TYR D 164 30.27 -38.41 -61.64
C TYR D 164 29.56 -37.71 -60.49
N TRP D 165 29.75 -38.24 -59.25
CA TRP D 165 28.82 -38.00 -58.16
C TRP D 165 29.56 -37.79 -56.82
N ILE D 166 28.87 -37.08 -55.91
CA ILE D 166 29.25 -36.99 -54.50
C ILE D 166 28.06 -37.46 -53.63
N PRO D 167 28.35 -37.97 -52.42
CA PRO D 167 27.27 -38.46 -51.53
C PRO D 167 26.25 -37.37 -51.21
N GLY D 168 24.98 -37.78 -51.25
CA GLY D 168 23.88 -36.97 -50.72
C GLY D 168 24.17 -36.56 -49.27
N ASP D 169 24.10 -35.22 -49.01
CA ASP D 169 24.41 -34.69 -47.70
C ASP D 169 23.64 -33.38 -47.48
N TYR D 170 23.11 -33.20 -46.26
CA TYR D 170 22.30 -32.04 -45.91
C TYR D 170 23.17 -30.87 -45.46
N ASP D 171 24.48 -31.06 -45.26
CA ASP D 171 25.31 -30.09 -44.59
C ASP D 171 26.61 -29.71 -45.30
N THR D 172 27.12 -30.58 -46.19
CA THR D 172 28.34 -30.23 -46.92
C THR D 172 28.31 -30.80 -48.33
N GLN D 173 29.00 -30.12 -49.26
CA GLN D 173 29.28 -30.66 -50.58
C GLN D 173 30.80 -30.84 -50.77
N GLU D 174 31.59 -30.87 -49.69
CA GLU D 174 33.05 -30.74 -49.80
C GLU D 174 33.73 -32.11 -49.99
N TYR D 175 33.20 -32.91 -50.91
CA TYR D 175 33.70 -34.26 -51.18
C TYR D 175 34.45 -34.34 -52.51
N ASN D 176 35.40 -35.27 -52.62
CA ASN D 176 35.90 -35.69 -53.92
C ASN D 176 34.78 -36.45 -54.65
N TYR D 177 34.70 -36.26 -55.96
CA TYR D 177 33.78 -36.94 -56.85
C TYR D 177 34.25 -38.39 -56.99
N SER D 178 33.30 -39.29 -57.21
CA SER D 178 33.55 -40.64 -57.66
C SER D 178 33.00 -40.76 -59.07
N THR D 179 33.73 -41.55 -59.87
CA THR D 179 33.34 -41.90 -61.22
C THR D 179 32.99 -43.38 -61.22
N SER D 180 31.75 -43.75 -61.50
CA SER D 180 31.35 -45.15 -61.44
C SER D 180 30.07 -45.34 -62.22
N LYS D 181 29.68 -46.59 -62.39
CA LYS D 181 28.35 -46.89 -62.90
C LYS D 181 27.32 -46.66 -61.80
N LEU D 182 26.06 -46.45 -62.22
CA LEU D 182 24.94 -46.28 -61.30
C LEU D 182 24.87 -47.49 -60.38
N SER D 183 25.07 -48.68 -60.96
CA SER D 183 24.95 -49.91 -60.21
C SER D 183 26.10 -50.07 -59.21
N GLU D 184 27.11 -49.18 -59.20
CA GLU D 184 28.27 -49.34 -58.33
C GLU D 184 28.28 -48.33 -57.20
N ILE D 185 27.34 -47.39 -57.26
CA ILE D 185 27.29 -46.29 -56.28
C ILE D 185 27.14 -46.87 -54.87
N ARG D 186 26.20 -47.81 -54.74
CA ARG D 186 25.89 -48.39 -53.43
C ARG D 186 27.17 -48.93 -52.80
N GLY D 187 27.93 -49.73 -53.58
CA GLY D 187 29.11 -50.38 -53.06
C GLY D 187 30.21 -49.38 -52.68
N LEU D 188 30.31 -48.27 -53.42
CA LEU D 188 31.36 -47.30 -53.16
C LEU D 188 31.02 -46.32 -52.03
N MET D 189 29.74 -46.26 -51.62
CA MET D 189 29.24 -45.16 -50.83
C MET D 189 29.99 -44.99 -49.49
N GLU D 190 30.26 -46.09 -48.77
CA GLU D 190 30.89 -45.98 -47.45
C GLU D 190 32.29 -45.34 -47.53
N LYS D 191 33.05 -45.67 -48.58
CA LYS D 191 34.35 -45.06 -48.86
C LYS D 191 34.26 -43.58 -49.31
N ALA D 192 33.33 -43.25 -50.24
CA ALA D 192 33.18 -41.91 -50.80
C ALA D 192 32.72 -40.89 -49.74
N TYR D 193 31.98 -41.36 -48.70
CA TYR D 193 31.50 -40.60 -47.55
C TYR D 193 32.65 -40.43 -46.55
N THR D 194 33.64 -39.59 -46.92
CA THR D 194 34.75 -39.28 -46.05
C THR D 194 34.23 -38.40 -44.88
N LYS D 195 34.78 -38.65 -43.67
CA LYS D 195 34.43 -37.99 -42.42
C LYS D 195 35.45 -36.91 -42.05
N GLY D 196 35.39 -36.34 -40.83
CA GLY D 196 36.27 -35.26 -40.42
C GLY D 196 35.73 -33.84 -40.66
N ASN D 197 34.58 -33.66 -41.39
CA ASN D 197 33.94 -32.35 -41.62
C ASN D 197 33.28 -31.87 -40.30
N ALA D 198 33.32 -30.54 -40.07
CA ALA D 198 32.65 -29.85 -38.96
C ALA D 198 31.13 -30.11 -38.95
N SER D 199 30.55 -30.45 -40.11
CA SER D 199 29.12 -30.60 -40.29
C SER D 199 28.85 -31.41 -41.57
N GLN D 200 28.27 -32.62 -41.42
CA GLN D 200 27.87 -33.47 -42.54
C GLN D 200 26.78 -34.43 -42.08
N THR D 201 25.76 -34.64 -42.92
CA THR D 201 24.67 -35.58 -42.61
C THR D 201 24.22 -36.31 -43.89
N SER D 202 24.51 -37.64 -43.95
CA SER D 202 24.18 -38.66 -44.94
C SER D 202 22.66 -38.86 -45.03
N PHE D 203 22.13 -39.60 -46.04
CA PHE D 203 20.72 -39.93 -45.95
C PHE D 203 20.32 -41.26 -46.57
N SER D 204 21.13 -41.83 -47.45
CA SER D 204 20.75 -43.05 -48.18
C SER D 204 22.00 -43.72 -48.69
N PRO D 205 22.02 -45.06 -48.72
CA PRO D 205 23.13 -45.76 -49.35
C PRO D 205 23.32 -45.45 -50.84
N THR D 206 22.28 -44.88 -51.48
CA THR D 206 22.37 -44.56 -52.90
C THR D 206 21.94 -43.11 -53.15
N GLY D 207 22.14 -42.24 -52.15
CA GLY D 207 21.80 -40.83 -52.31
C GLY D 207 22.98 -40.01 -52.82
N VAL D 208 22.73 -39.14 -53.80
CA VAL D 208 23.77 -38.35 -54.42
C VAL D 208 23.26 -36.90 -54.50
N GLN D 209 24.19 -35.96 -54.68
CA GLN D 209 23.80 -34.58 -54.80
C GLN D 209 23.60 -34.23 -56.27
N THR D 210 23.01 -33.03 -56.47
CA THR D 210 23.04 -32.40 -57.77
C THR D 210 23.92 -31.16 -57.69
N SER D 211 24.44 -30.65 -58.84
CA SER D 211 24.29 -31.18 -60.19
C SER D 211 24.93 -32.56 -60.33
N LEU D 212 24.19 -33.51 -60.90
CA LEU D 212 24.72 -34.85 -61.13
C LEU D 212 25.02 -35.03 -62.61
N MET D 213 26.24 -35.47 -62.94
CA MET D 213 26.66 -35.63 -64.33
C MET D 213 26.72 -37.10 -64.64
N MET D 214 26.25 -37.43 -65.86
CA MET D 214 26.29 -38.79 -66.32
C MET D 214 26.68 -38.85 -67.79
N LYS D 215 27.23 -40.02 -68.13
CA LYS D 215 27.51 -40.38 -69.51
C LYS D 215 26.90 -41.75 -69.75
N SER D 216 25.96 -41.85 -70.70
CA SER D 216 25.39 -43.16 -71.07
C SER D 216 26.41 -43.98 -71.87
N GLN D 217 26.21 -45.29 -71.92
CA GLN D 217 27.12 -46.16 -72.66
C GLN D 217 27.04 -45.85 -74.15
N ASP D 218 25.92 -45.30 -74.67
CA ASP D 218 25.83 -44.96 -76.09
C ASP D 218 26.25 -43.50 -76.31
N GLY D 219 26.89 -42.86 -75.33
CA GLY D 219 27.57 -41.60 -75.56
C GLY D 219 26.74 -40.33 -75.32
N LEU D 220 25.59 -40.40 -74.61
CA LEU D 220 24.88 -39.18 -74.24
C LEU D 220 25.42 -38.63 -72.93
N TYR D 221 25.55 -37.31 -72.92
CA TYR D 221 25.92 -36.57 -71.72
C TYR D 221 24.63 -36.01 -71.17
N ILE D 222 24.34 -36.41 -69.92
CA ILE D 222 23.08 -36.14 -69.23
C ILE D 222 23.40 -35.57 -67.85
N ASN D 223 22.88 -34.37 -67.63
CA ASN D 223 23.03 -33.66 -66.35
C ASN D 223 21.65 -33.49 -65.69
N LEU D 224 21.52 -33.88 -64.40
CA LEU D 224 20.34 -33.63 -63.60
C LEU D 224 20.61 -32.55 -62.55
N HIS D 225 19.76 -31.53 -62.53
CA HIS D 225 19.98 -30.45 -61.57
C HIS D 225 18.66 -29.73 -61.29
N GLU D 226 18.75 -28.51 -60.74
CA GLU D 226 17.58 -27.68 -60.53
C GLU D 226 17.96 -26.22 -60.76
N ALA D 227 16.97 -25.33 -60.84
CA ALA D 227 17.15 -23.91 -61.16
C ALA D 227 16.15 -23.07 -60.38
N ALA D 228 16.62 -21.94 -59.79
CA ALA D 228 15.79 -21.00 -59.08
C ALA D 228 15.30 -21.65 -57.77
N LEU D 229 16.26 -22.18 -57.01
CA LEU D 229 16.06 -22.65 -55.65
C LEU D 229 15.77 -21.48 -54.69
N ILE D 230 14.46 -21.15 -54.60
CA ILE D 230 13.94 -20.07 -53.79
C ILE D 230 12.72 -20.56 -53.02
N ASN D 231 12.65 -20.22 -51.72
CA ASN D 231 11.53 -20.51 -50.86
C ASN D 231 11.18 -22.00 -50.94
N TYR D 232 12.20 -22.85 -50.76
CA TYR D 232 12.07 -24.29 -51.00
C TYR D 232 13.33 -24.96 -50.49
N SER D 233 13.27 -26.24 -50.19
CA SER D 233 14.40 -27.06 -49.75
C SER D 233 15.26 -27.56 -50.93
N CYS D 234 16.59 -27.59 -50.76
CA CYS D 234 17.52 -28.12 -51.72
C CYS D 234 17.23 -29.58 -52.10
N MET D 235 17.24 -29.86 -53.41
CA MET D 235 16.96 -31.20 -53.94
C MET D 235 18.24 -32.01 -54.07
N HIS D 236 18.20 -33.19 -53.46
CA HIS D 236 19.17 -34.26 -53.70
C HIS D 236 18.47 -35.33 -54.56
N LEU D 237 19.20 -36.41 -54.89
CA LEU D 237 18.59 -37.49 -55.63
C LEU D 237 18.90 -38.78 -54.91
N ASN D 238 17.91 -39.65 -54.89
CA ASN D 238 18.01 -40.97 -54.31
C ASN D 238 17.83 -41.98 -55.44
N LEU D 239 18.79 -42.89 -55.57
CA LEU D 239 18.79 -43.81 -56.69
C LEU D 239 18.15 -45.13 -56.29
N ASP D 240 17.15 -45.53 -57.07
CA ASP D 240 16.72 -46.90 -57.12
C ASP D 240 17.64 -47.65 -58.10
N ASP D 241 18.63 -48.40 -57.58
CA ASP D 241 19.70 -48.95 -58.41
C ASP D 241 19.32 -50.31 -58.99
N LYS D 242 18.09 -50.73 -58.77
CA LYS D 242 17.55 -51.93 -59.38
C LYS D 242 16.98 -51.52 -60.75
N ASN D 243 16.19 -50.42 -60.84
CA ASN D 243 15.60 -49.95 -62.09
C ASN D 243 16.25 -48.71 -62.65
N PHE D 244 17.27 -48.18 -61.98
CA PHE D 244 18.00 -47.01 -62.46
C PHE D 244 17.04 -45.80 -62.57
N VAL D 245 16.32 -45.57 -61.46
CA VAL D 245 15.44 -44.43 -61.37
C VAL D 245 15.93 -43.52 -60.25
N PHE D 246 16.24 -42.26 -60.57
CA PHE D 246 16.47 -41.24 -59.54
C PHE D 246 15.14 -40.61 -59.09
N GLU D 247 15.05 -40.25 -57.80
CA GLU D 247 13.89 -39.55 -57.24
C GLU D 247 14.33 -38.41 -56.29
N SER D 248 13.70 -37.26 -56.48
CA SER D 248 13.89 -36.09 -55.67
C SER D 248 13.87 -36.48 -54.21
N TRP D 249 14.91 -36.10 -53.46
CA TRP D 249 14.97 -36.26 -52.02
C TRP D 249 15.35 -34.92 -51.43
N LEU D 250 14.39 -34.17 -50.91
CA LEU D 250 14.64 -32.79 -50.50
C LEU D 250 15.26 -32.80 -49.11
N THR D 251 15.77 -31.65 -48.68
CA THR D 251 16.51 -31.56 -47.41
C THR D 251 15.52 -31.27 -46.25
N PRO D 252 15.52 -32.07 -45.17
CA PRO D 252 14.64 -31.80 -44.00
C PRO D 252 15.12 -30.56 -43.28
N ASP D 253 14.13 -29.84 -42.73
CA ASP D 253 14.42 -28.71 -41.87
C ASP D 253 14.60 -29.22 -40.45
N SER D 254 14.61 -28.29 -39.49
CA SER D 254 14.84 -28.61 -38.10
C SER D 254 13.67 -29.39 -37.53
N HIS D 255 12.51 -29.42 -38.18
CA HIS D 255 11.35 -30.13 -37.70
C HIS D 255 11.16 -31.40 -38.50
N GLY D 256 12.06 -31.72 -39.44
CA GLY D 256 11.87 -32.92 -40.23
C GLY D 256 11.12 -32.67 -41.55
N ASP D 257 10.66 -31.45 -41.83
CA ASP D 257 9.75 -31.21 -42.93
C ASP D 257 10.55 -30.78 -44.19
N LYS D 258 9.90 -30.85 -45.34
CA LYS D 258 10.58 -30.73 -46.62
C LYS D 258 9.87 -29.69 -47.50
N GLY D 259 9.31 -28.68 -46.85
CA GLY D 259 8.80 -27.49 -47.49
C GLY D 259 7.48 -27.05 -46.87
N LYS D 260 7.49 -25.89 -46.22
CA LYS D 260 6.31 -25.25 -45.65
C LYS D 260 5.84 -24.30 -46.71
N MET D 261 4.77 -24.65 -47.39
CA MET D 261 4.30 -23.98 -48.58
C MET D 261 3.00 -23.22 -48.24
N GLN D 262 2.76 -22.18 -49.05
CA GLN D 262 1.51 -21.46 -49.11
C GLN D 262 1.19 -21.07 -50.57
N ALA D 263 0.13 -21.66 -51.13
CA ALA D 263 -0.39 -21.31 -52.45
C ALA D 263 -0.94 -19.88 -52.43
N PRO D 264 -0.75 -19.07 -53.49
CA PRO D 264 0.00 -19.47 -54.70
C PRO D 264 1.51 -19.50 -54.53
N CYS D 265 2.13 -20.59 -55.05
CA CYS D 265 3.54 -20.84 -54.91
C CYS D 265 4.00 -21.83 -55.99
N LYS D 266 5.32 -21.99 -56.11
CA LYS D 266 5.90 -22.86 -57.12
C LYS D 266 7.20 -23.47 -56.64
N THR D 267 7.55 -24.60 -57.24
CA THR D 267 8.82 -25.22 -56.99
C THR D 267 9.90 -24.54 -57.82
N PRO D 268 11.16 -24.80 -57.48
CA PRO D 268 12.23 -24.59 -58.45
C PRO D 268 12.02 -25.49 -59.67
N TRP D 269 12.72 -25.17 -60.77
CA TRP D 269 12.74 -26.02 -61.94
C TRP D 269 13.66 -27.22 -61.69
N ARG D 270 13.25 -28.35 -62.28
CA ARG D 270 14.13 -29.50 -62.40
C ARG D 270 14.67 -29.54 -63.82
N THR D 271 15.98 -29.84 -63.97
CA THR D 271 16.66 -29.71 -65.24
C THR D 271 17.31 -31.04 -65.65
N VAL D 272 17.12 -31.33 -66.96
CA VAL D 272 17.74 -32.43 -67.69
C VAL D 272 18.45 -31.83 -68.90
N ILE D 273 19.74 -31.57 -68.76
CA ILE D 273 20.57 -30.96 -69.79
C ILE D 273 21.32 -32.06 -70.51
N VAL D 274 21.19 -32.11 -71.85
CA VAL D 274 21.58 -33.31 -72.59
C VAL D 274 22.19 -32.91 -73.93
N SER D 275 23.27 -33.61 -74.30
CA SER D 275 23.90 -33.44 -75.59
C SER D 275 24.75 -34.68 -75.88
N ASP D 276 24.95 -34.95 -77.19
CA ASP D 276 25.91 -35.95 -77.64
C ASP D 276 27.31 -35.34 -77.71
N ASP D 277 27.45 -34.06 -77.35
CA ASP D 277 28.73 -33.36 -77.29
C ASP D 277 28.86 -32.75 -75.88
N ALA D 278 29.80 -33.27 -75.10
CA ALA D 278 30.07 -32.85 -73.73
C ALA D 278 30.34 -31.35 -73.64
N ARG D 279 30.87 -30.74 -74.69
CA ARG D 279 31.18 -29.33 -74.66
C ARG D 279 29.92 -28.51 -74.53
N ASN D 280 28.82 -29.03 -75.11
CA ASN D 280 27.56 -28.31 -75.05
C ASN D 280 26.97 -28.26 -73.65
N ILE D 281 27.28 -29.25 -72.80
CA ILE D 281 26.82 -29.24 -71.41
C ILE D 281 27.39 -28.00 -70.71
N LEU D 282 28.70 -27.80 -70.87
CA LEU D 282 29.41 -26.69 -70.23
C LEU D 282 28.95 -25.39 -70.82
N ALA D 283 28.60 -25.36 -72.11
CA ALA D 283 28.22 -24.12 -72.79
C ALA D 283 26.82 -23.68 -72.43
N SER D 284 25.99 -24.61 -71.98
CA SER D 284 24.58 -24.30 -71.80
C SER D 284 24.34 -23.16 -70.79
N LYS D 285 23.36 -22.29 -71.10
CA LYS D 285 22.86 -21.25 -70.25
C LYS D 285 21.44 -21.53 -69.74
N LEU D 286 20.91 -22.74 -70.03
CA LEU D 286 19.57 -23.16 -69.65
C LEU D 286 19.28 -22.87 -68.16
N THR D 287 20.19 -23.23 -67.24
CA THR D 287 19.93 -22.99 -65.82
C THR D 287 19.65 -21.48 -65.57
N TYR D 288 20.47 -20.60 -66.10
CA TYR D 288 20.25 -19.16 -65.88
C TYR D 288 18.99 -18.71 -66.58
N ASN D 289 18.71 -19.27 -67.79
CA ASN D 289 17.54 -18.88 -68.54
C ASN D 289 16.26 -19.11 -67.76
N LEU D 290 16.24 -20.12 -66.88
CA LEU D 290 15.08 -20.46 -66.09
C LEU D 290 14.99 -19.64 -64.78
N ASN D 291 15.87 -18.66 -64.56
CA ASN D 291 15.77 -17.75 -63.43
C ASN D 291 15.18 -16.44 -63.92
N GLU D 292 14.49 -15.74 -63.03
CA GLU D 292 13.88 -14.45 -63.26
C GLU D 292 14.95 -13.47 -63.69
N PRO D 293 14.62 -12.50 -64.58
CA PRO D 293 15.53 -11.42 -64.94
C PRO D 293 16.04 -10.66 -63.72
N SER D 294 17.18 -9.98 -63.91
CA SER D 294 17.85 -9.21 -62.86
C SER D 294 16.84 -8.40 -62.10
N LYS D 295 16.85 -8.45 -60.77
CA LYS D 295 16.14 -7.43 -60.00
C LYS D 295 17.01 -6.26 -59.58
N ILE D 296 18.26 -6.20 -60.03
CA ILE D 296 19.09 -5.05 -59.69
C ILE D 296 19.13 -4.18 -60.94
N GLN D 297 18.64 -2.95 -60.83
CA GLN D 297 18.46 -2.04 -61.95
C GLN D 297 19.78 -1.50 -62.44
N GLU D 298 20.58 -0.97 -61.49
CA GLU D 298 21.89 -0.42 -61.79
C GLU D 298 22.94 -1.37 -61.25
N THR D 299 23.80 -1.89 -62.12
CA THR D 299 24.69 -2.97 -61.79
C THR D 299 26.15 -2.59 -61.97
N SER D 300 26.54 -1.35 -62.30
CA SER D 300 27.95 -1.09 -62.59
C SER D 300 28.79 -1.18 -61.32
N TRP D 301 28.18 -1.20 -60.11
CA TRP D 301 28.94 -1.35 -58.86
C TRP D 301 29.39 -2.81 -58.67
N ILE D 302 28.80 -3.71 -59.44
CA ILE D 302 29.10 -5.13 -59.38
C ILE D 302 30.33 -5.34 -60.27
N LYS D 303 31.44 -5.77 -59.68
CA LYS D 303 32.73 -5.71 -60.33
C LYS D 303 33.43 -7.06 -60.25
N PRO D 304 33.51 -7.80 -61.36
CA PRO D 304 34.40 -8.94 -61.40
C PRO D 304 35.73 -8.50 -60.78
N THR D 305 36.39 -9.40 -60.09
CA THR D 305 37.45 -9.06 -59.17
C THR D 305 38.48 -10.16 -59.20
N LYS D 306 39.75 -9.76 -59.39
CA LYS D 306 40.84 -10.65 -59.14
C LYS D 306 41.50 -10.24 -57.82
N TYR D 307 41.82 -11.17 -56.94
CA TYR D 307 42.25 -10.79 -55.61
C TYR D 307 43.35 -11.72 -55.10
N VAL D 308 44.06 -11.26 -54.07
CA VAL D 308 44.95 -12.04 -53.26
C VAL D 308 44.41 -11.98 -51.84
N GLY D 309 45.08 -12.61 -50.87
CA GLY D 309 44.62 -12.39 -49.52
C GLY D 309 45.43 -13.06 -48.44
N VAL D 310 45.27 -12.54 -47.20
CA VAL D 310 45.80 -13.19 -46.04
C VAL D 310 44.80 -14.29 -45.72
N TRP D 311 45.14 -15.51 -46.17
CA TRP D 311 44.20 -16.60 -46.29
C TRP D 311 44.96 -17.91 -46.27
N TRP D 312 45.74 -18.18 -47.34
CA TRP D 312 46.38 -19.48 -47.47
C TRP D 312 47.37 -19.66 -46.33
N GLU D 313 47.99 -18.58 -45.83
CA GLU D 313 48.83 -18.68 -44.64
C GLU D 313 48.17 -19.49 -43.50
N MET D 314 46.88 -19.21 -43.21
CA MET D 314 46.18 -19.91 -42.14
C MET D 314 45.75 -21.30 -42.62
N ILE D 315 45.25 -21.40 -43.84
CA ILE D 315 44.74 -22.67 -44.38
C ILE D 315 45.86 -23.71 -44.47
N SER D 316 47.07 -23.28 -44.81
CA SER D 316 48.22 -24.17 -44.98
C SER D 316 49.12 -24.26 -43.74
N GLY D 317 48.71 -23.70 -42.59
CA GLY D 317 49.41 -24.00 -41.35
C GLY D 317 50.53 -23.01 -41.00
N LYS D 318 50.70 -21.93 -41.76
CA LYS D 318 51.76 -21.00 -41.44
C LYS D 318 51.37 -19.97 -40.36
N SER D 319 50.11 -19.58 -40.27
CA SER D 319 49.64 -18.52 -39.37
C SER D 319 48.30 -18.96 -38.76
N THR D 320 47.80 -18.17 -37.80
CA THR D 320 46.48 -18.41 -37.20
C THR D 320 45.47 -17.31 -37.56
N TRP D 321 44.19 -17.69 -37.53
CA TRP D 321 43.11 -16.69 -37.52
C TRP D 321 43.05 -15.96 -36.16
N SER D 322 43.38 -16.69 -35.09
CA SER D 322 43.29 -16.21 -33.73
C SER D 322 44.45 -15.27 -33.40
N TYR D 323 44.17 -14.35 -32.46
CA TYR D 323 45.13 -13.35 -32.01
C TYR D 323 45.89 -13.84 -30.77
N THR D 324 45.19 -14.51 -29.83
CA THR D 324 45.77 -14.92 -28.56
C THR D 324 45.39 -16.37 -28.28
N ASP D 325 46.28 -17.02 -27.57
CA ASP D 325 46.13 -18.37 -27.06
C ASP D 325 45.98 -18.29 -25.54
N GLU D 326 45.92 -17.11 -24.94
CA GLU D 326 45.95 -17.03 -23.49
C GLU D 326 44.67 -17.62 -22.85
N PHE D 327 43.55 -17.66 -23.57
CA PHE D 327 42.28 -18.05 -22.95
C PHE D 327 41.79 -19.38 -23.49
N PRO D 328 41.29 -20.30 -22.63
CA PRO D 328 40.69 -21.51 -23.15
C PRO D 328 39.41 -21.23 -23.97
N SER D 329 38.69 -20.15 -23.72
CA SER D 329 37.61 -19.75 -24.60
C SER D 329 37.41 -18.26 -24.40
N VAL D 330 36.62 -17.61 -25.28
CA VAL D 330 36.48 -16.18 -25.20
C VAL D 330 35.00 -15.85 -25.11
N GLN D 331 34.73 -14.67 -24.55
CA GLN D 331 33.37 -14.15 -24.48
C GLN D 331 33.43 -12.72 -24.97
N LEU D 332 32.92 -12.46 -26.13
CA LEU D 332 33.01 -11.12 -26.70
C LEU D 332 32.30 -10.13 -25.80
N GLY D 333 32.92 -8.97 -25.67
CA GLY D 333 32.48 -7.96 -24.74
C GLY D 333 33.05 -8.23 -23.34
N VAL D 334 33.59 -9.39 -23.03
CA VAL D 334 34.08 -9.65 -21.69
C VAL D 334 35.57 -9.84 -21.78
N THR D 335 36.02 -10.74 -22.68
CA THR D 335 37.45 -10.86 -22.99
C THR D 335 38.02 -9.54 -23.45
N ASP D 336 39.10 -9.09 -22.83
CA ASP D 336 39.78 -7.85 -23.15
C ASP D 336 40.99 -8.17 -24.04
N PHE D 337 40.82 -8.08 -25.37
CA PHE D 337 41.83 -8.48 -26.33
C PHE D 337 43.04 -7.53 -26.29
N SER D 338 42.81 -6.25 -25.99
CA SER D 338 43.85 -5.24 -25.85
C SER D 338 44.85 -5.63 -24.75
N LYS D 339 44.47 -6.44 -23.77
CA LYS D 339 45.38 -6.87 -22.70
C LYS D 339 45.78 -8.33 -22.80
N ALA D 340 45.29 -9.07 -23.82
CA ALA D 340 45.66 -10.45 -23.95
C ALA D 340 47.08 -10.51 -24.55
N LYS D 341 47.76 -11.61 -24.27
CA LYS D 341 49.08 -11.88 -24.83
C LYS D 341 48.93 -12.33 -26.26
N PRO D 342 49.49 -11.56 -27.24
CA PRO D 342 49.52 -11.98 -28.63
C PRO D 342 50.15 -13.36 -28.71
N ASN D 343 49.55 -14.28 -29.47
CA ASN D 343 50.22 -15.56 -29.68
C ASN D 343 51.35 -15.40 -30.71
N ARG D 344 51.39 -14.27 -31.44
CA ARG D 344 52.43 -13.96 -32.42
C ARG D 344 52.43 -14.93 -33.61
N LYS D 345 51.32 -15.61 -33.86
CA LYS D 345 51.15 -16.42 -35.03
C LYS D 345 50.08 -15.81 -35.93
N HIS D 346 49.46 -14.72 -35.47
CA HIS D 346 48.29 -14.16 -36.14
C HIS D 346 48.62 -13.72 -37.56
N GLY D 347 47.89 -14.15 -38.56
CA GLY D 347 48.07 -13.68 -39.94
C GLY D 347 47.66 -12.23 -40.20
N ALA D 348 46.51 -11.78 -39.66
CA ALA D 348 45.93 -10.52 -40.08
C ALA D 348 46.48 -9.34 -39.27
N THR D 349 47.80 -9.13 -39.30
CA THR D 349 48.44 -7.96 -38.72
C THR D 349 48.44 -6.82 -39.75
N THR D 350 48.49 -5.58 -39.27
CA THR D 350 48.59 -4.41 -40.14
C THR D 350 49.77 -4.59 -41.10
N ALA D 351 50.94 -4.94 -40.57
CA ALA D 351 52.14 -5.03 -41.40
C ALA D 351 51.97 -6.12 -42.48
N ASN D 352 51.42 -7.28 -42.10
CA ASN D 352 51.21 -8.33 -43.09
C ASN D 352 50.18 -7.95 -44.15
N VAL D 353 49.09 -7.32 -43.74
CA VAL D 353 48.06 -6.93 -44.68
C VAL D 353 48.63 -5.91 -45.65
N LYS D 354 49.42 -4.96 -45.17
CA LYS D 354 50.05 -3.98 -46.06
C LYS D 354 50.92 -4.66 -47.11
N ARG D 355 51.65 -5.74 -46.73
CA ARG D 355 52.46 -6.50 -47.69
C ARG D 355 51.58 -6.96 -48.85
N TYR D 356 50.40 -7.50 -48.52
CA TYR D 356 49.54 -8.06 -49.56
C TYR D 356 48.93 -6.94 -50.44
N ILE D 357 48.58 -5.83 -49.80
CA ILE D 357 48.08 -4.69 -50.51
C ILE D 357 49.15 -4.26 -51.52
N ASP D 358 50.40 -4.09 -51.06
CA ASP D 358 51.48 -3.66 -51.93
C ASP D 358 51.62 -4.65 -53.10
N PHE D 359 51.59 -5.94 -52.81
CA PHE D 359 51.71 -6.92 -53.86
C PHE D 359 50.53 -6.82 -54.85
N ALA D 360 49.32 -6.66 -54.36
CA ALA D 360 48.19 -6.50 -55.25
C ALA D 360 48.33 -5.27 -56.14
N ALA D 361 48.62 -4.11 -55.52
CA ALA D 361 48.65 -2.86 -56.30
C ALA D 361 49.78 -2.90 -57.34
N LYS D 362 50.91 -3.50 -56.98
CA LYS D 362 52.03 -3.68 -57.90
C LYS D 362 51.62 -4.50 -59.14
N ASN D 363 50.73 -5.49 -58.96
CA ASN D 363 50.51 -6.51 -59.95
C ASN D 363 49.14 -6.35 -60.60
N GLY D 364 48.46 -5.21 -60.36
CA GLY D 364 47.17 -4.94 -60.98
C GLY D 364 46.02 -5.82 -60.46
N PHE D 365 46.08 -6.34 -59.22
CA PHE D 365 44.94 -6.98 -58.60
C PHE D 365 43.95 -5.93 -58.08
N ASP D 366 42.66 -6.29 -57.99
CA ASP D 366 41.64 -5.35 -57.53
C ASP D 366 41.58 -5.25 -56.01
N ALA D 367 41.87 -6.38 -55.33
CA ALA D 367 41.47 -6.51 -53.93
C ALA D 367 42.31 -7.51 -53.16
N VAL D 368 42.16 -7.44 -51.83
CA VAL D 368 42.82 -8.27 -50.84
C VAL D 368 41.80 -8.73 -49.81
N LEU D 369 41.54 -10.03 -49.76
CA LEU D 369 40.77 -10.63 -48.69
C LEU D 369 41.63 -10.67 -47.40
N VAL D 370 41.00 -10.41 -46.25
CA VAL D 370 41.67 -10.66 -44.97
C VAL D 370 40.76 -11.47 -44.10
N GLU D 371 41.28 -12.64 -43.67
CA GLU D 371 40.59 -13.42 -42.67
C GLU D 371 41.34 -13.34 -41.33
N GLY D 372 40.55 -13.38 -40.25
CA GLY D 372 41.05 -13.32 -38.88
C GLY D 372 41.20 -11.88 -38.40
N TRP D 373 40.48 -10.93 -39.05
CA TRP D 373 40.62 -9.53 -38.70
C TRP D 373 39.88 -9.21 -37.40
N ASN D 374 38.84 -9.99 -37.05
CA ASN D 374 37.86 -9.56 -36.05
C ASN D 374 37.87 -10.43 -34.80
N GLU D 375 37.43 -9.89 -33.66
CA GLU D 375 37.51 -10.65 -32.43
C GLU D 375 36.65 -11.90 -32.55
N GLY D 376 37.10 -13.01 -31.94
CA GLY D 376 36.28 -14.22 -31.86
C GLY D 376 36.92 -15.49 -32.40
N TRP D 377 37.98 -15.39 -33.22
CA TRP D 377 38.53 -16.53 -33.94
C TRP D 377 39.06 -17.59 -32.98
N GLU D 378 39.39 -17.19 -31.78
CA GLU D 378 39.84 -18.15 -30.80
C GLU D 378 38.84 -19.31 -30.65
N ASP D 379 37.54 -19.11 -30.90
CA ASP D 379 36.53 -20.16 -30.68
C ASP D 379 35.75 -20.52 -31.94
N TRP D 380 36.29 -20.24 -33.14
CA TRP D 380 35.51 -20.27 -34.37
C TRP D 380 34.97 -21.62 -34.79
N ILE D 381 35.57 -22.71 -34.30
CA ILE D 381 35.32 -24.02 -34.85
C ILE D 381 34.96 -24.97 -33.73
N GLY D 382 33.86 -25.69 -33.96
CA GLY D 382 33.59 -26.87 -33.16
C GLY D 382 32.88 -26.59 -31.83
N HIS D 383 32.50 -25.35 -31.51
CA HIS D 383 31.90 -25.12 -30.21
C HIS D 383 30.40 -24.95 -30.31
N GLU D 384 29.83 -24.79 -31.53
CA GLU D 384 28.38 -24.62 -31.62
C GLU D 384 27.97 -23.41 -30.77
N LYS D 385 28.73 -22.34 -30.93
CA LYS D 385 28.69 -21.14 -30.14
C LYS D 385 27.88 -20.09 -30.89
N ASP D 386 26.89 -19.54 -30.16
CA ASP D 386 25.95 -18.58 -30.69
C ASP D 386 26.64 -17.24 -30.91
N TYR D 387 27.04 -16.60 -29.84
CA TYR D 387 27.61 -15.27 -29.92
C TYR D 387 29.11 -15.41 -30.20
N VAL D 388 29.42 -15.81 -31.42
CA VAL D 388 30.76 -16.24 -31.77
C VAL D 388 31.56 -15.09 -32.41
N PHE D 389 30.89 -14.23 -33.13
CA PHE D 389 31.48 -13.06 -33.75
C PHE D 389 30.52 -11.90 -33.68
N ASP D 390 31.08 -10.67 -33.75
CA ASP D 390 30.19 -9.52 -33.88
C ASP D 390 30.30 -8.87 -35.25
N PHE D 391 31.25 -9.31 -36.09
CA PHE D 391 31.36 -8.87 -37.47
C PHE D 391 31.77 -7.42 -37.55
N VAL D 392 32.21 -6.81 -36.42
CA VAL D 392 32.53 -5.40 -36.43
C VAL D 392 33.80 -5.07 -35.68
N THR D 393 34.22 -5.85 -34.66
CA THR D 393 35.29 -5.32 -33.81
C THR D 393 36.65 -5.89 -34.25
N PRO D 394 37.60 -5.07 -34.71
CA PRO D 394 38.94 -5.57 -35.07
C PRO D 394 39.79 -6.01 -33.89
N TYR D 395 40.61 -7.02 -34.10
CA TYR D 395 41.68 -7.35 -33.17
C TYR D 395 42.60 -6.14 -32.98
N PRO D 396 43.36 -6.12 -31.87
CA PRO D 396 44.20 -4.95 -31.57
C PRO D 396 45.33 -4.77 -32.58
N ASP D 397 45.70 -5.81 -33.35
CA ASP D 397 46.84 -5.71 -34.26
C ASP D 397 46.36 -5.47 -35.69
N PHE D 398 45.08 -5.19 -35.92
CA PHE D 398 44.53 -4.94 -37.23
C PHE D 398 43.92 -3.54 -37.25
N ASP D 399 44.58 -2.62 -37.92
CA ASP D 399 44.15 -1.23 -37.96
C ASP D 399 43.20 -1.05 -39.15
N ILE D 400 41.91 -1.19 -38.88
CA ILE D 400 40.92 -1.24 -39.92
C ILE D 400 40.91 0.09 -40.66
N LYS D 401 41.00 1.21 -39.95
CA LYS D 401 40.95 2.52 -40.58
C LYS D 401 42.19 2.75 -41.45
N GLY D 402 43.39 2.55 -40.88
CA GLY D 402 44.64 2.77 -41.61
C GLY D 402 44.74 1.86 -42.84
N LEU D 403 44.39 0.58 -42.69
CA LEU D 403 44.55 -0.36 -43.79
C LEU D 403 43.65 -0.03 -44.96
N ASN D 404 42.43 0.42 -44.68
CA ASN D 404 41.46 0.68 -45.74
C ASN D 404 41.84 1.99 -46.42
N GLU D 405 42.34 2.98 -45.68
CA GLU D 405 42.91 4.18 -46.31
C GLU D 405 44.14 3.85 -47.15
N TYR D 406 45.05 3.02 -46.65
CA TYR D 406 46.22 2.63 -47.41
C TYR D 406 45.84 1.88 -48.69
N ALA D 407 44.91 0.93 -48.59
CA ALA D 407 44.45 0.21 -49.78
C ALA D 407 43.87 1.19 -50.80
N HIS D 408 42.95 2.07 -50.38
CA HIS D 408 42.28 2.99 -51.31
C HIS D 408 43.31 3.91 -51.94
N ALA D 409 44.31 4.36 -51.21
CA ALA D 409 45.34 5.20 -51.83
C ALA D 409 46.10 4.46 -52.93
N LYS D 410 46.21 3.13 -52.84
CA LYS D 410 46.83 2.32 -53.87
C LYS D 410 45.80 1.79 -54.88
N LYS D 411 44.54 2.21 -54.82
CA LYS D 411 43.51 1.79 -55.78
C LYS D 411 43.17 0.32 -55.62
N VAL D 412 43.17 -0.15 -54.38
CA VAL D 412 42.88 -1.53 -54.06
C VAL D 412 41.81 -1.46 -52.97
N LYS D 413 41.03 -2.54 -52.83
CA LYS D 413 40.04 -2.64 -51.79
C LYS D 413 40.34 -3.89 -50.98
N LEU D 414 39.93 -3.89 -49.70
CA LEU D 414 39.86 -5.14 -48.95
C LEU D 414 38.52 -5.80 -49.20
N ILE D 415 38.49 -7.13 -49.20
CA ILE D 415 37.27 -7.90 -49.17
C ILE D 415 36.96 -8.23 -47.71
N MET D 416 35.70 -7.97 -47.34
CA MET D 416 35.25 -8.23 -45.96
C MET D 416 35.09 -9.74 -45.80
N HIS D 417 35.41 -10.24 -44.61
CA HIS D 417 35.18 -11.62 -44.26
C HIS D 417 34.23 -11.74 -43.07
N HIS D 418 33.18 -12.55 -43.27
CA HIS D 418 32.12 -12.78 -42.30
C HIS D 418 31.91 -14.27 -42.17
N GLU D 419 32.81 -14.94 -41.45
CA GLU D 419 32.53 -16.31 -41.03
C GLU D 419 31.48 -16.24 -39.94
N THR D 420 30.43 -17.05 -40.03
CA THR D 420 29.38 -17.08 -39.03
C THR D 420 29.54 -18.25 -38.07
N SER D 421 30.30 -19.26 -38.45
CA SER D 421 30.46 -20.50 -37.68
C SER D 421 29.11 -21.16 -37.36
N GLY D 422 28.14 -20.97 -38.26
CA GLY D 422 26.88 -21.68 -38.20
C GLY D 422 25.77 -20.96 -37.42
N ALA D 423 26.15 -19.84 -36.79
CA ALA D 423 25.27 -19.11 -35.87
C ALA D 423 24.46 -18.10 -36.68
N VAL D 424 23.39 -18.59 -37.34
CA VAL D 424 22.68 -17.77 -38.31
C VAL D 424 21.95 -16.59 -37.69
N ARG D 425 21.21 -16.79 -36.59
CA ARG D 425 20.55 -15.70 -35.91
C ARG D 425 21.58 -14.68 -35.47
N ASN D 426 22.74 -15.16 -34.97
CA ASN D 426 23.77 -14.21 -34.57
C ASN D 426 24.22 -13.32 -35.73
N TYR D 427 24.39 -13.89 -36.92
CA TYR D 427 24.73 -13.14 -38.13
C TYR D 427 23.61 -12.17 -38.53
N GLU D 428 22.39 -12.68 -38.66
CA GLU D 428 21.25 -11.80 -38.98
C GLU D 428 21.17 -10.64 -38.01
N ARG D 429 21.33 -10.87 -36.73
CA ARG D 429 21.24 -9.72 -35.82
C ARG D 429 22.34 -8.68 -36.00
N HIS D 430 23.54 -9.10 -36.46
CA HIS D 430 24.66 -8.18 -36.67
C HIS D 430 24.79 -7.70 -38.10
N MET D 431 23.89 -8.17 -39.00
CA MET D 431 24.17 -8.02 -40.42
C MET D 431 24.10 -6.56 -40.88
N ASP D 432 23.09 -5.79 -40.40
CA ASP D 432 22.99 -4.39 -40.77
C ASP D 432 24.20 -3.61 -40.28
N ALA D 433 24.60 -3.81 -39.04
CA ALA D 433 25.75 -3.08 -38.53
C ALA D 433 26.99 -3.49 -39.35
N ALA D 434 27.11 -4.77 -39.65
CA ALA D 434 28.29 -5.24 -40.36
C ALA D 434 28.39 -4.70 -41.78
N TYR D 435 27.24 -4.67 -42.50
CA TYR D 435 27.21 -4.19 -43.85
C TYR D 435 27.47 -2.68 -43.79
N LYS D 436 26.98 -1.99 -42.77
CA LYS D 436 27.22 -0.53 -42.67
C LYS D 436 28.70 -0.22 -42.45
N LEU D 437 29.33 -1.03 -41.62
CA LEU D 437 30.78 -0.91 -41.40
C LEU D 437 31.52 -1.09 -42.71
N MET D 438 31.13 -2.09 -43.52
CA MET D 438 31.69 -2.30 -44.83
C MET D 438 31.62 -1.01 -45.65
N LYS D 439 30.42 -0.42 -45.76
CA LYS D 439 30.27 0.80 -46.56
C LYS D 439 31.09 1.92 -45.95
N GLN D 440 31.16 2.04 -44.61
CA GLN D 440 31.95 3.09 -43.99
C GLN D 440 33.42 3.02 -44.39
N TYR D 441 34.01 1.83 -44.52
CA TYR D 441 35.41 1.74 -44.83
C TYR D 441 35.69 1.44 -46.30
N GLY D 442 34.66 1.40 -47.18
CA GLY D 442 34.89 1.18 -48.59
C GLY D 442 35.11 -0.29 -48.95
N TYR D 443 34.61 -1.21 -48.14
CA TYR D 443 34.55 -2.59 -48.64
C TYR D 443 33.27 -2.73 -49.48
N ASP D 444 33.33 -3.37 -50.63
CA ASP D 444 32.10 -3.56 -51.38
C ASP D 444 31.80 -5.02 -51.61
N ALA D 445 32.61 -5.94 -51.05
CA ALA D 445 32.33 -7.37 -51.27
C ALA D 445 32.60 -8.10 -49.96
N VAL D 446 31.82 -9.18 -49.70
CA VAL D 446 32.00 -9.94 -48.50
C VAL D 446 32.10 -11.42 -48.86
N LYS D 447 33.02 -12.10 -48.18
CA LYS D 447 33.13 -13.54 -48.21
C LYS D 447 32.54 -14.00 -46.88
N SER D 448 31.44 -14.73 -46.96
CA SER D 448 30.73 -15.25 -45.80
C SER D 448 31.09 -16.71 -45.70
N GLY D 449 30.84 -17.24 -44.51
CA GLY D 449 31.08 -18.64 -44.21
C GLY D 449 30.08 -19.24 -43.23
N TYR D 450 29.94 -20.57 -43.27
CA TYR D 450 28.97 -21.30 -42.47
C TYR D 450 29.57 -22.63 -42.04
N VAL D 451 30.81 -22.58 -41.53
CA VAL D 451 31.51 -23.74 -40.99
C VAL D 451 30.92 -24.11 -39.66
N GLY D 452 30.50 -25.35 -39.47
CA GLY D 452 29.88 -25.78 -38.23
C GLY D 452 28.41 -26.14 -38.44
N ASN D 453 27.84 -26.89 -37.50
CA ASN D 453 26.41 -27.15 -37.55
C ASN D 453 25.63 -25.86 -37.44
N ILE D 454 24.56 -25.76 -38.21
CA ILE D 454 23.68 -24.60 -38.14
C ILE D 454 22.97 -24.63 -36.78
N LEU D 455 22.98 -23.47 -36.10
CA LEU D 455 22.31 -23.34 -34.80
C LEU D 455 20.91 -22.80 -35.00
N PRO D 456 19.94 -23.18 -34.15
CA PRO D 456 20.11 -24.21 -33.13
C PRO D 456 20.20 -25.63 -33.72
N LEU D 457 20.88 -26.51 -32.98
CA LEU D 457 21.18 -27.87 -33.43
C LEU D 457 19.89 -28.53 -33.89
N GLY D 458 19.98 -29.19 -35.05
CA GLY D 458 18.88 -29.92 -35.69
C GLY D 458 18.59 -29.29 -37.04
N GLU D 459 18.95 -28.02 -37.20
CA GLU D 459 18.86 -27.36 -38.47
C GLU D 459 19.94 -27.92 -39.41
N THR D 460 19.68 -27.81 -40.72
CA THR D 460 20.62 -28.25 -41.76
C THR D 460 21.00 -27.07 -42.63
N HIS D 461 22.09 -27.24 -43.43
CA HIS D 461 22.60 -26.15 -44.22
C HIS D 461 21.75 -25.86 -45.42
N TYR D 462 21.02 -26.88 -45.92
CA TYR D 462 20.30 -26.78 -47.18
C TYR D 462 18.79 -26.93 -47.08
N SER D 463 18.22 -26.79 -45.85
CA SER D 463 16.76 -26.77 -45.69
C SER D 463 16.15 -25.53 -46.37
N GLN D 464 14.82 -25.51 -46.48
CA GLN D 464 14.11 -24.31 -46.88
C GLN D 464 14.45 -23.12 -45.99
N TRP D 465 14.59 -23.40 -44.71
CA TRP D 465 14.74 -22.39 -43.68
C TRP D 465 16.09 -21.71 -43.84
N THR D 466 17.14 -22.52 -43.95
CA THR D 466 18.48 -21.97 -44.09
C THR D 466 18.67 -21.40 -45.47
N ASN D 467 18.02 -21.98 -46.51
CA ASN D 467 18.18 -21.43 -47.84
C ASN D 467 17.63 -20.02 -47.86
N ASN D 468 16.55 -19.78 -47.12
CA ASN D 468 15.95 -18.48 -46.96
C ASN D 468 17.00 -17.47 -46.37
N HIS D 469 17.78 -17.91 -45.39
CA HIS D 469 18.80 -17.05 -44.82
C HIS D 469 19.85 -16.64 -45.87
N TYR D 470 20.31 -17.58 -46.69
CA TYR D 470 21.34 -17.24 -47.67
C TYR D 470 20.78 -16.15 -48.58
N GLN D 471 19.53 -16.36 -49.00
CA GLN D 471 18.87 -15.46 -49.94
C GLN D 471 18.71 -14.09 -49.31
N TYR D 472 18.32 -14.07 -48.04
CA TYR D 472 18.10 -12.83 -47.31
C TYR D 472 19.41 -12.04 -47.23
N ALA D 473 20.53 -12.71 -46.91
CA ALA D 473 21.85 -12.07 -46.88
C ALA D 473 22.19 -11.41 -48.25
N ILE D 474 21.89 -12.12 -49.36
CA ILE D 474 22.14 -11.61 -50.71
C ILE D 474 21.26 -10.42 -51.01
N GLU D 475 19.96 -10.50 -50.69
CA GLU D 475 19.04 -9.40 -50.99
C GLU D 475 19.36 -8.17 -50.20
N LYS D 476 19.74 -8.38 -48.93
CA LYS D 476 20.08 -7.22 -48.10
C LYS D 476 21.39 -6.61 -48.58
N ALA D 477 22.35 -7.45 -48.93
CA ALA D 477 23.58 -6.95 -49.51
C ALA D 477 23.30 -6.11 -50.74
N ALA D 478 22.34 -6.57 -51.59
CA ALA D 478 22.05 -5.80 -52.79
C ALA D 478 21.57 -4.39 -52.44
N ASP D 479 20.79 -4.26 -51.38
CA ASP D 479 20.33 -2.96 -50.94
C ASP D 479 21.48 -2.09 -50.52
N TYR D 480 22.59 -2.66 -50.06
CA TYR D 480 23.73 -1.87 -49.65
C TYR D 480 24.73 -1.74 -50.78
N GLN D 481 24.41 -2.37 -51.95
CA GLN D 481 25.39 -2.44 -53.03
C GLN D 481 26.65 -3.11 -52.53
N ILE D 482 26.48 -4.32 -52.02
CA ILE D 482 27.54 -5.19 -51.59
C ILE D 482 27.42 -6.51 -52.35
N MET D 483 28.58 -7.04 -52.77
CA MET D 483 28.64 -8.30 -53.47
C MET D 483 28.84 -9.38 -52.42
N VAL D 484 28.34 -10.57 -52.72
CA VAL D 484 28.46 -11.67 -51.77
C VAL D 484 29.12 -12.89 -52.39
N ASN D 485 29.99 -13.53 -51.58
CA ASN D 485 30.63 -14.76 -51.95
C ASN D 485 30.47 -15.70 -50.74
N ALA D 486 29.59 -16.70 -50.81
CA ALA D 486 29.20 -17.40 -49.60
C ALA D 486 29.72 -18.84 -49.60
N HIS D 487 30.69 -19.08 -48.73
CA HIS D 487 31.20 -20.40 -48.49
C HIS D 487 30.26 -21.18 -47.57
N GLU D 488 30.18 -22.50 -47.84
CA GLU D 488 29.38 -23.51 -47.14
C GLU D 488 27.86 -23.27 -47.31
N ALA D 489 27.44 -22.24 -48.10
CA ALA D 489 26.04 -22.10 -48.46
C ALA D 489 25.61 -23.20 -49.44
N VAL D 490 24.33 -23.22 -49.73
CA VAL D 490 23.74 -24.18 -50.67
C VAL D 490 24.34 -23.91 -52.05
N ARG D 491 24.53 -24.99 -52.79
CA ARG D 491 25.12 -24.88 -54.13
C ARG D 491 24.14 -24.14 -55.05
N PRO D 492 24.68 -23.28 -55.94
CA PRO D 492 23.83 -22.41 -56.75
C PRO D 492 23.05 -23.13 -57.86
N THR D 493 22.04 -22.38 -58.31
CA THR D 493 20.98 -22.82 -59.16
C THR D 493 20.57 -21.68 -60.09
N GLY D 494 21.49 -20.74 -60.31
CA GLY D 494 21.30 -19.72 -61.35
C GLY D 494 20.68 -18.42 -60.85
N ILE D 495 20.53 -18.29 -59.53
CA ILE D 495 19.93 -17.13 -58.91
C ILE D 495 20.74 -15.88 -59.21
N ALA D 496 22.02 -16.03 -59.60
CA ALA D 496 22.79 -14.82 -59.93
C ALA D 496 22.17 -14.02 -61.06
N ARG D 497 21.40 -14.67 -61.95
CA ARG D 497 20.80 -13.82 -62.98
C ARG D 497 19.92 -12.78 -62.31
N THR D 498 19.17 -13.21 -61.29
CA THR D 498 18.17 -12.38 -60.63
C THR D 498 18.88 -11.42 -59.65
N TYR D 499 19.93 -11.96 -58.97
CA TYR D 499 20.74 -11.19 -58.04
C TYR D 499 22.21 -11.31 -58.41
N PRO D 500 22.68 -10.50 -59.38
CA PRO D 500 24.05 -10.66 -59.88
C PRO D 500 25.11 -10.16 -58.88
N ASN D 501 24.69 -9.75 -57.69
CA ASN D 501 25.66 -9.40 -56.65
C ASN D 501 26.15 -10.67 -55.98
N LEU D 502 25.51 -11.79 -56.24
CA LEU D 502 26.04 -13.11 -55.82
C LEU D 502 27.10 -13.58 -56.81
N ILE D 503 28.34 -13.19 -56.49
CA ILE D 503 29.43 -13.29 -57.40
C ILE D 503 30.14 -14.59 -57.12
N GLY D 504 29.72 -15.28 -56.05
CA GLY D 504 30.39 -16.52 -55.75
C GLY D 504 29.72 -17.34 -54.66
N ASN D 505 30.01 -18.62 -54.72
CA ASN D 505 29.93 -19.49 -53.56
C ASN D 505 31.18 -20.39 -53.61
N GLU D 506 31.47 -21.12 -52.51
CA GLU D 506 32.33 -22.30 -52.64
C GLU D 506 31.43 -23.48 -52.97
N ALA D 507 30.84 -24.08 -51.92
CA ALA D 507 29.70 -24.98 -52.06
C ALA D 507 30.09 -26.22 -52.90
N ALA D 508 31.30 -26.68 -52.63
CA ALA D 508 31.98 -27.81 -53.28
C ALA D 508 33.36 -27.92 -52.62
N ARG D 509 34.11 -28.97 -52.96
CA ARG D 509 35.47 -29.10 -52.43
C ARG D 509 36.42 -28.18 -53.21
N GLY D 510 36.96 -27.16 -52.53
CA GLY D 510 37.82 -26.20 -53.17
C GLY D 510 39.31 -26.49 -52.96
N THR D 511 40.14 -25.55 -53.42
CA THR D 511 41.58 -25.65 -53.30
C THR D 511 42.02 -25.83 -51.84
N GLU D 512 41.25 -25.31 -50.86
CA GLU D 512 41.66 -25.42 -49.47
C GLU D 512 41.88 -26.88 -49.07
N TYR D 513 41.15 -27.83 -49.70
CA TYR D 513 41.36 -29.23 -49.30
C TYR D 513 42.74 -29.75 -49.77
N GLN D 514 43.37 -29.04 -50.72
CA GLN D 514 44.70 -29.40 -51.13
C GLN D 514 45.68 -29.20 -49.98
N ALA D 515 45.27 -28.42 -48.95
CA ALA D 515 46.12 -28.14 -47.81
C ALA D 515 45.73 -28.94 -46.55
N PHE D 516 44.78 -29.84 -46.68
CA PHE D 516 44.19 -30.48 -45.52
C PHE D 516 44.54 -31.96 -45.49
N GLY D 517 45.58 -32.38 -46.22
CA GLY D 517 46.03 -33.76 -46.11
C GLY D 517 45.01 -34.76 -46.62
N ASN D 518 45.01 -35.98 -46.08
CA ASN D 518 44.21 -37.09 -46.60
C ASN D 518 44.42 -37.19 -48.10
N ASP D 519 43.38 -37.34 -48.91
CA ASP D 519 43.53 -37.45 -50.34
C ASP D 519 43.64 -36.10 -51.07
N ARG D 520 43.54 -34.97 -50.36
CA ARG D 520 43.51 -33.66 -51.00
C ARG D 520 42.45 -33.69 -52.08
N ASN D 521 42.68 -33.11 -53.24
CA ASN D 521 41.74 -33.17 -54.34
C ASN D 521 42.28 -34.12 -55.41
N ASN D 522 41.43 -35.00 -55.91
CA ASN D 522 41.84 -35.87 -56.98
C ASN D 522 42.40 -35.02 -58.14
N ALA D 523 43.38 -35.55 -58.88
CA ALA D 523 43.96 -34.80 -59.98
C ALA D 523 42.90 -34.34 -60.99
N ASN D 524 41.83 -35.12 -61.18
CA ASN D 524 40.82 -34.83 -62.19
C ASN D 524 39.63 -34.06 -61.61
N HIS D 525 39.76 -33.59 -60.36
CA HIS D 525 38.68 -32.86 -59.71
C HIS D 525 38.19 -31.70 -60.57
N VAL D 526 39.14 -30.86 -61.03
CA VAL D 526 38.76 -29.67 -61.80
C VAL D 526 38.26 -29.98 -63.23
N THR D 527 38.32 -31.28 -63.63
CA THR D 527 37.68 -31.71 -64.86
C THR D 527 36.27 -32.25 -64.63
N ILE D 528 35.84 -32.32 -63.36
CA ILE D 528 34.47 -32.71 -63.03
C ILE D 528 33.65 -31.49 -62.59
N LEU D 529 34.25 -30.57 -61.84
CA LEU D 529 33.49 -29.48 -61.24
C LEU D 529 32.70 -28.75 -62.30
N PRO D 530 33.27 -28.45 -63.50
CA PRO D 530 32.52 -27.68 -64.50
C PRO D 530 31.25 -28.38 -64.98
N PHE D 531 31.22 -29.72 -64.89
CA PHE D 531 30.08 -30.51 -65.33
C PHE D 531 29.06 -30.74 -64.23
N THR D 532 29.36 -30.29 -63.01
CA THR D 532 28.57 -30.52 -61.82
C THR D 532 28.35 -29.20 -61.08
N ARG D 533 29.21 -28.94 -60.12
CA ARG D 533 29.16 -27.73 -59.32
C ARG D 533 28.95 -26.44 -60.11
N LEU D 534 29.63 -26.22 -61.23
CA LEU D 534 29.54 -24.91 -61.91
C LEU D 534 28.19 -24.70 -62.59
N ILE D 535 27.40 -25.78 -62.77
CA ILE D 535 26.08 -25.63 -63.36
C ILE D 535 25.26 -24.97 -62.30
N GLY D 536 24.88 -23.71 -62.55
CA GLY D 536 24.10 -22.96 -61.59
C GLY D 536 24.82 -21.70 -61.12
N GLY D 537 26.15 -21.69 -61.22
CA GLY D 537 26.87 -20.48 -60.86
C GLY D 537 28.35 -20.72 -60.65
N PRO D 538 29.13 -19.62 -60.66
CA PRO D 538 30.58 -19.71 -60.48
C PRO D 538 30.98 -20.24 -59.10
N MET D 539 32.22 -20.69 -59.05
CA MET D 539 32.83 -21.09 -57.80
C MET D 539 34.07 -20.24 -57.55
N ASP D 540 34.25 -19.87 -56.26
CA ASP D 540 35.45 -19.29 -55.69
C ASP D 540 36.36 -20.45 -55.32
N TYR D 541 37.06 -21.00 -56.34
CA TYR D 541 37.87 -22.22 -56.18
C TYR D 541 39.26 -21.92 -55.58
N THR D 542 39.73 -20.65 -55.66
CA THR D 542 40.99 -20.14 -55.17
C THR D 542 42.19 -20.82 -55.83
N PRO D 543 42.31 -20.68 -57.17
CA PRO D 543 43.44 -21.27 -57.89
C PRO D 543 44.73 -20.49 -57.70
N GLY D 544 45.76 -20.89 -58.47
CA GLY D 544 47.02 -20.15 -58.57
C GLY D 544 48.09 -20.58 -57.54
N ILE D 545 48.10 -21.85 -57.12
CA ILE D 545 49.16 -22.32 -56.22
C ILE D 545 50.41 -22.64 -57.06
N PHE D 546 51.55 -22.10 -56.66
CA PHE D 546 52.84 -22.34 -57.27
C PHE D 546 53.73 -23.21 -56.37
N GLU D 547 53.59 -23.11 -55.03
CA GLU D 547 54.28 -23.97 -54.10
C GLU D 547 53.29 -25.02 -53.60
N MET D 548 53.45 -26.28 -54.06
CA MET D 548 52.52 -27.34 -53.74
C MET D 548 52.84 -28.10 -52.43
N ASP D 549 54.01 -27.94 -51.82
CA ASP D 549 54.31 -28.63 -50.56
C ASP D 549 54.30 -27.60 -49.44
N VAL D 550 53.17 -27.51 -48.74
CA VAL D 550 52.89 -26.32 -47.92
C VAL D 550 53.34 -26.57 -46.49
N THR D 551 53.24 -25.54 -45.65
CA THR D 551 53.86 -25.55 -44.34
C THR D 551 53.45 -26.77 -43.53
N ASN D 552 52.17 -27.18 -43.57
CA ASN D 552 51.71 -28.24 -42.67
C ASN D 552 51.95 -29.62 -43.26
N GLY D 553 52.70 -29.74 -44.36
CA GLY D 553 53.02 -31.06 -44.91
C GLY D 553 52.11 -31.53 -46.05
N SER D 554 50.95 -30.90 -46.28
CA SER D 554 50.03 -31.38 -47.31
C SER D 554 50.61 -31.10 -48.71
N HIS D 555 50.24 -31.96 -49.67
CA HIS D 555 50.72 -31.85 -51.03
C HIS D 555 49.58 -31.48 -51.97
N VAL D 556 49.66 -30.29 -52.56
CA VAL D 556 48.68 -29.87 -53.55
C VAL D 556 48.84 -30.68 -54.84
N ASN D 557 47.75 -31.29 -55.32
CA ASN D 557 47.81 -32.20 -56.45
C ASN D 557 47.57 -31.47 -57.77
N ALA D 558 48.56 -30.68 -58.15
CA ALA D 558 48.49 -30.00 -59.42
C ALA D 558 49.88 -29.57 -59.87
N THR D 559 49.98 -29.21 -61.16
CA THR D 559 51.18 -28.57 -61.71
C THR D 559 50.94 -27.07 -61.80
N ILE D 560 52.04 -26.31 -62.00
CA ILE D 560 51.90 -24.88 -62.11
C ILE D 560 51.03 -24.53 -63.30
N ALA D 561 51.24 -25.21 -64.44
CA ALA D 561 50.47 -24.83 -65.61
C ALA D 561 48.99 -25.15 -65.41
N ASN D 562 48.67 -26.24 -64.71
CA ASN D 562 47.29 -26.50 -64.29
C ASN D 562 46.66 -25.30 -63.54
N GLN D 563 47.43 -24.76 -62.63
CA GLN D 563 46.99 -23.67 -61.77
C GLN D 563 46.75 -22.41 -62.59
N LEU D 564 47.52 -22.22 -63.68
CA LEU D 564 47.32 -21.04 -64.51
C LEU D 564 46.07 -21.25 -65.35
N ALA D 565 45.83 -22.50 -65.76
CA ALA D 565 44.71 -22.74 -66.67
C ALA D 565 43.38 -22.48 -65.99
N LEU D 566 43.34 -22.69 -64.67
CA LEU D 566 42.09 -22.57 -63.92
C LEU D 566 41.45 -21.18 -64.05
N TYR D 567 42.24 -20.13 -64.33
CA TYR D 567 41.67 -18.81 -64.52
C TYR D 567 40.70 -18.79 -65.70
N VAL D 568 40.80 -19.79 -66.60
CA VAL D 568 39.90 -19.88 -67.75
C VAL D 568 38.99 -21.11 -67.63
N THR D 569 39.52 -22.23 -67.13
CA THR D 569 38.70 -23.45 -67.07
C THR D 569 37.78 -23.57 -65.85
N MET D 570 38.06 -22.83 -64.76
CA MET D 570 37.06 -22.70 -63.66
C MET D 570 36.48 -21.30 -63.72
N TYR D 571 35.41 -21.14 -64.53
CA TYR D 571 34.86 -19.82 -64.81
C TYR D 571 34.35 -19.19 -63.51
N SER D 572 34.66 -17.91 -63.30
CA SER D 572 34.18 -17.18 -62.16
C SER D 572 34.49 -15.70 -62.37
N PRO D 573 33.55 -14.81 -61.99
CA PRO D 573 33.84 -13.39 -62.01
C PRO D 573 34.71 -12.98 -60.82
N LEU D 574 34.97 -13.93 -59.92
CA LEU D 574 35.77 -13.72 -58.74
C LEU D 574 36.87 -14.77 -58.73
N GLN D 575 38.10 -14.29 -58.94
CA GLN D 575 39.27 -15.14 -59.14
C GLN D 575 40.35 -14.76 -58.13
N MET D 576 40.69 -15.71 -57.25
CA MET D 576 41.81 -15.55 -56.36
C MET D 576 43.12 -16.08 -56.96
N ALA D 577 44.20 -15.35 -56.68
CA ALA D 577 45.54 -15.88 -56.68
C ALA D 577 45.92 -16.14 -55.24
N ALA D 578 45.83 -17.40 -54.87
CA ALA D 578 45.78 -17.85 -53.51
C ALA D 578 47.15 -17.97 -52.84
N ASP D 579 48.23 -18.01 -53.61
CA ASP D 579 49.51 -18.31 -52.98
C ASP D 579 50.08 -17.04 -52.36
N PHE D 580 51.24 -17.18 -51.73
CA PHE D 580 51.93 -16.07 -51.09
C PHE D 580 52.59 -15.16 -52.12
N PRO D 581 52.65 -13.84 -51.88
CA PRO D 581 53.46 -12.94 -52.72
C PRO D 581 54.86 -13.42 -53.10
N GLU D 582 55.62 -13.94 -52.12
CA GLU D 582 56.93 -14.54 -52.27
C GLU D 582 56.97 -15.54 -53.43
N ASN D 583 55.97 -16.43 -53.45
CA ASN D 583 55.96 -17.53 -54.37
C ASN D 583 55.71 -16.99 -55.78
N TYR D 584 54.83 -16.01 -55.91
CA TYR D 584 54.60 -15.42 -57.21
C TYR D 584 55.81 -14.67 -57.74
N GLU D 585 56.52 -13.94 -56.85
CA GLU D 585 57.68 -13.19 -57.31
C GLU D 585 58.78 -14.17 -57.77
N ARG D 586 58.89 -15.34 -57.13
CA ARG D 586 59.92 -16.31 -57.48
C ARG D 586 59.66 -16.88 -58.89
N PHE D 587 58.40 -16.98 -59.32
CA PHE D 587 58.07 -17.55 -60.60
C PHE D 587 57.32 -16.48 -61.40
N ALA D 588 57.94 -15.30 -61.48
CA ALA D 588 57.35 -14.14 -62.09
C ALA D 588 56.96 -14.40 -63.54
N ASP D 589 57.73 -15.23 -64.28
CA ASP D 589 57.43 -15.48 -65.70
C ASP D 589 56.09 -16.19 -65.82
N ALA D 590 55.85 -17.22 -65.00
CA ALA D 590 54.59 -17.95 -65.01
C ALA D 590 53.45 -17.06 -64.51
N PHE D 591 53.79 -16.20 -63.54
CA PHE D 591 52.81 -15.36 -62.91
C PHE D 591 52.18 -14.40 -63.91
N GLN D 592 52.90 -14.10 -64.97
CA GLN D 592 52.45 -13.15 -65.99
C GLN D 592 51.05 -13.53 -66.48
N PHE D 593 50.79 -14.82 -66.59
CA PHE D 593 49.50 -15.22 -67.11
C PHE D 593 48.41 -14.80 -66.13
N ILE D 594 48.66 -15.01 -64.84
CA ILE D 594 47.67 -14.62 -63.83
C ILE D 594 47.42 -13.12 -63.88
N LYS D 595 48.49 -12.36 -64.13
CA LYS D 595 48.35 -10.92 -64.14
C LYS D 595 47.61 -10.49 -65.39
N ASP D 596 47.83 -11.20 -66.51
CA ASP D 596 47.24 -10.77 -67.77
C ASP D 596 45.77 -11.18 -67.86
N VAL D 597 45.43 -12.35 -67.33
CA VAL D 597 44.14 -12.95 -67.63
C VAL D 597 42.97 -12.12 -67.13
N ALA D 598 41.90 -12.02 -67.94
CA ALA D 598 40.73 -11.25 -67.56
C ALA D 598 39.87 -12.15 -66.66
N VAL D 599 38.77 -11.56 -66.16
CA VAL D 599 37.82 -12.22 -65.29
C VAL D 599 36.39 -12.00 -65.79
N ASP D 600 36.21 -11.41 -66.98
CA ASP D 600 34.88 -11.23 -67.54
C ASP D 600 34.98 -11.23 -69.09
N TRP D 601 33.91 -11.67 -69.77
CA TRP D 601 34.04 -12.22 -71.10
C TRP D 601 32.90 -11.83 -72.04
N ASP D 602 33.22 -11.46 -73.29
CA ASP D 602 32.22 -11.21 -74.32
C ASP D 602 31.87 -12.47 -75.11
N ASP D 603 32.72 -13.50 -75.03
CA ASP D 603 32.43 -14.77 -75.66
C ASP D 603 33.35 -15.83 -75.06
N SER D 604 32.94 -17.08 -75.22
CA SER D 604 33.62 -18.25 -74.65
C SER D 604 33.38 -19.40 -75.63
N ARG D 605 34.38 -20.24 -75.90
CA ARG D 605 34.20 -21.42 -76.74
C ARG D 605 34.89 -22.58 -76.04
N TYR D 606 34.09 -23.57 -75.68
CA TYR D 606 34.64 -24.82 -75.18
C TYR D 606 35.22 -25.57 -76.38
N LEU D 607 36.52 -25.85 -76.36
CA LEU D 607 37.21 -26.50 -77.47
C LEU D 607 37.23 -28.01 -77.28
N GLU D 608 37.53 -28.49 -76.07
CA GLU D 608 37.48 -29.93 -75.80
C GLU D 608 36.94 -30.12 -74.41
N ALA D 609 36.18 -31.22 -74.19
CA ALA D 609 35.73 -31.53 -72.84
C ALA D 609 35.33 -33.00 -72.76
N GLU D 610 35.79 -33.66 -71.70
CA GLU D 610 35.30 -34.96 -71.32
C GLU D 610 35.34 -35.01 -69.80
N PRO D 611 34.19 -35.26 -69.14
CA PRO D 611 34.13 -35.19 -67.67
C PRO D 611 35.08 -36.19 -67.02
N GLY D 612 35.86 -35.71 -66.06
CA GLY D 612 36.82 -36.56 -65.36
C GLY D 612 38.14 -36.72 -66.13
N GLN D 613 38.23 -36.16 -67.36
CA GLN D 613 39.47 -36.34 -68.15
C GLN D 613 40.16 -35.01 -68.55
N TYR D 614 39.43 -34.07 -69.14
CA TYR D 614 40.06 -32.86 -69.66
C TYR D 614 39.01 -31.82 -70.01
N ILE D 615 39.43 -30.54 -69.92
CA ILE D 615 38.57 -29.45 -70.33
C ILE D 615 39.47 -28.42 -70.97
N THR D 616 39.07 -27.87 -72.11
CA THR D 616 39.86 -26.85 -72.80
C THR D 616 38.88 -25.79 -73.28
N VAL D 617 39.18 -24.51 -72.95
CA VAL D 617 38.21 -23.47 -73.27
C VAL D 617 38.94 -22.15 -73.50
N ALA D 618 38.38 -21.36 -74.43
CA ALA D 618 38.94 -20.10 -74.84
C ALA D 618 37.88 -19.05 -74.65
N ARG D 619 38.29 -17.87 -74.11
CA ARG D 619 37.36 -16.81 -73.79
C ARG D 619 37.93 -15.47 -74.27
N LYS D 620 37.02 -14.60 -74.72
CA LYS D 620 37.36 -13.29 -75.25
C LYS D 620 37.13 -12.25 -74.15
N ALA D 621 38.19 -11.54 -73.75
CA ALA D 621 38.08 -10.64 -72.58
C ALA D 621 37.09 -9.50 -72.90
N LYS D 622 36.14 -9.24 -72.02
CA LYS D 622 35.08 -8.28 -72.29
C LYS D 622 35.66 -6.93 -72.68
N GLY D 623 35.07 -6.28 -73.70
CA GLY D 623 35.46 -4.97 -74.19
C GLY D 623 36.75 -4.98 -75.01
N THR D 624 37.33 -6.16 -75.32
CA THR D 624 38.62 -6.28 -76.02
C THR D 624 38.52 -7.34 -77.14
N ASP D 625 39.57 -7.35 -77.97
CA ASP D 625 39.81 -8.39 -78.96
C ASP D 625 40.86 -9.40 -78.47
N ASN D 626 41.16 -9.41 -77.18
CA ASN D 626 42.11 -10.35 -76.57
C ASN D 626 41.40 -11.66 -76.19
N TRP D 627 42.11 -12.79 -76.31
CA TRP D 627 41.59 -14.06 -75.86
C TRP D 627 42.53 -14.71 -74.86
N PHE D 628 41.96 -15.57 -74.03
CA PHE D 628 42.68 -16.37 -73.05
C PHE D 628 42.09 -17.78 -73.07
N LEU D 629 42.98 -18.77 -73.00
CA LEU D 629 42.62 -20.16 -73.18
C LEU D 629 43.23 -20.94 -72.04
N GLY D 630 42.52 -21.96 -71.52
CA GLY D 630 43.11 -22.88 -70.59
C GLY D 630 42.69 -24.31 -70.91
N ASN D 631 43.56 -25.25 -70.54
CA ASN D 631 43.31 -26.66 -70.53
C ASN D 631 43.64 -27.19 -69.14
N VAL D 632 42.82 -28.10 -68.60
CA VAL D 632 43.16 -28.85 -67.40
C VAL D 632 42.97 -30.31 -67.74
N ASN D 633 43.79 -31.14 -67.11
CA ASN D 633 43.97 -32.49 -67.54
C ASN D 633 44.01 -33.39 -66.33
N GLY D 634 43.34 -34.55 -66.46
CA GLY D 634 43.14 -35.44 -65.33
C GLY D 634 44.30 -36.40 -65.14
N GLU D 635 43.97 -37.64 -64.74
CA GLU D 635 44.97 -38.59 -64.26
C GLU D 635 45.90 -39.05 -65.41
N THR D 636 45.36 -39.06 -66.66
CA THR D 636 46.06 -39.56 -67.83
C THR D 636 46.67 -38.43 -68.66
N ALA D 637 48.01 -38.39 -68.71
CA ALA D 637 48.73 -37.45 -69.56
C ALA D 637 48.20 -37.58 -70.98
N ARG D 638 48.11 -36.47 -71.70
CA ARG D 638 47.38 -36.41 -72.95
C ARG D 638 47.85 -35.24 -73.82
N VAL D 639 47.84 -35.49 -75.13
CA VAL D 639 48.12 -34.47 -76.13
C VAL D 639 46.79 -33.86 -76.59
N SER D 640 46.66 -32.56 -76.46
CA SER D 640 45.46 -31.81 -76.81
C SER D 640 45.60 -31.17 -78.20
N ASN D 641 44.50 -31.01 -78.96
CA ASN D 641 44.47 -30.49 -80.33
C ASN D 641 43.34 -29.46 -80.46
N ILE D 642 43.70 -28.21 -80.88
CA ILE D 642 42.72 -27.13 -80.93
C ILE D 642 42.71 -26.38 -82.25
N ASP D 643 41.47 -26.13 -82.71
CA ASP D 643 41.20 -25.24 -83.81
C ASP D 643 41.12 -23.79 -83.28
N LEU D 644 42.00 -22.90 -83.79
CA LEU D 644 42.06 -21.51 -83.33
C LEU D 644 41.12 -20.61 -84.12
N GLY D 645 40.07 -21.19 -84.70
CA GLY D 645 39.15 -20.51 -85.58
C GLY D 645 38.17 -19.61 -84.84
N PHE D 646 38.18 -19.59 -83.49
CA PHE D 646 37.48 -18.55 -82.75
C PHE D 646 38.13 -17.18 -82.93
N LEU D 647 39.43 -17.12 -83.25
CA LEU D 647 40.11 -15.83 -83.46
C LEU D 647 39.52 -15.17 -84.70
N GLU D 648 39.66 -13.84 -84.77
CA GLU D 648 39.02 -13.08 -85.82
C GLU D 648 39.76 -13.27 -87.15
N LYS D 649 39.00 -13.47 -88.23
CA LYS D 649 39.59 -13.91 -89.50
C LYS D 649 40.38 -12.75 -90.09
N GLY D 650 41.57 -13.06 -90.62
CA GLY D 650 42.44 -12.07 -91.23
C GLY D 650 43.24 -11.23 -90.23
N LYS D 651 43.28 -11.57 -88.95
CA LYS D 651 44.14 -10.87 -88.00
C LYS D 651 45.20 -11.80 -87.44
N LYS D 652 46.37 -11.24 -87.11
CA LYS D 652 47.48 -11.94 -86.46
C LYS D 652 47.51 -11.70 -84.95
N TYR D 653 47.86 -12.73 -84.16
CA TYR D 653 47.92 -12.60 -82.71
C TYR D 653 49.27 -13.13 -82.21
N THR D 654 49.85 -12.45 -81.21
CA THR D 654 50.94 -12.97 -80.39
C THR D 654 50.35 -13.91 -79.34
N ALA D 655 50.77 -15.16 -79.41
CA ALA D 655 50.32 -16.18 -78.49
C ALA D 655 51.46 -16.51 -77.55
N VAL D 656 51.15 -16.56 -76.24
CA VAL D 656 52.13 -16.97 -75.25
C VAL D 656 51.54 -18.16 -74.54
N ILE D 657 52.30 -19.27 -74.63
CA ILE D 657 51.85 -20.59 -74.20
C ILE D 657 52.63 -20.96 -72.94
N TYR D 658 51.88 -21.11 -71.84
CA TYR D 658 52.45 -21.52 -70.55
C TYR D 658 52.02 -22.95 -70.31
N ALA D 659 52.97 -23.89 -70.36
CA ALA D 659 52.62 -25.29 -70.51
C ALA D 659 53.42 -26.13 -69.52
N ASP D 660 52.98 -27.37 -69.31
CA ASP D 660 53.73 -28.32 -68.52
C ASP D 660 54.97 -28.73 -69.31
N ALA D 661 56.12 -28.86 -68.64
CA ALA D 661 57.25 -29.50 -69.27
C ALA D 661 56.90 -30.98 -69.38
N LYS D 662 57.62 -31.66 -70.27
CA LYS D 662 57.29 -33.00 -70.71
C LYS D 662 57.32 -33.98 -69.53
N ASP D 663 58.13 -33.67 -68.51
CA ASP D 663 58.31 -34.52 -67.35
C ASP D 663 57.49 -33.99 -66.16
N ALA D 664 56.56 -33.03 -66.37
CA ALA D 664 55.81 -32.49 -65.24
C ALA D 664 54.85 -33.56 -64.68
N ASN D 665 54.42 -33.39 -63.43
CA ASN D 665 53.66 -34.44 -62.79
C ASN D 665 53.00 -33.88 -61.53
N TYR D 666 51.70 -34.12 -61.28
CA TYR D 666 51.04 -33.53 -60.11
C TYR D 666 51.58 -34.09 -58.79
N LYS D 667 52.21 -35.26 -58.83
CA LYS D 667 52.65 -35.89 -57.59
C LYS D 667 54.07 -35.49 -57.24
N THR D 668 55.01 -35.61 -58.21
CA THR D 668 56.42 -35.54 -57.89
C THR D 668 57.16 -34.47 -58.69
N ASN D 669 56.49 -33.70 -59.56
CA ASN D 669 57.21 -32.69 -60.31
C ASN D 669 56.30 -31.54 -60.70
N THR D 670 55.92 -30.75 -59.67
CA THR D 670 54.81 -29.84 -59.83
C THR D 670 55.18 -28.49 -60.42
N GLN D 671 56.44 -28.08 -60.35
CA GLN D 671 56.87 -26.73 -60.74
C GLN D 671 57.57 -26.71 -62.12
N ALA D 672 57.42 -27.75 -62.95
CA ALA D 672 58.12 -27.86 -64.22
C ALA D 672 57.24 -27.37 -65.37
N TYR D 673 57.53 -26.17 -65.89
CA TYR D 673 56.65 -25.51 -66.85
C TYR D 673 57.53 -24.90 -67.95
N THR D 674 56.97 -24.60 -69.12
CA THR D 674 57.71 -23.96 -70.20
C THR D 674 56.88 -22.77 -70.68
N ILE D 675 57.55 -21.77 -71.22
CA ILE D 675 56.80 -20.63 -71.74
C ILE D 675 57.31 -20.36 -73.15
N ARG D 676 56.45 -20.19 -74.16
CA ARG D 676 56.97 -19.86 -75.50
C ARG D 676 55.97 -18.96 -76.24
N LYS D 677 56.52 -18.19 -77.20
CA LYS D 677 55.72 -17.27 -78.01
C LYS D 677 55.61 -17.84 -79.42
N VAL D 678 54.48 -17.60 -80.08
CA VAL D 678 54.34 -17.90 -81.50
C VAL D 678 53.25 -16.97 -82.06
N VAL D 679 53.37 -16.53 -83.30
CA VAL D 679 52.31 -15.76 -83.93
C VAL D 679 51.33 -16.73 -84.58
N VAL D 680 50.03 -16.51 -84.41
CA VAL D 680 49.01 -17.35 -85.00
C VAL D 680 47.93 -16.51 -85.69
N THR D 681 47.05 -17.20 -86.43
CA THR D 681 45.87 -16.60 -87.04
C THR D 681 44.69 -17.52 -86.75
N SER D 682 43.50 -17.13 -87.20
CA SER D 682 42.32 -17.97 -87.12
C SER D 682 42.45 -19.31 -87.88
N ASN D 683 43.44 -19.48 -88.73
CA ASN D 683 43.65 -20.73 -89.47
C ASN D 683 44.73 -21.61 -88.82
N SER D 684 45.38 -21.11 -87.77
CA SER D 684 46.33 -21.89 -87.00
C SER D 684 45.58 -22.99 -86.24
N LYS D 685 46.25 -24.14 -86.08
CA LYS D 685 45.89 -25.20 -85.16
C LYS D 685 47.10 -25.50 -84.27
N LEU D 686 46.85 -25.97 -83.04
CA LEU D 686 47.95 -26.21 -82.11
C LEU D 686 47.80 -27.56 -81.44
N SER D 687 48.93 -28.16 -81.04
CA SER D 687 48.96 -29.45 -80.38
C SER D 687 49.81 -29.32 -79.13
N GLN D 688 49.36 -29.78 -77.95
CA GLN D 688 50.10 -29.55 -76.71
C GLN D 688 49.90 -30.72 -75.71
N PHE D 689 51.03 -31.27 -75.21
CA PHE D 689 51.05 -32.27 -74.13
C PHE D 689 50.63 -31.59 -72.84
N SER D 690 49.69 -32.20 -72.11
CA SER D 690 49.41 -31.83 -70.72
C SER D 690 49.75 -33.02 -69.82
N ALA D 691 50.39 -32.75 -68.69
CA ALA D 691 50.77 -33.81 -67.78
C ALA D 691 49.57 -34.26 -67.01
N SER D 692 49.82 -35.34 -66.28
CA SER D 692 48.92 -35.88 -65.28
C SER D 692 48.65 -34.81 -64.20
N GLY D 693 47.37 -34.40 -64.02
CA GLY D 693 46.97 -33.31 -63.12
C GLY D 693 47.55 -31.96 -63.57
N GLY D 694 47.85 -31.85 -64.87
CA GLY D 694 48.49 -30.68 -65.46
C GLY D 694 47.51 -29.90 -66.31
N GLY D 695 48.03 -29.14 -67.27
CA GLY D 695 47.23 -28.24 -68.06
C GLY D 695 48.11 -27.27 -68.81
N TYR D 696 47.49 -26.27 -69.47
CA TYR D 696 48.22 -25.20 -70.12
C TYR D 696 47.34 -23.98 -70.23
N ALA D 697 48.02 -22.83 -70.49
CA ALA D 697 47.35 -21.57 -70.56
C ALA D 697 47.97 -20.73 -71.68
N ILE D 698 47.11 -19.96 -72.38
CA ILE D 698 47.54 -19.22 -73.54
C ILE D 698 46.88 -17.83 -73.53
N SER D 699 47.73 -16.80 -73.69
CA SER D 699 47.21 -15.49 -74.03
C SER D 699 47.35 -15.21 -75.54
N PHE D 700 46.36 -14.49 -76.09
CA PHE D 700 46.32 -14.05 -77.47
C PHE D 700 46.09 -12.52 -77.45
N TYR D 701 47.13 -11.78 -77.89
CA TYR D 701 47.04 -10.34 -78.09
C TYR D 701 47.19 -10.04 -79.57
N PRO D 702 46.29 -9.26 -80.18
CA PRO D 702 46.44 -8.86 -81.57
C PRO D 702 47.80 -8.21 -81.77
N VAL D 703 48.39 -8.46 -82.94
CA VAL D 703 49.56 -7.76 -83.37
C VAL D 703 49.13 -6.35 -83.79
N ALA D 704 49.76 -5.30 -83.27
CA ALA D 704 49.59 -3.96 -83.84
C ALA D 704 50.85 -3.61 -84.62
N ASP D 705 50.77 -3.71 -85.99
CA ASP D 705 51.85 -3.48 -86.96
C ASP D 705 51.29 -3.46 -88.42
N ALA D 706 52.16 -3.12 -89.43
CA ALA D 706 51.97 -2.95 -90.87
C ALA D 706 51.59 -4.27 -91.57
CA CA E . 1.57 12.07 24.12
C1 GLC F . -0.17 9.42 24.22
C2 GLC F . 0.96 9.01 25.13
C3 GLC F . 1.57 7.70 24.66
C4 GLC F . 0.51 6.62 24.85
C5 GLC F . -0.76 6.98 24.11
C6 GLC F . -1.91 6.06 24.45
O1 GLC F . 0.38 10.02 22.90
O2 GLC F . 1.93 10.02 25.12
O3 GLC F . 2.87 7.40 25.28
O4 GLC F . 0.90 5.36 24.27
O5 GLC F . -1.15 8.29 24.38
O6 GLC F . -2.23 6.19 25.83
H1 GLC F . -0.60 10.18 24.67
H2 GLC F . 0.61 8.90 26.04
H3 GLC F . 1.73 7.78 23.69
H4 GLC F . 0.32 6.51 25.81
H5 GLC F . -0.58 6.91 23.14
H61 GLC F . -1.67 5.13 24.26
H62 GLC F . -2.69 6.29 23.91
HO1 GLC F . 0.16 9.51 22.25
HO2 GLC F . 2.68 9.68 24.93
HO3 GLC F . 2.60 6.67 25.78
HO4 GLC F . 0.38 5.17 23.73
HO6 GLC F . -1.64 6.65 26.09
C1 EDO G . 12.54 16.56 43.14
O1 EDO G . 12.28 15.16 43.38
C2 EDO G . 13.99 16.88 43.29
O2 EDO G . 14.93 15.95 42.63
H11 EDO G . 12.02 17.10 43.77
H12 EDO G . 12.26 16.78 42.23
HO1 EDO G . 11.46 14.98 43.25
H21 EDO G . 14.19 16.90 44.25
H22 EDO G . 14.13 17.78 42.93
HO2 EDO G . 14.49 15.42 42.13
C1 EDO H . 19.19 -8.15 25.83
O1 EDO H . 18.73 -9.41 26.41
C2 EDO H . 20.44 -8.36 25.06
O2 EDO H . 21.46 -8.40 25.99
H11 EDO H . 19.36 -7.50 26.54
H12 EDO H . 18.50 -7.80 25.23
HO1 EDO H . 18.00 -9.22 26.76
H21 EDO H . 20.57 -7.63 24.43
H22 EDO H . 20.39 -9.21 24.56
HO2 EDO H . 21.51 -9.18 26.32
CA CA I . -35.35 25.06 46.40
C1 GLC J . -33.29 25.06 48.60
C2 GLC J . -34.16 23.93 49.14
C3 GLC J . -34.45 24.15 50.66
C4 GLC J . -33.13 24.18 51.39
C5 GLC J . -32.14 25.21 50.79
C6 GLC J . -30.73 25.08 51.32
O1 GLC J . -34.05 26.25 48.34
O2 GLC J . -35.28 23.61 48.31
O3 GLC J . -35.35 23.10 51.15
O4 GLC J . -33.31 24.47 52.78
O5 GLC J . -32.04 25.01 49.41
O6 GLC J . -30.22 23.67 51.22
H1 GLC J . -33.01 24.76 47.71
H2 GLC J . -33.56 23.15 49.09
H3 GLC J . -34.90 25.03 50.77
H4 GLC J . -32.71 23.28 51.32
H5 GLC J . -32.49 26.12 50.97
H61 GLC J . -30.71 25.36 52.26
H62 GLC J . -30.15 25.68 50.82
HO1 GLC J . -33.83 26.85 48.90
HO2 GLC J . -35.91 24.14 48.46
HO3 GLC J . -34.89 22.71 51.66
HO4 GLC J . -32.93 25.16 52.90
HO6 GLC J . -30.84 23.34 50.82
CA CA K . -2.81 -13.33 -24.82
C1 GLC L . -3.12 -11.81 -27.67
C2 GLC L . -2.99 -10.61 -26.79
C3 GLC L . -4.13 -9.69 -27.01
C4 GLC L . -4.11 -9.14 -28.42
C5 GLC L . -4.07 -10.29 -29.41
C6 GLC L . -3.72 -9.79 -30.77
O1 GLC L . -4.16 -12.85 -27.06
O2 GLC L . -2.83 -11.11 -25.47
O3 GLC L . -4.11 -8.61 -26.07
O4 GLC L . -5.24 -8.36 -28.78
O5 GLC L . -3.04 -11.24 -29.02
O6 GLC L . -2.33 -9.47 -30.87
H1 GLC L . -2.27 -12.28 -27.56
H2 GLC L . -2.16 -10.13 -27.05
H3 GLC L . -4.97 -10.20 -26.89
H4 GLC L . -3.30 -8.59 -28.54
H5 GLC L . -4.94 -10.73 -29.43
H61 GLC L . -4.25 -9.01 -30.99
H62 GLC L . -3.93 -10.49 -31.43
HO1 GLC L . -4.85 -12.86 -27.55
HO2 GLC L . -3.38 -10.74 -24.95
HO3 GLC L . -3.98 -7.92 -26.50
HO4 GLC L . -5.55 -8.75 -29.38
HO6 GLC L . -2.10 -9.47 -30.08
C1 EDO M . 10.91 -1.82 -9.82
O1 EDO M . 9.73 -1.13 -9.38
C2 EDO M . 10.93 -2.15 -11.28
O2 EDO M . 10.91 -1.03 -12.15
H11 EDO M . 11.00 -2.65 -9.32
H12 EDO M . 11.69 -1.27 -9.62
HO1 EDO M . 9.79 -0.99 -8.56
H21 EDO M . 10.15 -2.72 -11.47
H22 EDO M . 11.73 -2.68 -11.46
HO2 EDO M . 10.65 -0.34 -11.73
C1 GLC N . 7.75 11.02 -15.44
C2 GLC N . 9.25 10.55 -15.66
C3 GLC N . 9.41 8.95 -15.43
C4 GLC N . 8.83 8.55 -14.01
C5 GLC N . 7.35 9.07 -13.87
C6 GLC N . 6.81 8.72 -12.48
O1 GLC N . 6.81 10.62 -16.43
O2 GLC N . 9.73 11.11 -16.88
O3 GLC N . 10.73 8.39 -15.65
O4 GLC N . 8.77 7.11 -13.70
O5 GLC N . 7.23 10.56 -14.14
O6 GLC N . 5.44 8.75 -12.34
H1 GLC N . 7.75 12.01 -15.43
H2 GLC N . 9.75 10.98 -14.92
H3 GLC N . 8.82 8.53 -16.10
H4 GLC N . 9.37 8.99 -13.33
H5 GLC N . 6.79 8.59 -14.54
H61 GLC N . 7.20 9.35 -11.84
H62 GLC N . 7.13 7.83 -12.24
HO1 GLC N . 6.05 10.94 -16.25
HO2 GLC N . 10.03 10.47 -17.30
HO3 GLC N . 10.96 7.94 -14.96
HO4 GLC N . 7.96 6.84 -13.49
HO6 GLC N . 5.09 9.30 -13.00
CA CA O . 35.01 -24.44 -46.87
C1 GLC P . 36.03 -22.37 -44.82
C2 GLC P . 36.37 -21.53 -46.08
C3 GLC P . 37.83 -21.05 -46.05
C4 GLC P . 37.89 -20.08 -44.85
C5 GLC P . 37.52 -20.79 -43.52
C6 GLC P . 37.36 -19.78 -42.40
O1 GLC P . 36.57 -23.76 -44.95
O2 GLC P . 35.92 -22.23 -47.25
O3 GLC P . 38.19 -20.39 -47.31
O4 GLC P . 39.17 -19.63 -44.65
O5 GLC P . 36.25 -21.54 -43.62
O6 GLC P . 36.40 -18.72 -42.74
H1 GLC P . 35.04 -22.49 -44.85
H2 GLC P . 35.80 -20.73 -46.00
H3 GLC P . 38.43 -21.81 -45.89
H4 GLC P . 37.29 -19.32 -45.01
H5 GLC P . 38.24 -21.42 -43.29
H61 GLC P . 38.23 -19.37 -42.20
H62 GLC P . 37.05 -20.24 -41.59
HO1 GLC P . 37.24 -23.84 -44.46
HO2 GLC P . 36.59 -22.58 -47.64
HO3 GLC P . 38.19 -19.60 -47.07
HO4 GLC P . 39.53 -19.89 -43.97
HO6 GLC P . 36.17 -19.01 -43.41
C1 EDO Q . 25.28 -14.67 -64.15
O1 EDO Q . 25.61 -13.33 -63.97
C2 EDO Q . 25.05 -14.80 -65.62
O2 EDO Q . 26.26 -14.85 -66.32
H11 EDO Q . 24.46 -14.89 -63.66
H12 EDO Q . 26.01 -15.25 -63.86
HO1 EDO Q . 25.69 -13.10 -63.18
H21 EDO Q . 24.52 -14.04 -65.94
H22 EDO Q . 24.55 -15.62 -65.79
HO2 EDO Q . 26.65 -14.10 -66.25
#